data_3ZZI
#
_entry.id   3ZZI
#
_cell.length_a   95.240
_cell.length_b   111.290
_cell.length_c   113.140
_cell.angle_alpha   75.77
_cell.angle_beta   89.29
_cell.angle_gamma   69.12
#
_symmetry.space_group_name_H-M   'P 1'
#
_entity_poly.entity_id   1
_entity_poly.type   'polypeptide(L)'
_entity_poly.pdbx_seq_one_letter_code
;MGHHHHHHVSSTNGFSATRSTVIQLLNNISTKREVEQYLKYFTSVSQQQFAVIKVGGAIISDNLHELASCLAFLYHVGLY
PIVLHGTGPQVNGRLEAQGIEPDYIDGIRITDEHTMAVVRKCFLEQNLKLVTALEQLGVRARPITSGVFTADYLDKDKYK
LVGNIKSVTKEPIEASIKAGALPILTSLAETASGQMLNVNADVAAGELARVFEPLKIVYLNEKGGIINGSTGEKISMINL
DEEYDDLMKQSWVKYGTKLKIREIKELLDYLPRSSSVAIINVQDLQKELFTDSGAGTMIRRGYKLVKRSSIGEFPSADAL
RKALQRDAGISSGKESVASYLRYLENSDFVSYADEPLEAVAIVKKDTNVPTLDKFVCSDAAWLNNVTDNVFNVLRRDFPA
LQWVVSENDANIAWHFDKSQGSYLKGGKVLFWYGIDDINTISELVENFVKSCDTASTLNSSASS
;
_entity_poly.pdbx_strand_id   A,B,C,D,E,F,G,H
#
# COMPACT_ATOMS: atom_id res chain seq x y z
N THR A 18 -22.79 -4.99 15.95
CA THR A 18 -21.81 -4.89 17.05
C THR A 18 -22.64 -4.34 18.23
N ARG A 19 -21.97 -3.55 19.07
CA ARG A 19 -22.56 -2.71 20.11
C ARG A 19 -23.27 -1.54 19.50
N SER A 20 -22.77 -1.09 18.38
CA SER A 20 -23.41 -0.07 17.59
C SER A 20 -24.92 -0.24 17.62
N THR A 21 -25.39 -1.47 17.43
CA THR A 21 -26.83 -1.77 17.47
C THR A 21 -27.39 -1.75 18.89
N VAL A 22 -26.70 -2.39 19.82
CA VAL A 22 -27.08 -2.31 21.23
C VAL A 22 -27.18 -0.87 21.79
N ILE A 23 -26.25 0.01 21.44
CA ILE A 23 -26.32 1.39 21.92
C ILE A 23 -27.61 2.03 21.41
N GLN A 24 -27.84 1.95 20.12
CA GLN A 24 -28.97 2.61 19.53
C GLN A 24 -30.30 2.05 20.00
N LEU A 25 -30.30 0.81 20.49
CA LEU A 25 -31.53 0.23 21.02
C LEU A 25 -31.76 0.84 22.39
N LEU A 26 -30.73 0.84 23.22
CA LEU A 26 -30.85 1.39 24.56
C LEU A 26 -31.14 2.89 24.51
N ASN A 27 -30.49 3.62 23.61
CA ASN A 27 -30.77 5.05 23.47
C ASN A 27 -32.23 5.35 23.16
N ASN A 28 -32.97 4.36 22.63
CA ASN A 28 -34.42 4.49 22.33
C ASN A 28 -35.33 3.77 23.31
N ILE A 29 -34.79 3.38 24.47
CA ILE A 29 -35.60 2.81 25.56
C ILE A 29 -35.65 3.80 26.71
N SER A 30 -36.87 4.18 27.09
CA SER A 30 -37.10 5.23 28.06
C SER A 30 -37.48 4.60 29.39
N THR A 31 -38.53 3.79 29.39
CA THR A 31 -39.07 3.22 30.61
C THR A 31 -39.10 1.70 30.53
N LYS A 32 -39.45 1.09 31.66
CA LYS A 32 -39.65 -0.35 31.80
C LYS A 32 -40.65 -0.92 30.81
N ARG A 33 -41.76 -0.20 30.64
CA ARG A 33 -42.82 -0.69 29.79
C ARG A 33 -42.28 -0.90 28.40
N GLU A 34 -41.44 0.01 27.94
CA GLU A 34 -40.80 -0.14 26.62
C GLU A 34 -39.93 -1.39 26.50
N VAL A 35 -39.11 -1.69 27.52
CA VAL A 35 -38.29 -2.89 27.49
C VAL A 35 -39.14 -4.11 27.22
N GLU A 36 -40.17 -4.25 28.02
CA GLU A 36 -41.13 -5.32 27.84
C GLU A 36 -41.70 -5.37 26.42
N GLN A 37 -42.00 -4.21 25.84
CA GLN A 37 -42.58 -4.15 24.50
C GLN A 37 -41.54 -4.75 23.54
N TYR A 38 -40.32 -4.21 23.56
CA TYR A 38 -39.32 -4.63 22.60
C TYR A 38 -39.16 -6.13 22.64
N LEU A 39 -39.09 -6.69 23.84
CA LEU A 39 -38.98 -8.15 23.99
C LEU A 39 -40.06 -8.89 23.23
N LYS A 40 -41.31 -8.57 23.54
CA LYS A 40 -42.46 -9.06 22.77
C LYS A 40 -42.20 -9.28 21.26
N TYR A 41 -41.58 -8.29 20.60
CA TYR A 41 -41.34 -8.36 19.15
C TYR A 41 -40.21 -9.34 18.80
N PHE A 42 -39.17 -9.35 19.64
CA PHE A 42 -38.01 -10.19 19.43
C PHE A 42 -38.34 -11.60 19.80
N THR A 43 -38.94 -11.78 20.98
CA THR A 43 -39.24 -13.12 21.49
C THR A 43 -40.38 -13.77 20.73
N SER A 44 -41.11 -12.97 19.95
CA SER A 44 -42.04 -13.48 18.97
C SER A 44 -41.31 -14.36 17.91
N VAL A 45 -41.58 -15.68 17.89
CA VAL A 45 -40.98 -16.65 16.91
C VAL A 45 -41.77 -16.53 15.62
N SER A 46 -41.42 -15.46 14.92
CA SER A 46 -42.35 -14.74 14.07
C SER A 46 -42.49 -15.30 12.68
N GLN A 47 -43.13 -16.47 12.62
CA GLN A 47 -43.90 -16.86 11.45
C GLN A 47 -45.10 -15.89 11.36
N GLN A 48 -45.47 -15.29 12.51
CA GLN A 48 -46.28 -14.07 12.54
C GLN A 48 -45.27 -12.94 12.40
N GLN A 49 -45.39 -12.24 11.27
CA GLN A 49 -44.48 -11.17 10.85
C GLN A 49 -44.44 -9.98 11.82
N PHE A 50 -43.47 -9.12 11.57
CA PHE A 50 -43.19 -8.00 12.42
C PHE A 50 -44.08 -6.88 12.08
N ALA A 51 -44.01 -6.42 10.84
CA ALA A 51 -44.68 -5.21 10.47
C ALA A 51 -44.95 -5.09 8.99
N VAL A 52 -46.01 -4.39 8.63
CA VAL A 52 -46.23 -3.90 7.29
C VAL A 52 -46.09 -2.39 7.42
N ILE A 53 -45.16 -1.74 6.71
CA ILE A 53 -44.98 -0.30 6.82
C ILE A 53 -45.29 0.35 5.50
N LYS A 54 -46.38 1.10 5.46
CA LYS A 54 -46.72 1.85 4.25
C LYS A 54 -45.95 3.15 4.24
N VAL A 55 -45.17 3.38 3.19
CA VAL A 55 -44.39 4.62 3.00
C VAL A 55 -44.94 5.49 1.86
N GLY A 56 -45.29 6.74 2.15
CA GLY A 56 -45.69 7.68 1.13
C GLY A 56 -44.56 8.02 0.17
N GLY A 57 -44.91 8.40 -1.06
CA GLY A 57 -43.90 8.67 -2.10
C GLY A 57 -43.10 9.88 -1.73
N ALA A 58 -43.79 10.82 -1.10
CA ALA A 58 -43.18 12.02 -0.57
C ALA A 58 -41.89 11.77 0.19
N ILE A 59 -41.83 10.64 0.90
CA ILE A 59 -40.77 10.39 1.86
C ILE A 59 -39.55 9.88 1.19
N ILE A 60 -39.74 8.99 0.21
CA ILE A 60 -38.59 8.47 -0.54
C ILE A 60 -37.92 9.64 -1.29
N SER A 61 -38.69 10.45 -2.01
CA SER A 61 -38.07 11.53 -2.78
C SER A 61 -37.37 12.54 -1.89
N ASP A 62 -37.88 12.79 -0.68
CA ASP A 62 -37.37 13.92 0.15
C ASP A 62 -36.60 13.55 1.39
N ASN A 63 -37.16 12.64 2.17
CA ASN A 63 -36.67 12.45 3.50
C ASN A 63 -36.05 11.06 3.64
N LEU A 64 -35.35 10.61 2.60
CA LEU A 64 -34.94 9.20 2.43
C LEU A 64 -33.99 8.75 3.49
N HIS A 65 -32.95 9.54 3.75
CA HIS A 65 -31.90 9.15 4.68
C HIS A 65 -32.50 8.66 5.94
N GLU A 66 -33.39 9.46 6.51
CA GLU A 66 -34.04 9.11 7.78
C GLU A 66 -34.83 7.80 7.71
N LEU A 67 -35.53 7.58 6.60
CA LEU A 67 -36.33 6.34 6.38
C LEU A 67 -35.40 5.12 6.28
N ALA A 68 -34.32 5.22 5.49
CA ALA A 68 -33.33 4.12 5.36
C ALA A 68 -32.62 3.86 6.69
N SER A 69 -32.11 4.91 7.32
CA SER A 69 -31.40 4.79 8.62
C SER A 69 -32.26 4.04 9.60
N CYS A 70 -33.54 4.31 9.55
CA CYS A 70 -34.47 3.71 10.44
C CYS A 70 -34.86 2.26 10.09
N LEU A 71 -35.12 1.98 8.82
CA LEU A 71 -35.35 0.59 8.40
C LEU A 71 -34.13 -0.23 8.68
N ALA A 72 -32.96 0.36 8.54
CA ALA A 72 -31.69 -0.33 8.79
C ALA A 72 -31.61 -0.84 10.17
N PHE A 73 -31.97 0.03 11.10
CA PHE A 73 -32.06 -0.34 12.48
C PHE A 73 -32.92 -1.60 12.65
N LEU A 74 -34.18 -1.55 12.22
CA LEU A 74 -35.01 -2.74 12.40
C LEU A 74 -34.27 -3.97 11.85
N TYR A 75 -33.72 -3.83 10.63
CA TYR A 75 -33.02 -4.93 9.93
C TYR A 75 -31.91 -5.45 10.77
N HIS A 76 -31.20 -4.54 11.41
CA HIS A 76 -30.06 -4.89 12.22
C HIS A 76 -30.45 -5.53 13.51
N VAL A 77 -31.51 -5.05 14.13
CA VAL A 77 -31.92 -5.66 15.37
C VAL A 77 -32.69 -6.94 15.03
N GLY A 78 -32.59 -7.40 13.77
CA GLY A 78 -33.26 -8.66 13.36
C GLY A 78 -34.59 -8.51 12.59
N LEU A 79 -35.45 -7.61 13.07
CA LEU A 79 -36.81 -7.46 12.56
C LEU A 79 -36.85 -7.13 11.04
N TYR A 80 -37.79 -7.78 10.34
CA TYR A 80 -37.94 -7.63 8.89
C TYR A 80 -39.31 -7.04 8.59
N PRO A 81 -39.35 -5.73 8.50
CA PRO A 81 -40.54 -5.07 8.01
C PRO A 81 -40.80 -5.41 6.56
N ILE A 82 -42.07 -5.57 6.18
CA ILE A 82 -42.51 -5.59 4.78
C ILE A 82 -42.84 -4.14 4.41
N VAL A 83 -42.04 -3.48 3.55
CA VAL A 83 -42.20 -2.03 3.21
C VAL A 83 -42.96 -1.89 1.90
N LEU A 84 -44.00 -1.08 1.90
CA LEU A 84 -44.82 -0.93 0.73
C LEU A 84 -44.95 0.54 0.50
N HIS A 85 -44.45 1.01 -0.65
CA HIS A 85 -44.35 2.45 -0.94
C HIS A 85 -45.12 2.85 -2.14
N GLY A 86 -45.54 4.12 -2.08
CA GLY A 86 -46.26 4.77 -3.15
C GLY A 86 -45.35 5.71 -3.93
N THR A 87 -45.97 6.66 -4.62
CA THR A 87 -45.22 7.50 -5.53
C THR A 87 -46.05 8.71 -5.93
N GLY A 88 -46.30 9.61 -4.98
CA GLY A 88 -47.24 10.70 -5.17
C GLY A 88 -46.92 11.98 -5.93
N PRO A 89 -46.18 12.91 -5.26
CA PRO A 89 -45.90 14.28 -5.79
C PRO A 89 -45.02 14.36 -7.04
N GLN A 90 -43.88 13.66 -6.96
CA GLN A 90 -42.95 13.47 -8.06
C GLN A 90 -43.71 13.18 -9.40
N VAL A 91 -44.68 12.26 -9.37
CA VAL A 91 -45.46 11.86 -10.56
C VAL A 91 -46.13 13.08 -11.16
N ASN A 92 -46.80 13.85 -10.32
CA ASN A 92 -47.58 15.00 -10.82
C ASN A 92 -46.74 16.09 -11.45
N GLY A 93 -45.48 16.20 -11.02
CA GLY A 93 -44.54 17.11 -11.66
C GLY A 93 -44.12 16.62 -13.03
N ARG A 94 -43.85 15.33 -13.13
CA ARG A 94 -43.36 14.75 -14.39
C ARG A 94 -44.46 14.67 -15.44
N LEU A 95 -45.69 14.47 -14.96
CA LEU A 95 -46.87 14.55 -15.82
C LEU A 95 -47.02 15.97 -16.32
N GLU A 96 -46.72 16.95 -15.46
CA GLU A 96 -46.79 18.37 -15.84
C GLU A 96 -45.62 18.76 -16.72
N ALA A 97 -44.43 18.26 -16.38
CA ALA A 97 -43.23 18.40 -17.20
C ALA A 97 -43.54 17.93 -18.63
N GLN A 98 -44.20 16.79 -18.75
CA GLN A 98 -44.55 16.18 -20.04
C GLN A 98 -45.82 16.77 -20.70
N GLY A 99 -46.48 17.70 -20.02
CA GLY A 99 -47.58 18.47 -20.61
C GLY A 99 -48.97 17.88 -20.41
N ILE A 100 -49.09 16.85 -19.56
CA ILE A 100 -50.38 16.23 -19.19
C ILE A 100 -50.91 16.84 -17.88
N GLU A 101 -52.03 17.57 -17.95
CA GLU A 101 -52.65 18.11 -16.74
C GLU A 101 -53.31 16.94 -16.05
N PRO A 102 -52.87 16.61 -14.82
CA PRO A 102 -53.45 15.44 -14.19
C PRO A 102 -54.99 15.50 -14.03
N ASP A 103 -55.60 14.33 -13.87
CA ASP A 103 -57.06 14.18 -13.70
C ASP A 103 -57.39 13.43 -12.41
N TYR A 104 -58.39 13.95 -11.71
CA TYR A 104 -58.97 13.28 -10.55
C TYR A 104 -60.48 13.31 -10.74
N ILE A 105 -61.08 12.13 -10.96
CA ILE A 105 -62.54 12.00 -10.85
C ILE A 105 -62.83 11.08 -9.67
N ASP A 106 -63.76 11.53 -8.84
CA ASP A 106 -64.15 10.84 -7.63
C ASP A 106 -62.95 10.56 -6.69
N GLY A 107 -62.01 11.49 -6.67
CA GLY A 107 -60.87 11.40 -5.78
C GLY A 107 -59.84 10.37 -6.18
N ILE A 108 -60.00 9.74 -7.36
CA ILE A 108 -59.02 8.78 -7.88
C ILE A 108 -58.49 9.29 -9.22
N ARG A 109 -57.25 8.89 -9.54
CA ARG A 109 -56.60 9.35 -10.76
C ARG A 109 -57.13 8.62 -11.99
N ILE A 110 -57.64 9.36 -12.95
CA ILE A 110 -57.90 8.79 -14.25
C ILE A 110 -56.51 8.47 -14.79
N THR A 111 -56.31 7.23 -15.25
CA THR A 111 -54.97 6.69 -15.51
C THR A 111 -54.87 5.95 -16.85
N ASP A 112 -54.79 6.68 -17.96
CA ASP A 112 -54.70 6.04 -19.30
C ASP A 112 -53.30 5.58 -19.59
N GLU A 113 -53.10 4.93 -20.74
CA GLU A 113 -51.78 4.43 -21.15
C GLU A 113 -50.63 5.42 -20.95
N HIS A 114 -50.83 6.65 -21.42
CA HIS A 114 -49.79 7.68 -21.34
C HIS A 114 -49.43 8.02 -19.92
N THR A 115 -50.43 8.11 -19.05
CA THR A 115 -50.20 8.39 -17.62
C THR A 115 -49.54 7.21 -16.93
N MET A 116 -50.00 6.00 -17.24
CA MET A 116 -49.49 4.77 -16.63
C MET A 116 -48.02 4.58 -16.91
N ALA A 117 -47.59 4.81 -18.15
CA ALA A 117 -46.17 4.75 -18.51
C ALA A 117 -45.35 5.63 -17.52
N VAL A 118 -45.78 6.88 -17.30
CA VAL A 118 -45.06 7.80 -16.39
C VAL A 118 -45.20 7.45 -14.90
N VAL A 119 -46.31 6.81 -14.55
CA VAL A 119 -46.50 6.31 -13.19
C VAL A 119 -45.62 5.10 -12.91
N ARG A 120 -45.50 4.20 -13.88
CA ARG A 120 -44.74 2.99 -13.64
C ARG A 120 -43.28 3.31 -13.61
N LYS A 121 -42.81 4.13 -14.54
CA LYS A 121 -41.39 4.54 -14.54
C LYS A 121 -41.01 5.22 -13.21
N CYS A 122 -41.94 5.99 -12.62
CA CYS A 122 -41.71 6.61 -11.31
C CYS A 122 -41.61 5.56 -10.24
N PHE A 123 -42.52 4.60 -10.28
CA PHE A 123 -42.56 3.60 -9.26
C PHE A 123 -41.29 2.84 -9.25
N LEU A 124 -40.82 2.38 -10.41
CA LEU A 124 -39.60 1.60 -10.42
C LEU A 124 -38.40 2.45 -9.93
N GLU A 125 -38.23 3.65 -10.50
CA GLU A 125 -37.23 4.60 -10.04
C GLU A 125 -37.25 4.79 -8.52
N GLN A 126 -38.42 5.00 -7.94
CA GLN A 126 -38.51 5.25 -6.51
C GLN A 126 -38.12 3.99 -5.79
N ASN A 127 -38.68 2.86 -6.22
CA ASN A 127 -38.52 1.57 -5.55
C ASN A 127 -37.09 1.19 -5.46
N LEU A 128 -36.43 1.15 -6.61
CA LEU A 128 -34.97 0.94 -6.62
C LEU A 128 -34.13 2.00 -5.78
N LYS A 129 -34.58 3.26 -5.73
CA LYS A 129 -33.86 4.26 -4.95
C LYS A 129 -33.84 3.93 -3.46
N LEU A 130 -34.93 3.37 -2.95
CA LEU A 130 -35.00 2.97 -1.56
C LEU A 130 -34.13 1.76 -1.36
N VAL A 131 -34.21 0.84 -2.31
CA VAL A 131 -33.48 -0.42 -2.24
C VAL A 131 -31.96 -0.11 -2.26
N THR A 132 -31.52 0.68 -3.23
CA THR A 132 -30.10 0.97 -3.31
C THR A 132 -29.60 1.80 -2.13
N ALA A 133 -30.53 2.52 -1.51
CA ALA A 133 -30.19 3.33 -0.32
C ALA A 133 -29.95 2.43 0.86
N LEU A 134 -30.94 1.59 1.19
CA LEU A 134 -30.80 0.61 2.26
C LEU A 134 -29.56 -0.19 2.02
N GLU A 135 -29.33 -0.52 0.76
CA GLU A 135 -28.26 -1.46 0.46
C GLU A 135 -26.96 -0.80 0.79
N GLN A 136 -26.87 0.51 0.55
CA GLN A 136 -25.65 1.24 0.91
C GLN A 136 -25.41 1.32 2.43
N LEU A 137 -26.46 1.20 3.24
CA LEU A 137 -26.30 1.08 4.69
C LEU A 137 -26.24 -0.37 5.13
N GLY A 138 -25.87 -1.28 4.22
CA GLY A 138 -25.58 -2.69 4.57
C GLY A 138 -26.80 -3.57 4.82
N VAL A 139 -27.96 -3.11 4.36
CA VAL A 139 -29.17 -3.88 4.53
C VAL A 139 -29.45 -4.52 3.21
N ARG A 140 -29.92 -5.76 3.26
CA ARG A 140 -30.29 -6.51 2.07
C ARG A 140 -31.71 -6.19 1.66
N ALA A 141 -31.86 -5.51 0.54
CA ALA A 141 -33.18 -5.28 0.03
C ALA A 141 -33.40 -6.04 -1.25
N ARG A 142 -34.67 -6.23 -1.49
CA ARG A 142 -35.13 -7.01 -2.60
C ARG A 142 -36.29 -6.23 -3.24
N PRO A 143 -36.04 -5.61 -4.41
CA PRO A 143 -37.16 -4.95 -5.03
C PRO A 143 -38.16 -6.00 -5.48
N ILE A 144 -39.41 -5.70 -5.20
CA ILE A 144 -40.50 -6.53 -5.62
C ILE A 144 -41.51 -5.64 -6.40
N THR A 145 -41.16 -5.38 -7.65
CA THR A 145 -41.90 -4.45 -8.51
C THR A 145 -43.19 -5.00 -9.13
N SER A 146 -43.46 -6.29 -8.89
CA SER A 146 -44.62 -6.92 -9.49
C SER A 146 -44.85 -8.34 -8.99
N GLY A 147 -46.14 -8.70 -8.86
CA GLY A 147 -46.55 -10.11 -8.77
C GLY A 147 -46.89 -10.46 -7.35
N VAL A 148 -47.02 -9.41 -6.53
CA VAL A 148 -47.53 -9.57 -5.18
C VAL A 148 -49.02 -9.36 -5.26
N PHE A 149 -49.46 -8.27 -5.90
CA PHE A 149 -50.89 -7.96 -6.00
C PHE A 149 -51.54 -8.28 -7.35
N THR A 150 -52.62 -9.07 -7.26
CA THR A 150 -53.46 -9.43 -8.38
C THR A 150 -54.59 -8.48 -8.28
N ALA A 151 -55.10 -8.02 -9.40
CA ALA A 151 -56.28 -7.15 -9.36
C ALA A 151 -57.06 -7.18 -10.65
N ASP A 152 -58.19 -6.49 -10.64
CA ASP A 152 -58.96 -6.24 -11.85
C ASP A 152 -59.44 -4.80 -11.84
N TYR A 153 -59.96 -4.36 -12.98
CA TYR A 153 -60.17 -2.95 -13.23
C TYR A 153 -61.19 -2.48 -12.25
N LEU A 154 -60.94 -1.29 -11.71
CA LEU A 154 -61.91 -0.66 -10.81
C LEU A 154 -63.20 -0.34 -11.60
N ASP A 155 -63.03 0.42 -12.69
CA ASP A 155 -64.07 0.70 -13.66
C ASP A 155 -63.30 1.15 -14.87
N LYS A 156 -63.34 0.35 -15.92
CA LYS A 156 -62.49 0.62 -17.04
C LYS A 156 -62.87 1.92 -17.76
N ASP A 157 -64.15 2.28 -17.75
CA ASP A 157 -64.58 3.51 -18.43
C ASP A 157 -64.22 4.75 -17.63
N LYS A 158 -64.30 4.63 -16.31
CA LYS A 158 -64.17 5.76 -15.39
C LYS A 158 -62.70 6.05 -15.07
N TYR A 159 -61.99 5.04 -14.62
CA TYR A 159 -60.62 5.24 -14.16
C TYR A 159 -59.59 4.72 -15.16
N LYS A 160 -60.04 4.04 -16.21
CA LYS A 160 -59.13 3.41 -17.18
C LYS A 160 -58.33 2.35 -16.41
N LEU A 161 -57.00 2.42 -16.48
CA LEU A 161 -56.15 1.44 -15.84
C LEU A 161 -55.96 1.73 -14.33
N VAL A 162 -57.04 1.71 -13.54
CA VAL A 162 -56.92 1.72 -12.09
C VAL A 162 -57.58 0.45 -11.55
N GLY A 163 -56.87 -0.26 -10.66
CA GLY A 163 -57.27 -1.61 -10.26
C GLY A 163 -57.88 -1.73 -8.89
N ASN A 164 -58.63 -2.82 -8.70
CA ASN A 164 -59.17 -3.21 -7.38
C ASN A 164 -58.49 -4.52 -6.95
N ILE A 165 -57.87 -4.54 -5.77
CA ILE A 165 -57.04 -5.68 -5.38
C ILE A 165 -57.84 -6.92 -5.06
N LYS A 166 -57.71 -7.94 -5.88
CA LYS A 166 -58.50 -9.17 -5.76
C LYS A 166 -57.80 -10.14 -4.79
N SER A 167 -56.45 -10.08 -4.70
CA SER A 167 -55.69 -11.06 -3.90
C SER A 167 -54.18 -10.79 -3.82
N VAL A 168 -53.56 -11.21 -2.70
CA VAL A 168 -52.12 -11.08 -2.48
C VAL A 168 -51.48 -12.45 -2.59
N THR A 169 -50.47 -12.62 -3.48
CA THR A 169 -49.60 -13.82 -3.43
C THR A 169 -48.39 -13.51 -2.54
N LYS A 170 -48.17 -14.39 -1.55
CA LYS A 170 -47.23 -14.15 -0.44
C LYS A 170 -45.82 -14.62 -0.80
N GLU A 171 -45.72 -15.50 -1.78
CA GLU A 171 -44.57 -16.36 -1.93
C GLU A 171 -43.29 -15.57 -2.10
N PRO A 172 -43.32 -14.48 -2.85
CA PRO A 172 -42.13 -13.65 -2.97
C PRO A 172 -41.74 -12.96 -1.70
N ILE A 173 -42.73 -12.38 -1.05
CA ILE A 173 -42.49 -11.64 0.18
C ILE A 173 -41.95 -12.61 1.22
N GLU A 174 -42.41 -13.85 1.22
CA GLU A 174 -41.87 -14.79 2.17
C GLU A 174 -40.47 -15.11 1.76
N ALA A 175 -40.28 -15.67 0.58
CA ALA A 175 -38.94 -16.22 0.26
C ALA A 175 -37.86 -15.15 0.08
N SER A 176 -38.27 -13.91 0.33
CA SER A 176 -37.35 -12.81 0.55
C SER A 176 -36.94 -12.83 2.00
N ILE A 177 -37.88 -12.53 2.88
CA ILE A 177 -37.62 -12.48 4.34
C ILE A 177 -36.79 -13.70 4.71
N LYS A 178 -37.25 -14.87 4.25
CA LYS A 178 -36.57 -16.11 4.52
C LYS A 178 -35.12 -16.02 4.06
N ALA A 179 -34.86 -15.50 2.88
CA ALA A 179 -33.46 -15.42 2.42
C ALA A 179 -32.72 -14.12 2.90
N GLY A 180 -33.42 -13.34 3.73
CA GLY A 180 -32.74 -12.41 4.64
C GLY A 180 -32.78 -10.97 4.25
N ALA A 181 -33.83 -10.59 3.53
CA ALA A 181 -33.82 -9.36 2.79
C ALA A 181 -35.11 -8.67 2.89
N LEU A 182 -35.06 -7.36 3.18
CA LEU A 182 -36.28 -6.56 3.36
C LEU A 182 -37.00 -6.49 2.07
N PRO A 183 -38.25 -6.97 2.02
CA PRO A 183 -38.93 -6.85 0.76
C PRO A 183 -39.56 -5.47 0.61
N ILE A 184 -39.21 -4.79 -0.48
CA ILE A 184 -39.72 -3.47 -0.79
C ILE A 184 -40.71 -3.58 -1.93
N LEU A 185 -41.97 -3.36 -1.66
CA LEU A 185 -43.01 -3.53 -2.70
C LEU A 185 -43.48 -2.19 -3.23
N THR A 186 -43.59 -2.12 -4.56
CA THR A 186 -44.43 -1.12 -5.21
C THR A 186 -45.89 -1.50 -5.03
N SER A 187 -46.77 -0.49 -5.05
CA SER A 187 -48.23 -0.73 -5.00
C SER A 187 -48.89 -0.76 -6.38
N LEU A 188 -48.22 -1.41 -7.34
CA LEU A 188 -48.89 -1.83 -8.57
C LEU A 188 -49.44 -3.24 -8.41
N ALA A 189 -50.69 -3.39 -8.87
CA ALA A 189 -51.27 -4.69 -9.02
C ALA A 189 -51.29 -4.97 -10.48
N GLU A 190 -51.43 -6.23 -10.82
CA GLU A 190 -51.62 -6.61 -12.21
C GLU A 190 -52.78 -7.55 -12.38
N THR A 191 -53.33 -7.59 -13.59
CA THR A 191 -54.42 -8.47 -13.88
C THR A 191 -53.89 -9.87 -14.22
N ALA A 192 -54.78 -10.83 -14.36
CA ALA A 192 -54.38 -12.18 -14.73
C ALA A 192 -53.50 -12.07 -15.94
N SER A 193 -54.03 -11.41 -16.96
CA SER A 193 -53.43 -11.36 -18.28
C SER A 193 -52.21 -10.45 -18.35
N GLY A 194 -51.91 -9.75 -17.27
CA GLY A 194 -50.64 -9.09 -17.16
C GLY A 194 -50.66 -7.57 -17.12
N GLN A 195 -51.77 -6.94 -17.45
CA GLN A 195 -51.82 -5.48 -17.47
C GLN A 195 -51.68 -4.88 -16.08
N MET A 196 -50.70 -4.01 -15.91
CA MET A 196 -50.47 -3.38 -14.63
C MET A 196 -51.52 -2.29 -14.47
N LEU A 197 -51.92 -2.03 -13.23
CA LEU A 197 -52.98 -1.05 -12.88
C LEU A 197 -52.56 -0.26 -11.62
N ASN A 198 -52.79 1.06 -11.63
CA ASN A 198 -52.52 1.89 -10.44
C ASN A 198 -53.52 1.56 -9.29
N VAL A 199 -53.03 1.44 -8.06
CA VAL A 199 -53.82 1.07 -6.86
C VAL A 199 -53.41 1.83 -5.59
N ASN A 200 -54.41 2.31 -4.83
CA ASN A 200 -54.21 2.95 -3.51
C ASN A 200 -53.24 2.29 -2.52
N ALA A 201 -52.09 2.95 -2.30
CA ALA A 201 -51.04 2.44 -1.40
C ALA A 201 -51.58 2.12 0.02
N ASP A 202 -52.69 2.72 0.43
CA ASP A 202 -53.27 2.46 1.75
C ASP A 202 -54.19 1.26 1.75
N VAL A 203 -54.95 1.07 0.68
CA VAL A 203 -55.77 -0.14 0.57
C VAL A 203 -54.86 -1.37 0.33
N ALA A 204 -53.80 -1.21 -0.44
CA ALA A 204 -52.85 -2.26 -0.59
C ALA A 204 -52.20 -2.58 0.75
N ALA A 205 -51.78 -1.56 1.52
CA ALA A 205 -51.11 -1.79 2.83
C ALA A 205 -52.02 -2.68 3.67
N GLY A 206 -53.26 -2.28 3.76
CA GLY A 206 -54.26 -3.07 4.47
C GLY A 206 -54.49 -4.49 3.97
N GLU A 207 -54.39 -4.71 2.67
CA GLU A 207 -54.59 -6.06 2.19
C GLU A 207 -53.47 -6.93 2.62
N LEU A 208 -52.24 -6.39 2.60
CA LEU A 208 -51.09 -7.12 3.10
C LEU A 208 -51.38 -7.48 4.54
N ALA A 209 -51.65 -6.46 5.35
CA ALA A 209 -51.92 -6.67 6.75
C ALA A 209 -52.90 -7.83 7.05
N ARG A 210 -53.95 -7.96 6.27
CA ARG A 210 -54.88 -9.04 6.51
C ARG A 210 -54.26 -10.39 6.27
N VAL A 211 -53.33 -10.43 5.33
CA VAL A 211 -52.72 -11.65 4.89
C VAL A 211 -51.47 -12.10 5.68
N PHE A 212 -50.66 -11.18 6.17
CA PHE A 212 -49.57 -11.55 7.09
C PHE A 212 -49.85 -11.43 8.58
N GLU A 213 -50.98 -10.87 8.93
CA GLU A 213 -51.36 -10.74 10.33
C GLU A 213 -50.19 -10.20 11.19
N PRO A 214 -49.49 -9.15 10.71
CA PRO A 214 -48.36 -8.64 11.45
C PRO A 214 -48.66 -7.92 12.75
N LEU A 215 -47.64 -7.83 13.58
CA LEU A 215 -47.68 -7.20 14.92
C LEU A 215 -47.92 -5.66 14.91
N LYS A 216 -47.26 -4.96 13.98
CA LYS A 216 -47.36 -3.53 13.85
C LYS A 216 -47.80 -3.31 12.44
N ILE A 217 -48.78 -2.46 12.25
CA ILE A 217 -49.07 -1.92 10.92
C ILE A 217 -48.83 -0.45 11.01
N VAL A 218 -47.95 0.12 10.17
CA VAL A 218 -47.56 1.51 10.32
C VAL A 218 -47.80 2.28 9.05
N TYR A 219 -48.68 3.26 9.13
CA TYR A 219 -48.93 4.18 8.04
C TYR A 219 -48.07 5.44 8.23
N LEU A 220 -47.02 5.61 7.42
CA LEU A 220 -46.21 6.79 7.51
C LEU A 220 -46.90 7.85 6.73
N ASN A 221 -47.47 8.82 7.41
CA ASN A 221 -47.92 10.00 6.70
C ASN A 221 -46.93 11.17 6.91
N GLU A 222 -47.03 12.14 6.02
CA GLU A 222 -46.31 13.37 6.18
C GLU A 222 -46.95 14.14 7.34
N LYS A 223 -48.27 14.04 7.47
CA LYS A 223 -49.07 14.87 8.40
C LYS A 223 -48.60 14.79 9.86
N GLY A 224 -48.73 13.59 10.43
CA GLY A 224 -48.23 13.31 11.77
C GLY A 224 -49.33 12.96 12.77
N GLY A 225 -50.00 11.84 12.58
CA GLY A 225 -51.02 11.38 13.55
C GLY A 225 -52.42 11.97 13.43
N ILE A 226 -53.08 12.20 14.56
CA ILE A 226 -54.46 12.75 14.61
C ILE A 226 -54.60 13.88 15.66
N ILE A 227 -55.04 15.05 15.23
CA ILE A 227 -55.34 16.14 16.13
C ILE A 227 -56.83 16.13 16.45
N ASN A 228 -57.18 16.54 17.66
CA ASN A 228 -58.58 16.77 18.02
C ASN A 228 -58.98 18.20 17.62
N GLY A 229 -59.81 18.31 16.58
CA GLY A 229 -60.19 19.61 16.02
C GLY A 229 -60.85 20.53 17.02
N SER A 230 -61.40 19.96 18.07
CA SER A 230 -62.21 20.70 19.08
C SER A 230 -61.44 21.19 20.31
N THR A 231 -60.51 20.36 20.78
CA THR A 231 -59.63 20.75 21.90
C THR A 231 -58.30 21.28 21.39
N GLY A 232 -57.87 20.77 20.23
CA GLY A 232 -56.53 21.05 19.73
C GLY A 232 -55.58 19.91 20.08
N GLU A 233 -55.88 19.20 21.18
CA GLU A 233 -54.99 18.17 21.71
C GLU A 233 -54.80 17.04 20.73
N LYS A 234 -53.57 16.55 20.59
CA LYS A 234 -53.29 15.38 19.77
C LYS A 234 -53.87 14.16 20.46
N ILE A 235 -53.99 13.06 19.69
CA ILE A 235 -54.44 11.78 20.22
C ILE A 235 -53.27 10.82 20.23
N SER A 236 -52.90 10.35 21.42
CA SER A 236 -51.83 9.38 21.55
C SER A 236 -52.29 8.00 21.12
N MET A 237 -53.30 7.50 21.83
CA MET A 237 -53.81 6.16 21.66
C MET A 237 -55.32 6.18 21.56
N ILE A 238 -55.85 5.22 20.80
CA ILE A 238 -57.26 4.98 20.75
C ILE A 238 -57.48 3.52 21.14
N ASN A 239 -58.33 3.27 22.14
CA ASN A 239 -58.66 1.88 22.56
C ASN A 239 -59.97 1.37 22.03
N LEU A 240 -59.93 0.86 20.79
CA LEU A 240 -61.14 0.73 19.96
C LEU A 240 -62.31 0.14 20.73
N ASP A 241 -62.12 -1.05 21.30
CA ASP A 241 -63.17 -1.70 22.08
C ASP A 241 -63.81 -0.78 23.06
N GLU A 242 -63.01 -0.03 23.79
CA GLU A 242 -63.55 0.98 24.69
C GLU A 242 -64.10 2.26 24.02
N GLU A 243 -63.26 2.96 23.26
CA GLU A 243 -63.55 4.32 22.78
C GLU A 243 -64.29 4.41 21.46
N TYR A 244 -64.17 3.38 20.63
CA TYR A 244 -64.64 3.46 19.24
C TYR A 244 -65.97 4.17 19.09
N ASP A 245 -66.98 3.67 19.79
CA ASP A 245 -68.37 4.02 19.50
C ASP A 245 -68.71 5.43 19.86
N ASP A 246 -68.32 5.86 21.05
CA ASP A 246 -68.59 7.25 21.48
C ASP A 246 -67.47 8.24 21.08
N LEU A 247 -66.46 7.75 20.37
CA LEU A 247 -65.49 8.65 19.73
C LEU A 247 -65.84 8.79 18.22
N MET A 248 -66.55 7.80 17.68
CA MET A 248 -67.00 7.87 16.32
C MET A 248 -68.21 8.77 16.18
N LYS A 249 -69.16 8.64 17.11
CA LYS A 249 -70.37 9.47 17.07
C LYS A 249 -70.16 10.85 17.70
N GLN A 250 -68.97 11.43 17.48
CA GLN A 250 -68.66 12.77 17.96
C GLN A 250 -68.68 13.80 16.84
N SER A 251 -69.16 14.98 17.18
CA SER A 251 -69.39 16.03 16.22
C SER A 251 -68.09 16.64 15.70
N TRP A 252 -67.03 16.61 16.51
CA TRP A 252 -65.74 17.17 16.09
C TRP A 252 -65.02 16.33 15.08
N VAL A 253 -65.20 15.01 15.15
CA VAL A 253 -64.47 14.11 14.28
C VAL A 253 -64.87 14.32 12.82
N LYS A 254 -63.88 14.69 12.01
CA LYS A 254 -64.07 15.00 10.60
C LYS A 254 -64.31 13.70 9.85
N TYR A 255 -64.94 13.80 8.69
CA TYR A 255 -65.38 12.62 7.97
C TYR A 255 -64.18 11.84 7.36
N GLY A 256 -63.14 12.54 6.92
CA GLY A 256 -61.92 11.89 6.46
C GLY A 256 -61.27 11.08 7.56
N THR A 257 -61.48 11.52 8.80
CA THR A 257 -61.06 10.79 9.99
C THR A 257 -61.92 9.55 10.18
N LYS A 258 -63.25 9.73 10.23
CA LYS A 258 -64.19 8.61 10.38
C LYS A 258 -63.91 7.52 9.33
N LEU A 259 -63.68 7.90 8.08
CA LEU A 259 -63.49 6.90 7.05
C LEU A 259 -62.16 6.15 7.25
N LYS A 260 -61.26 6.72 8.05
CA LYS A 260 -60.05 6.00 8.46
C LYS A 260 -60.19 5.25 9.77
N ILE A 261 -60.69 5.91 10.80
CA ILE A 261 -60.89 5.22 12.06
C ILE A 261 -61.65 3.93 11.76
N ARG A 262 -62.73 4.01 10.99
CA ARG A 262 -63.48 2.78 10.67
C ARG A 262 -62.62 1.78 9.94
N GLU A 263 -61.96 2.27 8.91
CA GLU A 263 -61.05 1.45 8.16
C GLU A 263 -60.17 0.62 9.10
N ILE A 264 -59.58 1.27 10.09
CA ILE A 264 -58.66 0.59 11.00
C ILE A 264 -59.37 -0.38 11.91
N LYS A 265 -60.50 0.03 12.45
CA LYS A 265 -61.29 -0.84 13.34
C LYS A 265 -61.53 -2.12 12.61
N GLU A 266 -61.94 -2.01 11.37
CA GLU A 266 -62.26 -3.19 10.59
C GLU A 266 -61.07 -4.11 10.30
N LEU A 267 -59.88 -3.52 10.15
CA LEU A 267 -58.64 -4.31 9.99
C LEU A 267 -58.28 -5.09 11.25
N LEU A 268 -58.18 -4.37 12.35
CA LEU A 268 -57.80 -4.96 13.63
C LEU A 268 -58.86 -5.90 14.31
N ASP A 269 -60.13 -5.82 13.85
CA ASP A 269 -61.19 -6.76 14.21
C ASP A 269 -60.79 -8.17 13.89
N TYR A 270 -60.08 -8.35 12.79
CA TYR A 270 -59.78 -9.69 12.38
C TYR A 270 -58.31 -10.06 12.46
N LEU A 271 -57.52 -9.17 13.04
CA LEU A 271 -56.16 -9.47 13.42
C LEU A 271 -56.16 -9.62 14.91
N PRO A 272 -55.16 -10.35 15.43
CA PRO A 272 -54.95 -10.59 16.84
C PRO A 272 -55.00 -9.36 17.73
N ARG A 273 -55.00 -9.61 19.03
CA ARG A 273 -55.14 -8.54 20.00
C ARG A 273 -53.80 -7.89 20.18
N SER A 274 -52.77 -8.70 19.99
CA SER A 274 -51.38 -8.28 20.03
C SER A 274 -51.06 -7.25 18.94
N SER A 275 -51.80 -7.30 17.84
CA SER A 275 -51.55 -6.41 16.74
C SER A 275 -52.06 -5.01 16.97
N SER A 276 -51.29 -4.04 16.48
CA SER A 276 -51.62 -2.61 16.57
C SER A 276 -51.41 -1.82 15.24
N VAL A 277 -52.01 -0.65 15.14
CA VAL A 277 -51.78 0.28 14.01
C VAL A 277 -51.17 1.58 14.54
N ALA A 278 -50.28 2.19 13.76
CA ALA A 278 -49.63 3.43 14.17
C ALA A 278 -49.53 4.36 12.98
N ILE A 279 -49.90 5.61 13.21
CA ILE A 279 -49.88 6.63 12.21
C ILE A 279 -48.87 7.66 12.66
N ILE A 280 -47.73 7.77 11.96
CA ILE A 280 -46.64 8.61 12.48
C ILE A 280 -45.96 9.36 11.40
N ASN A 281 -45.49 10.54 11.77
CA ASN A 281 -44.54 11.27 10.99
C ASN A 281 -43.23 10.50 10.97
N VAL A 282 -42.57 10.49 9.83
CA VAL A 282 -41.39 9.67 9.64
C VAL A 282 -40.33 9.86 10.70
N GLN A 283 -40.07 11.11 11.04
CA GLN A 283 -38.99 11.38 11.99
C GLN A 283 -39.19 10.80 13.41
N ASP A 284 -40.43 10.52 13.79
CA ASP A 284 -40.69 10.01 15.11
C ASP A 284 -40.90 8.51 15.06
N LEU A 285 -40.33 7.81 14.07
CA LEU A 285 -40.75 6.43 13.77
C LEU A 285 -40.23 5.41 14.76
N GLN A 286 -38.91 5.24 14.82
CA GLN A 286 -38.31 4.16 15.62
C GLN A 286 -38.40 4.41 17.16
N LYS A 287 -39.10 5.48 17.57
CA LYS A 287 -39.66 5.57 18.92
C LYS A 287 -41.03 4.84 19.00
N GLU A 288 -42.07 5.31 18.30
CA GLU A 288 -43.45 4.71 18.45
C GLU A 288 -43.72 3.46 17.54
N LEU A 289 -42.64 2.82 17.09
CA LEU A 289 -42.68 1.39 16.74
C LEU A 289 -42.53 0.42 17.95
N PHE A 290 -42.52 0.98 19.15
CA PHE A 290 -42.23 0.21 20.33
C PHE A 290 -42.80 0.88 21.58
N THR A 291 -42.80 2.21 21.61
CA THR A 291 -43.35 2.96 22.74
C THR A 291 -44.78 3.36 22.37
N ASP A 292 -45.50 3.89 23.37
CA ASP A 292 -46.78 4.60 23.14
C ASP A 292 -46.68 6.06 23.66
N SER A 293 -45.47 6.49 24.03
CA SER A 293 -45.18 7.91 24.39
C SER A 293 -44.63 8.71 23.18
N GLY A 294 -44.28 8.02 22.08
CA GLY A 294 -44.01 8.68 20.81
C GLY A 294 -45.22 9.52 20.41
N ALA A 295 -45.01 10.77 19.99
CA ALA A 295 -46.07 11.52 19.32
C ALA A 295 -46.46 10.80 18.01
N GLY A 296 -47.62 11.11 17.48
CA GLY A 296 -48.21 10.29 16.46
C GLY A 296 -49.27 9.50 17.20
N THR A 297 -50.21 8.94 16.45
CA THR A 297 -51.37 8.28 16.99
C THR A 297 -51.24 6.79 16.85
N MET A 298 -51.58 6.07 17.91
CA MET A 298 -51.46 4.62 17.92
C MET A 298 -52.78 3.95 18.27
N ILE A 299 -53.29 3.11 17.40
CA ILE A 299 -54.61 2.58 17.61
C ILE A 299 -54.62 1.07 17.82
N ARG A 300 -55.45 0.54 18.72
CA ARG A 300 -55.66 -0.92 18.84
C ARG A 300 -56.91 -1.35 19.63
N ARG A 301 -57.21 -2.64 19.59
CA ARG A 301 -58.45 -3.12 20.15
C ARG A 301 -58.48 -2.96 21.63
N GLY A 302 -57.55 -3.57 22.35
CA GLY A 302 -57.46 -3.34 23.82
C GLY A 302 -58.76 -3.76 24.60
N TYR A 303 -59.09 -3.24 25.80
CA TYR A 303 -59.97 -3.99 26.71
C TYR A 303 -60.99 -3.38 27.63
N LYS A 304 -62.27 -3.74 27.49
CA LYS A 304 -63.31 -3.34 28.45
C LYS A 304 -63.28 -4.33 29.56
N LEU A 305 -63.21 -3.88 30.81
CA LEU A 305 -63.42 -4.77 31.96
C LEU A 305 -64.92 -5.06 32.19
N VAL A 306 -65.24 -6.29 32.57
CA VAL A 306 -66.60 -6.67 32.77
C VAL A 306 -66.84 -7.17 34.18
N LYS A 307 -67.74 -6.52 34.91
CA LYS A 307 -68.00 -6.84 36.33
C LYS A 307 -68.94 -8.04 36.43
N ARG A 308 -68.60 -9.04 37.26
CA ARG A 308 -69.37 -10.27 37.37
C ARG A 308 -69.56 -10.68 38.79
N SER A 309 -70.76 -11.18 39.09
CA SER A 309 -71.08 -11.57 40.45
C SER A 309 -71.35 -13.06 40.64
N SER A 310 -70.95 -13.90 39.70
CA SER A 310 -71.39 -15.31 39.69
C SER A 310 -70.64 -16.16 38.70
N ILE A 311 -70.14 -17.32 39.13
CA ILE A 311 -69.35 -18.18 38.23
C ILE A 311 -70.05 -18.43 36.89
N GLY A 312 -71.34 -18.71 36.96
CA GLY A 312 -72.18 -18.97 35.75
C GLY A 312 -72.65 -17.71 35.05
N GLU A 313 -71.94 -16.60 35.30
CA GLU A 313 -72.14 -15.39 34.56
C GLU A 313 -71.12 -15.42 33.42
N PHE A 314 -69.83 -15.57 33.75
CA PHE A 314 -68.75 -15.64 32.74
C PHE A 314 -69.15 -16.45 31.52
N PRO A 315 -69.05 -15.88 30.31
CA PRO A 315 -69.54 -16.61 29.11
C PRO A 315 -68.76 -17.87 28.96
N SER A 316 -67.52 -17.78 29.41
CA SER A 316 -66.63 -18.90 29.51
C SER A 316 -66.79 -19.68 30.80
N ALA A 317 -67.50 -20.80 30.77
CA ALA A 317 -67.49 -21.65 31.95
C ALA A 317 -66.06 -22.08 32.19
N ASP A 318 -65.35 -22.39 31.10
CA ASP A 318 -64.10 -23.15 31.13
C ASP A 318 -62.93 -22.22 31.20
N ALA A 319 -62.83 -21.28 30.28
CA ALA A 319 -61.69 -20.36 30.24
C ALA A 319 -61.48 -19.50 31.50
N LEU A 320 -62.47 -19.41 32.39
CA LEU A 320 -62.23 -18.87 33.73
C LEU A 320 -61.22 -19.79 34.43
N ARG A 321 -61.43 -21.10 34.35
CA ARG A 321 -60.48 -22.05 34.90
C ARG A 321 -59.12 -21.85 34.18
N LYS A 322 -59.10 -21.83 32.85
CA LYS A 322 -57.87 -21.65 32.13
C LYS A 322 -57.16 -20.38 32.58
N ALA A 323 -57.89 -19.37 33.00
CA ALA A 323 -57.34 -18.14 33.48
C ALA A 323 -56.74 -18.27 34.88
N LEU A 324 -57.50 -18.82 35.82
CA LEU A 324 -57.03 -18.94 37.21
C LEU A 324 -55.83 -19.92 37.38
N GLN A 325 -55.65 -20.85 36.46
CA GLN A 325 -54.52 -21.75 36.46
C GLN A 325 -53.20 -20.99 36.36
N ARG A 326 -53.24 -19.76 35.83
CA ARG A 326 -52.02 -18.95 35.58
C ARG A 326 -51.32 -18.66 36.90
N ASP A 327 -52.16 -18.38 37.91
CA ASP A 327 -51.75 -18.09 39.30
C ASP A 327 -50.74 -19.10 39.88
N ALA A 328 -49.69 -18.60 40.54
CA ALA A 328 -48.57 -19.45 41.04
C ALA A 328 -48.80 -19.92 42.48
N GLY A 329 -50.07 -19.94 42.90
CA GLY A 329 -50.50 -20.66 44.09
C GLY A 329 -51.47 -21.81 43.78
N ILE A 330 -52.03 -21.82 42.57
CA ILE A 330 -52.84 -22.91 42.05
C ILE A 330 -52.03 -23.74 41.04
N SER A 331 -51.04 -23.13 40.40
CA SER A 331 -50.14 -23.85 39.53
C SER A 331 -49.10 -24.61 40.33
N SER A 332 -48.65 -24.02 41.42
CA SER A 332 -47.93 -24.77 42.44
C SER A 332 -49.00 -25.16 43.40
N GLY A 333 -49.36 -26.45 43.35
CA GLY A 333 -50.68 -26.93 43.82
C GLY A 333 -50.93 -27.02 45.31
N LYS A 334 -51.42 -25.91 45.87
CA LYS A 334 -51.96 -25.91 47.22
C LYS A 334 -53.39 -26.29 47.01
N GLU A 335 -54.16 -25.39 46.40
CA GLU A 335 -55.51 -25.75 46.01
C GLU A 335 -55.68 -25.73 44.51
N SER A 336 -56.31 -26.76 43.98
CA SER A 336 -56.61 -26.84 42.59
C SER A 336 -57.68 -25.88 42.31
N VAL A 337 -57.92 -25.64 41.03
CA VAL A 337 -58.94 -24.74 40.61
C VAL A 337 -60.31 -25.24 40.97
N ALA A 338 -60.57 -26.51 40.66
CA ALA A 338 -61.87 -27.12 41.00
C ALA A 338 -62.28 -26.81 42.43
N SER A 339 -61.43 -27.19 43.36
CA SER A 339 -61.67 -26.92 44.76
C SER A 339 -61.83 -25.43 45.06
N TYR A 340 -61.21 -24.56 44.29
CA TYR A 340 -61.34 -23.10 44.50
C TYR A 340 -62.58 -22.53 43.89
N LEU A 341 -62.94 -23.01 42.72
CA LEU A 341 -64.20 -22.56 42.13
C LEU A 341 -65.44 -22.94 42.98
N ARG A 342 -65.44 -24.14 43.61
CA ARG A 342 -66.50 -24.56 44.53
C ARG A 342 -66.61 -23.48 45.57
N TYR A 343 -65.50 -23.13 46.21
CA TYR A 343 -65.45 -22.05 47.24
C TYR A 343 -65.97 -20.71 46.74
N LEU A 344 -65.58 -20.32 45.52
CA LEU A 344 -66.02 -19.04 44.93
C LEU A 344 -67.56 -19.03 44.82
N GLU A 345 -68.12 -19.97 44.04
CA GLU A 345 -69.57 -20.07 43.83
C GLU A 345 -70.45 -20.05 45.10
N ASN A 346 -69.90 -20.49 46.23
CA ASN A 346 -70.56 -20.36 47.51
C ASN A 346 -70.17 -19.14 48.33
N SER A 347 -69.86 -18.04 47.66
CA SER A 347 -69.41 -16.82 48.34
C SER A 347 -69.77 -15.56 47.52
N ASP A 348 -70.19 -14.50 48.18
CA ASP A 348 -70.50 -13.27 47.46
C ASP A 348 -69.21 -12.57 47.17
N PHE A 349 -69.00 -12.39 45.90
CA PHE A 349 -67.76 -11.87 45.40
C PHE A 349 -68.06 -11.00 44.20
N VAL A 350 -67.18 -10.06 43.96
CA VAL A 350 -67.27 -9.31 42.76
C VAL A 350 -66.06 -9.72 42.00
N SER A 351 -66.18 -9.83 40.68
CA SER A 351 -65.02 -10.11 39.84
C SER A 351 -64.99 -9.21 38.63
N TYR A 352 -63.93 -8.42 38.51
CA TYR A 352 -63.66 -7.72 37.27
C TYR A 352 -62.71 -8.54 36.43
N ALA A 353 -62.96 -8.60 35.13
CA ALA A 353 -62.10 -9.32 34.21
C ALA A 353 -62.33 -8.73 32.83
N ASP A 354 -61.28 -8.58 32.03
CA ASP A 354 -61.43 -8.12 30.66
C ASP A 354 -62.07 -9.22 29.82
N GLU A 355 -62.36 -8.90 28.57
CA GLU A 355 -63.10 -9.80 27.69
C GLU A 355 -62.32 -11.10 27.46
N PRO A 356 -61.03 -11.01 27.13
CA PRO A 356 -60.29 -12.23 26.86
C PRO A 356 -59.63 -12.86 28.10
N LEU A 357 -60.11 -12.53 29.29
CA LEU A 357 -59.57 -13.08 30.55
C LEU A 357 -58.02 -13.04 30.70
N GLU A 358 -57.41 -11.98 30.18
CA GLU A 358 -55.97 -11.72 30.34
C GLU A 358 -55.62 -11.20 31.74
N ALA A 359 -56.59 -10.54 32.39
CA ALA A 359 -56.50 -10.10 33.80
C ALA A 359 -57.84 -10.33 34.56
N VAL A 360 -57.87 -11.24 35.53
CA VAL A 360 -59.01 -11.42 36.44
C VAL A 360 -58.62 -10.88 37.82
N ALA A 361 -59.54 -10.15 38.45
CA ALA A 361 -59.42 -9.78 39.86
C ALA A 361 -60.70 -10.29 40.53
N ILE A 362 -60.55 -10.98 41.64
CA ILE A 362 -61.72 -11.48 42.40
C ILE A 362 -61.66 -10.90 43.78
N VAL A 363 -62.73 -10.23 44.18
CA VAL A 363 -62.75 -9.64 45.49
C VAL A 363 -63.78 -10.32 46.34
N LYS A 364 -63.32 -11.01 47.40
CA LYS A 364 -64.23 -11.67 48.37
C LYS A 364 -64.70 -10.60 49.33
N LYS A 365 -66.02 -10.43 49.40
CA LYS A 365 -66.60 -9.24 49.98
C LYS A 365 -66.86 -9.49 51.45
N ASP A 366 -66.61 -10.73 51.87
CA ASP A 366 -67.19 -11.24 53.11
C ASP A 366 -66.59 -10.73 54.44
N THR A 367 -65.30 -10.38 54.44
CA THR A 367 -64.70 -9.75 55.62
C THR A 367 -64.61 -8.25 55.41
N ASN A 368 -65.15 -7.48 56.37
CA ASN A 368 -64.81 -6.07 56.54
C ASN A 368 -63.34 -5.91 56.20
N VAL A 369 -63.03 -4.90 55.41
CA VAL A 369 -61.86 -4.90 54.54
C VAL A 369 -61.96 -6.13 53.64
N PRO A 370 -62.78 -6.03 52.62
CA PRO A 370 -62.80 -7.04 51.61
C PRO A 370 -61.42 -7.39 51.15
N THR A 371 -61.21 -8.65 50.84
CA THR A 371 -59.95 -9.12 50.29
C THR A 371 -60.03 -9.13 48.77
N LEU A 372 -58.89 -8.82 48.15
CA LEU A 372 -58.64 -9.12 46.74
C LEU A 372 -57.95 -10.45 46.77
N ASP A 373 -58.76 -11.47 46.46
CA ASP A 373 -58.43 -12.85 46.76
C ASP A 373 -57.62 -13.46 45.70
N LYS A 374 -57.97 -13.16 44.46
CA LYS A 374 -57.12 -13.51 43.32
C LYS A 374 -57.00 -12.26 42.41
N PHE A 375 -55.80 -12.07 41.86
CA PHE A 375 -55.54 -10.95 40.93
C PHE A 375 -54.62 -11.53 39.86
N VAL A 376 -55.19 -12.35 38.97
CA VAL A 376 -54.37 -13.17 38.05
C VAL A 376 -54.15 -12.40 36.80
N CYS A 377 -52.94 -11.84 36.67
CA CYS A 377 -52.67 -10.95 35.59
C CYS A 377 -51.54 -11.38 34.73
N SER A 378 -51.82 -11.40 33.43
CA SER A 378 -50.87 -11.87 32.46
C SER A 378 -49.74 -10.89 32.21
N ASP A 379 -48.57 -11.44 31.96
CA ASP A 379 -47.45 -10.68 31.48
C ASP A 379 -47.87 -9.59 30.43
N ALA A 380 -48.79 -9.95 29.52
CA ALA A 380 -49.32 -9.03 28.48
C ALA A 380 -50.26 -8.00 29.07
N ALA A 381 -51.01 -8.39 30.06
CA ALA A 381 -51.85 -7.49 30.79
C ALA A 381 -51.14 -6.45 31.59
N TRP A 382 -49.91 -6.74 31.98
CA TRP A 382 -49.14 -5.82 32.81
C TRP A 382 -48.50 -4.74 31.97
N LEU A 383 -47.94 -5.15 30.82
CA LEU A 383 -47.30 -4.18 29.92
C LEU A 383 -48.37 -3.36 29.18
N ASN A 384 -49.61 -3.84 29.17
CA ASN A 384 -50.74 -3.09 28.63
C ASN A 384 -51.40 -2.11 29.64
N ASN A 385 -50.99 -2.14 30.90
CA ASN A 385 -51.71 -1.51 32.03
C ASN A 385 -53.23 -1.78 32.07
N VAL A 386 -53.63 -3.00 31.75
CA VAL A 386 -54.94 -3.46 32.09
C VAL A 386 -55.00 -3.46 33.59
N THR A 387 -53.93 -3.95 34.21
CA THR A 387 -53.84 -4.02 35.66
C THR A 387 -54.19 -2.65 36.23
N ASP A 388 -53.46 -1.62 35.82
CA ASP A 388 -53.70 -0.26 36.31
C ASP A 388 -55.18 0.02 36.36
N ASN A 389 -55.87 -0.36 35.31
CA ASN A 389 -57.25 -0.01 35.17
C ASN A 389 -58.18 -0.83 36.06
N VAL A 390 -57.87 -2.11 36.17
CA VAL A 390 -58.61 -2.96 37.04
C VAL A 390 -58.61 -2.42 38.44
N PHE A 391 -57.51 -1.85 38.85
CA PHE A 391 -57.38 -1.34 40.21
C PHE A 391 -58.13 -0.04 40.37
N ASN A 392 -58.19 0.71 39.30
CA ASN A 392 -59.00 1.88 39.31
C ASN A 392 -60.51 1.59 39.42
N VAL A 393 -60.96 0.44 38.90
CA VAL A 393 -62.36 0.08 39.07
C VAL A 393 -62.53 -0.24 40.53
N LEU A 394 -61.83 -1.28 40.96
CA LEU A 394 -61.70 -1.63 42.38
C LEU A 394 -61.75 -0.41 43.29
N ARG A 395 -61.07 0.65 42.92
CA ARG A 395 -61.04 1.80 43.80
C ARG A 395 -62.43 2.30 44.10
N ARG A 396 -63.15 2.73 43.08
CA ARG A 396 -64.43 3.41 43.32
C ARG A 396 -65.45 2.41 43.83
N ASP A 397 -65.35 1.19 43.37
CA ASP A 397 -66.27 0.14 43.82
C ASP A 397 -65.96 -0.37 45.23
N PHE A 398 -64.71 -0.33 45.67
CA PHE A 398 -64.37 -0.76 47.05
C PHE A 398 -63.56 0.27 47.81
N PRO A 399 -64.25 1.20 48.48
CA PRO A 399 -63.44 2.29 48.96
C PRO A 399 -62.42 1.89 50.01
N ALA A 400 -62.53 0.69 50.57
CA ALA A 400 -61.44 0.17 51.41
C ALA A 400 -61.20 -1.30 51.12
N LEU A 401 -59.94 -1.71 51.09
CA LEU A 401 -59.53 -3.00 50.47
C LEU A 401 -58.17 -3.47 50.98
N GLN A 402 -57.99 -4.78 51.05
CA GLN A 402 -56.72 -5.39 51.49
C GLN A 402 -56.28 -6.47 50.53
N TRP A 403 -54.97 -6.70 50.45
CA TRP A 403 -54.49 -7.83 49.67
C TRP A 403 -53.09 -8.21 50.03
N VAL A 404 -52.71 -9.38 49.59
CA VAL A 404 -51.38 -9.89 49.89
C VAL A 404 -50.52 -10.21 48.66
N VAL A 405 -49.21 -9.87 48.72
CA VAL A 405 -48.28 -10.05 47.62
C VAL A 405 -47.00 -10.68 48.06
N SER A 406 -46.36 -11.43 47.18
CA SER A 406 -45.07 -12.04 47.53
C SER A 406 -44.00 -10.99 47.70
N GLU A 407 -43.07 -11.20 48.63
CA GLU A 407 -42.08 -10.19 48.91
C GLU A 407 -41.29 -9.87 47.66
N ASN A 408 -41.29 -10.76 46.69
CA ASN A 408 -40.46 -10.54 45.51
C ASN A 408 -41.26 -10.63 44.24
N ASP A 409 -42.56 -10.38 44.34
CA ASP A 409 -43.38 -10.27 43.15
C ASP A 409 -42.71 -9.25 42.29
N ALA A 410 -42.53 -9.62 41.03
CA ALA A 410 -41.94 -8.78 40.06
C ALA A 410 -42.31 -7.33 40.32
N ASN A 411 -43.58 -7.01 40.24
CA ASN A 411 -44.00 -5.65 40.42
C ASN A 411 -44.60 -5.47 41.80
N ILE A 412 -43.76 -5.60 42.82
CA ILE A 412 -44.18 -5.23 44.20
C ILE A 412 -44.22 -3.70 44.32
N ALA A 413 -43.23 -3.03 43.74
CA ALA A 413 -43.19 -1.55 43.74
C ALA A 413 -44.59 -1.03 43.44
N TRP A 414 -45.25 -1.68 42.49
CA TRP A 414 -46.55 -1.22 42.01
C TRP A 414 -47.61 -1.37 43.02
N HIS A 415 -47.56 -2.44 43.76
CA HIS A 415 -48.55 -2.62 44.77
C HIS A 415 -48.37 -1.61 45.86
N PHE A 416 -47.13 -1.32 46.18
CA PHE A 416 -46.86 -0.38 47.27
C PHE A 416 -47.59 0.87 46.89
N ASP A 417 -47.38 1.25 45.64
CA ASP A 417 -47.89 2.53 45.14
C ASP A 417 -49.40 2.58 45.22
N LYS A 418 -50.06 1.44 45.00
CA LYS A 418 -51.50 1.46 44.99
C LYS A 418 -52.01 1.35 46.41
N SER A 419 -51.12 1.35 47.40
CA SER A 419 -51.56 1.17 48.79
C SER A 419 -51.46 2.42 49.64
N GLN A 420 -52.05 2.33 50.83
CA GLN A 420 -51.88 3.34 51.88
C GLN A 420 -50.98 2.75 53.00
N GLY A 421 -51.12 1.45 53.27
CA GLY A 421 -50.29 0.78 54.30
C GLY A 421 -49.83 -0.63 53.97
N SER A 422 -48.68 -0.99 54.54
CA SER A 422 -48.02 -2.26 54.25
C SER A 422 -47.44 -2.90 55.51
N TYR A 423 -47.51 -4.24 55.59
CA TYR A 423 -46.79 -4.99 56.61
C TYR A 423 -46.10 -6.19 56.00
N LEU A 424 -44.97 -6.59 56.56
CA LEU A 424 -44.27 -7.72 56.04
C LEU A 424 -44.02 -8.73 57.13
N LYS A 425 -44.68 -9.89 57.07
CA LYS A 425 -44.26 -11.12 57.81
C LYS A 425 -43.48 -11.95 56.82
N GLY A 426 -42.68 -12.89 57.33
CA GLY A 426 -41.93 -13.80 56.47
C GLY A 426 -42.57 -14.05 55.11
N GLY A 427 -41.87 -13.68 54.05
CA GLY A 427 -42.33 -14.02 52.71
C GLY A 427 -43.35 -13.09 52.13
N LYS A 428 -44.47 -12.93 52.82
CA LYS A 428 -45.61 -12.25 52.24
C LYS A 428 -45.79 -10.82 52.74
N VAL A 429 -46.21 -9.92 51.86
CA VAL A 429 -46.48 -8.53 52.25
C VAL A 429 -47.99 -8.32 52.24
N LEU A 430 -48.51 -7.71 53.31
CA LEU A 430 -49.93 -7.30 53.42
C LEU A 430 -50.03 -5.84 52.97
N PHE A 431 -51.02 -5.58 52.13
CA PHE A 431 -51.32 -4.24 51.66
C PHE A 431 -52.78 -3.89 51.90
N TRP A 432 -53.03 -2.60 52.09
CA TRP A 432 -54.40 -2.12 52.13
C TRP A 432 -54.48 -0.69 51.78
N TYR A 433 -55.72 -0.28 51.61
CA TYR A 433 -56.03 1.10 51.41
C TYR A 433 -57.40 1.47 51.96
N GLY A 434 -57.58 2.76 52.14
CA GLY A 434 -58.88 3.31 52.52
C GLY A 434 -59.25 3.19 53.98
N ILE A 435 -58.36 2.64 54.80
CA ILE A 435 -58.71 2.41 56.18
C ILE A 435 -57.72 3.03 57.12
N ASP A 436 -58.26 3.48 58.23
CA ASP A 436 -57.48 4.23 59.18
C ASP A 436 -58.08 4.29 60.61
N ASP A 437 -58.95 3.35 60.95
CA ASP A 437 -59.19 3.10 62.36
C ASP A 437 -57.94 2.40 62.82
N ILE A 438 -57.11 3.12 63.53
CA ILE A 438 -55.93 2.52 64.07
C ILE A 438 -56.26 1.10 64.52
N ASN A 439 -57.38 0.91 65.24
CA ASN A 439 -57.75 -0.43 65.75
C ASN A 439 -58.27 -1.44 64.69
N THR A 440 -58.86 -0.98 63.57
CA THR A 440 -59.20 -1.92 62.48
C THR A 440 -57.95 -2.26 61.67
N ILE A 441 -56.93 -1.39 61.71
CA ILE A 441 -55.62 -1.67 61.09
C ILE A 441 -54.96 -2.79 61.85
N SER A 442 -54.88 -2.61 63.16
CA SER A 442 -54.29 -3.65 63.97
C SER A 442 -55.00 -4.99 63.72
N GLU A 443 -56.31 -4.96 63.49
CA GLU A 443 -57.05 -6.22 63.25
C GLU A 443 -56.54 -6.85 61.96
N LEU A 444 -56.26 -6.02 60.96
CA LEU A 444 -55.71 -6.55 59.73
C LEU A 444 -54.40 -7.25 60.04
N VAL A 445 -53.48 -6.54 60.67
CA VAL A 445 -52.12 -7.02 60.83
C VAL A 445 -52.10 -8.32 61.62
N GLU A 446 -53.03 -8.48 62.57
CA GLU A 446 -53.11 -9.72 63.38
C GLU A 446 -53.62 -10.90 62.58
N ASN A 447 -54.79 -10.74 61.99
CA ASN A 447 -55.35 -11.75 61.11
C ASN A 447 -54.34 -12.21 60.07
N PHE A 448 -53.53 -11.30 59.58
CA PHE A 448 -52.48 -11.65 58.65
C PHE A 448 -51.35 -12.39 59.30
N VAL A 449 -50.78 -11.86 60.38
CA VAL A 449 -49.66 -12.56 60.99
C VAL A 449 -50.13 -13.93 61.55
N LYS A 450 -51.37 -14.02 62.02
CA LYS A 450 -51.93 -15.33 62.45
C LYS A 450 -52.29 -16.24 61.28
N SER A 451 -52.33 -15.69 60.06
CA SER A 451 -52.59 -16.48 58.84
C SER A 451 -51.53 -17.54 58.59
N CYS A 452 -50.37 -17.41 59.24
CA CYS A 452 -49.38 -18.52 59.28
C CYS A 452 -49.97 -19.79 59.99
N ASP A 453 -50.78 -20.53 59.24
CA ASP A 453 -51.74 -21.44 59.83
C ASP A 453 -51.36 -22.89 59.54
N THR B 18 -13.42 -20.61 -0.05
CA THR B 18 -12.50 -21.23 0.97
C THR B 18 -11.61 -21.87 -0.06
N ARG B 19 -11.15 -23.05 0.28
CA ARG B 19 -10.58 -24.03 -0.64
C ARG B 19 -11.63 -24.57 -1.56
N SER B 20 -12.83 -24.69 -1.04
CA SER B 20 -13.94 -25.22 -1.79
C SER B 20 -13.90 -24.68 -3.18
N THR B 21 -13.58 -23.41 -3.31
CA THR B 21 -13.44 -22.81 -4.64
C THR B 21 -12.13 -23.20 -5.35
N VAL B 22 -11.02 -23.15 -4.63
CA VAL B 22 -9.73 -23.59 -5.18
C VAL B 22 -9.80 -25.03 -5.70
N ILE B 23 -10.47 -25.94 -5.00
CA ILE B 23 -10.53 -27.32 -5.46
C ILE B 23 -11.21 -27.35 -6.80
N GLN B 24 -12.37 -26.73 -6.88
CA GLN B 24 -13.19 -26.83 -8.07
C GLN B 24 -12.60 -26.14 -9.27
N LEU B 25 -11.70 -25.20 -9.02
CA LEU B 25 -10.97 -24.54 -10.09
C LEU B 25 -9.89 -25.50 -10.61
N LEU B 26 -9.09 -26.05 -9.71
CA LEU B 26 -8.08 -27.01 -10.09
C LEU B 26 -8.67 -28.27 -10.73
N ASN B 27 -9.75 -28.80 -10.15
CA ASN B 27 -10.41 -29.95 -10.72
C ASN B 27 -10.82 -29.75 -12.17
N ASN B 28 -10.97 -28.49 -12.59
CA ASN B 28 -11.35 -28.15 -14.00
C ASN B 28 -10.17 -27.58 -14.87
N ILE B 29 -8.94 -27.74 -14.40
CA ILE B 29 -7.76 -27.32 -15.16
C ILE B 29 -6.97 -28.56 -15.55
N SER B 30 -6.75 -28.69 -16.85
CA SER B 30 -6.13 -29.89 -17.42
C SER B 30 -4.69 -29.59 -17.78
N THR B 31 -4.48 -28.56 -18.63
CA THR B 31 -3.18 -28.22 -19.16
C THR B 31 -2.82 -26.77 -18.88
N LYS B 32 -1.57 -26.43 -19.18
CA LYS B 32 -0.99 -25.09 -19.02
C LYS B 32 -1.81 -24.02 -19.71
N ARG B 33 -2.24 -24.36 -20.92
CA ARG B 33 -2.90 -23.40 -21.74
C ARG B 33 -4.13 -22.97 -20.99
N GLU B 34 -4.81 -23.91 -20.33
CA GLU B 34 -6.01 -23.57 -19.57
C GLU B 34 -5.72 -22.58 -18.43
N VAL B 35 -4.63 -22.79 -17.71
CA VAL B 35 -4.25 -21.88 -16.62
C VAL B 35 -4.19 -20.46 -17.14
N GLU B 36 -3.44 -20.28 -18.20
CA GLU B 36 -3.34 -19.00 -18.82
C GLU B 36 -4.70 -18.40 -19.20
N GLN B 37 -5.61 -19.25 -19.69
CA GLN B 37 -6.93 -18.78 -20.12
C GLN B 37 -7.58 -18.21 -18.86
N TYR B 38 -7.65 -19.03 -17.81
CA TYR B 38 -8.41 -18.65 -16.62
C TYR B 38 -7.91 -17.31 -16.09
N LEU B 39 -6.59 -17.15 -16.04
CA LEU B 39 -6.01 -15.87 -15.63
C LEU B 39 -6.40 -14.63 -16.45
N LYS B 40 -6.42 -14.76 -17.78
CA LYS B 40 -7.05 -13.80 -18.70
C LYS B 40 -8.45 -13.22 -18.23
N TYR B 41 -9.36 -14.09 -17.77
CA TYR B 41 -10.73 -13.68 -17.34
C TYR B 41 -10.74 -12.98 -16.00
N PHE B 42 -9.90 -13.47 -15.09
CA PHE B 42 -9.77 -12.89 -13.77
C PHE B 42 -8.97 -11.61 -13.80
N THR B 43 -7.79 -11.63 -14.44
CA THR B 43 -6.92 -10.46 -14.51
C THR B 43 -7.51 -9.34 -15.38
N SER B 44 -8.53 -9.69 -16.18
CA SER B 44 -9.34 -8.70 -16.91
C SER B 44 -10.05 -7.73 -15.95
N VAL B 45 -9.69 -6.44 -16.03
CA VAL B 45 -10.38 -5.36 -15.31
C VAL B 45 -11.73 -5.14 -16.01
N SER B 46 -12.67 -6.01 -15.63
CA SER B 46 -13.86 -6.32 -16.43
C SER B 46 -15.02 -5.41 -16.12
N GLN B 47 -14.83 -4.14 -16.50
CA GLN B 47 -15.93 -3.23 -16.83
C GLN B 47 -16.62 -3.77 -18.11
N GLN B 48 -15.88 -4.58 -18.89
CA GLN B 48 -16.47 -5.49 -19.87
C GLN B 48 -16.95 -6.76 -19.19
N GLN B 49 -18.28 -6.87 -19.04
CA GLN B 49 -18.99 -7.91 -18.24
C GLN B 49 -18.56 -9.32 -18.53
N PHE B 50 -19.06 -10.21 -17.69
CA PHE B 50 -18.60 -11.55 -17.78
C PHE B 50 -19.39 -12.38 -18.75
N ALA B 51 -20.67 -12.56 -18.47
CA ALA B 51 -21.40 -13.50 -19.27
C ALA B 51 -22.86 -13.27 -19.15
N VAL B 52 -23.56 -13.66 -20.21
CA VAL B 52 -24.99 -13.81 -20.16
C VAL B 52 -25.26 -15.26 -20.36
N ILE B 53 -25.95 -15.88 -19.43
CA ILE B 53 -26.20 -17.31 -19.52
C ILE B 53 -27.69 -17.53 -19.66
N LYS B 54 -28.10 -18.03 -20.81
CA LYS B 54 -29.48 -18.38 -20.99
C LYS B 54 -29.72 -19.78 -20.48
N VAL B 55 -30.67 -19.92 -19.56
CA VAL B 55 -31.05 -21.20 -19.02
C VAL B 55 -32.40 -21.58 -19.50
N GLY B 56 -32.48 -22.75 -20.11
CA GLY B 56 -33.77 -23.38 -20.42
C GLY B 56 -34.59 -23.76 -19.17
N GLY B 57 -35.91 -23.77 -19.33
CA GLY B 57 -36.82 -24.02 -18.19
C GLY B 57 -36.69 -25.45 -17.73
N ALA B 58 -36.42 -26.33 -18.69
CA ALA B 58 -36.08 -27.73 -18.47
C ALA B 58 -35.05 -27.96 -17.34
N ILE B 59 -34.07 -27.06 -17.22
CA ILE B 59 -32.94 -27.25 -16.30
C ILE B 59 -33.30 -26.89 -14.88
N ILE B 60 -34.03 -25.80 -14.70
CA ILE B 60 -34.41 -25.42 -13.37
C ILE B 60 -35.29 -26.50 -12.79
N SER B 61 -36.31 -26.91 -13.53
CA SER B 61 -37.25 -27.87 -12.98
C SER B 61 -36.56 -29.19 -12.67
N ASP B 62 -35.53 -29.56 -13.44
CA ASP B 62 -34.94 -30.92 -13.30
C ASP B 62 -33.53 -30.97 -12.73
N ASN B 63 -32.64 -30.16 -13.26
CA ASN B 63 -31.26 -30.36 -13.01
C ASN B 63 -30.63 -29.24 -12.18
N LEU B 64 -31.41 -28.76 -11.22
CA LEU B 64 -31.19 -27.45 -10.54
C LEU B 64 -29.90 -27.43 -9.76
N HIS B 65 -29.67 -28.47 -8.94
CA HIS B 65 -28.53 -28.47 -8.03
C HIS B 65 -27.29 -28.14 -8.81
N GLU B 66 -27.08 -28.83 -9.92
CA GLU B 66 -25.88 -28.61 -10.73
C GLU B 66 -25.74 -27.18 -11.24
N LEU B 67 -26.86 -26.60 -11.67
CA LEU B 67 -26.91 -25.26 -12.17
C LEU B 67 -26.54 -24.30 -11.05
N ALA B 68 -27.15 -24.44 -9.87
CA ALA B 68 -26.85 -23.51 -8.75
C ALA B 68 -25.43 -23.67 -8.31
N SER B 69 -25.00 -24.92 -8.12
CA SER B 69 -23.62 -25.20 -7.68
C SER B 69 -22.60 -24.52 -8.57
N CYS B 70 -22.92 -24.49 -9.84
CA CYS B 70 -22.07 -23.90 -10.82
C CYS B 70 -22.14 -22.36 -10.94
N LEU B 71 -23.33 -21.78 -10.90
CA LEU B 71 -23.41 -20.34 -10.78
C LEU B 71 -22.77 -19.84 -9.47
N ALA B 72 -22.87 -20.63 -8.41
CA ALA B 72 -22.25 -20.27 -7.16
C ALA B 72 -20.75 -20.12 -7.28
N PHE B 73 -20.13 -21.06 -7.98
CA PHE B 73 -18.71 -20.96 -8.26
C PHE B 73 -18.37 -19.67 -8.90
N LEU B 74 -18.99 -19.37 -10.02
CA LEU B 74 -18.66 -18.10 -10.66
C LEU B 74 -18.77 -16.94 -9.67
N TYR B 75 -19.89 -16.90 -8.92
CA TYR B 75 -20.14 -15.88 -7.90
C TYR B 75 -19.03 -15.80 -6.89
N HIS B 76 -18.57 -16.95 -6.44
CA HIS B 76 -17.54 -17.05 -5.43
C HIS B 76 -16.19 -16.56 -5.97
N VAL B 77 -15.85 -16.91 -7.22
CA VAL B 77 -14.56 -16.51 -7.76
C VAL B 77 -14.71 -15.10 -8.28
N GLY B 78 -15.75 -14.40 -7.86
CA GLY B 78 -15.90 -12.97 -8.21
C GLY B 78 -16.84 -12.67 -9.38
N LEU B 79 -16.76 -13.46 -10.45
CA LEU B 79 -17.56 -13.21 -11.67
C LEU B 79 -19.10 -13.16 -11.44
N TYR B 80 -19.77 -12.20 -12.10
CA TYR B 80 -21.25 -12.03 -11.93
C TYR B 80 -21.92 -12.26 -13.26
N PRO B 81 -22.38 -13.50 -13.47
CA PRO B 81 -23.15 -13.81 -14.67
C PRO B 81 -24.50 -13.20 -14.57
N ILE B 82 -25.00 -12.73 -15.70
CA ILE B 82 -26.38 -12.30 -15.80
C ILE B 82 -27.09 -13.54 -16.28
N VAL B 83 -27.98 -14.10 -15.46
CA VAL B 83 -28.72 -15.28 -15.87
C VAL B 83 -30.09 -14.93 -16.37
N LEU B 84 -30.48 -15.48 -17.48
CA LEU B 84 -31.80 -15.23 -18.01
C LEU B 84 -32.43 -16.59 -18.32
N HIS B 85 -33.54 -16.91 -17.66
CA HIS B 85 -34.14 -18.26 -17.73
C HIS B 85 -35.49 -18.21 -18.29
N GLY B 86 -35.86 -19.31 -18.92
CA GLY B 86 -37.17 -19.47 -19.54
C GLY B 86 -38.03 -20.35 -18.68
N THR B 87 -39.01 -20.98 -19.31
CA THR B 87 -39.96 -21.78 -18.54
C THR B 87 -40.78 -22.69 -19.44
N GLY B 88 -40.13 -23.70 -20.03
CA GLY B 88 -40.74 -24.46 -21.12
C GLY B 88 -41.75 -25.59 -20.94
N PRO B 89 -41.25 -26.76 -20.51
CA PRO B 89 -42.03 -27.99 -20.38
C PRO B 89 -43.09 -27.92 -19.28
N GLN B 90 -42.67 -27.50 -18.09
CA GLN B 90 -43.55 -27.32 -16.92
C GLN B 90 -44.87 -26.58 -17.31
N VAL B 91 -44.74 -25.49 -18.08
CA VAL B 91 -45.92 -24.74 -18.57
C VAL B 91 -46.85 -25.65 -19.38
N ASN B 92 -46.29 -26.41 -20.32
CA ASN B 92 -47.10 -27.24 -21.21
C ASN B 92 -47.82 -28.36 -20.51
N GLY B 93 -47.28 -28.80 -19.37
CA GLY B 93 -47.95 -29.79 -18.53
C GLY B 93 -49.14 -29.19 -17.81
N ARG B 94 -48.94 -27.98 -17.27
CA ARG B 94 -49.99 -27.30 -16.50
C ARG B 94 -51.14 -26.83 -17.41
N LEU B 95 -50.81 -26.47 -18.64
CA LEU B 95 -51.80 -26.16 -19.67
C LEU B 95 -52.53 -27.44 -20.01
N GLU B 96 -51.84 -28.58 -20.01
CA GLU B 96 -52.48 -29.87 -20.32
C GLU B 96 -53.28 -30.44 -19.15
N ALA B 97 -52.71 -30.27 -17.95
CA ALA B 97 -53.41 -30.56 -16.71
C ALA B 97 -54.76 -29.84 -16.70
N GLN B 98 -54.74 -28.55 -17.08
CA GLN B 98 -55.93 -27.70 -17.10
C GLN B 98 -56.84 -27.92 -18.33
N GLY B 99 -56.42 -28.77 -19.27
CA GLY B 99 -57.25 -29.17 -20.41
C GLY B 99 -57.09 -28.37 -21.68
N ILE B 100 -56.12 -27.46 -21.72
CA ILE B 100 -55.85 -26.64 -22.89
C ILE B 100 -54.73 -27.28 -23.72
N GLU B 101 -55.01 -27.68 -24.96
CA GLU B 101 -53.99 -28.15 -25.88
C GLU B 101 -53.17 -26.94 -26.35
N PRO B 102 -51.85 -26.90 -26.05
CA PRO B 102 -51.05 -25.66 -26.34
C PRO B 102 -51.03 -25.32 -27.83
N ASP B 103 -50.70 -24.06 -28.14
CA ASP B 103 -50.63 -23.57 -29.52
C ASP B 103 -49.24 -23.05 -29.86
N TYR B 104 -48.75 -23.47 -31.02
CA TYR B 104 -47.55 -22.93 -31.63
C TYR B 104 -47.87 -22.62 -33.07
N ILE B 105 -47.88 -21.33 -33.41
CA ILE B 105 -47.88 -20.94 -34.82
C ILE B 105 -46.52 -20.25 -35.05
N ASP B 106 -45.89 -20.66 -36.15
CA ASP B 106 -44.60 -20.14 -36.60
C ASP B 106 -43.53 -20.31 -35.52
N GLY B 107 -43.62 -21.40 -34.77
CA GLY B 107 -42.63 -21.70 -33.75
C GLY B 107 -42.69 -20.84 -32.50
N ILE B 108 -43.71 -19.99 -32.39
CA ILE B 108 -43.94 -19.19 -31.17
C ILE B 108 -45.34 -19.50 -30.55
N ARG B 109 -45.47 -19.31 -29.24
CA ARG B 109 -46.73 -19.65 -28.55
C ARG B 109 -47.78 -18.59 -28.77
N ILE B 110 -48.92 -19.01 -29.29
CA ILE B 110 -50.08 -18.14 -29.29
C ILE B 110 -50.38 -18.00 -27.80
N THR B 111 -50.50 -16.75 -27.32
CA THR B 111 -50.52 -16.45 -25.87
C THR B 111 -51.64 -15.49 -25.43
N ASP B 112 -52.88 -15.99 -25.31
CA ASP B 112 -54.02 -15.12 -24.92
C ASP B 112 -54.02 -14.95 -23.40
N GLU B 113 -54.93 -14.12 -22.90
CA GLU B 113 -55.04 -13.82 -21.46
C GLU B 113 -54.98 -15.04 -20.56
N HIS B 114 -55.75 -16.07 -20.90
CA HIS B 114 -55.81 -17.31 -20.10
C HIS B 114 -54.48 -18.01 -20.08
N THR B 115 -53.79 -18.05 -21.22
CA THR B 115 -52.47 -18.70 -21.30
C THR B 115 -51.42 -17.88 -20.55
N MET B 116 -51.46 -16.56 -20.72
CA MET B 116 -50.48 -15.66 -20.13
C MET B 116 -50.49 -15.79 -18.63
N ALA B 117 -51.67 -15.85 -18.04
CA ALA B 117 -51.80 -16.05 -16.61
C ALA B 117 -50.95 -17.25 -16.16
N VAL B 118 -51.14 -18.39 -16.82
CA VAL B 118 -50.44 -19.63 -16.47
C VAL B 118 -48.95 -19.60 -16.85
N VAL B 119 -48.60 -18.80 -17.85
CA VAL B 119 -47.20 -18.60 -18.20
C VAL B 119 -46.49 -17.74 -17.17
N ARG B 120 -47.15 -16.67 -16.70
CA ARG B 120 -46.50 -15.73 -15.79
C ARG B 120 -46.32 -16.39 -14.45
N LYS B 121 -47.35 -17.11 -13.99
CA LYS B 121 -47.24 -17.78 -12.71
C LYS B 121 -46.08 -18.79 -12.74
N CYS B 122 -45.86 -19.43 -13.88
CA CYS B 122 -44.76 -20.39 -14.00
C CYS B 122 -43.45 -19.68 -13.91
N PHE B 123 -43.35 -18.57 -14.61
CA PHE B 123 -42.11 -17.82 -14.65
C PHE B 123 -41.73 -17.43 -13.28
N LEU B 124 -42.65 -16.85 -12.51
CA LEU B 124 -42.30 -16.39 -11.15
C LEU B 124 -41.90 -17.59 -10.29
N GLU B 125 -42.74 -18.64 -10.27
CA GLU B 125 -42.41 -19.91 -9.59
C GLU B 125 -40.99 -20.44 -9.92
N GLN B 126 -40.64 -20.50 -11.20
CA GLN B 126 -39.32 -21.00 -11.59
C GLN B 126 -38.28 -20.04 -11.14
N ASN B 127 -38.49 -18.76 -11.39
CA ASN B 127 -37.49 -17.71 -11.13
C ASN B 127 -37.12 -17.72 -9.69
N LEU B 128 -38.12 -17.60 -8.83
CA LEU B 128 -37.87 -17.67 -7.42
C LEU B 128 -37.22 -19.03 -6.95
N LYS B 129 -37.54 -20.13 -7.60
CA LYS B 129 -36.92 -21.40 -7.23
C LYS B 129 -35.41 -21.43 -7.45
N LEU B 130 -34.94 -20.76 -8.48
CA LEU B 130 -33.51 -20.65 -8.75
C LEU B 130 -32.88 -19.69 -7.77
N VAL B 131 -33.56 -18.58 -7.51
CA VAL B 131 -33.07 -17.57 -6.57
C VAL B 131 -32.96 -18.16 -5.15
N THR B 132 -34.02 -18.79 -4.65
CA THR B 132 -33.99 -19.41 -3.29
C THR B 132 -32.95 -20.58 -3.27
N ALA B 133 -32.64 -21.16 -4.43
CA ALA B 133 -31.64 -22.24 -4.51
C ALA B 133 -30.23 -21.68 -4.35
N LEU B 134 -29.88 -20.72 -5.20
CA LEU B 134 -28.61 -20.04 -5.11
C LEU B 134 -28.45 -19.49 -3.73
N GLU B 135 -29.52 -18.99 -3.16
CA GLU B 135 -29.42 -18.32 -1.89
C GLU B 135 -29.06 -19.30 -0.83
N GLN B 136 -29.58 -20.50 -0.97
CA GLN B 136 -29.19 -21.53 -0.04
C GLN B 136 -27.72 -21.95 -0.13
N LEU B 137 -27.08 -21.76 -1.29
CA LEU B 137 -25.65 -22.05 -1.39
C LEU B 137 -24.83 -20.79 -1.11
N GLY B 138 -25.41 -19.84 -0.38
CA GLY B 138 -24.69 -18.66 0.05
C GLY B 138 -24.40 -17.62 -1.03
N VAL B 139 -25.16 -17.68 -2.13
CA VAL B 139 -25.02 -16.69 -3.18
C VAL B 139 -26.16 -15.72 -3.05
N ARG B 140 -25.88 -14.45 -3.27
CA ARG B 140 -26.91 -13.43 -3.24
C ARG B 140 -27.59 -13.35 -4.56
N ALA B 141 -28.85 -13.69 -4.59
CA ALA B 141 -29.58 -13.54 -5.83
C ALA B 141 -30.67 -12.49 -5.71
N ARG B 142 -31.04 -11.98 -6.87
CA ARG B 142 -32.00 -10.92 -6.95
C ARG B 142 -32.95 -11.27 -8.07
N PRO B 143 -34.17 -11.64 -7.72
CA PRO B 143 -35.11 -11.85 -8.81
C PRO B 143 -35.41 -10.52 -9.49
N ILE B 144 -35.46 -10.57 -10.81
CA ILE B 144 -35.80 -9.44 -11.63
C ILE B 144 -36.91 -9.88 -12.59
N THR B 145 -38.12 -9.95 -12.06
CA THR B 145 -39.30 -10.50 -12.76
C THR B 145 -39.91 -9.53 -13.82
N SER B 146 -39.42 -8.30 -13.86
CA SER B 146 -40.02 -7.24 -14.72
C SER B 146 -39.18 -5.92 -14.76
N GLY B 147 -39.09 -5.30 -15.95
CA GLY B 147 -38.68 -3.90 -16.06
C GLY B 147 -37.31 -3.80 -16.65
N VAL B 148 -36.80 -4.94 -17.08
CA VAL B 148 -35.58 -4.94 -17.83
C VAL B 148 -35.93 -4.78 -19.30
N PHE B 149 -36.91 -5.56 -19.76
CA PHE B 149 -37.29 -5.51 -21.13
C PHE B 149 -38.54 -4.70 -21.39
N THR B 150 -38.37 -3.76 -22.31
CA THR B 150 -39.45 -2.98 -22.88
C THR B 150 -39.78 -3.65 -24.21
N ALA B 151 -41.05 -3.68 -24.60
CA ALA B 151 -41.37 -4.26 -25.88
C ALA B 151 -42.70 -3.79 -26.40
N ASP B 152 -43.03 -4.21 -27.60
CA ASP B 152 -44.38 -4.05 -28.14
C ASP B 152 -44.81 -5.33 -28.84
N TYR B 153 -46.09 -5.40 -29.24
CA TYR B 153 -46.70 -6.64 -29.70
C TYR B 153 -46.00 -7.11 -30.97
N LEU B 154 -45.74 -8.41 -31.04
CA LEU B 154 -45.10 -9.02 -32.22
C LEU B 154 -46.06 -8.91 -33.39
N ASP B 155 -47.25 -9.45 -33.17
CA ASP B 155 -48.39 -9.31 -34.08
C ASP B 155 -49.60 -9.65 -33.22
N LYS B 156 -50.45 -8.65 -32.95
CA LYS B 156 -51.48 -8.84 -31.94
C LYS B 156 -52.49 -9.87 -32.41
N ASP B 157 -52.70 -9.98 -33.71
CA ASP B 157 -53.68 -10.93 -34.25
C ASP B 157 -53.16 -12.36 -34.21
N LYS B 158 -51.87 -12.48 -34.48
CA LYS B 158 -51.23 -13.78 -34.69
C LYS B 158 -50.82 -14.41 -33.35
N TYR B 159 -50.07 -13.67 -32.55
CA TYR B 159 -49.52 -14.21 -31.34
C TYR B 159 -50.24 -13.69 -30.10
N LYS B 160 -51.16 -12.74 -30.27
CA LYS B 160 -51.84 -12.10 -29.13
C LYS B 160 -50.75 -11.42 -28.30
N LEU B 161 -50.66 -11.75 -27.01
CA LEU B 161 -49.68 -11.11 -26.10
C LEU B 161 -48.31 -11.74 -26.20
N VAL B 162 -47.68 -11.66 -27.37
CA VAL B 162 -46.25 -12.00 -27.49
C VAL B 162 -45.53 -10.75 -28.03
N GLY B 163 -44.43 -10.41 -27.38
CA GLY B 163 -43.77 -9.15 -27.64
C GLY B 163 -42.51 -9.23 -28.48
N ASN B 164 -42.15 -8.08 -29.07
CA ASN B 164 -40.89 -7.85 -29.76
C ASN B 164 -40.07 -6.88 -28.95
N ILE B 165 -38.87 -7.29 -28.53
CA ILE B 165 -38.11 -6.50 -27.55
C ILE B 165 -37.54 -5.24 -28.17
N LYS B 166 -38.06 -4.10 -27.74
CA LYS B 166 -37.71 -2.83 -28.32
C LYS B 166 -36.42 -2.29 -27.69
N SER B 167 -36.19 -2.62 -26.42
CA SER B 167 -35.06 -2.07 -25.70
C SER B 167 -34.84 -2.71 -24.35
N VAL B 168 -33.58 -2.75 -23.92
CA VAL B 168 -33.18 -3.27 -22.61
C VAL B 168 -32.80 -2.10 -21.69
N THR B 169 -33.45 -1.92 -20.53
CA THR B 169 -32.98 -0.94 -19.52
C THR B 169 -32.05 -1.65 -18.61
N LYS B 170 -30.85 -1.08 -18.43
CA LYS B 170 -29.72 -1.78 -17.78
C LYS B 170 -29.74 -1.58 -16.27
N GLU B 171 -30.47 -0.57 -15.82
CA GLU B 171 -30.26 -0.03 -14.48
C GLU B 171 -30.45 -1.05 -13.36
N PRO B 172 -31.44 -1.97 -13.48
CA PRO B 172 -31.67 -2.98 -12.44
C PRO B 172 -30.61 -3.98 -12.43
N ILE B 173 -30.24 -4.44 -13.62
CA ILE B 173 -29.17 -5.44 -13.75
C ILE B 173 -27.86 -4.91 -13.20
N GLU B 174 -27.61 -3.63 -13.42
CA GLU B 174 -26.42 -3.05 -12.90
C GLU B 174 -26.54 -2.98 -11.41
N ALA B 175 -27.51 -2.22 -10.90
CA ALA B 175 -27.52 -1.90 -9.45
C ALA B 175 -27.78 -3.11 -8.59
N SER B 176 -27.92 -4.26 -9.25
CA SER B 176 -27.89 -5.57 -8.60
C SER B 176 -26.45 -5.97 -8.45
N ILE B 177 -25.81 -6.24 -9.58
CA ILE B 177 -24.38 -6.64 -9.61
C ILE B 177 -23.61 -5.73 -8.65
N LYS B 178 -23.80 -4.42 -8.82
CA LYS B 178 -23.13 -3.45 -7.98
C LYS B 178 -23.41 -3.73 -6.51
N ALA B 179 -24.66 -4.04 -6.15
CA ALA B 179 -25.01 -4.33 -4.74
C ALA B 179 -24.74 -5.83 -4.36
N GLY B 180 -24.21 -6.61 -5.29
CA GLY B 180 -23.44 -7.80 -4.98
C GLY B 180 -24.18 -9.08 -5.18
N ALA B 181 -25.12 -9.06 -6.12
CA ALA B 181 -26.10 -10.07 -6.23
C ALA B 181 -26.33 -10.48 -7.64
N LEU B 182 -26.32 -11.79 -7.91
CA LEU B 182 -26.56 -12.31 -9.27
C LEU B 182 -27.95 -11.93 -9.71
N PRO B 183 -28.06 -11.19 -10.81
CA PRO B 183 -29.38 -10.91 -11.28
C PRO B 183 -29.94 -12.07 -12.09
N ILE B 184 -31.09 -12.57 -11.66
CA ILE B 184 -31.80 -13.64 -12.30
C ILE B 184 -33.01 -13.06 -13.02
N LEU B 185 -32.98 -13.04 -14.36
CA LEU B 185 -34.05 -12.41 -15.13
C LEU B 185 -35.00 -13.42 -15.74
N THR B 186 -36.28 -13.17 -15.58
CA THR B 186 -37.29 -13.79 -16.41
C THR B 186 -37.24 -13.11 -17.76
N SER B 187 -37.69 -13.83 -18.77
CA SER B 187 -37.76 -13.26 -20.11
C SER B 187 -39.16 -12.75 -20.46
N LEU B 188 -39.84 -12.10 -19.52
CA LEU B 188 -40.99 -11.24 -19.84
C LEU B 188 -40.56 -9.79 -20.14
N ALA B 189 -41.11 -9.25 -21.22
CA ALA B 189 -41.03 -7.83 -21.52
C ALA B 189 -42.34 -7.22 -21.19
N GLU B 190 -42.37 -5.90 -21.04
CA GLU B 190 -43.63 -5.15 -20.90
C GLU B 190 -43.69 -3.95 -21.81
N THR B 191 -44.92 -3.52 -22.12
CA THR B 191 -45.13 -2.39 -23.00
C THR B 191 -45.07 -1.12 -22.19
N ALA B 192 -45.10 0.02 -22.85
CA ALA B 192 -45.08 1.31 -22.16
C ALA B 192 -46.14 1.27 -21.13
N SER B 193 -47.36 0.99 -21.59
CA SER B 193 -48.56 1.10 -20.80
C SER B 193 -48.72 -0.02 -19.79
N GLY B 194 -47.83 -1.01 -19.81
CA GLY B 194 -47.72 -1.95 -18.69
C GLY B 194 -48.04 -3.41 -18.98
N GLN B 195 -48.65 -3.69 -20.14
CA GLN B 195 -49.04 -5.05 -20.46
C GLN B 195 -47.83 -5.95 -20.66
N MET B 196 -47.72 -7.00 -19.86
CA MET B 196 -46.63 -7.92 -19.96
C MET B 196 -46.86 -8.76 -21.20
N LEU B 197 -45.78 -9.22 -21.83
CA LEU B 197 -45.83 -10.04 -23.05
C LEU B 197 -44.81 -11.18 -23.00
N ASN B 198 -45.18 -12.39 -23.41
CA ASN B 198 -44.22 -13.51 -23.53
C ASN B 198 -43.19 -13.21 -24.67
N VAL B 199 -41.91 -13.53 -24.41
CA VAL B 199 -40.82 -13.33 -25.38
C VAL B 199 -39.84 -14.51 -25.29
N ASN B 200 -39.54 -15.10 -26.44
CA ASN B 200 -38.45 -16.12 -26.56
C ASN B 200 -37.19 -15.89 -25.71
N ALA B 201 -36.95 -16.80 -24.79
CA ALA B 201 -35.76 -16.74 -23.94
C ALA B 201 -34.44 -16.59 -24.68
N ASP B 202 -34.42 -17.02 -25.93
CA ASP B 202 -33.21 -16.90 -26.71
C ASP B 202 -33.08 -15.54 -27.36
N VAL B 203 -34.20 -14.96 -27.81
CA VAL B 203 -34.15 -13.60 -28.38
C VAL B 203 -33.86 -12.63 -27.27
N ALA B 204 -34.43 -12.84 -26.11
CA ALA B 204 -34.13 -11.99 -25.00
C ALA B 204 -32.67 -12.10 -24.64
N ALA B 205 -32.15 -13.33 -24.56
CA ALA B 205 -30.75 -13.50 -24.15
C ALA B 205 -29.85 -12.69 -25.08
N GLY B 206 -30.07 -12.85 -26.37
CA GLY B 206 -29.37 -12.09 -27.39
C GLY B 206 -29.50 -10.59 -27.27
N GLU B 207 -30.65 -10.10 -26.83
CA GLU B 207 -30.78 -8.67 -26.70
C GLU B 207 -29.96 -8.13 -25.56
N LEU B 208 -29.91 -8.88 -24.46
CA LEU B 208 -29.03 -8.54 -23.34
C LEU B 208 -27.61 -8.50 -23.91
N ALA B 209 -27.18 -9.60 -24.53
CA ALA B 209 -25.84 -9.68 -25.11
C ALA B 209 -25.42 -8.46 -25.92
N ARG B 210 -26.31 -7.93 -26.73
CA ARG B 210 -25.99 -6.76 -27.51
C ARG B 210 -25.69 -5.56 -26.64
N VAL B 211 -26.41 -5.49 -25.52
CA VAL B 211 -26.40 -4.33 -24.66
C VAL B 211 -25.23 -4.37 -23.62
N PHE B 212 -24.86 -5.53 -23.11
CA PHE B 212 -23.72 -5.62 -22.18
C PHE B 212 -22.44 -6.09 -22.82
N GLU B 213 -22.50 -6.49 -24.07
CA GLU B 213 -21.30 -6.88 -24.81
C GLU B 213 -20.42 -7.84 -24.01
N PRO B 214 -20.99 -8.87 -23.39
CA PRO B 214 -20.23 -9.72 -22.50
C PRO B 214 -19.24 -10.64 -23.19
N LEU B 215 -18.29 -11.13 -22.41
CA LEU B 215 -17.19 -11.95 -22.85
C LEU B 215 -17.64 -13.31 -23.36
N LYS B 216 -18.55 -13.91 -22.61
CA LYS B 216 -19.12 -15.22 -22.93
C LYS B 216 -20.64 -15.09 -23.02
N ILE B 217 -21.25 -15.67 -24.05
CA ILE B 217 -22.69 -15.83 -24.10
C ILE B 217 -22.94 -17.31 -24.14
N VAL B 218 -23.71 -17.85 -23.20
CA VAL B 218 -23.86 -19.30 -23.09
C VAL B 218 -25.29 -19.67 -23.18
N TYR B 219 -25.61 -20.45 -24.20
CA TYR B 219 -26.92 -21.04 -24.36
C TYR B 219 -26.97 -22.48 -23.80
N LEU B 220 -27.59 -22.66 -22.64
CA LEU B 220 -27.61 -23.96 -22.04
C LEU B 220 -28.72 -24.67 -22.67
N ASN B 221 -28.41 -25.70 -23.45
CA ASN B 221 -29.44 -26.67 -23.82
C ASN B 221 -29.30 -27.98 -23.05
N GLU B 222 -30.38 -28.74 -23.05
CA GLU B 222 -30.35 -30.07 -22.50
C GLU B 222 -29.55 -30.96 -23.46
N LYS B 223 -29.70 -30.72 -24.76
CA LYS B 223 -29.19 -31.61 -25.81
C LYS B 223 -27.69 -31.87 -25.70
N GLY B 224 -26.89 -30.82 -25.89
CA GLY B 224 -25.45 -30.88 -25.74
C GLY B 224 -24.65 -30.57 -26.99
N GLY B 225 -24.68 -29.33 -27.45
CA GLY B 225 -23.82 -28.91 -28.58
C GLY B 225 -24.32 -29.27 -29.98
N ILE B 226 -23.40 -29.62 -30.89
CA ILE B 226 -23.76 -29.93 -32.28
C ILE B 226 -23.02 -31.16 -32.79
N ILE B 227 -23.78 -32.14 -33.24
CA ILE B 227 -23.22 -33.34 -33.87
C ILE B 227 -23.27 -33.19 -35.38
N ASN B 228 -22.27 -33.73 -36.07
CA ASN B 228 -22.27 -33.72 -37.53
C ASN B 228 -23.03 -34.93 -38.03
N GLY B 229 -24.23 -34.70 -38.59
CA GLY B 229 -25.09 -35.80 -39.03
C GLY B 229 -24.49 -36.75 -40.05
N SER B 230 -23.47 -36.27 -40.76
CA SER B 230 -22.84 -37.00 -41.86
C SER B 230 -21.60 -37.81 -41.48
N THR B 231 -20.78 -37.27 -40.57
CA THR B 231 -19.62 -37.99 -40.06
C THR B 231 -19.94 -38.68 -38.73
N GLY B 232 -20.85 -38.08 -37.96
CA GLY B 232 -21.11 -38.52 -36.60
C GLY B 232 -20.32 -37.67 -35.60
N GLU B 233 -19.19 -37.12 -36.04
CA GLU B 233 -18.28 -36.36 -35.17
C GLU B 233 -18.95 -35.12 -34.58
N LYS B 234 -18.71 -34.85 -33.30
CA LYS B 234 -19.16 -33.61 -32.68
C LYS B 234 -18.37 -32.43 -33.24
N ILE B 235 -18.87 -31.21 -33.05
CA ILE B 235 -18.18 -29.98 -33.42
C ILE B 235 -17.72 -29.22 -32.17
N SER B 236 -16.42 -29.03 -32.02
CA SER B 236 -15.90 -28.32 -30.86
C SER B 236 -16.10 -26.86 -31.05
N MET B 237 -15.49 -26.35 -32.11
CA MET B 237 -15.47 -24.94 -32.34
C MET B 237 -15.95 -24.72 -33.76
N ILE B 238 -16.59 -23.57 -33.97
CA ILE B 238 -16.90 -23.05 -35.31
C ILE B 238 -16.26 -21.67 -35.47
N ASN B 239 -15.40 -21.49 -36.48
CA ASN B 239 -14.74 -20.21 -36.69
C ASN B 239 -15.38 -19.39 -37.77
N LEU B 240 -16.43 -18.67 -37.39
CA LEU B 240 -17.42 -18.17 -38.35
C LEU B 240 -16.79 -17.53 -39.59
N ASP B 241 -15.95 -16.53 -39.39
CA ASP B 241 -15.28 -15.88 -40.52
C ASP B 241 -14.68 -16.90 -41.47
N GLU B 242 -13.99 -17.91 -40.96
CA GLU B 242 -13.43 -18.96 -41.81
C GLU B 242 -14.46 -19.95 -42.35
N GLU B 243 -15.18 -20.61 -41.46
CA GLU B 243 -16.02 -21.76 -41.83
C GLU B 243 -17.42 -21.43 -42.27
N TYR B 244 -17.96 -20.30 -41.82
CA TYR B 244 -19.42 -20.02 -41.93
C TYR B 244 -20.00 -20.42 -43.26
N ASP B 245 -19.41 -19.89 -44.31
CA ASP B 245 -20.04 -19.91 -45.61
C ASP B 245 -20.11 -21.28 -46.21
N ASP B 246 -19.00 -22.00 -46.16
CA ASP B 246 -18.96 -23.36 -46.74
C ASP B 246 -19.34 -24.45 -45.71
N LEU B 247 -19.72 -24.05 -44.52
CA LEU B 247 -20.33 -24.96 -43.57
C LEU B 247 -21.84 -24.77 -43.58
N MET B 248 -22.28 -23.59 -44.01
CA MET B 248 -23.71 -23.29 -44.10
C MET B 248 -24.30 -23.89 -45.35
N LYS B 249 -23.58 -23.77 -46.46
CA LYS B 249 -24.05 -24.32 -47.72
C LYS B 249 -23.72 -25.82 -47.82
N GLN B 250 -23.83 -26.55 -46.71
CA GLN B 250 -23.61 -27.99 -46.69
C GLN B 250 -24.90 -28.77 -46.55
N SER B 251 -24.94 -29.89 -47.25
CA SER B 251 -26.16 -30.67 -47.37
C SER B 251 -26.50 -31.39 -46.07
N TRP B 252 -25.48 -31.71 -45.27
CA TRP B 252 -25.73 -32.42 -44.02
C TRP B 252 -26.34 -31.55 -42.96
N VAL B 253 -26.02 -30.26 -42.98
CA VAL B 253 -26.51 -29.35 -41.93
C VAL B 253 -28.01 -29.25 -42.00
N LYS B 254 -28.65 -29.64 -40.90
CA LYS B 254 -30.09 -29.61 -40.79
C LYS B 254 -30.55 -28.17 -40.65
N TYR B 255 -31.81 -27.92 -40.94
CA TYR B 255 -32.32 -26.57 -41.00
C TYR B 255 -32.49 -25.94 -39.61
N GLY B 256 -32.84 -26.74 -38.61
CA GLY B 256 -32.84 -26.27 -37.22
C GLY B 256 -31.46 -25.80 -36.76
N THR B 257 -30.42 -26.42 -37.32
CA THR B 257 -29.04 -26.00 -37.11
C THR B 257 -28.76 -24.67 -37.81
N LYS B 258 -29.05 -24.62 -39.10
CA LYS B 258 -28.87 -23.38 -39.88
C LYS B 258 -29.56 -22.20 -39.22
N LEU B 259 -30.79 -22.37 -38.76
CA LEU B 259 -31.52 -21.25 -38.18
C LEU B 259 -30.84 -20.82 -36.87
N LYS B 260 -30.01 -21.68 -36.28
CA LYS B 260 -29.21 -21.26 -35.11
C LYS B 260 -27.84 -20.76 -35.45
N ILE B 261 -27.11 -21.49 -36.28
CA ILE B 261 -25.82 -21.02 -36.69
C ILE B 261 -26.00 -19.58 -37.18
N ARG B 262 -26.99 -19.31 -38.04
CA ARG B 262 -27.18 -17.95 -38.56
C ARG B 262 -27.48 -17.00 -37.44
N GLU B 263 -28.42 -17.39 -36.60
CA GLU B 263 -28.75 -16.61 -35.42
C GLU B 263 -27.51 -16.15 -34.66
N ILE B 264 -26.60 -17.06 -34.42
CA ILE B 264 -25.41 -16.73 -33.70
C ILE B 264 -24.48 -15.84 -34.50
N LYS B 265 -24.27 -16.15 -35.78
CA LYS B 265 -23.38 -15.33 -36.64
C LYS B 265 -23.84 -13.90 -36.53
N GLU B 266 -25.14 -13.70 -36.62
CA GLU B 266 -25.69 -12.36 -36.60
C GLU B 266 -25.46 -11.65 -35.29
N LEU B 267 -25.49 -12.40 -34.19
CA LEU B 267 -25.23 -11.81 -32.87
C LEU B 267 -23.78 -11.34 -32.81
N LEU B 268 -22.85 -12.25 -33.12
CA LEU B 268 -21.40 -11.98 -32.93
C LEU B 268 -20.84 -10.99 -33.92
N ASP B 269 -21.61 -10.77 -34.99
CA ASP B 269 -21.28 -9.76 -35.96
C ASP B 269 -21.29 -8.41 -35.30
N TYR B 270 -22.18 -8.23 -34.33
CA TYR B 270 -22.38 -6.91 -33.69
C TYR B 270 -21.72 -6.82 -32.32
N LEU B 271 -21.10 -7.92 -31.88
CA LEU B 271 -20.28 -7.93 -30.69
C LEU B 271 -18.81 -8.03 -31.07
N PRO B 272 -17.91 -7.57 -30.15
CA PRO B 272 -16.46 -7.61 -30.28
C PRO B 272 -15.91 -8.95 -30.74
N ARG B 273 -14.63 -8.96 -31.05
CA ARG B 273 -13.97 -10.18 -31.53
C ARG B 273 -13.65 -11.05 -30.32
N SER B 274 -13.43 -10.40 -29.18
CA SER B 274 -13.15 -11.03 -27.90
C SER B 274 -14.36 -11.88 -27.41
N SER B 275 -15.57 -11.50 -27.82
CA SER B 275 -16.77 -12.20 -27.40
C SER B 275 -16.99 -13.53 -28.13
N SER B 276 -17.52 -14.51 -27.39
CA SER B 276 -17.83 -15.83 -27.95
C SER B 276 -19.22 -16.32 -27.53
N VAL B 277 -19.73 -17.33 -28.23
CA VAL B 277 -20.96 -18.04 -27.83
C VAL B 277 -20.63 -19.50 -27.57
N ALA B 278 -21.33 -20.10 -26.65
CA ALA B 278 -21.14 -21.50 -26.40
C ALA B 278 -22.49 -22.18 -26.12
N ILE B 279 -22.66 -23.37 -26.68
CA ILE B 279 -23.87 -24.17 -26.55
C ILE B 279 -23.50 -25.44 -25.83
N ILE B 280 -23.92 -25.58 -24.58
CA ILE B 280 -23.40 -26.67 -23.78
C ILE B 280 -24.44 -27.30 -22.96
N ASN B 281 -24.22 -28.60 -22.73
CA ASN B 281 -24.94 -29.33 -21.75
C ASN B 281 -24.56 -28.81 -20.37
N VAL B 282 -25.54 -28.72 -19.45
CA VAL B 282 -25.36 -28.04 -18.12
C VAL B 282 -24.19 -28.62 -17.41
N GLN B 283 -24.07 -29.94 -17.44
CA GLN B 283 -23.01 -30.57 -16.65
C GLN B 283 -21.58 -30.20 -17.04
N ASP B 284 -21.37 -29.76 -18.26
CA ASP B 284 -20.04 -29.47 -18.73
C ASP B 284 -19.83 -27.99 -18.70
N LEU B 285 -20.52 -27.23 -17.83
CA LEU B 285 -20.59 -25.78 -18.01
C LEU B 285 -19.31 -25.08 -17.58
N GLN B 286 -18.99 -25.20 -16.30
CA GLN B 286 -17.86 -24.44 -15.74
C GLN B 286 -16.49 -24.92 -16.20
N LYS B 287 -16.48 -25.87 -17.15
CA LYS B 287 -15.30 -26.13 -17.97
C LYS B 287 -15.34 -25.17 -19.15
N GLU B 288 -16.25 -25.34 -20.10
CA GLU B 288 -16.23 -24.55 -21.36
C GLU B 288 -16.86 -23.13 -21.22
N LEU B 289 -16.90 -22.63 -19.98
CA LEU B 289 -16.88 -21.20 -19.72
C LEU B 289 -15.48 -20.57 -19.67
N PHE B 290 -14.47 -21.35 -20.01
CA PHE B 290 -13.10 -20.89 -19.87
C PHE B 290 -12.16 -21.63 -20.82
N THR B 291 -12.48 -22.89 -21.08
CA THR B 291 -11.70 -23.73 -22.01
C THR B 291 -12.44 -23.80 -23.37
N ASP B 292 -11.76 -24.38 -24.36
CA ASP B 292 -12.38 -24.81 -25.60
C ASP B 292 -12.27 -26.33 -25.81
N SER B 293 -11.79 -27.02 -24.79
CA SER B 293 -11.68 -28.49 -24.80
C SER B 293 -12.92 -29.12 -24.15
N GLY B 294 -13.74 -28.29 -23.48
CA GLY B 294 -15.02 -28.75 -22.98
C GLY B 294 -15.80 -29.28 -24.17
N ALA B 295 -16.42 -30.47 -24.05
CA ALA B 295 -17.40 -30.95 -25.03
C ALA B 295 -18.58 -29.96 -25.06
N GLY B 296 -19.36 -29.98 -26.13
CA GLY B 296 -20.29 -28.91 -26.40
C GLY B 296 -19.63 -28.12 -27.49
N THR B 297 -20.41 -27.28 -28.15
CA THR B 297 -19.95 -26.51 -29.27
C THR B 297 -19.70 -25.07 -28.89
N MET B 298 -18.62 -24.51 -29.37
CA MET B 298 -18.26 -23.13 -29.08
C MET B 298 -18.05 -22.31 -30.35
N ILE B 299 -18.75 -21.21 -30.51
CA ILE B 299 -18.73 -20.51 -31.79
C ILE B 299 -18.18 -19.11 -31.64
N ARG B 300 -17.39 -18.65 -32.61
CA ARG B 300 -16.98 -17.23 -32.63
C ARG B 300 -16.41 -16.77 -33.94
N ARG B 301 -16.22 -15.46 -34.07
CA ARG B 301 -15.81 -14.90 -35.34
C ARG B 301 -14.42 -15.36 -35.74
N GLY B 302 -13.43 -15.06 -34.92
CA GLY B 302 -12.12 -15.60 -35.16
C GLY B 302 -11.52 -15.14 -36.48
N TYR B 303 -10.52 -15.89 -36.95
CA TYR B 303 -9.52 -15.33 -37.81
C TYR B 303 -9.43 -16.10 -39.08
N LYS B 304 -9.60 -15.42 -40.23
CA LYS B 304 -9.35 -16.06 -41.51
C LYS B 304 -7.86 -16.06 -41.67
N LEU B 305 -7.23 -17.20 -41.93
CA LEU B 305 -5.83 -17.21 -42.38
C LEU B 305 -5.78 -16.83 -43.88
N VAL B 306 -4.79 -16.05 -44.26
CA VAL B 306 -4.70 -15.62 -45.64
C VAL B 306 -3.40 -16.05 -46.24
N LYS B 307 -3.50 -16.80 -47.33
CA LYS B 307 -2.33 -17.39 -47.98
C LYS B 307 -1.74 -16.33 -48.90
N ARG B 308 -0.43 -16.12 -48.81
CA ARG B 308 0.26 -15.10 -49.61
C ARG B 308 1.52 -15.63 -50.27
N SER B 309 1.76 -15.22 -51.51
CA SER B 309 2.94 -15.69 -52.22
C SER B 309 3.95 -14.60 -52.55
N SER B 310 3.88 -13.45 -51.87
CA SER B 310 4.65 -12.27 -52.31
C SER B 310 4.66 -11.15 -51.27
N ILE B 311 5.82 -10.60 -50.96
CA ILE B 311 5.92 -9.53 -49.98
C ILE B 311 4.91 -8.41 -50.24
N GLY B 312 4.85 -7.98 -51.48
CA GLY B 312 3.94 -6.89 -51.90
C GLY B 312 2.51 -7.36 -52.10
N GLU B 313 2.17 -8.48 -51.48
CA GLU B 313 0.80 -8.93 -51.39
C GLU B 313 0.25 -8.37 -50.07
N PHE B 314 0.91 -8.68 -48.94
CA PHE B 314 0.46 -8.25 -47.61
C PHE B 314 -0.06 -6.83 -47.61
N PRO B 315 -1.31 -6.61 -47.17
CA PRO B 315 -1.80 -5.21 -47.20
C PRO B 315 -0.93 -4.28 -46.36
N SER B 316 -0.36 -4.86 -45.33
CA SER B 316 0.62 -4.22 -44.47
C SER B 316 2.00 -4.34 -45.02
N ALA B 317 2.49 -3.31 -45.69
CA ALA B 317 3.87 -3.35 -46.07
C ALA B 317 4.70 -3.44 -44.79
N ASP B 318 4.25 -2.70 -43.78
CA ASP B 318 5.08 -2.41 -42.63
C ASP B 318 4.85 -3.40 -41.55
N ALA B 319 3.59 -3.57 -41.14
CA ALA B 319 3.28 -4.45 -40.00
C ALA B 319 3.71 -5.92 -40.16
N LEU B 320 4.04 -6.36 -41.38
CA LEU B 320 4.72 -7.63 -41.55
C LEU B 320 6.07 -7.55 -40.85
N ARG B 321 6.80 -6.44 -41.06
CA ARG B 321 8.04 -6.22 -40.33
C ARG B 321 7.74 -6.17 -38.82
N LYS B 322 6.76 -5.37 -38.40
CA LYS B 322 6.42 -5.25 -36.98
C LYS B 322 6.12 -6.61 -36.37
N ALA B 323 5.59 -7.54 -37.16
CA ALA B 323 5.31 -8.89 -36.67
C ALA B 323 6.56 -9.75 -36.54
N LEU B 324 7.38 -9.79 -37.57
CA LEU B 324 8.57 -10.64 -37.56
C LEU B 324 9.61 -10.21 -36.53
N GLN B 325 9.57 -8.95 -36.11
CA GLN B 325 10.46 -8.43 -35.08
C GLN B 325 10.26 -9.11 -33.74
N ARG B 326 9.08 -9.73 -33.55
CA ARG B 326 8.74 -10.41 -32.29
C ARG B 326 9.69 -11.59 -32.03
N ASP B 327 10.01 -12.30 -33.12
CA ASP B 327 10.96 -13.44 -33.17
C ASP B 327 12.27 -13.14 -32.38
N ALA B 328 12.72 -14.10 -31.57
CA ALA B 328 13.94 -13.94 -30.74
C ALA B 328 15.23 -14.42 -31.42
N GLY B 329 15.22 -14.46 -32.76
CA GLY B 329 16.43 -14.59 -33.58
C GLY B 329 16.70 -13.37 -34.45
N ILE B 330 15.68 -12.51 -34.61
CA ILE B 330 15.79 -11.19 -35.27
C ILE B 330 15.79 -10.09 -34.25
N SER B 331 15.16 -10.33 -33.10
CA SER B 331 15.21 -9.38 -31.98
C SER B 331 16.56 -9.47 -31.24
N SER B 332 17.11 -10.68 -31.11
CA SER B 332 18.53 -10.84 -30.79
C SER B 332 19.19 -10.96 -32.16
N GLY B 333 19.87 -9.89 -32.57
CA GLY B 333 20.21 -9.64 -33.97
C GLY B 333 21.30 -10.51 -34.59
N LYS B 334 20.85 -11.64 -35.17
CA LYS B 334 21.66 -12.39 -36.13
C LYS B 334 21.39 -11.74 -37.48
N GLU B 335 20.17 -11.90 -38.03
CA GLU B 335 19.78 -11.13 -39.20
C GLU B 335 18.61 -10.22 -38.90
N SER B 336 18.73 -8.98 -39.36
CA SER B 336 17.66 -8.04 -39.22
C SER B 336 16.59 -8.49 -40.14
N VAL B 337 15.42 -7.92 -39.95
CA VAL B 337 14.33 -8.16 -40.83
C VAL B 337 14.62 -7.67 -42.25
N ALA B 338 15.15 -6.46 -42.39
CA ALA B 338 15.49 -5.92 -43.72
C ALA B 338 16.23 -6.95 -44.53
N SER B 339 17.36 -7.39 -44.00
CA SER B 339 18.19 -8.33 -44.69
C SER B 339 17.46 -9.63 -44.98
N TYR B 340 16.49 -9.97 -44.14
CA TYR B 340 15.69 -11.17 -44.36
C TYR B 340 14.59 -10.94 -45.40
N LEU B 341 13.94 -9.77 -45.38
CA LEU B 341 12.86 -9.50 -46.33
C LEU B 341 13.38 -9.46 -47.76
N ARG B 342 14.60 -8.92 -47.95
CA ARG B 342 15.27 -8.98 -49.26
C ARG B 342 15.30 -10.45 -49.72
N TYR B 343 15.85 -11.34 -48.88
CA TYR B 343 15.95 -12.79 -49.19
C TYR B 343 14.62 -13.40 -49.53
N LEU B 344 13.59 -13.01 -48.77
CA LEU B 344 12.25 -13.56 -48.98
C LEU B 344 11.79 -13.23 -50.38
N GLU B 345 11.66 -11.94 -50.66
CA GLU B 345 11.15 -11.46 -51.95
C GLU B 345 11.79 -12.10 -53.19
N ASN B 346 13.04 -12.53 -53.07
CA ASN B 346 13.73 -13.25 -54.13
C ASN B 346 13.65 -14.78 -53.98
N SER B 347 12.55 -15.29 -53.44
CA SER B 347 12.40 -16.73 -53.19
C SER B 347 10.92 -17.12 -53.27
N ASP B 348 10.62 -18.28 -53.85
CA ASP B 348 9.22 -18.75 -53.88
C ASP B 348 8.88 -19.35 -52.54
N PHE B 349 7.90 -18.72 -51.92
CA PHE B 349 7.51 -19.03 -50.58
C PHE B 349 6.00 -18.93 -50.48
N VAL B 350 5.43 -19.70 -49.58
CA VAL B 350 4.03 -19.58 -49.30
C VAL B 350 4.02 -19.04 -47.87
N SER B 351 3.12 -18.11 -47.56
CA SER B 351 3.01 -17.57 -46.22
C SER B 351 1.57 -17.52 -45.82
N TYR B 352 1.24 -18.26 -44.76
CA TYR B 352 -0.05 -18.10 -44.12
C TYR B 352 0.06 -17.13 -42.96
N ALA B 353 -0.94 -16.26 -42.79
CA ALA B 353 -1.02 -15.43 -41.60
C ALA B 353 -2.44 -15.01 -41.48
N ASP B 354 -2.87 -14.82 -40.25
CA ASP B 354 -4.21 -14.27 -40.00
C ASP B 354 -4.30 -12.79 -40.37
N GLU B 355 -5.51 -12.21 -40.31
CA GLU B 355 -5.72 -10.86 -40.79
C GLU B 355 -4.88 -9.84 -40.02
N PRO B 356 -4.89 -9.92 -38.68
CA PRO B 356 -4.14 -8.95 -37.91
C PRO B 356 -2.68 -9.35 -37.63
N LEU B 357 -2.11 -10.26 -38.41
CA LEU B 357 -0.70 -10.68 -38.29
C LEU B 357 -0.24 -11.05 -36.85
N GLU B 358 -1.14 -11.67 -36.10
CA GLU B 358 -0.84 -12.14 -34.78
C GLU B 358 -0.02 -13.42 -34.85
N ALA B 359 -0.20 -14.17 -35.93
CA ALA B 359 0.62 -15.38 -36.20
C ALA B 359 0.95 -15.52 -37.70
N VAL B 360 2.23 -15.41 -38.04
CA VAL B 360 2.70 -15.64 -39.42
C VAL B 360 3.51 -16.90 -39.52
N ALA B 361 3.32 -17.65 -40.60
CA ALA B 361 4.21 -18.75 -40.95
C ALA B 361 4.69 -18.55 -42.36
N ILE B 362 5.98 -18.73 -42.57
CA ILE B 362 6.58 -18.58 -43.88
C ILE B 362 7.24 -19.91 -44.23
N VAL B 363 6.86 -20.51 -45.36
CA VAL B 363 7.43 -21.78 -45.80
C VAL B 363 8.22 -21.61 -47.07
N LYS B 364 9.55 -21.80 -46.99
CA LYS B 364 10.45 -21.68 -48.16
C LYS B 364 10.35 -22.97 -48.86
N LYS B 365 9.95 -22.90 -50.13
CA LYS B 365 9.48 -24.09 -50.83
C LYS B 365 10.63 -24.80 -51.54
N ASP B 366 11.79 -24.17 -51.47
CA ASP B 366 12.86 -24.41 -52.43
C ASP B 366 13.60 -25.73 -52.27
N THR B 367 13.69 -26.22 -51.04
CA THR B 367 14.31 -27.50 -50.82
C THR B 367 13.21 -28.53 -50.61
N ASN B 368 13.26 -29.62 -51.41
CA ASN B 368 12.58 -30.88 -51.08
C ASN B 368 12.67 -31.12 -49.58
N VAL B 369 11.53 -31.46 -48.98
CA VAL B 369 11.22 -31.10 -47.58
C VAL B 369 11.24 -29.59 -47.28
N PRO B 370 10.33 -28.84 -47.91
CA PRO B 370 10.18 -27.44 -47.63
C PRO B 370 10.42 -27.11 -46.19
N THR B 371 11.06 -26.00 -45.94
CA THR B 371 11.30 -25.53 -44.60
C THR B 371 10.21 -24.58 -44.21
N LEU B 372 9.83 -24.63 -42.93
CA LEU B 372 9.01 -23.58 -42.28
C LEU B 372 10.04 -22.69 -41.65
N ASP B 373 10.27 -21.59 -42.37
CA ASP B 373 11.46 -20.77 -42.17
C ASP B 373 11.24 -19.80 -41.04
N LYS B 374 10.03 -19.25 -40.95
CA LYS B 374 9.64 -18.43 -39.80
C LYS B 374 8.25 -18.87 -39.39
N PHE B 375 8.00 -18.85 -38.10
CA PHE B 375 6.69 -19.18 -37.55
C PHE B 375 6.47 -18.25 -36.36
N VAL B 376 6.20 -16.99 -36.64
CA VAL B 376 6.21 -15.98 -35.61
C VAL B 376 4.82 -15.84 -34.99
N CYS B 377 4.66 -16.37 -33.78
CA CYS B 377 3.36 -16.44 -33.14
C CYS B 377 3.25 -15.81 -31.77
N SER B 378 2.24 -14.96 -31.65
CA SER B 378 2.07 -14.13 -30.47
C SER B 378 1.57 -14.94 -29.32
N ASP B 379 2.01 -14.58 -28.14
CA ASP B 379 1.43 -15.08 -26.93
C ASP B 379 -0.12 -15.20 -26.98
N ALA B 380 -0.79 -14.20 -27.56
CA ALA B 380 -2.24 -14.20 -27.72
C ALA B 380 -2.67 -15.20 -28.79
N ALA B 381 -1.83 -15.34 -29.82
CA ALA B 381 -2.05 -16.31 -30.89
C ALA B 381 -1.95 -17.74 -30.42
N TRP B 382 -1.22 -17.96 -29.34
CA TRP B 382 -1.02 -19.30 -28.85
C TRP B 382 -2.20 -19.72 -28.04
N LEU B 383 -2.67 -18.81 -27.16
CA LEU B 383 -3.79 -19.14 -26.27
C LEU B 383 -5.10 -19.12 -27.05
N ASN B 384 -5.08 -18.53 -28.25
CA ASN B 384 -6.22 -18.60 -29.16
C ASN B 384 -6.21 -19.80 -30.08
N ASN B 385 -5.14 -20.58 -30.05
CA ASN B 385 -4.86 -21.65 -31.03
C ASN B 385 -5.04 -21.21 -32.51
N VAL B 386 -4.62 -20.00 -32.81
CA VAL B 386 -4.38 -19.62 -34.18
C VAL B 386 -3.26 -20.52 -34.69
N THR B 387 -2.23 -20.72 -33.86
CA THR B 387 -1.08 -21.56 -34.21
C THR B 387 -1.62 -22.89 -34.65
N ASP B 388 -2.41 -23.58 -33.80
CA ASP B 388 -2.98 -24.90 -34.15
C ASP B 388 -3.55 -24.94 -35.55
N ASN B 389 -4.27 -23.89 -35.91
CA ASN B 389 -4.94 -23.79 -37.19
C ASN B 389 -4.01 -23.50 -38.37
N VAL B 390 -3.03 -22.61 -38.16
CA VAL B 390 -1.98 -22.38 -39.13
C VAL B 390 -1.26 -23.69 -39.53
N PHE B 391 -1.05 -24.58 -38.58
CA PHE B 391 -0.36 -25.85 -38.85
C PHE B 391 -1.25 -26.82 -39.54
N ASN B 392 -2.52 -26.75 -39.24
CA ASN B 392 -3.46 -27.54 -39.97
C ASN B 392 -3.56 -27.13 -41.47
N VAL B 393 -3.33 -25.85 -41.78
CA VAL B 393 -3.37 -25.41 -43.15
C VAL B 393 -2.12 -26.02 -43.77
N LEU B 394 -0.98 -25.60 -43.26
CA LEU B 394 0.31 -26.22 -43.57
C LEU B 394 0.22 -27.72 -43.84
N ARG B 395 -0.55 -28.42 -43.03
CA ARG B 395 -0.64 -29.85 -43.22
C ARG B 395 -1.08 -30.20 -44.64
N ARG B 396 -2.29 -29.79 -45.01
CA ARG B 396 -2.86 -30.25 -46.29
C ARG B 396 -2.11 -29.61 -47.45
N ASP B 397 -1.64 -28.39 -47.26
CA ASP B 397 -0.91 -27.72 -48.31
C ASP B 397 0.52 -28.25 -48.49
N PHE B 398 1.14 -28.77 -47.43
CA PHE B 398 2.50 -29.31 -47.52
C PHE B 398 2.62 -30.70 -46.93
N PRO B 399 2.31 -31.72 -47.71
CA PRO B 399 2.18 -33.00 -47.05
C PRO B 399 3.48 -33.44 -46.43
N ALA B 400 4.59 -32.81 -46.78
CA ALA B 400 5.83 -33.09 -46.08
C ALA B 400 6.63 -31.82 -45.82
N LEU B 401 7.20 -31.72 -44.61
CA LEU B 401 7.68 -30.45 -44.07
C LEU B 401 8.72 -30.62 -42.96
N GLN B 402 9.66 -29.68 -42.88
CA GLN B 402 10.68 -29.67 -41.83
C GLN B 402 10.80 -28.30 -41.17
N TRP B 403 11.21 -28.26 -39.90
CA TRP B 403 11.42 -26.97 -39.20
C TRP B 403 12.30 -27.10 -38.01
N VAL B 404 12.78 -25.94 -37.54
CA VAL B 404 13.70 -25.91 -36.41
C VAL B 404 13.15 -25.10 -35.23
N VAL B 405 13.33 -25.59 -33.99
CA VAL B 405 12.87 -24.91 -32.79
C VAL B 405 13.97 -24.89 -31.74
N SER B 406 13.99 -23.87 -30.88
CA SER B 406 14.98 -23.85 -29.79
C SER B 406 14.71 -24.96 -28.80
N GLU B 407 15.76 -25.53 -28.21
CA GLU B 407 15.55 -26.63 -27.27
C GLU B 407 14.65 -26.24 -26.13
N ASN B 408 14.51 -24.95 -25.88
CA ASN B 408 13.74 -24.50 -24.73
C ASN B 408 12.67 -23.52 -25.11
N ASP B 409 12.24 -23.58 -26.36
CA ASP B 409 11.07 -22.84 -26.74
C ASP B 409 9.97 -23.23 -25.78
N ALA B 410 9.31 -22.23 -25.23
CA ALA B 410 8.19 -22.42 -24.31
C ALA B 410 7.36 -23.63 -24.70
N ASN B 411 6.78 -23.62 -25.89
CA ASN B 411 5.97 -24.72 -26.30
C ASN B 411 6.73 -25.59 -27.29
N ILE B 412 7.79 -26.24 -26.81
CA ILE B 412 8.44 -27.25 -27.62
C ILE B 412 7.60 -28.52 -27.65
N ALA B 413 7.04 -28.87 -26.51
CA ALA B 413 6.15 -30.02 -26.45
C ALA B 413 5.22 -30.07 -27.65
N TRP B 414 4.70 -28.90 -27.99
CA TRP B 414 3.71 -28.80 -29.01
C TRP B 414 4.28 -29.13 -30.33
N HIS B 415 5.52 -28.72 -30.57
CA HIS B 415 6.13 -29.01 -31.85
C HIS B 415 6.38 -30.46 -31.99
N PHE B 416 6.76 -31.07 -30.88
CA PHE B 416 7.01 -32.49 -30.93
C PHE B 416 5.76 -33.13 -31.43
N ASP B 417 4.64 -32.74 -30.83
CA ASP B 417 3.38 -33.38 -31.13
C ASP B 417 3.01 -33.23 -32.58
N LYS B 418 3.35 -32.11 -33.17
CA LYS B 418 2.97 -31.88 -34.54
C LYS B 418 3.93 -32.55 -35.50
N SER B 419 4.90 -33.26 -34.99
CA SER B 419 5.91 -33.88 -35.83
C SER B 419 5.75 -35.38 -35.96
N GLN B 420 6.55 -35.94 -36.86
CA GLN B 420 6.78 -37.34 -36.92
C GLN B 420 8.20 -37.72 -36.44
N GLY B 421 9.18 -36.88 -36.75
CA GLY B 421 10.55 -37.10 -36.29
C GLY B 421 11.31 -35.86 -35.81
N SER B 422 12.25 -36.09 -34.91
CA SER B 422 12.99 -35.04 -34.24
C SER B 422 14.45 -35.40 -34.11
N TYR B 423 15.33 -34.40 -34.25
CA TYR B 423 16.75 -34.56 -33.90
C TYR B 423 17.26 -33.36 -33.11
N LEU B 424 18.20 -33.58 -32.20
CA LEU B 424 18.72 -32.49 -31.39
C LEU B 424 20.23 -32.42 -31.50
N LYS B 425 20.74 -31.38 -32.16
CA LYS B 425 22.14 -30.94 -32.02
C LYS B 425 22.13 -29.81 -31.02
N GLY B 426 23.30 -29.51 -30.44
CA GLY B 426 23.45 -28.38 -29.51
C GLY B 426 22.44 -27.26 -29.73
N GLY B 427 21.60 -27.02 -28.73
CA GLY B 427 20.69 -25.87 -28.77
C GLY B 427 19.42 -26.11 -29.56
N LYS B 428 19.55 -26.48 -30.82
CA LYS B 428 18.40 -26.47 -31.72
C LYS B 428 17.81 -27.87 -31.96
N VAL B 429 16.49 -27.96 -32.05
CA VAL B 429 15.83 -29.22 -32.39
C VAL B 429 15.28 -29.15 -33.80
N LEU B 430 15.58 -30.20 -34.59
CA LEU B 430 15.04 -30.35 -35.95
C LEU B 430 13.79 -31.19 -35.88
N PHE B 431 12.73 -30.72 -36.57
CA PHE B 431 11.45 -31.44 -36.67
C PHE B 431 11.04 -31.66 -38.11
N TRP B 432 10.34 -32.76 -38.35
CA TRP B 432 9.71 -32.94 -39.63
C TRP B 432 8.55 -33.86 -39.57
N TYR B 433 7.82 -33.89 -40.70
CA TYR B 433 6.69 -34.78 -40.85
C TYR B 433 6.51 -35.15 -42.30
N GLY B 434 5.77 -36.22 -42.48
CA GLY B 434 5.40 -36.70 -43.81
C GLY B 434 6.44 -37.51 -44.57
N ILE B 435 7.62 -37.70 -43.99
CA ILE B 435 8.69 -38.34 -44.74
C ILE B 435 9.39 -39.50 -44.06
N ASP B 436 9.59 -40.54 -44.83
CA ASP B 436 10.10 -41.78 -44.27
C ASP B 436 10.95 -42.63 -45.24
N ASP B 437 11.57 -41.99 -46.21
CA ASP B 437 12.74 -42.62 -46.83
C ASP B 437 13.76 -42.50 -45.75
N ILE B 438 14.13 -43.63 -45.19
CA ILE B 438 15.16 -43.64 -44.22
C ILE B 438 16.32 -42.76 -44.75
N ASN B 439 16.68 -42.90 -46.03
CA ASN B 439 17.81 -42.11 -46.59
C ASN B 439 17.54 -40.62 -46.85
N THR B 440 16.28 -40.23 -47.09
CA THR B 440 15.98 -38.79 -47.17
C THR B 440 15.90 -38.18 -45.80
N ILE B 441 15.63 -38.99 -44.78
CA ILE B 441 15.68 -38.56 -43.38
C ILE B 441 17.11 -38.26 -43.03
N SER B 442 17.98 -39.21 -43.30
CA SER B 442 19.40 -39.01 -42.99
C SER B 442 19.92 -37.76 -43.68
N GLU B 443 19.41 -37.48 -44.88
CA GLU B 443 19.82 -36.26 -45.57
C GLU B 443 19.38 -35.03 -44.77
N LEU B 444 18.20 -35.05 -44.18
CA LEU B 444 17.77 -33.94 -43.34
C LEU B 444 18.75 -33.77 -42.22
N VAL B 445 18.99 -34.85 -41.48
CA VAL B 445 19.73 -34.76 -40.24
C VAL B 445 21.15 -34.29 -40.46
N GLU B 446 21.72 -34.64 -41.60
CA GLU B 446 23.06 -34.17 -41.92
C GLU B 446 23.07 -32.68 -42.24
N ASN B 447 22.25 -32.27 -43.21
CA ASN B 447 22.15 -30.86 -43.61
C ASN B 447 21.91 -29.99 -42.39
N PHE B 448 21.17 -30.52 -41.44
CA PHE B 448 20.97 -29.84 -40.16
C PHE B 448 22.23 -29.83 -39.29
N VAL B 449 22.86 -30.98 -39.04
CA VAL B 449 24.06 -30.97 -38.18
C VAL B 449 25.17 -30.13 -38.83
N LYS B 450 25.25 -30.19 -40.15
CA LYS B 450 26.23 -29.43 -40.90
C LYS B 450 25.88 -27.94 -40.93
N SER B 451 24.64 -27.61 -40.57
CA SER B 451 24.20 -26.22 -40.52
C SER B 451 24.95 -25.39 -39.49
N CYS B 452 25.64 -26.04 -38.57
CA CYS B 452 26.59 -25.33 -37.67
C CYS B 452 27.77 -24.61 -38.39
N ASP B 453 27.53 -23.35 -38.79
CA ASP B 453 28.55 -22.48 -39.35
C ASP B 453 28.96 -21.48 -38.28
N THR C 18 -11.25 -14.84 -1.63
CA THR C 18 -11.99 -14.26 -2.83
C THR C 18 -11.28 -14.85 -4.02
N ARG C 19 -11.22 -14.09 -5.10
CA ARG C 19 -10.32 -14.32 -6.23
C ARG C 19 -8.90 -13.94 -5.97
N SER C 20 -8.70 -13.16 -4.93
CA SER C 20 -7.37 -12.69 -4.53
C SER C 20 -6.51 -13.90 -4.29
N THR C 21 -7.12 -14.89 -3.68
CA THR C 21 -6.44 -16.14 -3.48
C THR C 21 -6.31 -16.94 -4.79
N VAL C 22 -7.39 -17.09 -5.55
CA VAL C 22 -7.35 -17.80 -6.83
C VAL C 22 -6.30 -17.21 -7.78
N ILE C 23 -6.13 -15.89 -7.81
CA ILE C 23 -5.14 -15.33 -8.69
C ILE C 23 -3.81 -15.85 -8.24
N GLN C 24 -3.51 -15.69 -6.96
CA GLN C 24 -2.16 -15.97 -6.47
C GLN C 24 -1.78 -17.43 -6.56
N LEU C 25 -2.79 -18.27 -6.63
CA LEU C 25 -2.54 -19.68 -6.80
C LEU C 25 -2.14 -19.89 -8.24
N LEU C 26 -2.96 -19.35 -9.16
CA LEU C 26 -2.70 -19.55 -10.60
C LEU C 26 -1.37 -18.90 -11.01
N ASN C 27 -1.11 -17.72 -10.46
CA ASN C 27 0.14 -17.05 -10.75
C ASN C 27 1.34 -17.90 -10.35
N ASN C 28 1.16 -18.86 -9.44
CA ASN C 28 2.24 -19.77 -9.03
C ASN C 28 2.14 -21.19 -9.59
N ILE C 29 1.31 -21.38 -10.62
CA ILE C 29 1.22 -22.66 -11.33
C ILE C 29 1.76 -22.52 -12.73
N SER C 30 2.75 -23.36 -13.04
CA SER C 30 3.50 -23.28 -14.29
C SER C 30 3.03 -24.36 -15.26
N THR C 31 3.11 -25.62 -14.82
CA THR C 31 2.78 -26.77 -15.66
C THR C 31 1.69 -27.62 -15.02
N LYS C 32 1.23 -28.60 -15.79
CA LYS C 32 0.22 -29.58 -15.37
C LYS C 32 0.61 -30.32 -14.10
N ARG C 33 1.88 -30.71 -14.03
CA ARG C 33 2.33 -31.53 -12.95
C ARG C 33 2.10 -30.77 -11.68
N GLU C 34 2.34 -29.47 -11.71
CA GLU C 34 2.08 -28.62 -10.54
C GLU C 34 0.62 -28.62 -10.11
N VAL C 35 -0.32 -28.54 -11.06
CA VAL C 35 -1.77 -28.55 -10.72
C VAL C 35 -2.08 -29.81 -9.92
N GLU C 36 -1.66 -30.94 -10.46
CA GLU C 36 -1.81 -32.21 -9.77
C GLU C 36 -1.21 -32.22 -8.36
N GLN C 37 -0.06 -31.57 -8.18
CA GLN C 37 0.61 -31.51 -6.87
C GLN C 37 -0.30 -30.77 -5.93
N TYR C 38 -0.68 -29.55 -6.29
CA TYR C 38 -1.48 -28.71 -5.39
C TYR C 38 -2.72 -29.45 -4.92
N LEU C 39 -3.41 -30.10 -5.85
CA LEU C 39 -4.58 -30.90 -5.50
C LEU C 39 -4.35 -32.03 -4.49
N LYS C 40 -3.23 -32.75 -4.63
CA LYS C 40 -2.79 -33.75 -3.67
C LYS C 40 -2.83 -33.20 -2.23
N TYR C 41 -2.37 -31.97 -2.00
CA TYR C 41 -2.30 -31.39 -0.65
C TYR C 41 -3.68 -31.00 -0.12
N PHE C 42 -4.52 -30.48 -1.02
CA PHE C 42 -5.88 -30.01 -0.69
C PHE C 42 -6.82 -31.18 -0.56
N THR C 43 -6.80 -32.09 -1.54
CA THR C 43 -7.65 -33.31 -1.48
C THR C 43 -7.18 -34.35 -0.39
N SER C 44 -5.96 -34.19 0.15
CA SER C 44 -5.48 -34.91 1.33
C SER C 44 -6.33 -34.61 2.58
N VAL C 45 -7.01 -35.65 3.09
CA VAL C 45 -7.73 -35.59 4.39
C VAL C 45 -6.67 -35.57 5.52
N SER C 46 -6.13 -34.36 5.73
CA SER C 46 -4.83 -34.10 6.39
C SER C 46 -4.97 -33.95 7.90
N GLN C 47 -5.37 -35.06 8.53
CA GLN C 47 -5.03 -35.32 9.93
C GLN C 47 -3.51 -35.50 10.01
N GLN C 48 -2.87 -35.86 8.88
CA GLN C 48 -1.44 -35.68 8.70
C GLN C 48 -1.14 -34.23 8.28
N GLN C 49 -0.59 -33.47 9.24
CA GLN C 49 -0.34 -32.01 9.16
C GLN C 49 0.48 -31.49 8.03
N PHE C 50 0.19 -30.24 7.67
CA PHE C 50 0.78 -29.64 6.48
C PHE C 50 2.26 -29.40 6.50
N ALA C 51 2.69 -28.56 7.41
CA ALA C 51 4.08 -28.17 7.35
C ALA C 51 4.51 -27.59 8.69
N VAL C 52 5.80 -27.71 8.94
CA VAL C 52 6.45 -27.00 10.01
C VAL C 52 7.40 -26.07 9.31
N ILE C 53 7.26 -24.77 9.55
CA ILE C 53 8.08 -23.78 8.90
C ILE C 53 8.94 -23.05 9.93
N LYS C 54 10.25 -23.29 9.90
CA LYS C 54 11.17 -22.59 10.80
C LYS C 54 11.52 -21.26 10.20
N VAL C 55 11.26 -20.19 10.94
CA VAL C 55 11.52 -18.84 10.51
C VAL C 55 12.66 -18.23 11.30
N GLY C 56 13.72 -17.81 10.62
CA GLY C 56 14.82 -17.07 11.27
C GLY C 56 14.38 -15.72 11.85
N GLY C 57 15.06 -15.27 12.90
CA GLY C 57 14.71 -14.02 13.56
C GLY C 57 14.93 -12.86 12.61
N ALA C 58 16.00 -13.00 11.81
CA ALA C 58 16.36 -12.04 10.76
C ALA C 58 15.18 -11.62 9.94
N ILE C 59 14.26 -12.56 9.70
CA ILE C 59 13.17 -12.34 8.75
C ILE C 59 12.03 -11.55 9.35
N ILE C 60 11.69 -11.84 10.59
CA ILE C 60 10.64 -11.09 11.24
C ILE C 60 11.05 -9.63 11.35
N SER C 61 12.26 -9.39 11.86
CA SER C 61 12.70 -8.01 12.08
C SER C 61 12.76 -7.23 10.79
N ASP C 62 13.07 -7.89 9.67
CA ASP C 62 13.36 -7.18 8.42
C ASP C 62 12.41 -7.39 7.28
N ASN C 63 12.08 -8.63 7.01
CA ASN C 63 11.39 -8.94 5.80
C ASN C 63 9.97 -9.44 6.04
N LEU C 64 9.28 -8.82 7.00
CA LEU C 64 8.04 -9.36 7.62
C LEU C 64 6.90 -9.42 6.67
N HIS C 65 6.68 -8.32 5.95
CA HIS C 65 5.51 -8.25 5.08
C HIS C 65 5.45 -9.46 4.23
N GLU C 66 6.56 -9.78 3.56
CA GLU C 66 6.59 -10.92 2.66
C GLU C 66 6.24 -12.24 3.35
N LEU C 67 6.74 -12.43 4.57
CA LEU C 67 6.47 -13.64 5.34
C LEU C 67 4.99 -13.72 5.66
N ALA C 68 4.41 -12.62 6.15
CA ALA C 68 3.00 -12.61 6.54
C ALA C 68 2.13 -12.84 5.35
N SER C 69 2.40 -12.08 4.31
CA SER C 69 1.61 -12.18 3.08
C SER C 69 1.52 -13.62 2.63
N CYS C 70 2.63 -14.32 2.77
CA CYS C 70 2.74 -15.67 2.29
C CYS C 70 2.09 -16.72 3.22
N LEU C 71 2.28 -16.55 4.52
CA LEU C 71 1.55 -17.38 5.47
C LEU C 71 0.03 -17.14 5.32
N ALA C 72 -0.37 -15.89 5.03
CA ALA C 72 -1.79 -15.54 4.87
C ALA C 72 -2.42 -16.35 3.77
N PHE C 73 -1.71 -16.44 2.67
CA PHE C 73 -2.12 -17.29 1.59
C PHE C 73 -2.40 -18.70 2.06
N LEU C 74 -1.42 -19.37 2.66
CA LEU C 74 -1.63 -20.77 3.06
C LEU C 74 -2.89 -20.87 3.91
N TYR C 75 -3.02 -19.95 4.86
CA TYR C 75 -4.18 -19.88 5.75
C TYR C 75 -5.46 -19.77 5.00
N HIS C 76 -5.45 -18.93 3.98
CA HIS C 76 -6.64 -18.68 3.18
C HIS C 76 -7.01 -19.86 2.32
N VAL C 77 -6.02 -20.53 1.75
CA VAL C 77 -6.30 -21.70 0.93
C VAL C 77 -6.52 -22.89 1.84
N GLY C 78 -6.71 -22.64 3.14
CA GLY C 78 -7.05 -23.72 4.08
C GLY C 78 -5.90 -24.23 4.93
N LEU C 79 -4.74 -24.43 4.32
CA LEU C 79 -3.60 -25.08 5.01
C LEU C 79 -3.16 -24.32 6.27
N TYR C 80 -2.81 -25.08 7.30
CA TYR C 80 -2.34 -24.49 8.56
C TYR C 80 -0.89 -24.90 8.88
N PRO C 81 0.05 -24.04 8.48
CA PRO C 81 1.41 -24.25 8.83
C PRO C 81 1.59 -24.04 10.31
N ILE C 82 2.45 -24.83 10.94
CA ILE C 82 2.94 -24.58 12.30
C ILE C 82 4.23 -23.79 12.13
N VAL C 83 4.24 -22.54 12.54
CA VAL C 83 5.44 -21.68 12.37
C VAL C 83 6.24 -21.62 13.64
N LEU C 84 7.54 -21.82 13.54
CA LEU C 84 8.40 -21.79 14.71
C LEU C 84 9.57 -20.83 14.41
N HIS C 85 9.68 -19.75 15.18
CA HIS C 85 10.60 -18.68 14.87
C HIS C 85 11.59 -18.53 15.91
N GLY C 86 12.74 -18.04 15.48
CA GLY C 86 13.86 -17.71 16.37
C GLY C 86 14.00 -16.20 16.62
N THR C 87 15.20 -15.76 17.00
CA THR C 87 15.39 -14.35 17.37
C THR C 87 16.86 -14.06 17.46
N GLY C 88 17.49 -13.91 16.29
CA GLY C 88 18.96 -13.90 16.21
C GLY C 88 19.80 -12.66 16.38
N PRO C 89 19.76 -11.80 15.35
CA PRO C 89 20.65 -10.60 15.22
C PRO C 89 20.25 -9.47 16.22
N GLN C 90 18.95 -9.13 16.21
CA GLN C 90 18.32 -8.17 17.15
C GLN C 90 18.85 -8.35 18.62
N VAL C 91 18.87 -9.62 19.09
CA VAL C 91 19.35 -9.96 20.44
C VAL C 91 20.79 -9.48 20.62
N ASN C 92 21.66 -9.77 19.66
CA ASN C 92 23.08 -9.43 19.82
C ASN C 92 23.39 -7.95 19.87
N GLY C 93 22.53 -7.16 19.26
CA GLY C 93 22.65 -5.71 19.33
C GLY C 93 22.28 -5.20 20.70
N ARG C 94 21.20 -5.75 21.24
CA ARG C 94 20.67 -5.28 22.52
C ARG C 94 21.58 -5.72 23.65
N LEU C 95 22.22 -6.88 23.48
CA LEU C 95 23.23 -7.35 24.41
C LEU C 95 24.41 -6.43 24.34
N GLU C 96 24.73 -5.94 23.15
CA GLU C 96 25.86 -5.01 22.98
C GLU C 96 25.54 -3.63 23.46
N ALA C 97 24.33 -3.21 23.16
CA ALA C 97 23.84 -1.97 23.67
C ALA C 97 24.01 -1.93 25.18
N GLN C 98 23.61 -3.02 25.81
CA GLN C 98 23.56 -3.13 27.25
C GLN C 98 24.94 -3.38 27.83
N GLY C 99 25.94 -3.55 26.96
CA GLY C 99 27.34 -3.69 27.39
C GLY C 99 27.87 -5.09 27.63
N ILE C 100 27.09 -6.11 27.26
CA ILE C 100 27.50 -7.49 27.37
C ILE C 100 28.03 -8.01 26.02
N GLU C 101 29.30 -8.40 25.96
CA GLU C 101 29.86 -9.00 24.74
C GLU C 101 29.36 -10.43 24.64
N PRO C 102 28.55 -10.77 23.60
CA PRO C 102 27.96 -12.12 23.53
C PRO C 102 29.00 -13.24 23.50
N ASP C 103 28.57 -14.45 23.87
CA ASP C 103 29.44 -15.63 23.97
C ASP C 103 28.92 -16.79 23.15
N TYR C 104 29.84 -17.45 22.45
CA TYR C 104 29.55 -18.66 21.71
C TYR C 104 30.65 -19.62 22.03
N ILE C 105 30.30 -20.67 22.75
CA ILE C 105 31.17 -21.83 22.86
C ILE C 105 30.47 -23.00 22.17
N ASP C 106 31.25 -23.69 21.34
CA ASP C 106 30.80 -24.85 20.59
C ASP C 106 29.61 -24.51 19.71
N GLY C 107 29.60 -23.28 19.21
CA GLY C 107 28.53 -22.84 18.29
C GLY C 107 27.17 -22.56 18.93
N ILE C 108 27.09 -22.65 20.26
CA ILE C 108 25.87 -22.34 20.99
C ILE C 108 26.12 -21.19 21.96
N ARG C 109 25.06 -20.44 22.27
CA ARG C 109 25.20 -19.28 23.11
C ARG C 109 25.32 -19.66 24.56
N ILE C 110 26.38 -19.22 25.21
CA ILE C 110 26.44 -19.25 26.65
C ILE C 110 25.36 -18.26 27.11
N THR C 111 24.47 -18.71 28.00
CA THR C 111 23.21 -18.01 28.28
C THR C 111 22.90 -17.90 29.75
N ASP C 112 23.57 -16.98 30.44
CA ASP C 112 23.32 -16.80 31.88
C ASP C 112 22.07 -15.97 32.10
N GLU C 113 21.68 -15.80 33.36
CA GLU C 113 20.47 -15.03 33.72
C GLU C 113 20.31 -13.71 32.98
N HIS C 114 21.39 -12.93 32.94
CA HIS C 114 21.36 -11.61 32.30
C HIS C 114 21.06 -11.71 30.85
N THR C 115 21.67 -12.69 30.20
CA THR C 115 21.46 -12.87 28.77
C THR C 115 20.06 -13.39 28.49
N MET C 116 19.60 -14.34 29.30
CA MET C 116 18.29 -14.95 29.13
C MET C 116 17.17 -13.92 29.20
N ALA C 117 17.25 -13.00 30.16
CA ALA C 117 16.26 -11.92 30.30
C ALA C 117 16.11 -11.25 28.96
N VAL C 118 17.24 -10.88 28.38
CA VAL C 118 17.23 -10.15 27.12
C VAL C 118 16.86 -11.01 25.92
N VAL C 119 17.12 -12.31 26.00
CA VAL C 119 16.71 -13.23 24.96
C VAL C 119 15.21 -13.44 25.01
N ARG C 120 14.65 -13.54 26.21
CA ARG C 120 13.25 -13.82 26.30
C ARG C 120 12.44 -12.61 25.88
N LYS C 121 12.84 -11.43 26.33
CA LYS C 121 12.10 -10.24 25.98
C LYS C 121 12.10 -10.04 24.49
N CYS C 122 13.19 -10.43 23.84
CA CYS C 122 13.24 -10.35 22.40
C CYS C 122 12.28 -11.33 21.74
N PHE C 123 12.27 -12.55 22.27
CA PHE C 123 11.43 -13.56 21.72
C PHE C 123 10.02 -13.11 21.77
N LEU C 124 9.55 -12.65 22.93
CA LEU C 124 8.15 -12.26 23.04
C LEU C 124 7.85 -11.10 22.07
N GLU C 125 8.66 -10.04 22.11
CA GLU C 125 8.55 -8.92 21.16
C GLU C 125 8.46 -9.40 19.70
N GLN C 126 9.33 -10.32 19.29
CA GLN C 126 9.34 -10.80 17.91
C GLN C 126 8.09 -11.61 17.64
N ASN C 127 7.78 -12.53 18.53
CA ASN C 127 6.66 -13.45 18.39
C ASN C 127 5.37 -12.68 18.21
N LEU C 128 5.05 -11.79 19.15
CA LEU C 128 3.86 -10.93 19.02
C LEU C 128 3.89 -10.06 17.74
N LYS C 129 5.06 -9.60 17.29
CA LYS C 129 5.12 -8.80 16.05
C LYS C 129 4.69 -9.54 14.78
N LEU C 130 4.99 -10.80 14.70
CA LEU C 130 4.53 -11.63 13.63
C LEU C 130 3.04 -11.92 13.78
N VAL C 131 2.59 -12.21 15.00
CA VAL C 131 1.19 -12.50 15.22
C VAL C 131 0.32 -11.29 14.89
N THR C 132 0.68 -10.11 15.42
CA THR C 132 -0.12 -8.90 15.16
C THR C 132 -0.07 -8.51 13.68
N ALA C 133 0.97 -8.94 12.99
CA ALA C 133 1.05 -8.69 11.57
C ALA C 133 0.13 -9.56 10.78
N LEU C 134 0.21 -10.87 10.97
CA LEU C 134 -0.72 -11.83 10.36
C LEU C 134 -2.13 -11.44 10.67
N GLU C 135 -2.36 -10.97 11.89
CA GLU C 135 -3.71 -10.67 12.30
C GLU C 135 -4.21 -9.51 11.54
N GLN C 136 -3.33 -8.56 11.26
CA GLN C 136 -3.74 -7.47 10.44
C GLN C 136 -4.07 -7.83 8.99
N LEU C 137 -3.52 -8.93 8.47
CA LEU C 137 -3.89 -9.42 7.13
C LEU C 137 -5.00 -10.46 7.24
N GLY C 138 -5.77 -10.41 8.34
CA GLY C 138 -6.98 -11.22 8.47
C GLY C 138 -6.74 -12.70 8.73
N VAL C 139 -5.56 -13.03 9.24
CA VAL C 139 -5.28 -14.41 9.62
C VAL C 139 -5.40 -14.44 11.11
N ARG C 140 -5.96 -15.53 11.61
CA ARG C 140 -6.03 -15.79 13.03
C ARG C 140 -4.71 -16.39 13.50
N ALA C 141 -3.99 -15.64 14.31
CA ALA C 141 -2.82 -16.19 14.92
C ALA C 141 -3.00 -16.37 16.41
N ARG C 142 -2.16 -17.26 16.89
CA ARG C 142 -2.15 -17.60 18.26
C ARG C 142 -0.66 -17.64 18.73
N PRO C 143 -0.23 -16.66 19.52
CA PRO C 143 1.08 -16.81 20.05
C PRO C 143 1.12 -17.99 21.00
N ILE C 144 2.18 -18.78 20.88
CA ILE C 144 2.45 -19.88 21.80
C ILE C 144 3.89 -19.73 22.34
N THR C 145 4.02 -18.82 23.31
CA THR C 145 5.31 -18.37 23.89
C THR C 145 5.94 -19.36 24.90
N SER C 146 5.21 -20.44 25.22
CA SER C 146 5.64 -21.40 26.24
C SER C 146 4.71 -22.61 26.35
N GLY C 147 5.31 -23.79 26.58
CA GLY C 147 4.56 -24.94 27.08
C GLY C 147 4.38 -25.97 25.99
N VAL C 148 5.08 -25.73 24.87
CA VAL C 148 5.17 -26.74 23.85
C VAL C 148 6.34 -27.58 24.19
N PHE C 149 7.47 -26.95 24.45
CA PHE C 149 8.69 -27.71 24.64
C PHE C 149 9.05 -27.89 26.10
N THR C 150 9.24 -29.16 26.46
CA THR C 150 9.79 -29.56 27.73
C THR C 150 11.27 -29.81 27.49
N ALA C 151 12.13 -29.47 28.44
CA ALA C 151 13.55 -29.75 28.26
C ALA C 151 14.28 -29.81 29.55
N ASP C 152 15.56 -30.14 29.45
CA ASP C 152 16.47 -30.03 30.58
C ASP C 152 17.79 -29.44 30.09
N TYR C 153 18.68 -29.12 31.03
CA TYR C 153 19.88 -28.34 30.76
C TYR C 153 20.77 -29.14 29.83
N LEU C 154 21.32 -28.46 28.83
CA LEU C 154 22.23 -29.09 27.88
C LEU C 154 23.49 -29.51 28.65
N ASP C 155 24.10 -28.53 29.30
CA ASP C 155 25.21 -28.71 30.22
C ASP C 155 25.20 -27.44 31.02
N LYS C 156 24.86 -27.53 32.30
CA LYS C 156 24.64 -26.34 33.08
C LYS C 156 25.94 -25.54 33.23
N ASP C 157 27.09 -26.21 33.25
CA ASP C 157 28.37 -25.54 33.44
C ASP C 157 28.81 -24.84 32.19
N LYS C 158 28.54 -25.48 31.05
CA LYS C 158 29.05 -25.03 29.76
C LYS C 158 28.15 -23.95 29.15
N TYR C 159 26.86 -24.23 29.05
CA TYR C 159 25.95 -23.32 28.37
C TYR C 159 25.05 -22.54 29.33
N LYS C 160 25.10 -22.87 30.61
CA LYS C 160 24.21 -22.28 31.61
C LYS C 160 22.77 -22.65 31.19
N LEU C 161 21.89 -21.67 31.03
CA LEU C 161 20.50 -21.93 30.75
C LEU C 161 20.30 -22.16 29.25
N VAL C 162 20.90 -23.19 28.69
CA VAL C 162 20.53 -23.65 27.35
C VAL C 162 20.01 -25.09 27.47
N GLY C 163 18.87 -25.37 26.85
CA GLY C 163 18.19 -26.66 27.05
C GLY C 163 18.33 -27.67 25.93
N ASN C 164 18.11 -28.94 26.30
CA ASN C 164 18.02 -30.08 25.37
C ASN C 164 16.57 -30.55 25.38
N ILE C 165 15.92 -30.55 24.22
CA ILE C 165 14.49 -30.77 24.20
C ILE C 165 14.16 -32.23 24.47
N LYS C 166 13.50 -32.47 25.60
CA LYS C 166 13.20 -33.82 26.03
C LYS C 166 11.88 -34.31 25.39
N SER C 167 10.95 -33.41 25.11
CA SER C 167 9.65 -33.81 24.62
C SER C 167 8.78 -32.61 24.19
N VAL C 168 7.90 -32.85 23.22
CA VAL C 168 6.96 -31.85 22.72
C VAL C 168 5.56 -32.21 23.22
N THR C 169 4.87 -31.32 23.91
CA THR C 169 3.44 -31.50 24.15
C THR C 169 2.69 -30.85 23.01
N LYS C 170 1.79 -31.62 22.39
CA LYS C 170 1.15 -31.25 21.11
C LYS C 170 -0.10 -30.40 21.34
N GLU C 171 -0.64 -30.46 22.55
CA GLU C 171 -2.05 -30.11 22.80
C GLU C 171 -2.36 -28.67 22.42
N PRO C 172 -1.43 -27.71 22.67
CA PRO C 172 -1.66 -26.32 22.31
C PRO C 172 -1.60 -26.08 20.85
N ILE C 173 -0.60 -26.68 20.19
CA ILE C 173 -0.49 -26.60 18.72
C ILE C 173 -1.71 -27.21 18.02
N GLU C 174 -2.26 -28.30 18.56
CA GLU C 174 -3.43 -28.88 18.00
C GLU C 174 -4.57 -27.95 18.26
N ALA C 175 -4.92 -27.73 19.52
CA ALA C 175 -6.19 -27.05 19.80
C ALA C 175 -6.19 -25.56 19.38
N SER C 176 -5.09 -25.14 18.76
CA SER C 176 -5.03 -23.90 18.00
C SER C 176 -5.58 -24.19 16.63
N ILE C 177 -4.85 -25.00 15.88
CA ILE C 177 -5.21 -25.38 14.48
C ILE C 177 -6.68 -25.69 14.47
N LYS C 178 -7.07 -26.57 15.39
CA LYS C 178 -8.44 -26.97 15.47
C LYS C 178 -9.34 -25.74 15.59
N ALA C 179 -8.97 -24.77 16.40
CA ALA C 179 -9.83 -23.59 16.56
C ALA C 179 -9.68 -22.60 15.44
N GLY C 180 -8.76 -22.85 14.55
CA GLY C 180 -8.71 -22.17 13.28
C GLY C 180 -7.68 -21.10 13.18
N ALA C 181 -6.57 -21.29 13.88
CA ALA C 181 -5.61 -20.23 14.04
C ALA C 181 -4.18 -20.73 13.91
N LEU C 182 -3.37 -20.01 13.12
CA LEU C 182 -1.97 -20.39 12.88
C LEU C 182 -1.19 -20.33 14.18
N PRO C 183 -0.59 -21.44 14.61
CA PRO C 183 0.14 -21.38 15.82
C PRO C 183 1.54 -20.90 15.53
N ILE C 184 1.93 -19.82 16.20
CA ILE C 184 3.26 -19.23 16.09
C ILE C 184 4.06 -19.56 17.33
N LEU C 185 5.04 -20.44 17.22
CA LEU C 185 5.80 -20.89 18.38
C LEU C 185 7.16 -20.21 18.50
N THR C 186 7.48 -19.73 19.71
CA THR C 186 8.86 -19.40 20.11
C THR C 186 9.56 -20.71 20.37
N SER C 187 10.88 -20.68 20.21
CA SER C 187 11.69 -21.84 20.47
C SER C 187 12.32 -21.80 21.86
N LEU C 188 11.56 -21.35 22.86
CA LEU C 188 11.90 -21.61 24.27
C LEU C 188 11.29 -22.92 24.73
N ALA C 189 12.13 -23.73 25.40
CA ALA C 189 11.66 -24.87 26.14
C ALA C 189 11.70 -24.51 27.60
N GLU C 190 10.98 -25.25 28.43
CA GLU C 190 11.07 -25.10 29.91
C GLU C 190 11.26 -26.43 30.60
N THR C 191 11.81 -26.38 31.80
CA THR C 191 12.03 -27.57 32.56
C THR C 191 10.76 -27.93 33.29
N ALA C 192 10.76 -29.06 33.96
CA ALA C 192 9.62 -29.47 34.79
C ALA C 192 9.25 -28.34 35.69
N SER C 193 10.25 -27.92 36.46
CA SER C 193 10.07 -26.96 37.54
C SER C 193 9.89 -25.53 37.06
N GLY C 194 10.01 -25.29 35.77
CA GLY C 194 9.56 -24.04 35.18
C GLY C 194 10.60 -23.15 34.55
N GLN C 195 11.88 -23.42 34.78
CA GLN C 195 12.93 -22.55 34.27
C GLN C 195 13.01 -22.62 32.77
N MET C 196 12.89 -21.48 32.13
CA MET C 196 12.95 -21.42 30.69
C MET C 196 14.40 -21.55 30.28
N LEU C 197 14.64 -22.10 29.11
CA LEU C 197 15.97 -22.34 28.58
C LEU C 197 15.98 -22.00 27.09
N ASN C 198 17.03 -21.32 26.64
CA ASN C 198 17.23 -21.06 25.19
C ASN C 198 17.51 -22.41 24.42
N VAL C 199 16.91 -22.58 23.24
CA VAL C 199 17.14 -23.77 22.37
C VAL C 199 17.27 -23.29 20.94
N ASN C 200 18.20 -23.88 20.22
CA ASN C 200 18.34 -23.67 18.77
C ASN C 200 16.96 -23.77 18.05
N ALA C 201 16.64 -22.77 17.25
CA ALA C 201 15.41 -22.76 16.48
C ALA C 201 15.34 -23.90 15.49
N ASP C 202 16.49 -24.42 15.12
CA ASP C 202 16.54 -25.50 14.13
C ASP C 202 16.36 -26.83 14.77
N VAL C 203 16.92 -27.01 15.95
CA VAL C 203 16.73 -28.24 16.63
C VAL C 203 15.30 -28.34 17.12
N ALA C 204 14.74 -27.22 17.57
CA ALA C 204 13.33 -27.19 17.95
C ALA C 204 12.45 -27.53 16.73
N ALA C 205 12.76 -26.95 15.58
CA ALA C 205 11.99 -27.23 14.35
C ALA C 205 11.94 -28.72 14.11
N GLY C 206 13.12 -29.29 14.10
CA GLY C 206 13.25 -30.70 13.92
C GLY C 206 12.52 -31.53 14.96
N GLU C 207 12.42 -31.10 16.19
CA GLU C 207 11.72 -31.93 17.15
C GLU C 207 10.24 -31.92 16.89
N LEU C 208 9.71 -30.78 16.49
CA LEU C 208 8.32 -30.68 16.09
C LEU C 208 8.14 -31.68 14.96
N ALA C 209 8.91 -31.52 13.90
CA ALA C 209 8.79 -32.38 12.71
C ALA C 209 8.72 -33.87 13.05
N ARG C 210 9.49 -34.33 14.03
CA ARG C 210 9.45 -35.73 14.41
C ARG C 210 8.09 -36.09 14.98
N VAL C 211 7.50 -35.14 15.69
CA VAL C 211 6.28 -35.37 16.46
C VAL C 211 4.99 -35.20 15.62
N PHE C 212 4.94 -34.27 14.67
CA PHE C 212 3.77 -34.14 13.78
C PHE C 212 3.92 -34.81 12.44
N GLU C 213 5.10 -35.30 12.13
CA GLU C 213 5.32 -36.03 10.87
C GLU C 213 4.74 -35.28 9.64
N PRO C 214 4.99 -33.96 9.51
CA PRO C 214 4.30 -33.16 8.50
C PRO C 214 4.81 -33.41 7.12
N LEU C 215 3.99 -33.00 6.15
CA LEU C 215 4.19 -33.25 4.73
C LEU C 215 5.42 -32.52 4.19
N LYS C 216 5.57 -31.28 4.63
CA LYS C 216 6.67 -30.45 4.26
C LYS C 216 7.33 -29.91 5.52
N ILE C 217 8.66 -29.91 5.55
CA ILE C 217 9.39 -29.17 6.59
C ILE C 217 10.20 -28.12 5.87
N VAL C 218 10.06 -26.84 6.24
CA VAL C 218 10.78 -25.77 5.56
C VAL C 218 11.61 -24.93 6.47
N TYR C 219 12.91 -24.90 6.20
CA TYR C 219 13.84 -24.03 6.89
C TYR C 219 14.01 -22.74 6.08
N LEU C 220 13.43 -21.65 6.55
CA LEU C 220 13.60 -20.39 5.86
C LEU C 220 14.90 -19.79 6.28
N ASN C 221 15.86 -19.76 5.38
CA ASN C 221 17.01 -18.92 5.62
C ASN C 221 16.93 -17.63 4.80
N GLU C 222 17.71 -16.66 5.23
CA GLU C 222 17.90 -15.47 4.44
C GLU C 222 18.75 -15.80 3.22
N LYS C 223 19.73 -16.69 3.38
CA LYS C 223 20.74 -17.00 2.37
C LYS C 223 20.15 -17.44 1.01
N GLY C 224 19.49 -18.59 1.00
CA GLY C 224 18.78 -19.10 -0.17
C GLY C 224 19.22 -20.44 -0.71
N GLY C 225 19.01 -21.52 0.03
CA GLY C 225 19.37 -22.87 -0.44
C GLY C 225 20.83 -23.27 -0.28
N ILE C 226 21.37 -24.00 -1.25
CA ILE C 226 22.76 -24.45 -1.23
C ILE C 226 23.42 -24.23 -2.57
N ILE C 227 24.51 -23.48 -2.56
CA ILE C 227 25.34 -23.31 -3.74
C ILE C 227 26.48 -24.30 -3.67
N ASN C 228 26.89 -24.80 -4.83
CA ASN C 228 28.05 -25.65 -4.90
C ASN C 228 29.29 -24.76 -5.03
N GLY C 229 30.09 -24.69 -3.97
CA GLY C 229 31.27 -23.81 -3.93
C GLY C 229 32.31 -24.06 -5.02
N SER C 230 32.28 -25.26 -5.59
CA SER C 230 33.28 -25.73 -6.56
C SER C 230 32.88 -25.54 -8.02
N THR C 231 31.59 -25.75 -8.34
CA THR C 231 31.07 -25.49 -9.68
C THR C 231 30.42 -24.10 -9.77
N GLY C 232 29.87 -23.62 -8.66
CA GLY C 232 29.06 -22.40 -8.64
C GLY C 232 27.58 -22.73 -8.73
N GLU C 233 27.25 -23.86 -9.35
CA GLU C 233 25.86 -24.26 -9.59
C GLU C 233 25.09 -24.44 -8.28
N LYS C 234 23.84 -23.99 -8.26
CA LYS C 234 22.95 -24.27 -7.13
C LYS C 234 22.56 -25.75 -7.11
N ILE C 235 22.04 -26.21 -5.97
CA ILE C 235 21.52 -27.57 -5.82
C ILE C 235 19.99 -27.53 -5.67
N SER C 236 19.28 -28.18 -6.59
CA SER C 236 17.81 -28.22 -6.54
C SER C 236 17.36 -29.23 -5.50
N MET C 237 17.70 -30.50 -5.74
CA MET C 237 17.22 -31.60 -4.94
C MET C 237 18.40 -32.44 -4.50
N ILE C 238 18.30 -33.04 -3.32
CA ILE C 238 19.30 -33.99 -2.83
C ILE C 238 18.54 -35.28 -2.52
N ASN C 239 18.96 -36.41 -3.10
CA ASN C 239 18.33 -37.72 -2.82
C ASN C 239 19.08 -38.56 -1.81
N LEU C 240 18.85 -38.30 -0.52
CA LEU C 240 19.77 -38.69 0.56
C LEU C 240 20.23 -40.13 0.41
N ASP C 241 19.30 -41.07 0.35
CA ASP C 241 19.66 -42.48 0.19
C ASP C 241 20.69 -42.67 -0.93
N GLU C 242 20.47 -42.04 -2.08
CA GLU C 242 21.43 -42.12 -3.20
C GLU C 242 22.69 -41.26 -3.00
N GLU C 243 22.52 -39.96 -2.80
CA GLU C 243 23.64 -39.00 -2.85
C GLU C 243 24.38 -38.78 -1.52
N TYR C 244 23.73 -39.03 -0.40
CA TYR C 244 24.24 -38.59 0.91
C TYR C 244 25.71 -38.82 1.09
N ASP C 245 26.11 -40.07 0.89
CA ASP C 245 27.43 -40.51 1.32
C ASP C 245 28.56 -39.91 0.51
N ASP C 246 28.44 -39.93 -0.81
CA ASP C 246 29.49 -39.38 -1.67
C ASP C 246 29.26 -37.88 -1.99
N LEU C 247 28.24 -37.28 -1.40
CA LEU C 247 28.10 -35.83 -1.41
C LEU C 247 28.60 -35.26 -0.07
N MET C 248 28.59 -36.09 0.97
CA MET C 248 29.06 -35.66 2.29
C MET C 248 30.57 -35.69 2.34
N LYS C 249 31.15 -36.76 1.78
CA LYS C 249 32.61 -36.91 1.77
C LYS C 249 33.24 -36.13 0.61
N GLN C 250 32.69 -34.95 0.31
CA GLN C 250 33.24 -34.07 -0.71
C GLN C 250 33.96 -32.85 -0.13
N SER C 251 35.06 -32.50 -0.78
CA SER C 251 35.97 -31.48 -0.28
C SER C 251 35.38 -30.09 -0.37
N TRP C 252 34.49 -29.89 -1.33
CA TRP C 252 33.87 -28.58 -1.50
C TRP C 252 32.82 -28.26 -0.46
N VAL C 253 32.13 -29.28 0.05
CA VAL C 253 31.04 -29.06 1.02
C VAL C 253 31.60 -28.46 2.32
N LYS C 254 31.12 -27.26 2.65
CA LYS C 254 31.57 -26.52 3.83
C LYS C 254 31.03 -27.20 5.08
N TYR C 255 31.69 -26.96 6.21
CA TYR C 255 31.40 -27.71 7.44
C TYR C 255 30.07 -27.26 8.05
N GLY C 256 29.72 -25.98 7.90
CA GLY C 256 28.39 -25.50 8.30
C GLY C 256 27.26 -26.17 7.51
N THR C 257 27.58 -26.55 6.28
CA THR C 257 26.68 -27.34 5.43
C THR C 257 26.57 -28.76 5.95
N LYS C 258 27.72 -29.43 6.13
CA LYS C 258 27.75 -30.80 6.66
C LYS C 258 26.97 -30.93 7.97
N LEU C 259 27.13 -29.96 8.88
CA LEU C 259 26.45 -30.03 10.18
C LEU C 259 24.94 -29.82 10.00
N LYS C 260 24.51 -29.26 8.86
CA LYS C 260 23.08 -29.25 8.52
C LYS C 260 22.62 -30.44 7.67
N ILE C 261 23.35 -30.76 6.60
CA ILE C 261 22.97 -31.92 5.80
C ILE C 261 22.80 -33.11 6.73
N ARG C 262 23.75 -33.36 7.63
CA ARG C 262 23.60 -34.48 8.57
C ARG C 262 22.36 -34.29 9.42
N GLU C 263 22.22 -33.11 10.00
CA GLU C 263 21.05 -32.79 10.83
C GLU C 263 19.76 -33.21 10.12
N ILE C 264 19.63 -32.86 8.86
CA ILE C 264 18.44 -33.19 8.08
C ILE C 264 18.33 -34.69 7.78
N LYS C 265 19.43 -35.34 7.37
CA LYS C 265 19.42 -36.78 7.12
C LYS C 265 18.84 -37.46 8.36
N GLU C 266 19.34 -37.07 9.52
CA GLU C 266 18.94 -37.71 10.76
C GLU C 266 17.46 -37.50 11.06
N LEU C 267 16.92 -36.35 10.68
CA LEU C 267 15.50 -36.08 10.86
C LEU C 267 14.67 -37.01 9.98
N LEU C 268 14.97 -37.00 8.69
CA LEU C 268 14.15 -37.72 7.69
C LEU C 268 14.32 -39.25 7.76
N ASP C 269 15.38 -39.68 8.43
CA ASP C 269 15.57 -41.08 8.75
C ASP C 269 14.41 -41.59 9.59
N TYR C 270 13.89 -40.75 10.48
CA TYR C 270 12.87 -41.16 11.42
C TYR C 270 11.48 -40.67 11.05
N LEU C 271 11.38 -39.94 9.95
CA LEU C 271 10.11 -39.59 9.37
C LEU C 271 9.88 -40.45 8.12
N PRO C 272 8.60 -40.64 7.74
CA PRO C 272 8.19 -41.30 6.50
C PRO C 272 8.96 -40.92 5.23
N ARG C 273 8.70 -41.68 4.20
CA ARG C 273 9.37 -41.47 2.95
C ARG C 273 8.70 -40.33 2.22
N SER C 274 7.42 -40.18 2.49
CA SER C 274 6.57 -39.14 1.91
C SER C 274 7.04 -37.77 2.37
N SER C 275 7.67 -37.71 3.54
CA SER C 275 8.12 -36.42 4.11
C SER C 275 9.39 -35.85 3.45
N SER C 276 9.42 -34.53 3.27
CA SER C 276 10.54 -33.83 2.65
C SER C 276 10.95 -32.59 3.43
N VAL C 277 12.16 -32.10 3.15
CA VAL C 277 12.63 -30.88 3.70
C VAL C 277 13.06 -29.91 2.61
N ALA C 278 12.89 -28.62 2.86
CA ALA C 278 13.23 -27.64 1.89
C ALA C 278 13.90 -26.47 2.54
N ILE C 279 14.95 -25.96 1.93
CA ILE C 279 15.69 -24.79 2.42
C ILE C 279 15.52 -23.66 1.43
N ILE C 280 14.82 -22.59 1.78
CA ILE C 280 14.45 -21.59 0.79
C ILE C 280 14.56 -20.19 1.31
N ASN C 281 14.91 -19.30 0.40
CA ASN C 281 14.76 -17.91 0.62
C ASN C 281 13.28 -17.59 0.70
N VAL C 282 12.93 -16.64 1.57
CA VAL C 282 11.52 -16.24 1.82
C VAL C 282 10.76 -15.95 0.55
N GLN C 283 11.35 -15.16 -0.33
CA GLN C 283 10.63 -14.75 -1.53
C GLN C 283 10.21 -15.86 -2.50
N ASP C 284 10.87 -17.01 -2.46
CA ASP C 284 10.55 -18.10 -3.36
C ASP C 284 9.72 -19.17 -2.65
N LEU C 285 8.96 -18.82 -1.59
CA LEU C 285 8.43 -19.84 -0.67
C LEU C 285 7.25 -20.59 -1.26
N GLN C 286 6.17 -19.85 -1.52
CA GLN C 286 4.92 -20.49 -1.92
C GLN C 286 4.95 -21.06 -3.33
N LYS C 287 6.12 -21.04 -3.96
CA LYS C 287 6.39 -21.92 -5.06
C LYS C 287 6.87 -23.27 -4.50
N GLU C 288 8.08 -23.35 -3.92
CA GLU C 288 8.68 -24.69 -3.53
C GLU C 288 8.15 -25.26 -2.18
N LEU C 289 6.96 -24.78 -1.79
CA LEU C 289 6.05 -25.55 -0.92
C LEU C 289 5.15 -26.52 -1.67
N PHE C 290 5.37 -26.67 -2.97
CA PHE C 290 4.49 -27.48 -3.81
C PHE C 290 5.19 -28.00 -5.09
N THR C 291 6.12 -27.21 -5.62
CA THR C 291 6.95 -27.60 -6.76
C THR C 291 8.36 -28.06 -6.27
N ASP C 292 9.15 -28.64 -7.20
CA ASP C 292 10.61 -28.88 -7.01
C ASP C 292 11.44 -28.10 -8.04
N SER C 293 10.76 -27.23 -8.81
CA SER C 293 11.41 -26.32 -9.76
C SER C 293 11.65 -24.94 -9.12
N GLY C 294 11.08 -24.69 -7.94
CA GLY C 294 11.43 -23.53 -7.15
C GLY C 294 12.92 -23.56 -6.89
N ALA C 295 13.62 -22.43 -7.08
CA ALA C 295 15.00 -22.28 -6.60
C ALA C 295 15.00 -22.42 -5.08
N GLY C 296 16.16 -22.71 -4.52
CA GLY C 296 16.24 -23.17 -3.15
C GLY C 296 16.47 -24.66 -3.27
N THR C 297 16.93 -25.27 -2.18
CA THR C 297 17.33 -26.68 -2.14
C THR C 297 16.30 -27.55 -1.44
N MET C 298 15.97 -28.69 -2.02
CA MET C 298 14.94 -29.56 -1.50
C MET C 298 15.48 -30.95 -1.25
N ILE C 299 15.41 -31.43 -0.02
CA ILE C 299 16.10 -32.68 0.36
C ILE C 299 15.11 -33.75 0.77
N ARG C 300 15.34 -35.01 0.36
CA ARG C 300 14.55 -36.14 0.89
C ARG C 300 15.20 -37.49 0.68
N ARG C 301 14.63 -38.51 1.33
CA ARG C 301 15.26 -39.83 1.34
C ARG C 301 15.24 -40.43 -0.04
N GLY C 302 14.07 -40.61 -0.62
CA GLY C 302 14.00 -41.06 -2.02
C GLY C 302 14.50 -42.50 -2.18
N TYR C 303 14.61 -43.09 -3.35
CA TYR C 303 14.73 -44.55 -3.28
C TYR C 303 16.09 -45.06 -3.75
N LYS C 304 16.70 -46.00 -3.02
CA LYS C 304 17.94 -46.63 -3.44
C LYS C 304 17.47 -47.51 -4.53
N LEU C 305 17.95 -47.20 -5.72
CA LEU C 305 17.83 -48.09 -6.85
C LEU C 305 18.87 -49.20 -6.71
N VAL C 306 18.48 -50.43 -7.05
CA VAL C 306 19.38 -51.58 -6.93
C VAL C 306 19.59 -52.19 -8.29
N LYS C 307 20.84 -52.22 -8.70
CA LYS C 307 21.23 -52.68 -10.02
C LYS C 307 21.29 -54.21 -9.98
N ARG C 308 20.64 -54.89 -10.93
CA ARG C 308 20.56 -56.37 -10.95
C ARG C 308 20.85 -56.95 -12.33
N SER C 309 21.57 -58.06 -12.36
CA SER C 309 21.96 -58.65 -13.62
C SER C 309 21.34 -60.03 -13.86
N SER C 310 20.30 -60.40 -13.12
CA SER C 310 19.83 -61.80 -13.11
C SER C 310 18.48 -61.97 -12.42
N ILE C 311 17.54 -62.66 -13.06
CA ILE C 311 16.22 -62.88 -12.47
C ILE C 311 16.28 -63.38 -11.02
N GLY C 312 17.14 -64.37 -10.79
CA GLY C 312 17.34 -64.96 -9.46
C GLY C 312 18.25 -64.14 -8.57
N GLU C 313 18.39 -62.86 -8.89
CA GLU C 313 19.01 -61.92 -8.01
C GLU C 313 17.87 -61.30 -7.18
N PHE C 314 16.86 -60.71 -7.84
CA PHE C 314 15.74 -60.03 -7.16
C PHE C 314 15.27 -60.79 -5.94
N PRO C 315 15.27 -60.16 -4.73
CA PRO C 315 14.82 -60.90 -3.53
C PRO C 315 13.40 -61.43 -3.72
N SER C 316 12.62 -60.66 -4.47
CA SER C 316 11.28 -61.03 -4.91
C SER C 316 11.29 -61.86 -6.20
N ALA C 317 11.19 -63.18 -6.07
CA ALA C 317 10.99 -63.99 -7.27
C ALA C 317 9.68 -63.53 -7.91
N ASP C 318 8.67 -63.28 -7.06
CA ASP C 318 7.30 -63.13 -7.49
C ASP C 318 6.97 -61.70 -7.79
N ALA C 319 7.19 -60.82 -6.82
CA ALA C 319 6.81 -59.41 -6.94
C ALA C 319 7.43 -58.67 -8.15
N LEU C 320 8.48 -59.23 -8.77
CA LEU C 320 8.96 -58.73 -10.06
C LEU C 320 7.86 -58.93 -11.10
N ARG C 321 7.23 -60.11 -11.09
CA ARG C 321 6.07 -60.35 -11.94
C ARG C 321 4.96 -59.39 -11.58
N LYS C 322 4.62 -59.30 -10.29
CA LYS C 322 3.57 -58.38 -9.87
C LYS C 322 3.80 -56.95 -10.37
N ALA C 323 5.07 -56.54 -10.48
CA ALA C 323 5.39 -55.18 -10.97
C ALA C 323 5.20 -55.06 -12.46
N LEU C 324 5.73 -56.02 -13.23
CA LEU C 324 5.66 -55.93 -14.68
C LEU C 324 4.26 -56.07 -15.24
N GLN C 325 3.36 -56.67 -14.46
CA GLN C 325 1.96 -56.79 -14.84
C GLN C 325 1.28 -55.43 -14.98
N ARG C 326 1.85 -54.40 -14.34
CA ARG C 326 1.29 -53.02 -14.38
C ARG C 326 1.28 -52.45 -15.81
N ASP C 327 2.37 -52.74 -16.54
CA ASP C 327 2.58 -52.41 -17.98
C ASP C 327 1.32 -52.69 -18.83
N ALA C 328 0.94 -51.75 -19.70
CA ALA C 328 -0.23 -51.88 -20.57
C ALA C 328 0.07 -52.53 -21.95
N GLY C 329 1.16 -53.29 -22.04
CA GLY C 329 1.44 -54.23 -23.16
C GLY C 329 1.52 -55.70 -22.72
N ILE C 330 1.63 -55.94 -21.41
CA ILE C 330 1.50 -57.27 -20.78
C ILE C 330 0.13 -57.43 -20.10
N SER C 331 -0.48 -56.32 -19.67
CA SER C 331 -1.84 -56.32 -19.13
C SER C 331 -2.89 -56.41 -20.24
N SER C 332 -2.63 -55.74 -21.37
CA SER C 332 -3.31 -56.06 -22.64
C SER C 332 -2.40 -57.08 -23.32
N GLY C 333 -2.81 -58.35 -23.28
CA GLY C 333 -1.91 -59.49 -23.48
C GLY C 333 -1.39 -59.72 -24.90
N LYS C 334 -0.24 -59.11 -25.20
CA LYS C 334 0.58 -59.52 -26.34
C LYS C 334 1.45 -60.65 -25.82
N GLU C 335 2.39 -60.33 -24.92
CA GLU C 335 3.12 -61.39 -24.21
C GLU C 335 2.84 -61.34 -22.72
N SER C 336 2.58 -62.51 -22.14
CA SER C 336 2.45 -62.62 -20.72
C SER C 336 3.81 -62.41 -20.13
N VAL C 337 3.82 -62.21 -18.83
CA VAL C 337 5.06 -62.05 -18.09
C VAL C 337 5.89 -63.34 -18.13
N ALA C 338 5.23 -64.48 -17.88
CA ALA C 338 5.91 -65.76 -17.92
C ALA C 338 6.78 -65.86 -19.17
N SER C 339 6.16 -65.74 -20.33
CA SER C 339 6.86 -65.84 -21.61
C SER C 339 7.96 -64.79 -21.74
N TYR C 340 7.79 -63.65 -21.09
CA TYR C 340 8.82 -62.61 -21.11
C TYR C 340 9.96 -62.89 -20.14
N LEU C 341 9.65 -63.40 -18.95
CA LEU C 341 10.70 -63.69 -17.97
C LEU C 341 11.65 -64.79 -18.47
N ARG C 342 11.11 -65.78 -19.19
CA ARG C 342 11.94 -66.81 -19.80
C ARG C 342 12.97 -66.10 -20.71
N TYR C 343 12.49 -65.23 -21.62
CA TYR C 343 13.37 -64.46 -22.53
C TYR C 343 14.43 -63.66 -21.78
N LEU C 344 14.04 -63.02 -20.68
CA LEU C 344 14.95 -62.19 -19.91
C LEU C 344 16.11 -63.06 -19.42
N GLU C 345 15.78 -64.07 -18.60
CA GLU C 345 16.77 -64.93 -17.96
C GLU C 345 17.83 -65.48 -18.92
N ASN C 346 17.46 -65.65 -20.19
CA ASN C 346 18.41 -66.08 -21.23
C ASN C 346 19.03 -64.92 -22.00
N SER C 347 19.23 -63.78 -21.35
CA SER C 347 19.76 -62.59 -22.02
C SER C 347 20.55 -61.72 -21.03
N ASP C 348 21.68 -61.14 -21.45
CA ASP C 348 22.43 -60.24 -20.56
C ASP C 348 21.75 -58.89 -20.55
N PHE C 349 21.33 -58.53 -19.36
CA PHE C 349 20.53 -57.37 -19.17
C PHE C 349 20.97 -56.74 -17.88
N VAL C 350 20.79 -55.43 -17.80
CA VAL C 350 20.97 -54.73 -16.56
C VAL C 350 19.54 -54.30 -16.19
N SER C 351 19.21 -54.37 -14.90
CA SER C 351 17.91 -53.91 -14.42
C SER C 351 18.09 -53.08 -13.18
N TYR C 352 17.66 -51.83 -13.27
CA TYR C 352 17.56 -50.99 -12.09
C TYR C 352 16.13 -51.08 -11.59
N ALA C 353 15.98 -51.17 -10.28
CA ALA C 353 14.67 -51.16 -9.66
C ALA C 353 14.86 -50.67 -8.26
N ASP C 354 13.93 -49.86 -7.76
CA ASP C 354 13.98 -49.46 -6.36
C ASP C 354 13.61 -50.64 -5.47
N GLU C 355 13.72 -50.45 -4.16
CA GLU C 355 13.53 -51.54 -3.21
C GLU C 355 12.11 -52.12 -3.32
N PRO C 356 11.07 -51.25 -3.30
CA PRO C 356 9.70 -51.76 -3.33
C PRO C 356 9.13 -51.97 -4.75
N LEU C 357 10.00 -52.11 -5.75
CA LEU C 357 9.60 -52.37 -7.15
C LEU C 357 8.47 -51.44 -7.68
N GLU C 358 8.50 -50.19 -7.24
CA GLU C 358 7.56 -49.17 -7.71
C GLU C 358 7.92 -48.73 -9.13
N ALA C 359 9.21 -48.82 -9.46
CA ALA C 359 9.72 -48.54 -10.80
C ALA C 359 10.82 -49.55 -11.18
N VAL C 360 10.57 -50.36 -12.19
CA VAL C 360 11.56 -51.26 -12.75
C VAL C 360 11.95 -50.75 -14.13
N ALA C 361 13.24 -50.77 -14.42
CA ALA C 361 13.76 -50.51 -15.77
C ALA C 361 14.63 -51.71 -16.16
N ILE C 362 14.41 -52.26 -17.35
CA ILE C 362 15.22 -53.38 -17.83
C ILE C 362 15.88 -52.95 -19.14
N VAL C 363 17.20 -53.02 -19.20
CA VAL C 363 17.94 -52.63 -20.42
C VAL C 363 18.58 -53.88 -21.02
N LYS C 364 18.10 -54.30 -22.19
CA LYS C 364 18.70 -55.43 -22.92
C LYS C 364 19.94 -54.88 -23.59
N LYS C 365 21.08 -55.48 -23.28
CA LYS C 365 22.37 -54.90 -23.61
C LYS C 365 22.85 -55.37 -24.98
N ASP C 366 22.08 -56.29 -25.57
CA ASP C 366 22.58 -57.17 -26.66
C ASP C 366 22.76 -56.51 -28.03
N THR C 367 21.97 -55.50 -28.35
CA THR C 367 22.16 -54.75 -29.58
C THR C 367 22.86 -53.44 -29.25
N ASN C 368 23.96 -53.18 -29.95
CA ASN C 368 24.50 -51.83 -30.09
C ASN C 368 23.35 -50.84 -30.18
N VAL C 369 23.46 -49.74 -29.42
CA VAL C 369 22.30 -49.00 -28.88
C VAL C 369 21.45 -50.00 -28.08
N PRO C 370 21.87 -50.25 -26.84
CA PRO C 370 21.09 -51.10 -25.96
C PRO C 370 19.67 -50.60 -25.92
N THR C 371 18.72 -51.52 -25.81
CA THR C 371 17.30 -51.17 -25.65
C THR C 371 16.94 -51.07 -24.16
N LEU C 372 16.11 -50.10 -23.83
CA LEU C 372 15.39 -50.07 -22.56
C LEU C 372 14.10 -50.79 -22.89
N ASP C 373 14.06 -52.05 -22.50
CA ASP C 373 13.08 -52.97 -23.01
C ASP C 373 11.81 -52.86 -22.24
N LYS C 374 11.93 -52.70 -20.93
CA LYS C 374 10.77 -52.40 -20.09
C LYS C 374 11.14 -51.24 -19.14
N PHE C 375 10.17 -50.36 -18.89
CA PHE C 375 10.33 -49.25 -17.97
C PHE C 375 8.99 -49.13 -17.28
N VAL C 376 8.73 -50.03 -16.35
CA VAL C 376 7.42 -50.11 -15.71
C VAL C 376 7.35 -49.28 -14.44
N CYS C 377 6.70 -48.13 -14.56
CA CYS C 377 6.73 -47.14 -13.51
C CYS C 377 5.35 -46.77 -13.02
N SER C 378 5.22 -46.82 -11.71
CA SER C 378 3.97 -46.57 -11.04
C SER C 378 3.57 -45.11 -11.07
N ASP C 379 2.27 -44.88 -11.18
CA ASP C 379 1.70 -43.57 -10.96
C ASP C 379 2.35 -42.80 -9.79
N ALA C 380 2.64 -43.50 -8.70
CA ALA C 380 3.30 -42.92 -7.52
C ALA C 380 4.76 -42.63 -7.80
N ALA C 381 5.38 -43.50 -8.56
CA ALA C 381 6.77 -43.32 -8.97
C ALA C 381 6.98 -42.13 -9.86
N TRP C 382 5.93 -41.71 -10.55
CA TRP C 382 6.05 -40.60 -11.49
C TRP C 382 5.94 -39.31 -10.78
N LEU C 383 4.97 -39.20 -9.88
CA LEU C 383 4.79 -37.98 -9.13
C LEU C 383 5.90 -37.81 -8.09
N ASN C 384 6.63 -38.89 -7.78
CA ASN C 384 7.80 -38.84 -6.90
C ASN C 384 9.14 -38.68 -7.59
N ASN C 385 9.11 -38.36 -8.88
CA ASN C 385 10.28 -38.42 -9.75
C ASN C 385 11.34 -39.48 -9.40
N VAL C 386 10.88 -40.68 -9.06
CA VAL C 386 11.73 -41.84 -9.06
C VAL C 386 12.18 -42.07 -10.49
N THR C 387 11.22 -41.96 -11.41
CA THR C 387 11.49 -42.07 -12.84
C THR C 387 12.67 -41.18 -13.20
N ASP C 388 12.57 -39.87 -12.94
CA ASP C 388 13.66 -38.92 -13.23
C ASP C 388 15.01 -39.49 -12.85
N ASN C 389 15.06 -40.10 -11.66
CA ASN C 389 16.29 -40.57 -11.09
C ASN C 389 16.78 -41.86 -11.75
N VAL C 390 15.86 -42.76 -12.03
CA VAL C 390 16.17 -43.98 -12.78
C VAL C 390 16.83 -43.67 -14.13
N PHE C 391 16.39 -42.60 -14.78
CA PHE C 391 16.94 -42.21 -16.07
C PHE C 391 18.32 -41.58 -15.91
N ASN C 392 18.53 -40.89 -14.80
CA ASN C 392 19.83 -40.35 -14.50
C ASN C 392 20.87 -41.42 -14.20
N VAL C 393 20.43 -42.56 -13.68
CA VAL C 393 21.34 -43.68 -13.52
C VAL C 393 21.67 -44.19 -14.94
N LEU C 394 20.65 -44.71 -15.61
CA LEU C 394 20.72 -45.07 -17.02
C LEU C 394 21.66 -44.18 -17.81
N ARG C 395 21.62 -42.88 -17.57
CA ARG C 395 22.48 -41.99 -18.31
C ARG C 395 23.95 -42.35 -18.19
N ARG C 396 24.51 -42.29 -16.98
CA ARG C 396 25.96 -42.51 -16.81
C ARG C 396 26.34 -43.97 -17.07
N ASP C 397 25.43 -44.90 -16.75
CA ASP C 397 25.67 -46.32 -17.01
C ASP C 397 25.56 -46.72 -18.50
N PHE C 398 24.72 -46.02 -19.28
CA PHE C 398 24.57 -46.31 -20.71
C PHE C 398 24.70 -45.06 -21.55
N PRO C 399 25.94 -44.65 -21.85
CA PRO C 399 26.05 -43.37 -22.52
C PRO C 399 25.30 -43.30 -23.86
N ALA C 400 24.90 -44.42 -24.44
CA ALA C 400 24.01 -44.37 -25.60
C ALA C 400 22.92 -45.42 -25.48
N LEU C 401 21.68 -45.04 -25.83
CA LEU C 401 20.50 -45.82 -25.46
C LEU C 401 19.31 -45.55 -26.38
N GLN C 402 18.46 -46.57 -26.59
CA GLN C 402 17.20 -46.43 -27.36
C GLN C 402 15.99 -47.00 -26.61
N TRP C 403 14.80 -46.45 -26.87
CA TRP C 403 13.59 -47.03 -26.31
C TRP C 403 12.35 -46.65 -27.06
N VAL C 404 11.26 -47.39 -26.79
CA VAL C 404 9.97 -47.16 -27.47
C VAL C 404 8.87 -46.74 -26.45
N VAL C 405 8.05 -45.74 -26.83
CA VAL C 405 6.90 -45.27 -26.01
C VAL C 405 5.62 -45.19 -26.87
N SER C 406 4.46 -45.42 -26.28
CA SER C 406 3.21 -45.27 -27.02
C SER C 406 3.02 -43.84 -27.41
N GLU C 407 2.43 -43.60 -28.58
CA GLU C 407 2.27 -42.22 -29.05
C GLU C 407 1.51 -41.35 -28.05
N ASN C 408 0.76 -41.99 -27.16
CA ASN C 408 -0.09 -41.23 -26.27
C ASN C 408 0.13 -41.64 -24.84
N ASP C 409 1.32 -42.17 -24.56
CA ASP C 409 1.70 -42.35 -23.18
C ASP C 409 1.51 -41.00 -22.49
N ALA C 410 0.82 -41.04 -21.36
CA ALA C 410 0.56 -39.85 -20.57
C ALA C 410 1.73 -38.91 -20.66
N ASN C 411 2.89 -39.36 -20.22
CA ASN C 411 4.04 -38.47 -20.19
C ASN C 411 4.99 -38.82 -21.32
N ILE C 412 4.53 -38.63 -22.53
CA ILE C 412 5.43 -38.74 -23.67
C ILE C 412 6.34 -37.52 -23.69
N ALA C 413 5.76 -36.37 -23.39
CA ALA C 413 6.52 -35.13 -23.36
C ALA C 413 7.85 -35.41 -22.66
N TRP C 414 7.78 -36.16 -21.59
CA TRP C 414 8.91 -36.36 -20.75
C TRP C 414 9.94 -37.16 -21.47
N HIS C 415 9.52 -38.13 -22.27
CA HIS C 415 10.50 -38.96 -22.98
C HIS C 415 11.17 -38.18 -24.04
N PHE C 416 10.40 -37.28 -24.66
CA PHE C 416 10.97 -36.46 -25.69
C PHE C 416 12.10 -35.70 -25.08
N ASP C 417 11.83 -35.11 -23.92
CA ASP C 417 12.84 -34.29 -23.22
C ASP C 417 14.11 -35.07 -22.84
N LYS C 418 13.95 -36.34 -22.46
CA LYS C 418 15.12 -37.11 -22.07
C LYS C 418 15.85 -37.66 -23.32
N SER C 419 15.41 -37.31 -24.54
CA SER C 419 16.00 -37.87 -25.76
C SER C 419 16.85 -36.86 -26.51
N GLN C 420 17.56 -37.40 -27.51
CA GLN C 420 18.20 -36.60 -28.53
C GLN C 420 17.49 -36.75 -29.88
N GLY C 421 16.98 -37.93 -30.16
CA GLY C 421 16.20 -38.13 -31.38
C GLY C 421 14.94 -38.97 -31.23
N SER C 422 13.97 -38.71 -32.11
CA SER C 422 12.69 -39.39 -32.10
C SER C 422 12.18 -39.74 -33.49
N TYR C 423 11.52 -40.90 -33.63
CA TYR C 423 10.82 -41.28 -34.88
C TYR C 423 9.47 -41.85 -34.54
N LEU C 424 8.49 -41.59 -35.41
CA LEU C 424 7.17 -42.09 -35.15
C LEU C 424 6.69 -42.89 -36.33
N LYS C 425 6.58 -44.24 -36.17
CA LYS C 425 5.75 -45.10 -37.05
C LYS C 425 4.41 -45.27 -36.35
N GLY C 426 3.38 -45.67 -37.11
CA GLY C 426 2.06 -45.93 -36.54
C GLY C 426 2.09 -46.36 -35.06
N GLY C 427 1.45 -45.58 -34.20
CA GLY C 427 1.26 -45.96 -32.81
C GLY C 427 2.45 -45.69 -31.95
N LYS C 428 3.61 -46.21 -32.31
CA LYS C 428 4.76 -46.18 -31.41
C LYS C 428 5.81 -45.13 -31.78
N VAL C 429 6.41 -44.52 -30.75
CA VAL C 429 7.52 -43.57 -30.94
C VAL C 429 8.84 -44.16 -30.50
N LEU C 430 9.84 -44.05 -31.36
CA LEU C 430 11.17 -44.52 -31.07
C LEU C 430 11.96 -43.33 -30.54
N PHE C 431 12.69 -43.58 -29.46
CA PHE C 431 13.58 -42.59 -28.84
C PHE C 431 14.99 -43.12 -28.67
N TRP C 432 15.95 -42.21 -28.73
CA TRP C 432 17.30 -42.53 -28.36
C TRP C 432 18.06 -41.33 -27.95
N TYR C 433 19.24 -41.62 -27.43
CA TYR C 433 20.19 -40.60 -27.04
C TYR C 433 21.62 -41.10 -27.18
N GLY C 434 22.55 -40.15 -27.23
CA GLY C 434 23.96 -40.45 -27.22
C GLY C 434 24.53 -40.90 -28.54
N ILE C 435 23.72 -40.97 -29.59
CA ILE C 435 24.21 -41.52 -30.85
C ILE C 435 24.01 -40.55 -32.00
N ASP C 436 24.97 -40.58 -32.91
CA ASP C 436 24.99 -39.61 -33.99
C ASP C 436 25.86 -40.03 -35.21
N ASP C 437 26.13 -41.32 -35.36
CA ASP C 437 26.57 -41.81 -36.67
C ASP C 437 25.32 -41.77 -37.50
N ILE C 438 25.24 -40.78 -38.38
CA ILE C 438 24.11 -40.71 -39.27
C ILE C 438 23.69 -42.13 -39.72
N ASN C 439 24.67 -42.96 -40.12
CA ASN C 439 24.36 -44.33 -40.55
C ASN C 439 23.94 -45.32 -39.43
N THR C 440 24.38 -45.14 -38.17
CA THR C 440 23.88 -45.99 -37.08
C THR C 440 22.49 -45.55 -36.66
N ILE C 441 22.16 -44.28 -36.94
CA ILE C 441 20.79 -43.75 -36.72
C ILE C 441 19.86 -44.42 -37.70
N SER C 442 20.22 -44.37 -38.96
CA SER C 442 19.41 -45.01 -39.96
C SER C 442 19.18 -46.49 -39.61
N GLU C 443 20.19 -47.14 -39.04
CA GLU C 443 20.03 -48.54 -38.64
C GLU C 443 18.95 -48.63 -37.57
N LEU C 444 18.90 -47.68 -36.64
CA LEU C 444 17.86 -47.72 -35.61
C LEU C 444 16.51 -47.64 -36.25
N VAL C 445 16.36 -46.63 -37.07
CA VAL C 445 15.08 -46.27 -37.61
C VAL C 445 14.54 -47.43 -38.48
N GLU C 446 15.41 -48.16 -39.17
CA GLU C 446 14.98 -49.31 -39.98
C GLU C 446 14.51 -50.47 -39.11
N ASN C 447 15.39 -50.92 -38.23
CA ASN C 447 15.06 -51.98 -37.29
C ASN C 447 13.74 -51.70 -36.59
N PHE C 448 13.50 -50.44 -36.29
CA PHE C 448 12.24 -50.06 -35.71
C PHE C 448 11.09 -50.15 -36.70
N VAL C 449 11.20 -49.53 -37.86
CA VAL C 449 10.06 -49.56 -38.78
C VAL C 449 9.80 -51.00 -39.25
N LYS C 450 10.87 -51.78 -39.37
CA LYS C 450 10.76 -53.20 -39.76
C LYS C 450 10.22 -54.04 -38.60
N SER C 451 10.21 -53.48 -37.38
CA SER C 451 9.67 -54.17 -36.20
C SER C 451 8.17 -54.46 -36.32
N CYS C 452 7.48 -53.80 -37.25
CA CYS C 452 6.09 -54.18 -37.61
C CYS C 452 5.94 -55.61 -38.22
N ASP C 453 5.84 -56.60 -37.34
CA ASP C 453 5.67 -57.96 -37.71
C ASP C 453 4.20 -58.30 -37.46
N THR D 18 -26.99 -11.16 16.42
CA THR D 18 -28.41 -11.18 15.97
C THR D 18 -29.26 -10.59 17.08
N ARG D 19 -30.52 -11.02 17.11
CA ARG D 19 -31.48 -10.81 18.19
C ARG D 19 -31.13 -11.62 19.42
N SER D 20 -30.56 -12.79 19.19
CA SER D 20 -30.14 -13.69 20.26
C SER D 20 -29.49 -12.91 21.38
N THR D 21 -28.64 -11.97 21.00
CA THR D 21 -28.00 -11.10 21.97
C THR D 21 -28.98 -10.05 22.53
N VAL D 22 -29.74 -9.39 21.66
CA VAL D 22 -30.73 -8.42 22.11
C VAL D 22 -31.77 -9.02 23.09
N ILE D 23 -32.22 -10.26 22.87
CA ILE D 23 -33.16 -10.88 23.80
C ILE D 23 -32.51 -10.99 25.16
N GLN D 24 -31.33 -11.58 25.22
CA GLN D 24 -30.66 -11.84 26.50
C GLN D 24 -30.24 -10.59 27.28
N LEU D 25 -30.10 -9.47 26.57
CA LEU D 25 -29.86 -8.21 27.24
C LEU D 25 -31.17 -7.71 27.88
N LEU D 26 -32.23 -7.69 27.09
CA LEU D 26 -33.52 -7.23 27.60
C LEU D 26 -34.05 -8.14 28.71
N ASN D 27 -33.90 -9.45 28.57
CA ASN D 27 -34.31 -10.36 29.62
C ASN D 27 -33.65 -10.07 30.96
N ASN D 28 -32.50 -9.38 30.93
CA ASN D 28 -31.80 -9.00 32.18
C ASN D 28 -31.96 -7.54 32.58
N ILE D 29 -32.93 -6.85 31.97
CA ILE D 29 -33.27 -5.49 32.35
C ILE D 29 -34.64 -5.47 32.99
N SER D 30 -34.67 -4.95 34.21
CA SER D 30 -35.84 -4.99 35.05
C SER D 30 -36.50 -3.64 35.08
N THR D 31 -35.75 -2.61 35.50
CA THR D 31 -36.29 -1.24 35.68
C THR D 31 -35.53 -0.21 34.84
N LYS D 32 -36.03 1.03 34.83
CA LYS D 32 -35.42 2.19 34.16
C LYS D 32 -33.99 2.45 34.59
N ARG D 33 -33.73 2.35 35.89
CA ARG D 33 -32.44 2.64 36.41
C ARG D 33 -31.42 1.71 35.78
N GLU D 34 -31.77 0.43 35.59
CA GLU D 34 -30.89 -0.54 34.88
C GLU D 34 -30.59 -0.16 33.43
N VAL D 35 -31.58 0.30 32.68
CA VAL D 35 -31.35 0.77 31.32
C VAL D 35 -30.24 1.84 31.26
N GLU D 36 -30.40 2.86 32.09
CA GLU D 36 -29.41 3.90 32.25
C GLU D 36 -28.04 3.36 32.58
N GLN D 37 -28.00 2.37 33.46
CA GLN D 37 -26.73 1.78 33.86
C GLN D 37 -26.09 1.17 32.59
N TYR D 38 -26.81 0.28 31.90
CA TYR D 38 -26.23 -0.47 30.79
C TYR D 38 -25.64 0.50 29.78
N LEU D 39 -26.38 1.57 29.47
CA LEU D 39 -25.86 2.60 28.58
C LEU D 39 -24.53 3.21 29.01
N LYS D 40 -24.43 3.59 30.28
CA LYS D 40 -23.17 4.08 30.87
C LYS D 40 -21.94 3.21 30.43
N TYR D 41 -22.07 1.87 30.45
CA TYR D 41 -20.94 0.96 30.14
C TYR D 41 -20.64 0.92 28.64
N PHE D 42 -21.70 0.96 27.83
CA PHE D 42 -21.59 0.93 26.37
C PHE D 42 -21.18 2.28 25.82
N THR D 43 -21.84 3.34 26.27
CA THR D 43 -21.52 4.70 25.81
C THR D 43 -20.18 5.21 26.35
N SER D 44 -19.62 4.52 27.35
CA SER D 44 -18.22 4.70 27.77
C SER D 44 -17.25 4.40 26.60
N VAL D 45 -16.52 5.44 26.10
CA VAL D 45 -15.51 5.28 25.00
C VAL D 45 -14.29 4.63 25.60
N SER D 46 -14.42 3.32 25.75
CA SER D 46 -13.69 2.57 26.77
C SER D 46 -12.33 2.07 26.30
N GLN D 47 -11.43 3.02 26.07
CA GLN D 47 -10.00 2.79 26.18
C GLN D 47 -9.68 2.52 27.68
N GLN D 48 -10.57 2.99 28.58
CA GLN D 48 -10.61 2.48 29.95
C GLN D 48 -11.42 1.20 29.91
N GLN D 49 -10.70 0.09 30.05
CA GLN D 49 -11.21 -1.27 29.88
C GLN D 49 -12.43 -1.68 30.67
N PHE D 50 -13.17 -2.59 30.07
CA PHE D 50 -14.44 -3.05 30.62
C PHE D 50 -14.38 -3.70 31.98
N ALA D 51 -13.66 -4.81 32.08
CA ALA D 51 -13.69 -5.56 33.31
C ALA D 51 -12.50 -6.45 33.39
N VAL D 52 -12.10 -6.75 34.63
CA VAL D 52 -11.21 -7.82 34.91
C VAL D 52 -12.06 -8.80 35.68
N ILE D 53 -12.18 -10.03 35.20
CA ILE D 53 -12.97 -11.06 35.87
C ILE D 53 -12.05 -12.18 36.38
N LYS D 54 -11.87 -12.29 37.70
CA LYS D 54 -11.05 -13.38 38.27
C LYS D 54 -11.94 -14.61 38.38
N VAL D 55 -11.55 -15.71 37.73
CA VAL D 55 -12.31 -16.97 37.75
C VAL D 55 -11.57 -18.00 38.57
N GLY D 56 -12.23 -18.52 39.60
CA GLY D 56 -11.69 -19.64 40.41
C GLY D 56 -11.54 -20.91 39.59
N GLY D 57 -10.57 -21.74 39.97
CA GLY D 57 -10.24 -22.95 39.21
C GLY D 57 -11.39 -23.92 39.31
N ALA D 58 -12.04 -23.90 40.48
CA ALA D 58 -13.28 -24.66 40.73
C ALA D 58 -14.33 -24.54 39.62
N ILE D 59 -14.40 -23.36 38.98
CA ILE D 59 -15.47 -23.04 38.05
C ILE D 59 -15.18 -23.62 36.70
N ILE D 60 -13.93 -23.55 36.25
CA ILE D 60 -13.55 -24.10 34.96
C ILE D 60 -13.74 -25.60 34.99
N SER D 61 -13.20 -26.26 36.01
CA SER D 61 -13.35 -27.72 36.09
C SER D 61 -14.83 -28.18 36.22
N ASP D 62 -15.71 -27.41 36.86
CA ASP D 62 -17.10 -27.85 37.15
C ASP D 62 -18.22 -27.14 36.41
N ASN D 63 -18.20 -25.83 36.44
CA ASN D 63 -19.36 -25.08 36.03
C ASN D 63 -19.08 -24.29 34.73
N LEU D 64 -18.33 -24.93 33.81
CA LEU D 64 -17.71 -24.27 32.64
C LEU D 64 -18.73 -23.71 31.68
N HIS D 65 -19.72 -24.52 31.33
CA HIS D 65 -20.67 -24.11 30.31
C HIS D 65 -21.22 -22.76 30.64
N GLU D 66 -21.71 -22.59 31.88
CA GLU D 66 -22.30 -21.32 32.29
C GLU D 66 -21.33 -20.14 32.16
N LEU D 67 -20.05 -20.35 32.52
CA LEU D 67 -19.02 -19.30 32.46
C LEU D 67 -18.79 -18.92 31.00
N ALA D 68 -18.61 -19.92 30.12
CA ALA D 68 -18.38 -19.65 28.71
C ALA D 68 -19.57 -18.96 28.09
N SER D 69 -20.75 -19.53 28.29
CA SER D 69 -21.99 -18.98 27.71
C SER D 69 -22.09 -17.49 28.03
N CYS D 70 -21.67 -17.16 29.24
CA CYS D 70 -21.79 -15.81 29.70
C CYS D 70 -20.69 -14.89 29.18
N LEU D 71 -19.46 -15.36 29.16
CA LEU D 71 -18.40 -14.57 28.54
C LEU D 71 -18.70 -14.38 27.05
N ALA D 72 -19.29 -15.39 26.41
CA ALA D 72 -19.68 -15.33 25.01
C ALA D 72 -20.63 -14.16 24.74
N PHE D 73 -21.62 -14.03 25.61
CA PHE D 73 -22.49 -12.86 25.59
C PHE D 73 -21.63 -11.56 25.59
N LEU D 74 -20.81 -11.33 26.60
CA LEU D 74 -20.10 -10.05 26.69
C LEU D 74 -19.35 -9.83 25.39
N TYR D 75 -18.68 -10.86 24.93
CA TYR D 75 -17.96 -10.82 23.65
C TYR D 75 -18.84 -10.43 22.48
N HIS D 76 -20.05 -10.98 22.43
CA HIS D 76 -20.98 -10.74 21.34
C HIS D 76 -21.54 -9.32 21.36
N VAL D 77 -21.82 -8.81 22.55
CA VAL D 77 -22.32 -7.42 22.67
C VAL D 77 -21.14 -6.46 22.55
N GLY D 78 -19.98 -6.95 22.16
CA GLY D 78 -18.84 -6.09 21.97
C GLY D 78 -17.80 -6.11 23.09
N LEU D 79 -18.27 -6.08 24.31
CA LEU D 79 -17.36 -5.93 25.43
C LEU D 79 -16.27 -7.03 25.48
N TYR D 80 -15.05 -6.63 25.86
CA TYR D 80 -13.94 -7.56 26.01
C TYR D 80 -13.45 -7.59 27.47
N PRO D 81 -13.98 -8.56 28.24
CA PRO D 81 -13.45 -8.80 29.58
C PRO D 81 -12.04 -9.35 29.50
N ILE D 82 -11.14 -8.93 30.43
CA ILE D 82 -9.85 -9.58 30.65
C ILE D 82 -10.06 -10.66 31.70
N VAL D 83 -9.97 -11.94 31.34
CA VAL D 83 -10.30 -12.98 32.26
C VAL D 83 -9.05 -13.59 32.83
N LEU D 84 -9.00 -13.72 34.15
CA LEU D 84 -7.81 -14.25 34.80
C LEU D 84 -8.25 -15.37 35.71
N HIS D 85 -7.78 -16.59 35.44
CA HIS D 85 -8.27 -17.80 36.11
C HIS D 85 -7.17 -18.43 36.90
N GLY D 86 -7.59 -19.10 37.97
CA GLY D 86 -6.71 -19.87 38.83
C GLY D 86 -6.89 -21.35 38.57
N THR D 87 -6.52 -22.16 39.55
CA THR D 87 -6.45 -23.59 39.33
C THR D 87 -6.35 -24.35 40.66
N GLY D 88 -7.40 -24.29 41.45
CA GLY D 88 -7.36 -24.74 42.83
C GLY D 88 -7.44 -26.23 43.04
N PRO D 89 -8.68 -26.73 43.20
CA PRO D 89 -8.98 -28.09 43.70
C PRO D 89 -8.36 -29.25 42.87
N GLN D 90 -8.57 -29.18 41.55
CA GLN D 90 -8.00 -30.12 40.59
C GLN D 90 -6.52 -30.35 40.96
N VAL D 91 -5.76 -29.28 41.22
CA VAL D 91 -4.35 -29.41 41.62
C VAL D 91 -4.24 -30.22 42.90
N ASN D 92 -5.05 -29.86 43.88
CA ASN D 92 -4.97 -30.48 45.19
C ASN D 92 -5.34 -31.95 45.17
N GLY D 93 -6.16 -32.35 44.21
CA GLY D 93 -6.48 -33.76 43.99
C GLY D 93 -5.33 -34.52 43.39
N ARG D 94 -4.67 -33.91 42.40
CA ARG D 94 -3.56 -34.54 41.70
C ARG D 94 -2.32 -34.61 42.58
N LEU D 95 -2.16 -33.62 43.47
CA LEU D 95 -1.13 -33.65 44.51
C LEU D 95 -1.45 -34.78 45.50
N GLU D 96 -2.74 -34.99 45.78
CA GLU D 96 -3.14 -36.07 46.70
C GLU D 96 -3.09 -37.44 46.04
N ALA D 97 -3.51 -37.49 44.77
CA ALA D 97 -3.36 -38.67 43.94
C ALA D 97 -1.91 -39.15 43.98
N GLN D 98 -0.99 -38.20 43.82
CA GLN D 98 0.45 -38.48 43.78
C GLN D 98 1.08 -38.69 45.17
N GLY D 99 0.29 -38.52 46.24
CA GLY D 99 0.73 -38.81 47.59
C GLY D 99 1.34 -37.66 48.38
N ILE D 100 1.28 -36.43 47.85
CA ILE D 100 1.79 -35.21 48.52
C ILE D 100 0.65 -34.49 49.24
N GLU D 101 0.70 -34.41 50.57
CA GLU D 101 -0.26 -33.62 51.34
C GLU D 101 0.07 -32.15 51.13
N PRO D 102 -0.86 -31.37 50.53
CA PRO D 102 -0.51 -29.98 50.18
C PRO D 102 -0.13 -29.12 51.39
N ASP D 103 0.57 -28.01 51.13
CA ASP D 103 1.04 -27.07 52.16
C ASP D 103 0.55 -25.65 51.92
N TYR D 104 0.06 -25.03 52.99
CA TYR D 104 -0.30 -23.62 52.98
C TYR D 104 0.31 -23.00 54.20
N ILE D 105 1.30 -22.13 53.99
CA ILE D 105 1.74 -21.26 55.05
C ILE D 105 1.37 -19.83 54.65
N ASP D 106 0.80 -19.11 55.61
CA ASP D 106 0.39 -17.71 55.45
C ASP D 106 -0.61 -17.54 54.29
N GLY D 107 -1.44 -18.56 54.08
CA GLY D 107 -2.45 -18.52 53.05
C GLY D 107 -1.93 -18.69 51.61
N ILE D 108 -0.63 -18.97 51.46
CA ILE D 108 -0.03 -19.23 50.13
C ILE D 108 0.61 -20.62 50.09
N ARG D 109 0.68 -21.19 48.89
CA ARG D 109 1.15 -22.56 48.75
C ARG D 109 2.67 -22.61 48.81
N ILE D 110 3.20 -23.40 49.72
CA ILE D 110 4.59 -23.74 49.64
C ILE D 110 4.71 -24.53 48.34
N THR D 111 5.64 -24.14 47.47
CA THR D 111 5.68 -24.61 46.10
C THR D 111 7.08 -24.99 45.55
N ASP D 112 7.56 -26.19 45.87
CA ASP D 112 8.88 -26.65 45.38
C ASP D 112 8.79 -27.19 43.94
N GLU D 113 9.93 -27.54 43.36
CA GLU D 113 10.00 -28.03 41.96
C GLU D 113 8.93 -29.03 41.62
N HIS D 114 8.78 -30.02 42.49
CA HIS D 114 7.82 -31.10 42.25
C HIS D 114 6.42 -30.62 42.22
N THR D 115 6.09 -29.70 43.12
CA THR D 115 4.75 -29.13 43.17
C THR D 115 4.52 -28.24 41.93
N MET D 116 5.52 -27.44 41.58
CA MET D 116 5.39 -26.46 40.46
C MET D 116 5.12 -27.14 39.14
N ALA D 117 5.83 -28.22 38.87
CA ALA D 117 5.57 -28.99 37.67
C ALA D 117 4.08 -29.34 37.57
N VAL D 118 3.51 -29.87 38.64
CA VAL D 118 2.09 -30.26 38.65
C VAL D 118 1.15 -29.06 38.65
N VAL D 119 1.60 -27.93 39.20
CA VAL D 119 0.81 -26.71 39.17
C VAL D 119 0.79 -26.09 37.79
N ARG D 120 1.91 -26.13 37.09
CA ARG D 120 1.97 -25.52 35.77
C ARG D 120 1.21 -26.35 34.76
N LYS D 121 1.38 -27.66 34.80
CA LYS D 121 0.61 -28.54 33.89
C LYS D 121 -0.90 -28.37 34.08
N CYS D 122 -1.33 -28.12 35.33
CA CYS D 122 -2.75 -27.88 35.60
C CYS D 122 -3.21 -26.58 35.03
N PHE D 123 -2.40 -25.55 35.22
CA PHE D 123 -2.74 -24.24 34.70
C PHE D 123 -2.92 -24.29 33.20
N LEU D 124 -1.99 -24.90 32.47
CA LEU D 124 -2.13 -24.93 31.01
C LEU D 124 -3.37 -25.73 30.63
N GLU D 125 -3.51 -26.93 31.17
CA GLU D 125 -4.70 -27.76 30.98
C GLU D 125 -6.01 -26.98 31.22
N GLN D 126 -6.08 -26.25 32.33
CA GLN D 126 -7.29 -25.48 32.64
C GLN D 126 -7.47 -24.32 31.64
N ASN D 127 -6.39 -23.58 31.40
CA ASN D 127 -6.39 -22.39 30.55
C ASN D 127 -6.90 -22.70 29.20
N LEU D 128 -6.26 -23.65 28.56
CA LEU D 128 -6.72 -24.13 27.26
C LEU D 128 -8.18 -24.66 27.30
N LYS D 129 -8.61 -25.31 28.39
CA LYS D 129 -9.96 -25.84 28.44
C LYS D 129 -11.02 -24.74 28.38
N LEU D 130 -10.73 -23.60 28.98
CA LEU D 130 -11.64 -22.44 28.90
C LEU D 130 -11.58 -21.85 27.51
N VAL D 131 -10.40 -21.76 26.96
CA VAL D 131 -10.21 -21.17 25.68
C VAL D 131 -10.91 -22.01 24.58
N THR D 132 -10.68 -23.32 24.57
CA THR D 132 -11.29 -24.19 23.57
C THR D 132 -12.81 -24.23 23.79
N ALA D 133 -13.26 -23.93 25.01
CA ALA D 133 -14.69 -23.86 25.29
C ALA D 133 -15.33 -22.62 24.68
N LEU D 134 -14.78 -21.45 25.00
CA LEU D 134 -15.23 -20.17 24.43
C LEU D 134 -15.15 -20.25 22.94
N GLU D 135 -14.14 -20.90 22.45
CA GLU D 135 -13.96 -20.97 21.01
C GLU D 135 -15.04 -21.78 20.37
N GLN D 136 -15.48 -22.83 21.04
CA GLN D 136 -16.61 -23.60 20.53
C GLN D 136 -17.94 -22.86 20.53
N LEU D 137 -18.10 -21.86 21.40
CA LEU D 137 -19.28 -20.97 21.34
C LEU D 137 -19.01 -19.72 20.44
N GLY D 138 -18.03 -19.81 19.53
CA GLY D 138 -17.80 -18.77 18.53
C GLY D 138 -17.12 -17.53 19.04
N VAL D 139 -16.46 -17.62 20.17
CA VAL D 139 -15.75 -16.50 20.72
C VAL D 139 -14.29 -16.73 20.44
N ARG D 140 -13.58 -15.68 20.07
CA ARG D 140 -12.17 -15.75 19.83
C ARG D 140 -11.44 -15.63 21.13
N ALA D 141 -10.80 -16.70 21.53
CA ALA D 141 -9.95 -16.60 22.71
C ALA D 141 -8.48 -16.66 22.35
N ARG D 142 -7.71 -16.12 23.27
CA ARG D 142 -6.28 -16.07 23.13
C ARG D 142 -5.69 -16.54 24.46
N PRO D 143 -5.13 -17.77 24.48
CA PRO D 143 -4.47 -18.15 25.72
C PRO D 143 -3.23 -17.30 25.93
N ILE D 144 -3.05 -16.83 27.16
CA ILE D 144 -1.91 -16.07 27.49
C ILE D 144 -1.28 -16.69 28.71
N THR D 145 -0.59 -17.80 28.48
CA THR D 145 -0.06 -18.68 29.55
C THR D 145 1.23 -18.16 30.25
N SER D 146 1.76 -17.02 29.76
CA SER D 146 3.00 -16.44 30.28
C SER D 146 3.32 -15.08 29.68
N GLY D 147 3.86 -14.20 30.52
CA GLY D 147 4.53 -12.99 30.01
C GLY D 147 3.70 -11.72 30.21
N VAL D 148 2.62 -11.87 30.97
CA VAL D 148 1.91 -10.70 31.44
C VAL D 148 2.57 -10.28 32.71
N PHE D 149 2.83 -11.24 33.58
CA PHE D 149 3.40 -10.95 34.89
C PHE D 149 4.92 -11.21 35.05
N THR D 150 5.63 -10.16 35.50
CA THR D 150 7.03 -10.21 35.91
C THR D 150 6.98 -10.33 37.38
N ALA D 151 7.87 -11.11 37.99
CA ALA D 151 7.92 -11.19 39.43
C ALA D 151 9.27 -11.55 39.92
N ASP D 152 9.37 -11.54 41.23
CA ASP D 152 10.52 -12.13 41.92
C ASP D 152 10.01 -12.90 43.14
N TYR D 153 10.91 -13.64 43.77
CA TYR D 153 10.54 -14.59 44.81
C TYR D 153 9.92 -13.83 45.98
N LEU D 154 8.82 -14.38 46.51
CA LEU D 154 8.15 -13.82 47.68
C LEU D 154 9.09 -13.93 48.86
N ASP D 155 9.51 -15.16 49.13
CA ASP D 155 10.53 -15.48 50.13
C ASP D 155 10.99 -16.88 49.74
N LYS D 156 12.23 -17.01 49.28
CA LYS D 156 12.67 -18.26 48.66
C LYS D 156 12.73 -19.38 49.69
N ASP D 157 12.98 -19.03 50.93
CA ASP D 157 13.03 -20.05 51.99
C ASP D 157 11.63 -20.53 52.39
N LYS D 158 10.68 -19.59 52.43
CA LYS D 158 9.36 -19.81 53.02
C LYS D 158 8.46 -20.46 51.98
N TYR D 159 8.37 -19.86 50.81
CA TYR D 159 7.40 -20.29 49.83
C TYR D 159 8.05 -21.03 48.66
N LYS D 160 9.38 -21.04 48.63
CA LYS D 160 10.11 -21.60 47.50
C LYS D 160 9.71 -20.80 46.25
N LEU D 161 9.26 -21.46 45.20
CA LEU D 161 8.93 -20.80 43.94
C LEU D 161 7.56 -20.14 43.99
N VAL D 162 7.35 -19.17 44.88
CA VAL D 162 6.13 -18.32 44.81
C VAL D 162 6.60 -16.89 44.66
N GLY D 163 5.94 -16.20 43.74
CA GLY D 163 6.39 -14.88 43.35
C GLY D 163 5.57 -13.74 43.91
N ASN D 164 6.22 -12.58 43.89
CA ASN D 164 5.61 -11.29 44.20
C ASN D 164 5.61 -10.53 42.90
N ILE D 165 4.44 -10.09 42.46
CA ILE D 165 4.38 -9.48 41.16
C ILE D 165 4.97 -8.08 41.13
N LYS D 166 6.08 -7.94 40.40
CA LYS D 166 6.84 -6.72 40.35
C LYS D 166 6.22 -5.77 39.34
N SER D 167 5.61 -6.32 38.29
CA SER D 167 5.08 -5.47 37.19
C SER D 167 4.26 -6.25 36.18
N VAL D 168 3.27 -5.57 35.61
CA VAL D 168 2.41 -6.15 34.63
C VAL D 168 2.81 -5.54 33.29
N THR D 169 3.16 -6.36 32.28
CA THR D 169 3.30 -5.85 30.89
C THR D 169 1.94 -6.01 30.18
N LYS D 170 1.46 -4.91 29.61
CA LYS D 170 0.09 -4.84 29.13
C LYS D 170 -0.01 -5.33 27.68
N GLU D 171 1.11 -5.35 26.99
CA GLU D 171 1.12 -5.31 25.54
C GLU D 171 0.40 -6.48 24.93
N PRO D 172 0.53 -7.67 25.52
CA PRO D 172 -0.20 -8.85 25.02
C PRO D 172 -1.66 -8.77 25.26
N ILE D 173 -2.06 -8.36 26.46
CA ILE D 173 -3.48 -8.22 26.79
C ILE D 173 -4.12 -7.16 25.89
N GLU D 174 -3.39 -6.09 25.55
CA GLU D 174 -3.93 -5.12 24.65
C GLU D 174 -3.99 -5.71 23.26
N ALA D 175 -2.87 -6.09 22.68
CA ALA D 175 -2.85 -6.49 21.24
C ALA D 175 -3.59 -7.81 20.98
N SER D 176 -4.19 -8.36 22.04
CA SER D 176 -5.24 -9.38 21.94
C SER D 176 -6.56 -8.72 21.69
N ILE D 177 -7.06 -8.01 22.70
CA ILE D 177 -8.31 -7.27 22.60
C ILE D 177 -8.34 -6.60 21.26
N LYS D 178 -7.29 -5.86 20.96
CA LYS D 178 -7.22 -5.14 19.70
C LYS D 178 -7.43 -6.08 18.52
N ALA D 179 -6.84 -7.26 18.55
CA ALA D 179 -7.05 -8.20 17.42
C ALA D 179 -8.34 -9.02 17.54
N GLY D 180 -9.08 -8.80 18.61
CA GLY D 180 -10.48 -9.17 18.62
C GLY D 180 -10.77 -10.42 19.40
N ALA D 181 -9.95 -10.69 20.39
CA ALA D 181 -10.01 -11.96 21.07
C ALA D 181 -9.88 -11.80 22.59
N LEU D 182 -10.78 -12.46 23.33
CA LEU D 182 -10.82 -12.39 24.79
C LEU D 182 -9.50 -12.92 25.34
N PRO D 183 -8.78 -12.11 26.14
CA PRO D 183 -7.54 -12.65 26.66
C PRO D 183 -7.81 -13.42 27.94
N ILE D 184 -7.40 -14.70 27.93
CA ILE D 184 -7.55 -15.61 29.05
C ILE D 184 -6.17 -15.77 29.69
N LEU D 185 -5.97 -15.20 30.86
CA LEU D 185 -4.68 -15.25 31.50
C LEU D 185 -4.62 -16.28 32.60
N THR D 186 -3.56 -17.04 32.61
CA THR D 186 -3.12 -17.78 33.77
C THR D 186 -2.46 -16.80 34.71
N SER D 187 -2.47 -17.16 35.98
CA SER D 187 -1.81 -16.31 36.97
C SER D 187 -0.39 -16.76 37.32
N LEU D 188 0.38 -17.23 36.36
CA LEU D 188 1.82 -17.41 36.55
C LEU D 188 2.59 -16.17 36.19
N ALA D 189 3.53 -15.79 37.06
CA ALA D 189 4.51 -14.77 36.75
C ALA D 189 5.79 -15.44 36.48
N GLU D 190 6.72 -14.76 35.83
CA GLU D 190 8.13 -15.28 35.75
C GLU D 190 9.17 -14.18 36.06
N THR D 191 10.35 -14.63 36.45
CA THR D 191 11.41 -13.75 36.85
C THR D 191 12.17 -13.27 35.62
N ALA D 192 13.11 -12.35 35.80
CA ALA D 192 13.93 -11.87 34.68
C ALA D 192 14.49 -13.07 33.97
N SER D 193 15.21 -13.88 34.75
CA SER D 193 15.99 -15.00 34.25
C SER D 193 15.14 -16.20 33.83
N GLY D 194 13.83 -16.14 34.03
CA GLY D 194 12.92 -17.05 33.36
C GLY D 194 12.12 -17.98 34.27
N GLN D 195 12.51 -18.12 35.52
CA GLN D 195 11.86 -19.08 36.37
C GLN D 195 10.42 -18.69 36.64
N MET D 196 9.48 -19.57 36.31
CA MET D 196 8.07 -19.32 36.56
C MET D 196 7.81 -19.52 38.05
N LEU D 197 6.84 -18.78 38.59
CA LEU D 197 6.52 -18.78 40.01
C LEU D 197 4.99 -18.75 40.20
N ASN D 198 4.46 -19.53 41.14
CA ASN D 198 3.02 -19.50 41.47
C ASN D 198 2.71 -18.14 42.16
N VAL D 199 1.56 -17.57 41.79
CA VAL D 199 1.02 -16.37 42.43
C VAL D 199 -0.49 -16.58 42.59
N ASN D 200 -0.94 -16.41 43.81
CA ASN D 200 -2.36 -16.26 44.08
C ASN D 200 -3.21 -15.56 43.00
N ALA D 201 -4.18 -16.29 42.44
CA ALA D 201 -5.12 -15.77 41.43
C ALA D 201 -5.79 -14.46 41.82
N ASP D 202 -5.88 -14.23 43.13
CA ASP D 202 -6.49 -13.01 43.63
C ASP D 202 -5.49 -11.86 43.70
N VAL D 203 -4.25 -12.13 44.05
CA VAL D 203 -3.23 -11.10 44.03
C VAL D 203 -2.89 -10.70 42.61
N ALA D 204 -2.83 -11.68 41.72
CA ALA D 204 -2.63 -11.39 40.30
C ALA D 204 -3.84 -10.56 39.76
N ALA D 205 -5.07 -10.94 40.09
CA ALA D 205 -6.26 -10.20 39.64
C ALA D 205 -6.18 -8.71 40.03
N GLY D 206 -5.89 -8.50 41.30
CA GLY D 206 -5.64 -7.18 41.82
C GLY D 206 -4.51 -6.40 41.16
N GLU D 207 -3.45 -7.06 40.74
CA GLU D 207 -2.42 -6.29 40.06
C GLU D 207 -2.87 -5.83 38.70
N LEU D 208 -3.62 -6.68 37.99
CA LEU D 208 -4.19 -6.29 36.71
C LEU D 208 -5.08 -5.07 36.93
N ALA D 209 -6.06 -5.19 37.81
CA ALA D 209 -6.97 -4.08 38.10
C ALA D 209 -6.27 -2.76 38.34
N ARG D 210 -5.14 -2.74 39.02
CA ARG D 210 -4.42 -1.50 39.24
C ARG D 210 -3.94 -0.89 37.95
N VAL D 211 -3.55 -1.76 37.04
CA VAL D 211 -2.90 -1.30 35.83
C VAL D 211 -3.88 -1.00 34.68
N PHE D 212 -5.03 -1.68 34.59
CA PHE D 212 -6.03 -1.30 33.56
C PHE D 212 -7.16 -0.44 34.05
N GLU D 213 -7.24 -0.23 35.35
CA GLU D 213 -8.25 0.67 35.93
C GLU D 213 -9.65 0.40 35.41
N PRO D 214 -10.05 -0.87 35.33
CA PRO D 214 -11.29 -1.21 34.60
C PRO D 214 -12.53 -0.80 35.34
N LEU D 215 -13.63 -0.72 34.58
CA LEU D 215 -14.93 -0.22 35.02
C LEU D 215 -15.55 -1.10 36.09
N LYS D 216 -15.41 -2.41 35.90
CA LYS D 216 -15.87 -3.44 36.82
C LYS D 216 -14.73 -4.40 37.14
N ILE D 217 -14.59 -4.78 38.40
CA ILE D 217 -13.73 -5.89 38.78
C ILE D 217 -14.64 -6.93 39.39
N VAL D 218 -14.57 -8.16 38.92
CA VAL D 218 -15.43 -9.21 39.46
C VAL D 218 -14.62 -10.40 39.95
N TYR D 219 -14.74 -10.68 41.23
CA TYR D 219 -14.16 -11.89 41.78
C TYR D 219 -15.26 -12.96 41.82
N LEU D 220 -15.15 -13.96 40.96
CA LEU D 220 -16.13 -15.05 40.94
C LEU D 220 -15.76 -16.06 41.99
N ASN D 221 -16.56 -16.17 43.04
CA ASN D 221 -16.44 -17.30 43.98
C ASN D 221 -17.60 -18.31 43.88
N GLU D 222 -17.36 -19.50 44.39
CA GLU D 222 -18.31 -20.56 44.29
C GLU D 222 -19.47 -20.37 45.25
N LYS D 223 -19.18 -19.87 46.45
CA LYS D 223 -20.30 -19.81 47.41
C LYS D 223 -21.33 -18.77 46.97
N GLY D 224 -20.89 -17.56 46.62
CA GLY D 224 -21.78 -16.47 46.22
C GLY D 224 -21.69 -15.27 47.14
N GLY D 225 -20.53 -14.62 47.15
CA GLY D 225 -20.18 -13.60 48.13
C GLY D 225 -19.34 -13.96 49.35
N ILE D 226 -19.60 -13.30 50.49
CA ILE D 226 -18.87 -13.54 51.72
C ILE D 226 -19.97 -13.78 52.74
N ILE D 227 -20.24 -15.06 52.99
CA ILE D 227 -21.29 -15.51 53.87
C ILE D 227 -20.70 -15.30 55.23
N ASN D 228 -21.55 -14.92 56.16
CA ASN D 228 -21.09 -14.57 57.48
C ASN D 228 -21.17 -15.79 58.41
N GLY D 229 -20.00 -16.34 58.77
CA GLY D 229 -19.95 -17.56 59.59
C GLY D 229 -20.68 -17.50 60.93
N SER D 230 -20.93 -16.26 61.40
CA SER D 230 -21.58 -15.95 62.70
C SER D 230 -23.10 -15.82 62.63
N THR D 231 -23.55 -15.04 61.65
CA THR D 231 -24.98 -14.80 61.43
C THR D 231 -25.59 -15.76 60.39
N GLY D 232 -24.78 -16.25 59.45
CA GLY D 232 -25.16 -17.29 58.48
C GLY D 232 -25.34 -16.82 57.03
N GLU D 233 -25.75 -15.57 56.86
CA GLU D 233 -26.15 -14.95 55.58
C GLU D 233 -25.13 -13.93 55.16
N LYS D 234 -25.21 -13.57 53.90
CA LYS D 234 -24.09 -12.86 53.26
C LYS D 234 -23.94 -11.45 53.84
N ILE D 235 -22.78 -10.87 53.53
CA ILE D 235 -22.47 -9.48 53.88
C ILE D 235 -22.52 -8.70 52.55
N SER D 236 -23.54 -7.86 52.40
CA SER D 236 -23.95 -7.39 51.06
C SER D 236 -22.99 -6.32 50.56
N MET D 237 -22.83 -5.23 51.31
CA MET D 237 -21.89 -4.14 50.99
C MET D 237 -20.92 -4.14 52.17
N ILE D 238 -19.63 -3.94 51.89
CA ILE D 238 -18.66 -3.74 52.92
C ILE D 238 -18.07 -2.38 52.65
N ASN D 239 -18.13 -1.49 53.63
CA ASN D 239 -17.51 -0.22 53.51
C ASN D 239 -16.15 -0.46 54.14
N LEU D 240 -15.08 -0.44 53.37
CA LEU D 240 -13.78 -0.71 53.96
C LEU D 240 -13.33 0.32 54.99
N ASP D 241 -13.22 1.56 54.58
CA ASP D 241 -12.77 2.59 55.50
C ASP D 241 -13.48 2.48 56.82
N GLU D 242 -14.80 2.32 56.79
CA GLU D 242 -15.54 2.18 58.05
C GLU D 242 -15.42 0.81 58.73
N GLU D 243 -15.78 -0.25 58.01
CA GLU D 243 -15.97 -1.58 58.61
C GLU D 243 -14.69 -2.45 58.70
N TYR D 244 -13.72 -2.16 57.85
CA TYR D 244 -12.60 -3.09 57.60
C TYR D 244 -12.08 -3.75 58.85
N ASP D 245 -11.69 -2.94 59.81
CA ASP D 245 -10.83 -3.39 60.88
C ASP D 245 -11.52 -4.31 61.86
N ASP D 246 -12.73 -3.98 62.26
CA ASP D 246 -13.49 -4.90 63.12
C ASP D 246 -14.32 -5.97 62.39
N LEU D 247 -14.36 -5.90 61.08
CA LEU D 247 -15.05 -6.90 60.27
C LEU D 247 -14.02 -7.86 59.68
N MET D 248 -12.75 -7.57 59.93
CA MET D 248 -11.67 -8.50 59.73
C MET D 248 -11.25 -9.29 60.97
N LYS D 249 -11.13 -8.61 62.09
CA LYS D 249 -10.71 -9.26 63.32
C LYS D 249 -11.88 -9.99 63.99
N GLN D 250 -12.70 -10.64 63.18
CA GLN D 250 -13.83 -11.42 63.70
C GLN D 250 -13.45 -12.87 63.87
N SER D 251 -14.00 -13.49 64.90
CA SER D 251 -13.65 -14.86 65.26
C SER D 251 -14.17 -15.85 64.22
N TRP D 252 -15.26 -15.52 63.53
CA TRP D 252 -15.81 -16.40 62.51
C TRP D 252 -15.03 -16.37 61.24
N VAL D 253 -14.40 -15.24 60.93
CA VAL D 253 -13.70 -15.08 59.68
C VAL D 253 -12.46 -15.99 59.61
N LYS D 254 -12.44 -16.85 58.59
CA LYS D 254 -11.23 -17.64 58.22
C LYS D 254 -10.02 -16.81 57.71
N TYR D 255 -8.87 -17.49 57.53
CA TYR D 255 -7.58 -16.90 57.09
C TYR D 255 -7.38 -16.77 55.55
N GLY D 256 -7.93 -17.70 54.76
CA GLY D 256 -8.02 -17.52 53.30
C GLY D 256 -8.88 -16.32 52.89
N THR D 257 -9.82 -15.97 53.75
CA THR D 257 -10.69 -14.80 53.60
C THR D 257 -9.85 -13.50 53.89
N LYS D 258 -9.10 -13.46 55.00
CA LYS D 258 -8.19 -12.35 55.31
C LYS D 258 -7.24 -12.05 54.16
N LEU D 259 -6.66 -13.09 53.55
CA LEU D 259 -5.70 -12.88 52.39
C LEU D 259 -6.40 -12.44 51.07
N LYS D 260 -7.74 -12.51 51.09
CA LYS D 260 -8.60 -11.84 50.12
C LYS D 260 -9.00 -10.41 50.61
N ILE D 261 -9.64 -10.33 51.77
CA ILE D 261 -10.11 -9.03 52.30
C ILE D 261 -8.97 -8.01 52.29
N ARG D 262 -7.83 -8.36 52.87
CA ARG D 262 -6.69 -7.45 52.84
C ARG D 262 -6.27 -7.13 51.42
N GLU D 263 -6.11 -8.16 50.61
CA GLU D 263 -5.72 -7.96 49.22
C GLU D 263 -6.61 -6.93 48.53
N ILE D 264 -7.92 -7.01 48.75
CA ILE D 264 -8.89 -6.05 48.18
C ILE D 264 -8.78 -4.65 48.79
N LYS D 265 -8.68 -4.55 50.12
CA LYS D 265 -8.45 -3.24 50.78
C LYS D 265 -7.25 -2.54 50.15
N GLU D 266 -6.16 -3.28 49.98
CA GLU D 266 -4.96 -2.74 49.39
C GLU D 266 -5.12 -2.28 47.94
N LEU D 267 -5.96 -3.00 47.19
CA LEU D 267 -6.26 -2.59 45.82
C LEU D 267 -7.00 -1.26 45.80
N LEU D 268 -8.12 -1.20 46.51
CA LEU D 268 -9.02 -0.04 46.46
C LEU D 268 -8.47 1.19 47.15
N ASP D 269 -7.44 0.98 47.97
CA ASP D 269 -6.68 2.08 48.54
C ASP D 269 -6.02 2.90 47.44
N TYR D 270 -5.61 2.23 46.36
CA TYR D 270 -4.89 2.80 45.22
C TYR D 270 -5.75 3.16 44.04
N LEU D 271 -7.01 2.76 44.05
CA LEU D 271 -7.98 3.12 43.04
C LEU D 271 -8.96 4.16 43.62
N PRO D 272 -9.64 4.91 42.73
CA PRO D 272 -10.55 5.99 43.09
C PRO D 272 -11.61 5.57 44.08
N ARG D 273 -12.35 6.55 44.58
CA ARG D 273 -13.36 6.30 45.61
C ARG D 273 -14.49 5.43 45.11
N SER D 274 -14.72 5.51 43.80
CA SER D 274 -15.71 4.70 43.14
C SER D 274 -15.24 3.27 42.85
N SER D 275 -14.02 3.15 42.34
CA SER D 275 -13.67 1.83 41.83
C SER D 275 -14.10 0.86 42.95
N SER D 276 -14.77 -0.20 42.55
CA SER D 276 -15.34 -1.13 43.49
C SER D 276 -14.97 -2.55 43.12
N VAL D 277 -15.14 -3.47 44.05
CA VAL D 277 -15.05 -4.91 43.75
C VAL D 277 -16.39 -5.57 44.07
N ALA D 278 -16.78 -6.54 43.28
CA ALA D 278 -17.98 -7.28 43.51
C ALA D 278 -17.57 -8.74 43.53
N ILE D 279 -18.11 -9.47 44.50
CA ILE D 279 -17.87 -10.89 44.71
C ILE D 279 -19.19 -11.69 44.51
N ILE D 280 -19.24 -12.49 43.45
CA ILE D 280 -20.50 -12.91 42.90
C ILE D 280 -20.38 -14.35 42.41
N ASN D 281 -21.45 -15.13 42.58
CA ASN D 281 -21.55 -16.46 41.96
C ASN D 281 -21.62 -16.36 40.44
N VAL D 282 -20.99 -17.29 39.72
CA VAL D 282 -20.95 -17.28 38.23
C VAL D 282 -22.33 -17.13 37.60
N GLN D 283 -23.30 -17.89 38.13
CA GLN D 283 -24.72 -17.95 37.76
C GLN D 283 -25.36 -16.58 37.56
N ASP D 284 -24.95 -15.58 38.34
CA ASP D 284 -25.47 -14.20 38.11
C ASP D 284 -24.42 -13.16 37.93
N LEU D 285 -23.62 -13.48 36.94
CA LEU D 285 -22.56 -12.61 36.53
C LEU D 285 -23.10 -11.42 35.74
N GLN D 286 -23.73 -11.70 34.59
CA GLN D 286 -24.13 -10.64 33.66
C GLN D 286 -25.31 -9.79 34.17
N LYS D 287 -25.71 -10.04 35.41
CA LYS D 287 -26.48 -9.06 36.12
C LYS D 287 -25.50 -8.09 36.75
N GLU D 288 -24.57 -8.56 37.57
CA GLU D 288 -23.65 -7.56 38.17
C GLU D 288 -22.95 -6.66 37.20
N LEU D 289 -22.49 -7.23 36.13
CA LEU D 289 -21.58 -6.48 35.30
C LEU D 289 -22.19 -5.16 34.89
N PHE D 290 -23.49 -5.00 35.13
CA PHE D 290 -24.19 -3.82 34.68
C PHE D 290 -25.01 -3.14 35.81
N THR D 291 -26.06 -3.80 36.27
CA THR D 291 -26.80 -3.37 37.44
C THR D 291 -26.03 -3.65 38.76
N ASP D 292 -26.54 -3.14 39.88
CA ASP D 292 -26.13 -3.59 41.24
C ASP D 292 -27.25 -4.31 41.98
N SER D 293 -28.32 -4.64 41.25
CA SER D 293 -29.18 -5.79 41.67
C SER D 293 -28.24 -6.88 42.27
N GLY D 294 -27.45 -7.43 41.35
CA GLY D 294 -26.45 -8.47 41.62
C GLY D 294 -25.93 -8.33 43.05
N ALA D 295 -26.82 -8.81 43.93
CA ALA D 295 -26.53 -9.05 45.33
C ALA D 295 -25.40 -10.11 45.41
N GLY D 296 -24.82 -10.21 46.60
CA GLY D 296 -23.45 -10.71 46.73
C GLY D 296 -22.61 -9.59 47.27
N THR D 297 -21.38 -9.91 47.62
CA THR D 297 -20.64 -9.00 48.44
C THR D 297 -20.14 -7.96 47.50
N MET D 298 -20.45 -6.70 47.76
CA MET D 298 -19.89 -5.61 47.00
C MET D 298 -19.01 -4.81 47.93
N ILE D 299 -17.73 -4.71 47.63
CA ILE D 299 -16.78 -4.11 48.56
C ILE D 299 -16.18 -2.86 47.99
N ARG D 300 -16.08 -1.81 48.80
CA ARG D 300 -15.35 -0.60 48.39
C ARG D 300 -14.95 0.31 49.56
N ARG D 301 -14.13 1.31 49.24
CA ARG D 301 -13.52 2.17 50.23
C ARG D 301 -14.59 3.01 50.94
N GLY D 302 -15.30 3.83 50.18
CA GLY D 302 -16.45 4.55 50.75
C GLY D 302 -16.10 5.47 51.91
N TYR D 303 -17.01 5.71 52.83
CA TYR D 303 -16.68 6.70 53.81
C TYR D 303 -16.61 6.17 55.20
N LYS D 304 -15.70 6.73 56.00
CA LYS D 304 -15.77 6.58 57.43
C LYS D 304 -16.86 7.51 57.82
N LEU D 305 -17.92 6.91 58.28
CA LEU D 305 -18.97 7.63 58.95
C LEU D 305 -18.51 7.91 60.37
N VAL D 306 -18.81 9.11 60.86
CA VAL D 306 -18.36 9.54 62.17
C VAL D 306 -19.54 9.82 63.07
N LYS D 307 -19.63 9.07 64.15
CA LYS D 307 -20.79 9.10 65.04
C LYS D 307 -20.61 10.28 66.00
N ARG D 308 -21.64 11.11 66.14
CA ARG D 308 -21.56 12.31 66.96
C ARG D 308 -22.78 12.48 67.84
N SER D 309 -22.56 12.92 69.07
CA SER D 309 -23.64 13.08 70.05
C SER D 309 -23.90 14.53 70.49
N SER D 310 -23.40 15.51 69.74
CA SER D 310 -23.40 16.90 70.21
C SER D 310 -23.02 17.90 69.13
N ILE D 311 -23.81 18.95 68.98
CA ILE D 311 -23.53 19.95 67.92
C ILE D 311 -22.09 20.43 67.95
N GLY D 312 -21.60 20.73 69.14
CA GLY D 312 -20.22 21.19 69.34
C GLY D 312 -19.19 20.06 69.35
N GLU D 313 -19.57 18.92 68.74
CA GLU D 313 -18.63 17.86 68.42
C GLU D 313 -18.14 18.11 66.98
N PHE D 314 -19.06 18.20 66.02
CA PHE D 314 -18.71 18.41 64.60
C PHE D 314 -17.59 19.41 64.43
N PRO D 315 -16.48 19.00 63.79
CA PRO D 315 -15.38 19.96 63.61
C PRO D 315 -15.85 21.22 62.88
N SER D 316 -16.80 21.00 61.98
CA SER D 316 -17.49 22.05 61.24
C SER D 316 -18.66 22.60 62.04
N ALA D 317 -18.47 23.74 62.71
CA ALA D 317 -19.63 24.42 63.30
C ALA D 317 -20.58 24.80 62.16
N ASP D 318 -20.00 25.23 61.03
CA ASP D 318 -20.75 25.89 59.97
C ASP D 318 -21.23 24.89 58.93
N ALA D 319 -20.31 24.12 58.37
CA ALA D 319 -20.65 23.20 57.27
C ALA D 319 -21.72 22.14 57.61
N LEU D 320 -22.02 21.94 58.90
CA LEU D 320 -23.21 21.17 59.27
C LEU D 320 -24.44 21.91 58.77
N ARG D 321 -24.47 23.23 58.99
CA ARG D 321 -25.55 24.04 58.45
C ARG D 321 -25.54 23.95 56.92
N LYS D 322 -24.38 24.16 56.30
CA LYS D 322 -24.30 24.07 54.84
C LYS D 322 -24.85 22.73 54.31
N ALA D 323 -24.70 21.65 55.10
CA ALA D 323 -25.22 20.34 54.70
C ALA D 323 -26.74 20.24 54.83
N LEU D 324 -27.27 20.65 55.99
CA LEU D 324 -28.71 20.52 56.23
C LEU D 324 -29.55 21.43 55.35
N GLN D 325 -28.95 22.50 54.83
CA GLN D 325 -29.62 23.39 53.87
C GLN D 325 -30.02 22.69 52.58
N ARG D 326 -29.38 21.56 52.27
CA ARG D 326 -29.66 20.78 51.05
C ARG D 326 -31.11 20.25 51.04
N ASP D 327 -31.54 19.80 52.22
CA ASP D 327 -32.90 19.30 52.50
C ASP D 327 -33.99 20.22 51.92
N ALA D 328 -35.01 19.64 51.28
CA ALA D 328 -36.11 20.39 50.65
C ALA D 328 -37.32 20.67 51.57
N GLY D 329 -37.09 20.61 52.88
CA GLY D 329 -38.04 21.10 53.89
C GLY D 329 -37.47 22.26 54.72
N ILE D 330 -36.15 22.46 54.65
CA ILE D 330 -35.47 23.64 55.21
C ILE D 330 -35.08 24.62 54.08
N SER D 331 -34.90 24.12 52.86
CA SER D 331 -34.66 24.99 51.68
C SER D 331 -35.97 25.61 51.19
N SER D 332 -37.06 24.86 51.26
CA SER D 332 -38.41 25.45 51.22
C SER D 332 -38.77 25.68 52.68
N GLY D 333 -38.72 26.94 53.11
CA GLY D 333 -38.62 27.29 54.52
C GLY D 333 -39.86 27.10 55.39
N LYS D 334 -39.96 25.90 55.98
CA LYS D 334 -40.85 25.65 57.11
C LYS D 334 -40.05 26.06 58.34
N GLU D 335 -39.01 25.29 58.67
CA GLU D 335 -38.06 25.73 59.69
C GLU D 335 -36.67 25.95 59.09
N SER D 336 -36.07 27.08 59.46
CA SER D 336 -34.71 27.37 59.08
C SER D 336 -33.84 26.44 59.86
N VAL D 337 -32.60 26.36 59.44
CA VAL D 337 -31.62 25.54 60.09
C VAL D 337 -31.34 26.07 61.52
N ALA D 338 -31.16 27.38 61.67
CA ALA D 338 -30.94 27.99 62.98
C ALA D 338 -31.95 27.45 63.98
N SER D 339 -33.22 27.65 63.69
CA SER D 339 -34.29 27.21 64.58
C SER D 339 -34.27 25.71 64.82
N TYR D 340 -33.76 24.94 63.86
CA TYR D 340 -33.63 23.51 64.02
C TYR D 340 -32.41 23.14 64.85
N LEU D 341 -31.29 23.83 64.68
CA LEU D 341 -30.06 23.50 65.43
C LEU D 341 -30.24 23.75 66.92
N ARG D 342 -30.98 24.80 67.26
CA ARG D 342 -31.36 25.01 68.65
C ARG D 342 -32.04 23.74 69.19
N TYR D 343 -33.10 23.29 68.53
CA TYR D 343 -33.86 22.09 68.95
C TYR D 343 -32.97 20.86 69.11
N LEU D 344 -32.04 20.68 68.18
CA LEU D 344 -31.14 19.54 68.22
C LEU D 344 -30.33 19.59 69.53
N GLU D 345 -29.55 20.66 69.70
CA GLU D 345 -28.63 20.81 70.82
C GLU D 345 -29.26 20.53 72.18
N ASN D 346 -30.57 20.76 72.26
CA ASN D 346 -31.34 20.45 73.48
C ASN D 346 -32.03 19.10 73.44
N SER D 347 -31.42 18.12 72.77
CA SER D 347 -32.02 16.80 72.63
C SER D 347 -30.93 15.73 72.51
N ASP D 348 -31.12 14.56 73.12
CA ASP D 348 -30.14 13.45 72.95
C ASP D 348 -30.38 12.78 71.62
N PHE D 349 -29.35 12.84 70.81
CA PHE D 349 -29.44 12.42 69.46
C PHE D 349 -28.13 11.76 69.11
N VAL D 350 -28.18 10.85 68.18
CA VAL D 350 -26.97 10.30 67.61
C VAL D 350 -27.00 10.85 66.17
N SER D 351 -25.84 11.25 65.67
CA SER D 351 -25.72 11.68 64.28
C SER D 351 -24.55 11.00 63.62
N TYR D 352 -24.82 10.21 62.60
CA TYR D 352 -23.78 9.70 61.74
C TYR D 352 -23.65 10.63 60.53
N ALA D 353 -22.42 10.89 60.15
CA ALA D 353 -22.17 11.71 59.01
C ALA D 353 -20.81 11.34 58.52
N ASP D 354 -20.64 11.27 57.20
CA ASP D 354 -19.30 11.05 56.64
C ASP D 354 -18.46 12.31 56.83
N GLU D 355 -17.17 12.20 56.50
CA GLU D 355 -16.24 13.26 56.80
C GLU D 355 -16.63 14.54 56.06
N PRO D 356 -16.96 14.42 54.76
CA PRO D 356 -17.30 15.64 54.01
C PRO D 356 -18.79 16.02 54.02
N LEU D 357 -19.54 15.52 55.00
CA LEU D 357 -20.96 15.85 55.16
C LEU D 357 -21.81 15.70 53.87
N GLU D 358 -21.47 14.71 53.04
CA GLU D 358 -22.23 14.39 51.82
C GLU D 358 -23.55 13.69 52.20
N ALA D 359 -23.53 12.96 53.31
CA ALA D 359 -24.71 12.31 53.86
C ALA D 359 -24.72 12.49 55.39
N VAL D 360 -25.69 13.25 55.92
CA VAL D 360 -25.92 13.34 57.36
C VAL D 360 -27.19 12.58 57.73
N ALA D 361 -27.15 11.83 58.83
CA ALA D 361 -28.33 11.20 59.40
C ALA D 361 -28.39 11.64 60.84
N ILE D 362 -29.54 12.10 61.28
CA ILE D 362 -29.72 12.48 62.66
C ILE D 362 -30.84 11.64 63.23
N VAL D 363 -30.56 10.92 64.31
CA VAL D 363 -31.59 10.09 64.94
C VAL D 363 -31.92 10.63 66.31
N LYS D 364 -33.16 11.12 66.47
CA LYS D 364 -33.65 11.57 67.76
C LYS D 364 -34.03 10.33 68.52
N LYS D 365 -33.41 10.16 69.68
CA LYS D 365 -33.44 8.91 70.42
C LYS D 365 -34.61 8.90 71.39
N ASP D 366 -35.30 10.04 71.49
CA ASP D 366 -36.17 10.36 72.66
C ASP D 366 -37.52 9.58 72.73
N THR D 367 -38.08 9.19 71.58
CA THR D 367 -39.27 8.35 71.58
C THR D 367 -38.87 6.92 71.28
N ASN D 368 -39.26 6.01 72.17
CA ASN D 368 -39.32 4.59 71.84
C ASN D 368 -39.77 4.45 70.40
N VAL D 369 -39.09 3.60 69.64
CA VAL D 369 -38.94 3.75 68.18
C VAL D 369 -38.32 5.11 67.91
N PRO D 370 -37.00 5.19 68.07
CA PRO D 370 -36.28 6.39 67.74
C PRO D 370 -36.62 6.84 66.35
N THR D 371 -36.68 8.16 66.14
CA THR D 371 -36.91 8.73 64.81
C THR D 371 -35.57 9.01 64.13
N LEU D 372 -35.51 8.75 62.83
CA LEU D 372 -34.47 9.28 61.96
C LEU D 372 -35.08 10.60 61.46
N ASP D 373 -34.64 11.69 62.09
CA ASP D 373 -35.31 12.98 62.01
C ASP D 373 -34.87 13.72 60.78
N LYS D 374 -33.58 13.64 60.46
CA LYS D 374 -33.06 14.17 59.20
C LYS D 374 -32.15 13.11 58.59
N PHE D 375 -32.20 12.99 57.26
CA PHE D 375 -31.38 12.01 56.50
C PHE D 375 -31.03 12.72 55.22
N VAL D 376 -30.13 13.69 55.34
CA VAL D 376 -29.87 14.59 54.24
C VAL D 376 -28.75 14.02 53.40
N CYS D 377 -29.12 13.46 52.24
CA CYS D 377 -28.20 12.71 51.36
C CYS D 377 -28.12 13.28 50.00
N SER D 378 -26.88 13.54 49.61
CA SER D 378 -26.56 14.20 48.37
C SER D 378 -26.81 13.31 47.18
N ASP D 379 -27.27 13.92 46.11
CA ASP D 379 -27.36 13.27 44.84
C ASP D 379 -26.15 12.35 44.56
N ALA D 380 -24.95 12.83 44.92
CA ALA D 380 -23.72 12.07 44.74
C ALA D 380 -23.63 10.93 45.73
N ALA D 381 -24.11 11.17 46.94
CA ALA D 381 -24.16 10.16 47.98
C ALA D 381 -25.09 9.01 47.63
N TRP D 382 -26.08 9.25 46.77
CA TRP D 382 -27.06 8.23 46.43
C TRP D 382 -26.53 7.31 45.40
N LEU D 383 -25.91 7.88 44.38
CA LEU D 383 -25.37 7.07 43.30
C LEU D 383 -24.10 6.38 43.77
N ASN D 384 -23.51 6.84 44.89
CA ASN D 384 -22.37 6.16 45.53
C ASN D 384 -22.72 5.19 46.65
N ASN D 385 -23.99 4.83 46.77
CA ASN D 385 -24.51 4.09 47.92
C ASN D 385 -23.80 4.36 49.26
N VAL D 386 -23.49 5.63 49.53
CA VAL D 386 -23.19 6.06 50.90
C VAL D 386 -24.45 5.81 51.71
N THR D 387 -25.59 6.18 51.13
CA THR D 387 -26.89 5.99 51.77
C THR D 387 -27.00 4.55 52.25
N ASP D 388 -26.87 3.59 51.33
CA ASP D 388 -26.93 2.16 51.69
C ASP D 388 -26.18 1.90 52.97
N ASN D 389 -24.99 2.48 53.06
CA ASN D 389 -24.09 2.20 54.14
C ASN D 389 -24.50 2.86 55.44
N VAL D 390 -24.92 4.10 55.33
CA VAL D 390 -25.46 4.83 56.46
C VAL D 390 -26.60 4.04 57.13
N PHE D 391 -27.41 3.36 56.35
CA PHE D 391 -28.55 2.61 56.88
C PHE D 391 -28.08 1.34 57.52
N ASN D 392 -27.02 0.78 56.98
CA ASN D 392 -26.43 -0.40 57.58
C ASN D 392 -25.81 -0.09 58.94
N VAL D 393 -25.35 1.14 59.13
CA VAL D 393 -24.85 1.49 60.43
C VAL D 393 -26.06 1.58 61.33
N LEU D 394 -26.93 2.52 61.03
CA LEU D 394 -28.25 2.64 61.67
C LEU D 394 -28.86 1.28 62.05
N ARG D 395 -28.72 0.28 61.20
CA ARG D 395 -29.27 -1.04 61.51
C ARG D 395 -28.74 -1.61 62.83
N ARG D 396 -27.43 -1.85 62.93
CA ARG D 396 -26.87 -2.48 64.13
C ARG D 396 -26.94 -1.57 65.36
N ASP D 397 -26.78 -0.25 65.16
CA ASP D 397 -26.87 0.70 66.25
C ASP D 397 -28.30 0.94 66.75
N PHE D 398 -29.30 0.81 65.89
CA PHE D 398 -30.71 0.97 66.29
C PHE D 398 -31.56 -0.20 65.82
N PRO D 399 -31.53 -1.31 66.56
CA PRO D 399 -32.29 -2.44 66.07
C PRO D 399 -33.78 -2.17 65.78
N ALA D 400 -34.36 -1.08 66.29
CA ALA D 400 -35.72 -0.66 65.86
C ALA D 400 -35.79 0.83 65.62
N LEU D 401 -36.47 1.22 64.55
CA LEU D 401 -36.34 2.59 64.00
C LEU D 401 -37.54 3.02 63.13
N GLN D 402 -37.85 4.32 63.13
CA GLN D 402 -38.93 4.85 62.32
C GLN D 402 -38.45 6.06 61.59
N TRP D 403 -39.06 6.31 60.44
CA TRP D 403 -38.79 7.55 59.71
C TRP D 403 -39.84 7.91 58.70
N VAL D 404 -39.78 9.16 58.24
CA VAL D 404 -40.76 9.74 57.32
C VAL D 404 -40.16 10.19 55.95
N VAL D 405 -40.83 9.86 54.84
CA VAL D 405 -40.36 10.17 53.49
C VAL D 405 -41.52 10.80 52.72
N SER D 406 -41.21 11.68 51.79
CA SER D 406 -42.23 12.25 50.93
C SER D 406 -42.81 11.19 50.04
N GLU D 407 -44.09 11.30 49.76
CA GLU D 407 -44.74 10.27 48.95
C GLU D 407 -44.04 10.11 47.62
N ASN D 408 -43.29 11.12 47.19
CA ASN D 408 -42.73 11.08 45.86
C ASN D 408 -41.26 11.33 45.89
N ASP D 409 -40.64 11.04 47.02
CA ASP D 409 -39.19 11.06 47.06
C ASP D 409 -38.72 10.15 45.93
N ALA D 410 -37.77 10.67 45.14
CA ALA D 410 -37.15 9.93 44.00
C ALA D 410 -37.02 8.49 44.34
N ASN D 411 -36.28 8.19 45.40
CA ASN D 411 -36.07 6.79 45.79
C ASN D 411 -36.93 6.44 47.00
N ILE D 412 -38.26 6.44 46.81
CA ILE D 412 -39.18 5.89 47.83
C ILE D 412 -39.09 4.37 47.82
N ALA D 413 -38.98 3.80 46.64
CA ALA D 413 -38.79 2.35 46.47
C ALA D 413 -37.79 1.82 47.46
N TRP D 414 -36.72 2.55 47.57
CA TRP D 414 -35.64 2.12 48.40
C TRP D 414 -36.01 2.12 49.85
N HIS D 415 -36.78 3.10 50.29
CA HIS D 415 -37.16 3.18 51.71
C HIS D 415 -38.12 2.09 52.05
N PHE D 416 -39.01 1.78 51.12
CA PHE D 416 -39.90 0.65 51.31
C PHE D 416 -39.04 -0.57 51.60
N ASP D 417 -38.05 -0.81 50.73
CA ASP D 417 -37.21 -2.00 50.84
C ASP D 417 -36.49 -2.08 52.18
N LYS D 418 -36.07 -0.94 52.71
CA LYS D 418 -35.30 -0.95 53.94
C LYS D 418 -36.25 -1.05 55.12
N SER D 419 -37.56 -1.18 54.87
CA SER D 419 -38.53 -1.20 55.96
C SER D 419 -39.16 -2.54 56.16
N GLN D 420 -39.89 -2.60 57.26
CA GLN D 420 -40.77 -3.74 57.56
C GLN D 420 -42.24 -3.31 57.43
N GLY D 421 -42.55 -2.08 57.83
CA GLY D 421 -43.92 -1.57 57.70
C GLY D 421 -44.03 -0.13 57.24
N SER D 422 -45.16 0.19 56.59
CA SER D 422 -45.38 1.54 55.99
C SER D 422 -46.80 2.03 56.21
N TYR D 423 -46.96 3.36 56.43
CA TYR D 423 -48.28 4.02 56.44
C TYR D 423 -48.25 5.34 55.67
N LEU D 424 -49.36 5.69 55.02
CA LEU D 424 -49.39 6.88 54.23
C LEU D 424 -50.57 7.73 54.63
N LYS D 425 -50.30 8.85 55.29
CA LYS D 425 -51.25 9.97 55.43
C LYS D 425 -50.89 10.96 54.33
N GLY D 426 -51.83 11.85 54.01
CA GLY D 426 -51.59 12.91 53.02
C GLY D 426 -50.14 13.33 52.90
N GLY D 427 -49.58 13.15 51.71
CA GLY D 427 -48.23 13.63 51.43
C GLY D 427 -47.12 12.72 51.93
N LYS D 428 -47.12 12.43 53.23
CA LYS D 428 -45.95 11.79 53.85
C LYS D 428 -46.13 10.30 54.12
N VAL D 429 -45.07 9.52 53.92
CA VAL D 429 -45.11 8.07 54.17
C VAL D 429 -44.29 7.79 55.43
N LEU D 430 -44.88 7.04 56.35
CA LEU D 430 -44.20 6.61 57.59
C LEU D 430 -43.62 5.23 57.37
N PHE D 431 -42.37 5.05 57.78
CA PHE D 431 -41.71 3.76 57.70
C PHE D 431 -41.16 3.36 59.03
N TRP D 432 -41.04 2.06 59.22
CA TRP D 432 -40.29 1.55 60.34
C TRP D 432 -39.75 0.16 60.10
N TYR D 433 -38.89 -0.24 61.03
CA TYR D 433 -38.37 -1.59 61.07
C TYR D 433 -38.07 -2.04 62.49
N GLY D 434 -37.98 -3.35 62.64
CA GLY D 434 -37.62 -3.96 63.91
C GLY D 434 -38.71 -4.16 64.93
N ILE D 435 -39.91 -3.70 64.65
CA ILE D 435 -40.94 -3.65 65.67
C ILE D 435 -42.19 -4.40 65.22
N ASP D 436 -42.83 -5.04 66.19
CA ASP D 436 -43.98 -5.87 65.89
C ASP D 436 -44.88 -6.13 67.11
N ASP D 437 -44.83 -5.27 68.12
CA ASP D 437 -45.92 -5.22 69.05
C ASP D 437 -47.02 -4.54 68.29
N ILE D 438 -47.99 -5.31 67.84
CA ILE D 438 -49.14 -4.73 67.20
C ILE D 438 -49.50 -3.40 67.88
N ASN D 439 -49.56 -3.36 69.23
CA ASN D 439 -49.93 -2.11 69.94
C ASN D 439 -48.85 -1.02 69.96
N THR D 440 -47.57 -1.34 69.86
CA THR D 440 -46.54 -0.29 69.70
C THR D 440 -46.51 0.22 68.26
N ILE D 441 -46.95 -0.61 67.31
CA ILE D 441 -47.13 -0.20 65.91
C ILE D 441 -48.25 0.84 65.88
N SER D 442 -49.39 0.49 66.46
CA SER D 442 -50.51 1.41 66.47
C SER D 442 -50.11 2.73 67.09
N GLU D 443 -49.25 2.68 68.10
CA GLU D 443 -48.78 3.93 68.71
C GLU D 443 -48.00 4.75 67.68
N LEU D 444 -47.19 4.10 66.84
CA LEU D 444 -46.46 4.85 65.81
C LEU D 444 -47.41 5.54 64.87
N VAL D 445 -48.36 4.76 64.33
CA VAL D 445 -49.25 5.26 63.30
C VAL D 445 -50.07 6.44 63.82
N GLU D 446 -50.45 6.42 65.10
CA GLU D 446 -51.25 7.50 65.71
C GLU D 446 -50.42 8.76 65.86
N ASN D 447 -49.30 8.64 66.56
CA ASN D 447 -48.36 9.75 66.71
C ASN D 447 -48.00 10.39 65.35
N PHE D 448 -47.88 9.57 64.32
CA PHE D 448 -47.69 10.09 62.98
C PHE D 448 -48.94 10.79 62.43
N VAL D 449 -50.11 10.15 62.46
CA VAL D 449 -51.31 10.78 61.88
C VAL D 449 -51.66 12.05 62.65
N LYS D 450 -51.45 12.01 63.98
CA LYS D 450 -51.68 13.19 64.84
C LYS D 450 -50.60 14.27 64.63
N SER D 451 -49.49 13.90 63.96
CA SER D 451 -48.44 14.87 63.64
C SER D 451 -48.90 16.00 62.72
N CYS D 452 -50.03 15.83 62.05
CA CYS D 452 -50.68 16.93 61.31
C CYS D 452 -51.14 18.12 62.20
N ASP D 453 -50.22 19.05 62.45
CA ASP D 453 -50.51 20.25 63.22
C ASP D 453 -50.56 21.44 62.26
N THR E 18 8.30 7.55 -16.10
CA THR E 18 8.79 6.78 -17.27
C THR E 18 7.73 7.04 -18.33
N ARG E 19 7.55 6.04 -19.19
CA ARG E 19 6.41 5.90 -20.10
C ARG E 19 5.13 5.55 -19.36
N SER E 20 5.28 4.85 -18.25
CA SER E 20 4.16 4.45 -17.41
C SER E 20 3.23 5.64 -17.22
N THR E 21 3.79 6.81 -17.00
CA THR E 21 3.00 8.04 -16.88
C THR E 21 2.46 8.53 -18.24
N VAL E 22 3.31 8.58 -19.27
CA VAL E 22 2.85 8.94 -20.59
C VAL E 22 1.72 8.06 -21.14
N ILE E 23 1.76 6.76 -20.90
CA ILE E 23 0.68 5.89 -21.37
C ILE E 23 -0.60 6.36 -20.72
N GLN E 24 -0.59 6.47 -19.41
CA GLN E 24 -1.82 6.76 -18.67
C GLN E 24 -2.40 8.11 -18.96
N LEU E 25 -1.55 9.02 -19.45
CA LEU E 25 -2.00 10.34 -19.88
C LEU E 25 -2.70 10.21 -21.23
N LEU E 26 -2.03 9.55 -22.17
CA LEU E 26 -2.59 9.33 -23.49
C LEU E 26 -3.86 8.45 -23.43
N ASN E 27 -3.86 7.41 -22.61
CA ASN E 27 -5.08 6.62 -22.41
C ASN E 27 -6.30 7.42 -21.90
N ASN E 28 -6.09 8.58 -21.28
CA ASN E 28 -7.19 9.47 -20.83
C ASN E 28 -7.37 10.70 -21.76
N ILE E 29 -6.78 10.69 -22.96
CA ILE E 29 -7.03 11.75 -23.97
C ILE E 29 -7.84 11.17 -25.13
N SER E 30 -9.00 11.79 -25.39
CA SER E 30 -9.98 11.29 -26.34
C SER E 30 -9.91 12.11 -27.62
N THR E 31 -10.12 13.44 -27.51
CA THR E 31 -10.21 14.34 -28.67
C THR E 31 -9.16 15.45 -28.58
N LYS E 32 -9.05 16.23 -29.67
CA LYS E 32 -8.14 17.39 -29.82
C LYS E 32 -8.34 18.41 -28.73
N ARG E 33 -9.61 18.64 -28.41
CA ARG E 33 -9.93 19.65 -27.45
C ARG E 33 -9.30 19.29 -26.12
N GLU E 34 -9.32 18.02 -25.75
CA GLU E 34 -8.68 17.56 -24.51
C GLU E 34 -7.17 17.82 -24.49
N VAL E 35 -6.48 17.54 -25.60
CA VAL E 35 -5.04 17.80 -25.69
C VAL E 35 -4.72 19.26 -25.35
N GLU E 36 -5.43 20.17 -26.02
CA GLU E 36 -5.34 21.60 -25.72
C GLU E 36 -5.58 21.92 -24.25
N GLN E 37 -6.56 21.24 -23.64
CA GLN E 37 -6.89 21.49 -22.23
C GLN E 37 -5.68 21.10 -21.38
N TYR E 38 -5.22 19.87 -21.52
CA TYR E 38 -4.11 19.38 -20.69
C TYR E 38 -2.94 20.34 -20.78
N LEU E 39 -2.59 20.77 -21.98
CA LEU E 39 -1.50 21.74 -22.13
C LEU E 39 -1.67 22.99 -21.29
N LYS E 40 -2.80 23.67 -21.43
CA LYS E 40 -3.23 24.78 -20.56
C LYS E 40 -2.77 24.62 -19.09
N TYR E 41 -2.95 23.44 -18.50
CA TYR E 41 -2.60 23.17 -17.09
C TYR E 41 -1.09 23.06 -16.85
N PHE E 42 -0.42 22.41 -17.80
CA PHE E 42 1.02 22.22 -17.74
C PHE E 42 1.76 23.47 -18.11
N THR E 43 1.37 24.08 -19.23
CA THR E 43 2.04 25.28 -19.74
C THR E 43 1.75 26.52 -18.88
N SER E 44 0.74 26.43 -18.01
CA SER E 44 0.51 27.40 -16.94
C SER E 44 1.75 27.44 -16.03
N VAL E 45 2.50 28.55 -16.04
CA VAL E 45 3.73 28.75 -15.20
C VAL E 45 3.22 29.12 -13.82
N SER E 46 2.80 28.06 -13.13
CA SER E 46 1.74 28.14 -12.14
C SER E 46 2.20 28.53 -10.75
N GLN E 47 2.58 29.80 -10.64
CA GLN E 47 2.40 30.56 -9.39
C GLN E 47 0.86 30.74 -9.18
N GLN E 48 0.09 30.67 -10.28
CA GLN E 48 -1.33 30.37 -10.26
C GLN E 48 -1.57 28.84 -10.30
N GLN E 49 -1.86 28.30 -9.12
CA GLN E 49 -2.00 26.84 -8.82
C GLN E 49 -3.04 25.99 -9.56
N PHE E 50 -2.71 24.72 -9.67
CA PHE E 50 -3.52 23.77 -10.40
C PHE E 50 -4.94 23.59 -9.99
N ALA E 51 -5.15 23.10 -8.78
CA ALA E 51 -6.47 22.74 -8.42
C ALA E 51 -6.62 22.70 -6.95
N VAL E 52 -7.81 23.00 -6.49
CA VAL E 52 -8.19 22.78 -5.10
C VAL E 52 -9.19 21.65 -5.23
N ILE E 53 -8.99 20.50 -4.58
CA ILE E 53 -9.90 19.37 -4.66
C ILE E 53 -10.55 19.14 -3.26
N LYS E 54 -11.85 19.43 -3.11
CA LYS E 54 -12.57 19.17 -1.88
C LYS E 54 -13.04 17.74 -1.91
N VAL E 55 -12.63 16.97 -0.92
CA VAL E 55 -13.01 15.58 -0.80
C VAL E 55 -13.96 15.36 0.36
N GLY E 56 -15.12 14.81 0.08
CA GLY E 56 -16.06 14.40 1.14
C GLY E 56 -15.52 13.25 2.01
N GLY E 57 -15.98 13.19 3.25
CA GLY E 57 -15.46 12.20 4.23
C GLY E 57 -15.84 10.81 3.82
N ALA E 58 -17.04 10.74 3.25
CA ALA E 58 -17.56 9.53 2.67
C ALA E 58 -16.55 8.77 1.80
N ILE E 59 -15.74 9.52 1.07
CA ILE E 59 -14.91 8.92 0.05
C ILE E 59 -13.65 8.35 0.63
N ILE E 60 -13.07 9.02 1.62
CA ILE E 60 -11.88 8.49 2.27
C ILE E 60 -12.21 7.20 2.98
N SER E 61 -13.29 7.21 3.77
CA SER E 61 -13.67 5.98 4.52
C SER E 61 -14.00 4.81 3.59
N ASP E 62 -14.57 5.07 2.40
CA ASP E 62 -15.08 3.99 1.53
C ASP E 62 -14.34 3.74 0.23
N ASN E 63 -14.09 4.80 -0.51
CA ASN E 63 -13.68 4.63 -1.84
C ASN E 63 -12.26 5.14 -2.04
N LEU E 64 -11.41 4.88 -1.04
CA LEU E 64 -10.05 5.48 -0.92
C LEU E 64 -9.09 5.15 -2.06
N HIS E 65 -8.94 3.86 -2.37
CA HIS E 65 -7.96 3.44 -3.36
C HIS E 65 -8.13 4.25 -4.61
N GLU E 66 -9.35 4.35 -5.12
CA GLU E 66 -9.62 5.09 -6.35
C GLU E 66 -9.21 6.56 -6.24
N LEU E 67 -9.45 7.19 -5.09
CA LEU E 67 -9.11 8.59 -4.86
C LEU E 67 -7.60 8.72 -4.87
N ALA E 68 -6.90 7.86 -4.13
CA ALA E 68 -5.44 7.94 -4.07
C ALA E 68 -4.81 7.66 -5.43
N SER E 69 -5.24 6.59 -6.09
CA SER E 69 -4.72 6.22 -7.43
C SER E 69 -4.82 7.38 -8.38
N CYS E 70 -5.88 8.13 -8.22
CA CYS E 70 -6.13 9.26 -9.06
C CYS E 70 -5.36 10.57 -8.68
N LEU E 71 -5.31 10.90 -7.41
CA LEU E 71 -4.43 11.95 -7.01
C LEU E 71 -2.94 11.60 -7.37
N ALA E 72 -2.55 10.33 -7.27
CA ALA E 72 -1.18 9.91 -7.58
C ALA E 72 -0.85 10.24 -9.02
N PHE E 73 -1.80 10.00 -9.92
CA PHE E 73 -1.66 10.38 -11.28
C PHE E 73 -1.32 11.84 -11.40
N LEU E 74 -2.18 12.72 -10.88
CA LEU E 74 -1.88 14.17 -11.01
C LEU E 74 -0.44 14.48 -10.49
N TYR E 75 -0.10 13.96 -9.33
CA TYR E 75 1.22 14.11 -8.74
C TYR E 75 2.31 13.66 -9.68
N HIS E 76 2.10 12.53 -10.35
CA HIS E 76 3.10 11.94 -11.25
C HIS E 76 3.26 12.73 -12.52
N VAL E 77 2.17 13.25 -13.06
CA VAL E 77 2.25 14.06 -14.26
C VAL E 77 2.72 15.46 -13.88
N GLY E 78 3.16 15.64 -12.65
CA GLY E 78 3.69 16.93 -12.18
C GLY E 78 2.74 17.77 -11.32
N LEU E 79 1.49 17.85 -11.74
CA LEU E 79 0.50 18.73 -11.10
C LEU E 79 0.36 18.47 -9.55
N TYR E 80 0.24 19.56 -8.76
CA TYR E 80 0.09 19.50 -7.32
C TYR E 80 -1.24 20.07 -6.90
N PRO E 81 -2.24 19.20 -6.82
CA PRO E 81 -3.46 19.59 -6.22
C PRO E 81 -3.30 19.90 -4.73
N ILE E 82 -4.04 20.90 -4.25
CA ILE E 82 -4.25 21.16 -2.84
C ILE E 82 -5.50 20.41 -2.43
N VAL E 83 -5.40 19.36 -1.61
CA VAL E 83 -6.56 18.56 -1.28
C VAL E 83 -7.12 18.92 0.06
N LEU E 84 -8.43 19.13 0.14
CA LEU E 84 -9.02 19.50 1.38
C LEU E 84 -10.21 18.56 1.63
N HIS E 85 -10.18 17.82 2.74
CA HIS E 85 -11.16 16.78 3.04
C HIS E 85 -11.95 17.10 4.26
N GLY E 86 -13.16 16.58 4.25
CA GLY E 86 -14.06 16.58 5.38
C GLY E 86 -14.14 15.23 6.10
N THR E 87 -15.24 15.01 6.83
CA THR E 87 -15.32 13.84 7.69
C THR E 87 -16.72 13.64 8.14
N GLY E 88 -17.58 13.28 7.20
CA GLY E 88 -19.02 13.24 7.48
C GLY E 88 -19.59 12.04 8.26
N PRO E 89 -19.99 10.97 7.53
CA PRO E 89 -20.83 9.86 8.04
C PRO E 89 -20.23 9.13 9.27
N GLN E 90 -18.96 8.73 9.10
CA GLN E 90 -18.17 8.09 10.14
C GLN E 90 -18.38 8.78 11.51
N VAL E 91 -18.33 10.11 11.51
CA VAL E 91 -18.44 10.87 12.74
C VAL E 91 -19.78 10.59 13.42
N ASN E 92 -20.87 10.64 12.66
CA ASN E 92 -22.22 10.50 13.24
C ASN E 92 -22.46 9.13 13.86
N GLY E 93 -21.74 8.13 13.36
CA GLY E 93 -21.78 6.79 13.94
C GLY E 93 -21.02 6.74 15.27
N ARG E 94 -19.85 7.37 15.29
CA ARG E 94 -19.00 7.35 16.49
C ARG E 94 -19.57 8.22 17.60
N LEU E 95 -20.26 9.30 17.21
CA LEU E 95 -21.05 10.09 18.16
C LEU E 95 -22.20 9.27 18.73
N GLU E 96 -22.79 8.43 17.89
CA GLU E 96 -23.85 7.54 18.34
C GLU E 96 -23.32 6.38 19.17
N ALA E 97 -22.20 5.84 18.72
CA ALA E 97 -21.45 4.84 19.44
C ALA E 97 -21.22 5.32 20.88
N GLN E 98 -20.80 6.57 21.00
CA GLN E 98 -20.45 7.18 22.28
C GLN E 98 -21.64 7.75 23.04
N GLY E 99 -22.83 7.64 22.44
CA GLY E 99 -24.07 7.92 23.16
C GLY E 99 -24.53 9.35 23.07
N ILE E 100 -23.93 10.14 22.17
CA ILE E 100 -24.36 11.51 21.87
C ILE E 100 -25.28 11.52 20.65
N GLU E 101 -26.56 11.84 20.84
CA GLU E 101 -27.48 11.99 19.72
C GLU E 101 -27.12 13.28 19.03
N PRO E 102 -26.65 13.21 17.77
CA PRO E 102 -26.20 14.46 17.14
C PRO E 102 -27.28 15.57 17.11
N ASP E 103 -26.85 16.81 16.97
CA ASP E 103 -27.72 18.00 16.89
C ASP E 103 -27.49 18.81 15.62
N TYR E 104 -28.59 19.26 15.01
CA TYR E 104 -28.55 20.19 13.89
C TYR E 104 -29.54 21.30 14.22
N ILE E 105 -29.02 22.51 14.48
CA ILE E 105 -29.88 23.71 14.48
C ILE E 105 -29.42 24.61 13.32
N ASP E 106 -30.42 25.08 12.57
CA ASP E 106 -30.22 25.90 11.38
C ASP E 106 -29.31 25.22 10.37
N GLY E 107 -29.40 23.90 10.28
CA GLY E 107 -28.66 23.14 9.29
C GLY E 107 -27.19 23.01 9.60
N ILE E 108 -26.75 23.48 10.78
CA ILE E 108 -25.32 23.35 11.21
C ILE E 108 -25.27 22.54 12.50
N ARG E 109 -24.14 21.86 12.71
CA ARG E 109 -24.00 20.99 13.86
C ARG E 109 -23.72 21.79 15.10
N ILE E 110 -24.55 21.63 16.09
CA ILE E 110 -24.20 22.13 17.38
C ILE E 110 -23.01 21.27 17.79
N THR E 111 -21.93 21.90 18.24
CA THR E 111 -20.62 21.24 18.40
C THR E 111 -19.96 21.55 19.75
N ASP E 112 -20.42 20.94 20.84
CA ASP E 112 -19.83 21.17 22.15
C ASP E 112 -18.55 20.37 22.33
N GLU E 113 -17.87 20.57 23.44
CA GLU E 113 -16.59 19.88 23.74
C GLU E 113 -16.60 18.39 23.44
N HIS E 114 -17.62 17.70 23.91
CA HIS E 114 -17.71 16.26 23.75
C HIS E 114 -17.80 15.87 22.31
N THR E 115 -18.57 16.62 21.53
CA THR E 115 -18.72 16.33 20.12
C THR E 115 -17.42 16.63 19.38
N MET E 116 -16.80 17.75 19.73
CA MET E 116 -15.57 18.19 19.06
C MET E 116 -14.46 17.18 19.21
N ALA E 117 -14.28 16.64 20.41
CA ALA E 117 -13.27 15.63 20.66
C ALA E 117 -13.41 14.50 19.63
N VAL E 118 -14.64 14.02 19.45
CA VAL E 118 -14.91 12.93 18.52
C VAL E 118 -14.81 13.35 17.04
N VAL E 119 -15.07 14.63 16.78
CA VAL E 119 -14.88 15.17 15.43
C VAL E 119 -13.42 15.34 15.09
N ARG E 120 -12.62 15.79 16.04
CA ARG E 120 -11.23 16.03 15.73
C ARG E 120 -10.51 14.71 15.55
N LYS E 121 -10.77 13.76 16.44
CA LYS E 121 -10.10 12.45 16.33
C LYS E 121 -10.43 11.81 14.99
N CYS E 122 -11.63 12.04 14.47
CA CYS E 122 -12.01 11.53 13.17
C CYS E 122 -11.25 12.19 12.08
N PHE E 123 -11.15 13.49 12.19
CA PHE E 123 -10.46 14.20 11.20
C PHE E 123 -9.03 13.75 11.09
N LEU E 124 -8.30 13.68 12.19
CA LEU E 124 -6.89 13.30 12.11
C LEU E 124 -6.77 11.87 11.51
N GLU E 125 -7.55 10.94 12.04
CA GLU E 125 -7.60 9.58 11.51
C GLU E 125 -7.80 9.58 10.00
N GLN E 126 -8.77 10.35 9.51
CA GLN E 126 -9.11 10.30 8.10
C GLN E 126 -7.95 10.88 7.34
N ASN E 127 -7.48 12.01 7.81
CA ASN E 127 -6.46 12.79 7.12
C ASN E 127 -5.24 11.98 6.92
N LEU E 128 -4.72 11.46 8.00
CA LEU E 128 -3.58 10.53 7.89
C LEU E 128 -3.83 9.27 7.00
N LYS E 129 -5.06 8.75 7.00
CA LYS E 129 -5.35 7.60 6.19
C LYS E 129 -5.17 7.89 4.70
N LEU E 130 -5.50 9.10 4.28
CA LEU E 130 -5.32 9.50 2.89
C LEU E 130 -3.87 9.73 2.60
N VAL E 131 -3.18 10.35 3.55
CA VAL E 131 -1.74 10.63 3.41
C VAL E 131 -0.92 9.32 3.33
N THR E 132 -1.14 8.39 4.26
CA THR E 132 -0.42 7.13 4.23
C THR E 132 -0.79 6.30 3.00
N ALA E 133 -1.95 6.57 2.43
CA ALA E 133 -2.36 5.90 1.19
C ALA E 133 -1.63 6.40 0.00
N LEU E 134 -1.69 7.69 -0.24
CA LEU E 134 -0.94 8.33 -1.30
C LEU E 134 0.51 7.99 -1.16
N GLU E 135 0.98 7.95 0.07
CA GLU E 135 2.41 7.68 0.27
C GLU E 135 2.79 6.28 -0.13
N GLN E 136 1.89 5.34 0.10
CA GLN E 136 2.13 4.05 -0.39
C GLN E 136 2.16 3.92 -1.93
N LEU E 137 1.49 4.79 -2.66
CA LEU E 137 1.54 4.77 -4.12
C LEU E 137 2.64 5.69 -4.58
N GLY E 138 3.60 5.96 -3.71
CA GLY E 138 4.81 6.75 -4.08
C GLY E 138 4.66 8.25 -4.23
N VAL E 139 3.61 8.79 -3.65
CA VAL E 139 3.42 10.22 -3.68
C VAL E 139 3.83 10.72 -2.35
N ARG E 140 4.43 11.89 -2.36
CA ARG E 140 4.74 12.58 -1.15
C ARG E 140 3.56 13.37 -0.64
N ALA E 141 3.06 12.98 0.51
CA ALA E 141 2.06 13.72 1.13
C ALA E 141 2.54 14.35 2.44
N ARG E 142 1.84 15.44 2.78
CA ARG E 142 2.11 16.21 3.96
C ARG E 142 0.78 16.48 4.70
N PRO E 143 0.55 15.80 5.83
CA PRO E 143 -0.63 16.15 6.52
C PRO E 143 -0.53 17.59 7.06
N ILE E 144 -1.63 18.36 6.93
CA ILE E 144 -1.71 19.68 7.46
C ILE E 144 -2.97 19.79 8.31
N THR E 145 -2.90 19.22 9.51
CA THR E 145 -4.07 19.07 10.40
C THR E 145 -4.48 20.37 11.16
N SER E 146 -3.70 21.42 10.96
CA SER E 146 -3.91 22.67 11.66
C SER E 146 -3.02 23.85 11.17
N GLY E 147 -3.61 25.05 11.10
CA GLY E 147 -2.85 26.28 11.00
C GLY E 147 -2.93 26.86 9.61
N VAL E 148 -3.84 26.30 8.80
CA VAL E 148 -4.17 26.90 7.54
C VAL E 148 -5.31 27.87 7.75
N PHE E 149 -6.35 27.42 8.44
CA PHE E 149 -7.51 28.27 8.63
C PHE E 149 -7.60 28.91 10.00
N THR E 150 -7.75 30.21 9.99
CA THR E 150 -7.94 31.00 11.19
C THR E 150 -9.41 31.22 11.22
N ALA E 151 -10.02 31.27 12.40
CA ALA E 151 -11.45 31.54 12.47
C ALA E 151 -11.86 32.04 13.81
N ASP E 152 -13.11 32.44 13.89
CA ASP E 152 -13.70 32.81 15.15
C ASP E 152 -15.11 32.26 15.17
N TYR E 153 -15.73 32.34 16.35
CA TYR E 153 -16.95 31.59 16.63
C TYR E 153 -18.05 32.10 15.75
N LEU E 154 -18.83 31.17 15.20
CA LEU E 154 -19.97 31.52 14.35
C LEU E 154 -21.02 32.23 15.22
N ASP E 155 -21.44 31.54 16.28
CA ASP E 155 -22.27 32.10 17.33
C ASP E 155 -22.04 31.14 18.50
N LYS E 156 -21.40 31.62 19.56
CA LYS E 156 -20.94 30.73 20.61
C LYS E 156 -22.11 30.12 21.36
N ASP E 157 -23.20 30.85 21.47
CA ASP E 157 -24.37 30.33 22.15
C ASP E 157 -25.10 29.27 21.32
N LYS E 158 -25.13 29.48 19.99
CA LYS E 158 -25.97 28.70 19.06
C LYS E 158 -25.28 27.45 18.59
N TYR E 159 -24.07 27.62 18.13
CA TYR E 159 -23.38 26.49 17.59
C TYR E 159 -22.27 25.98 18.50
N LYS E 160 -21.99 26.69 19.59
CA LYS E 160 -20.84 26.38 20.45
C LYS E 160 -19.55 26.50 19.59
N LEU E 161 -18.71 25.47 19.54
CA LEU E 161 -17.44 25.51 18.84
C LEU E 161 -17.62 25.27 17.34
N VAL E 162 -18.36 26.14 16.65
CA VAL E 162 -18.36 26.13 15.17
C VAL E 162 -17.88 27.49 14.72
N GLY E 163 -16.94 27.47 13.78
CA GLY E 163 -16.23 28.67 13.38
C GLY E 163 -16.65 29.27 12.06
N ASN E 164 -16.33 30.57 11.94
CA ASN E 164 -16.46 31.32 10.70
C ASN E 164 -15.06 31.65 10.21
N ILE E 165 -14.71 31.25 8.99
CA ILE E 165 -13.33 31.39 8.54
C ILE E 165 -12.95 32.81 8.28
N LYS E 166 -12.06 33.33 9.11
CA LYS E 166 -11.66 34.70 9.03
C LYS E 166 -10.53 34.90 8.01
N SER E 167 -9.69 33.89 7.84
CA SER E 167 -8.52 34.02 6.93
C SER E 167 -7.78 32.71 6.68
N VAL E 168 -7.15 32.59 5.50
CA VAL E 168 -6.32 31.46 5.14
C VAL E 168 -4.88 31.90 5.18
N THR E 169 -4.03 31.21 5.97
CA THR E 169 -2.56 31.39 5.86
C THR E 169 -1.99 30.37 4.90
N LYS E 170 -1.24 30.85 3.92
CA LYS E 170 -0.88 30.06 2.73
C LYS E 170 0.39 29.30 2.98
N GLU E 171 1.15 29.76 3.96
CA GLU E 171 2.58 29.47 4.02
C GLU E 171 2.83 27.98 4.07
N PRO E 172 1.94 27.21 4.76
CA PRO E 172 2.18 25.76 4.88
C PRO E 172 1.87 25.07 3.60
N ILE E 173 0.78 25.48 2.98
CA ILE E 173 0.36 24.91 1.72
C ILE E 173 1.39 25.19 0.69
N GLU E 174 2.02 26.34 0.75
CA GLU E 174 3.05 26.63 -0.23
C GLU E 174 4.25 25.80 0.09
N ALA E 175 4.84 25.97 1.26
CA ALA E 175 6.09 25.37 1.52
C ALA E 175 6.07 23.88 1.59
N SER E 176 4.88 23.33 1.39
CA SER E 176 4.69 21.90 1.08
C SER E 176 4.92 21.65 -0.42
N ILE E 177 4.02 22.19 -1.25
CA ILE E 177 4.12 22.10 -2.69
C ILE E 177 5.56 22.37 -3.08
N LYS E 178 6.12 23.47 -2.59
CA LYS E 178 7.48 23.81 -2.87
C LYS E 178 8.40 22.65 -2.52
N ALA E 179 8.20 22.01 -1.39
CA ALA E 179 9.07 20.89 -1.04
C ALA E 179 8.71 19.58 -1.75
N GLY E 180 7.64 19.59 -2.53
CA GLY E 180 7.36 18.53 -3.50
C GLY E 180 6.32 17.53 -3.04
N ALA E 181 5.39 17.97 -2.20
CA ALA E 181 4.47 17.09 -1.53
C ALA E 181 3.09 17.61 -1.53
N LEU E 182 2.14 16.74 -1.85
CA LEU E 182 0.70 17.10 -1.91
C LEU E 182 0.22 17.50 -0.53
N PRO E 183 -0.26 18.71 -0.39
CA PRO E 183 -0.72 19.07 0.91
C PRO E 183 -2.15 18.58 1.11
N ILE E 184 -2.36 17.80 2.16
CA ILE E 184 -3.66 17.28 2.52
C ILE E 184 -4.20 18.05 3.72
N LEU E 185 -5.24 18.89 3.54
CA LEU E 185 -5.77 19.73 4.64
C LEU E 185 -7.05 19.16 5.24
N THR E 186 -7.10 19.08 6.58
CA THR E 186 -8.36 18.98 7.34
C THR E 186 -9.05 20.33 7.31
N SER E 187 -10.39 20.33 7.41
CA SER E 187 -11.15 21.55 7.44
C SER E 187 -11.49 21.98 8.87
N LEU E 188 -10.53 21.86 9.77
CA LEU E 188 -10.59 22.61 11.04
C LEU E 188 -9.93 23.95 10.93
N ALA E 189 -10.63 24.96 11.45
CA ALA E 189 -10.07 26.27 11.66
C ALA E 189 -9.76 26.38 13.14
N GLU E 190 -8.87 27.30 13.50
CA GLU E 190 -8.59 27.59 14.91
C GLU E 190 -8.60 29.03 15.18
N THR E 191 -8.82 29.39 16.43
CA THR E 191 -8.91 30.75 16.81
C THR E 191 -7.50 31.25 17.08
N ALA E 192 -7.37 32.56 17.28
CA ALA E 192 -6.10 33.13 17.63
C ALA E 192 -5.51 32.33 18.74
N SER E 193 -6.27 32.25 19.83
CA SER E 193 -5.82 31.66 21.10
C SER E 193 -5.70 30.14 21.07
N GLY E 194 -6.12 29.51 19.97
CA GLY E 194 -5.80 28.11 19.74
C GLY E 194 -6.94 27.14 19.67
N GLN E 195 -8.14 27.55 20.07
CA GLN E 195 -9.28 26.62 20.13
C GLN E 195 -9.71 26.21 18.75
N MET E 196 -9.75 24.91 18.49
CA MET E 196 -10.15 24.42 17.20
C MET E 196 -11.67 24.47 17.11
N LEU E 197 -12.20 24.68 15.91
CA LEU E 197 -13.63 24.88 15.64
C LEU E 197 -14.01 24.16 14.36
N ASN E 198 -15.14 23.48 14.37
CA ASN E 198 -15.62 22.76 13.16
C ASN E 198 -16.07 23.78 12.11
N VAL E 199 -15.73 23.51 10.85
CA VAL E 199 -16.10 24.40 9.72
C VAL E 199 -16.46 23.70 8.39
N ASN E 200 -17.52 24.18 7.69
CA ASN E 200 -17.95 23.63 6.36
C ASN E 200 -16.84 23.40 5.33
N ALA E 201 -16.54 22.12 5.05
CA ALA E 201 -15.52 21.76 4.09
C ALA E 201 -15.73 22.43 2.70
N ASP E 202 -16.95 22.87 2.39
CA ASP E 202 -17.23 23.51 1.09
C ASP E 202 -16.98 24.99 1.12
N VAL E 203 -17.28 25.62 2.24
CA VAL E 203 -16.91 27.04 2.43
C VAL E 203 -15.40 27.17 2.56
N ALA E 204 -14.79 26.26 3.27
CA ALA E 204 -13.37 26.24 3.35
C ALA E 204 -12.76 26.03 1.96
N ALA E 205 -13.25 25.09 1.16
CA ALA E 205 -12.69 24.82 -0.18
C ALA E 205 -12.71 26.07 -0.95
N GLY E 206 -13.85 26.70 -0.96
CA GLY E 206 -14.02 28.01 -1.56
C GLY E 206 -13.11 29.12 -1.03
N GLU E 207 -12.78 29.15 0.25
CA GLU E 207 -11.86 30.18 0.76
C GLU E 207 -10.51 29.96 0.22
N LEU E 208 -10.08 28.69 0.13
CA LEU E 208 -8.79 28.34 -0.50
C LEU E 208 -8.83 28.85 -1.91
N ALA E 209 -9.81 28.40 -2.68
CA ALA E 209 -9.93 28.85 -4.05
C ALA E 209 -9.77 30.35 -4.25
N ARG E 210 -10.33 31.16 -3.39
CA ARG E 210 -10.22 32.61 -3.58
C ARG E 210 -8.78 33.05 -3.45
N VAL E 211 -8.06 32.35 -2.60
CA VAL E 211 -6.75 32.74 -2.22
C VAL E 211 -5.69 32.18 -3.14
N PHE E 212 -5.85 30.97 -3.67
CA PHE E 212 -4.89 30.45 -4.67
C PHE E 212 -5.32 30.59 -6.12
N GLU E 213 -6.53 31.06 -6.36
CA GLU E 213 -6.98 31.37 -7.71
C GLU E 213 -6.65 30.24 -8.68
N PRO E 214 -6.87 28.99 -8.27
CA PRO E 214 -6.51 27.87 -9.08
C PRO E 214 -7.33 27.67 -10.33
N LEU E 215 -6.77 26.90 -11.23
CA LEU E 215 -7.36 26.57 -12.54
C LEU E 215 -8.67 25.69 -12.50
N LYS E 216 -8.66 24.69 -11.65
CA LYS E 216 -9.75 23.78 -11.47
C LYS E 216 -10.08 23.83 -10.01
N ILE E 217 -11.35 23.95 -9.71
CA ILE E 217 -11.82 23.70 -8.39
C ILE E 217 -12.71 22.49 -8.51
N VAL E 218 -12.46 21.42 -7.75
CA VAL E 218 -13.22 20.21 -7.91
C VAL E 218 -13.87 19.84 -6.62
N TYR E 219 -15.19 19.82 -6.61
CA TYR E 219 -15.99 19.33 -5.49
C TYR E 219 -16.36 17.83 -5.70
N LEU E 220 -15.70 16.92 -4.99
CA LEU E 220 -16.00 15.49 -5.11
C LEU E 220 -17.18 15.20 -4.24
N ASN E 221 -18.34 14.92 -4.82
CA ASN E 221 -19.42 14.33 -4.02
C ASN E 221 -19.51 12.84 -4.27
N GLU E 222 -20.16 12.15 -3.36
CA GLU E 222 -20.55 10.81 -3.61
C GLU E 222 -21.67 10.76 -4.67
N LYS E 223 -22.60 11.72 -4.63
CA LYS E 223 -23.78 11.74 -5.47
C LYS E 223 -23.50 11.60 -6.99
N GLY E 224 -22.87 12.62 -7.57
CA GLY E 224 -22.45 12.62 -8.98
C GLY E 224 -23.00 13.72 -9.88
N GLY E 225 -22.61 14.98 -9.67
CA GLY E 225 -23.03 16.06 -10.58
C GLY E 225 -24.42 16.64 -10.33
N ILE E 226 -25.13 16.98 -11.41
CA ILE E 226 -26.45 17.58 -11.31
C ILE E 226 -27.43 16.92 -12.30
N ILE E 227 -28.54 16.39 -11.78
CA ILE E 227 -29.61 15.84 -12.62
C ILE E 227 -30.70 16.90 -12.77
N ASN E 228 -31.34 16.92 -13.94
CA ASN E 228 -32.49 17.79 -14.16
C ASN E 228 -33.77 17.08 -13.68
N GLY E 229 -34.34 17.54 -12.57
CA GLY E 229 -35.51 16.89 -11.94
C GLY E 229 -36.72 16.75 -12.82
N SER E 230 -36.78 17.60 -13.84
CA SER E 230 -37.94 17.71 -14.73
C SER E 230 -37.85 16.86 -16.00
N THR E 231 -36.64 16.79 -16.59
CA THR E 231 -36.40 15.95 -17.77
C THR E 231 -35.81 14.59 -17.36
N GLY E 232 -35.05 14.58 -16.26
CA GLY E 232 -34.28 13.42 -15.88
C GLY E 232 -32.85 13.54 -16.38
N GLU E 233 -32.64 14.28 -17.46
CA GLU E 233 -31.33 14.39 -18.11
C GLU E 233 -30.31 14.99 -17.17
N LYS E 234 -29.10 14.46 -17.17
CA LYS E 234 -28.00 15.06 -16.44
C LYS E 234 -27.56 16.38 -17.10
N ILE E 235 -26.79 17.20 -16.39
CA ILE E 235 -26.23 18.42 -16.93
C ILE E 235 -24.72 18.27 -17.08
N SER E 236 -24.20 18.44 -18.29
CA SER E 236 -22.77 18.37 -18.53
C SER E 236 -22.09 19.65 -18.08
N MET E 237 -22.45 20.75 -18.73
CA MET E 237 -21.78 22.03 -18.53
C MET E 237 -22.81 23.08 -18.27
N ILE E 238 -22.43 24.08 -17.48
CA ILE E 238 -23.26 25.27 -17.28
C ILE E 238 -22.40 26.45 -17.73
N ASN E 239 -22.88 27.28 -18.67
CA ASN E 239 -22.15 28.52 -19.06
C ASN E 239 -22.63 29.78 -18.42
N LEU E 240 -22.15 30.04 -17.19
CA LEU E 240 -22.85 30.95 -16.24
C LEU E 240 -23.28 32.25 -16.87
N ASP E 241 -22.35 32.97 -17.45
CA ASP E 241 -22.69 34.20 -18.12
C ASP E 241 -23.89 34.01 -19.03
N GLU E 242 -23.92 32.97 -19.84
CA GLU E 242 -25.06 32.73 -20.72
C GLU E 242 -26.31 32.19 -20.00
N GLU E 243 -26.16 31.07 -19.31
CA GLU E 243 -27.31 30.30 -18.79
C GLU E 243 -27.80 30.72 -17.42
N TYR E 244 -26.94 31.32 -16.62
CA TYR E 244 -27.20 31.50 -15.19
C TYR E 244 -28.59 31.95 -14.90
N ASP E 245 -28.96 33.04 -15.55
CA ASP E 245 -30.15 33.79 -15.19
C ASP E 245 -31.45 33.07 -15.49
N ASP E 246 -31.57 32.49 -16.68
CA ASP E 246 -32.79 31.76 -17.05
C ASP E 246 -32.70 30.26 -16.74
N LEU E 247 -31.63 29.85 -16.11
CA LEU E 247 -31.58 28.53 -15.53
C LEU E 247 -31.86 28.61 -14.01
N MET E 248 -31.63 29.78 -13.43
CA MET E 248 -31.83 29.99 -12.00
C MET E 248 -33.28 30.23 -11.76
N LYS E 249 -33.91 31.03 -12.61
CA LYS E 249 -35.31 31.35 -12.47
C LYS E 249 -36.19 30.25 -13.07
N GLN E 250 -35.79 28.99 -12.92
CA GLN E 250 -36.57 27.83 -13.39
C GLN E 250 -37.21 27.07 -12.24
N SER E 251 -38.41 26.59 -12.51
CA SER E 251 -39.24 25.99 -11.50
C SER E 251 -38.76 24.62 -11.08
N TRP E 252 -38.07 23.92 -11.98
CA TRP E 252 -37.56 22.59 -11.64
C TRP E 252 -36.35 22.63 -10.73
N VAL E 253 -35.55 23.69 -10.82
CA VAL E 253 -34.33 23.77 -10.05
C VAL E 253 -34.64 23.83 -8.55
N LYS E 254 -34.15 22.83 -7.82
CA LYS E 254 -34.36 22.72 -6.39
C LYS E 254 -33.53 23.76 -5.68
N TYR E 255 -33.93 24.09 -4.46
CA TYR E 255 -33.31 25.19 -3.74
C TYR E 255 -31.89 24.84 -3.28
N GLY E 256 -31.66 23.58 -2.94
CA GLY E 256 -30.31 23.13 -2.60
C GLY E 256 -29.35 23.30 -3.78
N THR E 257 -29.91 23.20 -4.98
CA THR E 257 -29.18 23.45 -6.20
C THR E 257 -28.88 24.94 -6.32
N LYS E 258 -29.93 25.76 -6.23
CA LYS E 258 -29.78 27.21 -6.31
C LYS E 258 -28.70 27.70 -5.33
N LEU E 259 -28.73 27.20 -4.09
CA LEU E 259 -27.81 27.71 -3.10
C LEU E 259 -26.40 27.30 -3.46
N LYS E 260 -26.24 26.31 -4.34
CA LYS E 260 -24.90 25.98 -4.88
C LYS E 260 -24.56 26.67 -6.18
N ILE E 261 -25.48 26.63 -7.14
CA ILE E 261 -25.22 27.32 -8.37
C ILE E 261 -24.80 28.74 -8.03
N ARG E 262 -25.52 29.42 -7.15
CA ARG E 262 -25.15 30.80 -6.79
C ARG E 262 -23.77 30.84 -6.17
N GLU E 263 -23.58 29.97 -5.19
CA GLU E 263 -22.28 29.83 -4.53
C GLU E 263 -21.16 29.79 -5.54
N ILE E 264 -21.30 28.96 -6.56
CA ILE E 264 -20.28 28.84 -7.55
C ILE E 264 -20.16 30.07 -8.46
N LYS E 265 -21.28 30.64 -8.90
CA LYS E 265 -21.25 31.85 -9.73
C LYS E 265 -20.44 32.89 -9.00
N GLU E 266 -20.69 33.05 -7.72
CA GLU E 266 -20.01 34.04 -6.94
C GLU E 266 -18.51 33.80 -6.77
N LEU E 267 -18.08 32.55 -6.71
CA LEU E 267 -16.66 32.24 -6.68
C LEU E 267 -15.97 32.60 -7.97
N LEU E 268 -16.50 32.09 -9.06
CA LEU E 268 -15.88 32.27 -10.36
C LEU E 268 -15.96 33.67 -10.93
N ASP E 269 -16.85 34.49 -10.36
CA ASP E 269 -16.96 35.93 -10.67
C ASP E 269 -15.65 36.62 -10.42
N TYR E 270 -14.93 36.18 -9.40
CA TYR E 270 -13.71 36.89 -9.04
C TYR E 270 -12.43 36.13 -9.28
N LEU E 271 -12.57 34.97 -9.89
CA LEU E 271 -11.44 34.22 -10.41
C LEU E 271 -11.46 34.37 -11.90
N PRO E 272 -10.30 34.12 -12.53
CA PRO E 272 -10.09 34.24 -13.97
C PRO E 272 -11.09 33.47 -14.81
N ARG E 273 -11.05 33.71 -16.11
CA ARG E 273 -12.02 33.11 -17.03
C ARG E 273 -11.57 31.72 -17.29
N SER E 274 -10.27 31.53 -17.18
CA SER E 274 -9.61 30.23 -17.37
C SER E 274 -10.05 29.23 -16.30
N SER E 275 -10.42 29.74 -15.14
CA SER E 275 -10.80 28.90 -14.03
C SER E 275 -12.19 28.32 -14.18
N SER E 276 -12.32 27.06 -13.74
CA SER E 276 -13.60 26.32 -13.80
C SER E 276 -13.89 25.55 -12.50
N VAL E 277 -15.12 25.11 -12.36
CA VAL E 277 -15.52 24.24 -11.25
C VAL E 277 -16.04 22.96 -11.82
N ALA E 278 -15.77 21.84 -11.15
CA ALA E 278 -16.31 20.55 -11.58
C ALA E 278 -16.86 19.83 -10.36
N ILE E 279 -18.08 19.28 -10.51
CA ILE E 279 -18.73 18.52 -9.48
C ILE E 279 -18.84 17.06 -9.97
N ILE E 280 -18.10 16.14 -9.34
CA ILE E 280 -18.01 14.85 -9.91
C ILE E 280 -18.07 13.76 -8.87
N ASN E 281 -18.63 12.61 -9.29
CA ASN E 281 -18.42 11.37 -8.63
C ASN E 281 -16.98 10.93 -8.75
N VAL E 282 -16.45 10.37 -7.67
CA VAL E 282 -15.06 9.97 -7.56
C VAL E 282 -14.54 9.18 -8.75
N GLN E 283 -15.30 8.18 -9.13
CA GLN E 283 -14.84 7.31 -10.18
C GLN E 283 -14.62 7.94 -11.55
N ASP E 284 -15.25 9.08 -11.81
CA ASP E 284 -15.15 9.70 -13.10
C ASP E 284 -14.19 10.85 -13.05
N LEU E 285 -13.24 10.84 -12.14
CA LEU E 285 -12.52 12.06 -11.81
C LEU E 285 -11.46 12.49 -12.85
N GLN E 286 -10.42 11.66 -13.04
CA GLN E 286 -9.27 12.05 -13.89
C GLN E 286 -9.59 12.04 -15.38
N LYS E 287 -10.87 11.81 -15.73
CA LYS E 287 -11.37 12.23 -17.00
C LYS E 287 -11.78 13.72 -16.93
N GLU E 288 -12.86 14.08 -16.22
CA GLU E 288 -13.37 15.51 -16.21
C GLU E 288 -12.60 16.54 -15.29
N LEU E 289 -11.38 16.18 -14.92
CA LEU E 289 -10.35 17.16 -14.54
C LEU E 289 -9.63 17.76 -15.74
N PHE E 290 -10.11 17.44 -16.93
CA PHE E 290 -9.47 17.87 -18.13
C PHE E 290 -10.45 17.93 -19.29
N THR E 291 -11.38 16.99 -19.35
CA THR E 291 -12.35 16.89 -20.46
C THR E 291 -13.60 17.61 -20.01
N ASP E 292 -14.53 17.79 -20.96
CA ASP E 292 -15.92 18.17 -20.65
C ASP E 292 -16.92 17.10 -21.16
N SER E 293 -16.40 15.95 -21.63
CA SER E 293 -17.20 14.75 -22.00
C SER E 293 -17.28 13.71 -20.84
N GLY E 294 -16.53 13.91 -19.76
CA GLY E 294 -16.77 13.22 -18.48
C GLY E 294 -18.18 13.51 -17.95
N ALA E 295 -18.92 12.47 -17.54
CA ALA E 295 -20.16 12.67 -16.78
C ALA E 295 -19.81 13.39 -15.47
N GLY E 296 -20.80 13.97 -14.83
CA GLY E 296 -20.53 14.91 -13.75
C GLY E 296 -20.71 16.26 -14.40
N THR E 297 -20.91 17.27 -13.58
CA THR E 297 -21.30 18.61 -14.05
C THR E 297 -20.12 19.55 -13.96
N MET E 298 -19.90 20.36 -15.00
CA MET E 298 -18.75 21.26 -15.08
C MET E 298 -19.16 22.67 -15.31
N ILE E 299 -18.84 23.57 -14.41
CA ILE E 299 -19.41 24.90 -14.49
C ILE E 299 -18.36 25.94 -14.74
N ARG E 300 -18.64 26.94 -15.58
CA ARG E 300 -17.73 28.12 -15.69
C ARG E 300 -18.39 29.34 -16.33
N ARG E 301 -17.67 30.48 -16.28
CA ARG E 301 -18.21 31.78 -16.74
C ARG E 301 -18.45 31.81 -18.23
N GLY E 302 -17.42 31.59 -19.03
CA GLY E 302 -17.66 31.38 -20.45
C GLY E 302 -18.38 32.56 -21.10
N TYR E 303 -19.10 32.37 -22.21
CA TYR E 303 -19.35 33.48 -23.11
C TYR E 303 -20.67 33.76 -23.84
N LYS E 304 -21.31 34.89 -23.50
CA LYS E 304 -22.46 35.44 -24.29
C LYS E 304 -21.88 36.18 -25.45
N LEU E 305 -22.31 35.89 -26.68
CA LEU E 305 -21.95 36.72 -27.80
C LEU E 305 -22.82 37.98 -27.81
N VAL E 306 -22.22 39.13 -28.15
CA VAL E 306 -22.94 40.40 -28.16
C VAL E 306 -22.94 41.02 -29.58
N LYS E 307 -24.13 41.22 -30.17
CA LYS E 307 -24.26 41.69 -31.55
C LYS E 307 -24.11 43.21 -31.55
N ARG E 308 -23.27 43.75 -32.43
CA ARG E 308 -22.97 45.21 -32.47
C ARG E 308 -22.98 45.77 -33.88
N SER E 309 -23.55 46.98 -34.04
CA SER E 309 -23.69 47.57 -35.37
C SER E 309 -22.86 48.82 -35.56
N SER E 310 -21.86 49.06 -34.70
CA SER E 310 -21.18 50.38 -34.67
C SER E 310 -19.94 50.40 -33.82
N ILE E 311 -18.84 50.93 -34.35
CA ILE E 311 -17.61 50.97 -33.59
C ILE E 311 -17.81 51.54 -32.17
N GLY E 312 -18.53 52.65 -32.08
CA GLY E 312 -18.78 53.34 -30.81
C GLY E 312 -19.90 52.69 -30.02
N GLU E 313 -20.18 51.43 -30.34
CA GLU E 313 -21.04 50.65 -29.51
C GLU E 313 -20.12 49.91 -28.52
N PHE E 314 -19.13 49.15 -29.03
CA PHE E 314 -18.22 48.36 -28.19
C PHE E 314 -17.76 49.12 -26.98
N PRO E 315 -17.93 48.56 -25.80
CA PRO E 315 -17.63 49.34 -24.58
C PRO E 315 -16.19 49.68 -24.62
N SER E 316 -15.44 48.77 -25.23
CA SER E 316 -14.02 48.95 -25.47
C SER E 316 -13.74 49.71 -26.77
N ALA E 317 -13.45 51.00 -26.68
CA ALA E 317 -13.02 51.70 -27.88
C ALA E 317 -11.74 51.03 -28.36
N ASP E 318 -10.89 50.70 -27.40
CA ASP E 318 -9.52 50.36 -27.67
C ASP E 318 -9.41 48.86 -27.87
N ALA E 319 -9.88 48.07 -26.90
CA ALA E 319 -9.65 46.60 -26.91
C ALA E 319 -10.19 45.93 -28.12
N LEU E 320 -11.07 46.60 -28.87
CA LEU E 320 -11.43 46.10 -30.19
C LEU E 320 -10.18 46.10 -31.08
N ARG E 321 -9.40 47.18 -31.05
CA ARG E 321 -8.12 47.20 -31.73
C ARG E 321 -7.23 46.07 -31.18
N LYS E 322 -7.06 46.01 -29.86
CA LYS E 322 -6.21 44.99 -29.28
C LYS E 322 -6.61 43.61 -29.78
N ALA E 323 -7.89 43.41 -30.06
CA ALA E 323 -8.35 42.12 -30.51
C ALA E 323 -7.99 41.87 -31.96
N LEU E 324 -8.27 42.85 -32.81
CA LEU E 324 -8.07 42.67 -34.25
C LEU E 324 -6.60 42.53 -34.62
N GLN E 325 -5.72 43.02 -33.76
CA GLN E 325 -4.30 42.89 -33.96
C GLN E 325 -3.86 41.42 -33.96
N ARG E 326 -4.68 40.55 -33.37
CA ARG E 326 -4.35 39.11 -33.29
C ARG E 326 -4.26 38.45 -34.67
N ASP E 327 -5.19 38.86 -35.54
CA ASP E 327 -5.28 38.46 -36.96
C ASP E 327 -3.91 38.48 -37.67
N ALA E 328 -3.60 37.42 -38.45
CA ALA E 328 -2.28 37.30 -39.17
C ALA E 328 -2.30 37.90 -40.61
N GLY E 329 -3.23 38.84 -40.87
CA GLY E 329 -3.21 39.73 -42.03
C GLY E 329 -3.06 41.21 -41.66
N ILE E 330 -3.28 41.54 -40.38
CA ILE E 330 -3.00 42.86 -39.78
C ILE E 330 -1.73 42.84 -38.93
N SER E 331 -1.38 41.66 -38.39
CA SER E 331 -0.11 41.45 -37.68
C SER E 331 1.05 41.27 -38.67
N SER E 332 0.82 40.58 -39.79
CA SER E 332 1.69 40.71 -40.97
C SER E 332 1.07 41.83 -41.81
N GLY E 333 1.70 43.01 -41.77
CA GLY E 333 1.04 44.28 -42.12
C GLY E 333 0.74 44.55 -43.59
N LYS E 334 -0.47 44.13 -44.00
CA LYS E 334 -1.07 44.60 -45.24
C LYS E 334 -1.78 45.90 -44.86
N GLU E 335 -2.87 45.80 -44.08
CA GLU E 335 -3.47 47.02 -43.54
C GLU E 335 -3.41 47.01 -42.03
N SER E 336 -3.03 48.15 -41.48
CA SER E 336 -3.03 48.33 -40.06
C SER E 336 -4.43 48.38 -39.62
N VAL E 337 -4.62 48.30 -38.32
CA VAL E 337 -5.92 48.39 -37.78
C VAL E 337 -6.54 49.76 -37.94
N ALA E 338 -5.77 50.81 -37.67
CA ALA E 338 -6.26 52.16 -37.86
C ALA E 338 -6.96 52.30 -39.18
N SER E 339 -6.22 52.03 -40.25
CA SER E 339 -6.74 52.14 -41.59
C SER E 339 -7.96 51.26 -41.80
N TYR E 340 -8.06 50.14 -41.08
CA TYR E 340 -9.21 49.25 -41.18
C TYR E 340 -10.42 49.75 -40.37
N LEU E 341 -10.18 50.28 -39.18
CA LEU E 341 -11.28 50.75 -38.36
C LEU E 341 -12.00 51.90 -39.04
N ARG E 342 -11.25 52.77 -39.70
CA ARG E 342 -11.90 53.83 -40.41
C ARG E 342 -12.86 53.26 -41.39
N TYR E 343 -12.38 52.33 -42.22
CA TYR E 343 -13.24 51.68 -43.20
C TYR E 343 -14.50 51.08 -42.56
N LEU E 344 -14.35 50.45 -41.41
CA LEU E 344 -15.45 49.78 -40.75
C LEU E 344 -16.50 50.83 -40.46
N GLU E 345 -16.13 51.80 -39.63
CA GLU E 345 -17.06 52.82 -39.16
C GLU E 345 -17.92 53.46 -40.25
N ASN E 346 -17.38 53.51 -41.46
CA ASN E 346 -18.13 54.04 -42.62
C ASN E 346 -18.82 52.95 -43.45
N SER E 347 -19.26 51.88 -42.79
CA SER E 347 -19.87 50.76 -43.51
C SER E 347 -20.89 50.04 -42.61
N ASP E 348 -22.02 49.59 -43.17
CA ASP E 348 -23.02 48.85 -42.36
C ASP E 348 -22.57 47.46 -42.24
N PHE E 349 -22.37 47.11 -41.01
CA PHE E 349 -21.79 45.85 -40.68
C PHE E 349 -22.45 45.33 -39.42
N VAL E 350 -22.48 44.02 -39.27
CA VAL E 350 -22.93 43.43 -38.04
C VAL E 350 -21.62 42.86 -37.49
N SER E 351 -21.45 42.94 -36.16
CA SER E 351 -20.33 42.27 -35.50
C SER E 351 -20.77 41.52 -34.27
N TYR E 352 -20.55 40.23 -34.27
CA TYR E 352 -20.72 39.43 -33.07
C TYR E 352 -19.35 39.32 -32.39
N ALA E 353 -19.32 39.44 -31.07
CA ALA E 353 -18.10 39.19 -30.31
C ALA E 353 -18.53 38.84 -28.94
N ASP E 354 -17.80 37.96 -28.32
CA ASP E 354 -18.05 37.67 -26.93
C ASP E 354 -17.63 38.85 -26.06
N GLU E 355 -17.92 38.74 -24.76
CA GLU E 355 -17.73 39.86 -23.84
C GLU E 355 -16.25 40.25 -23.76
N PRO E 356 -15.36 39.27 -23.61
CA PRO E 356 -13.97 39.62 -23.50
C PRO E 356 -13.18 39.66 -24.84
N LEU E 357 -13.88 39.83 -25.95
CA LEU E 357 -13.26 39.96 -27.28
C LEU E 357 -12.23 38.87 -27.63
N GLU E 358 -12.48 37.66 -27.17
CA GLU E 358 -11.63 36.51 -27.47
C GLU E 358 -11.87 36.03 -28.91
N ALA E 359 -13.07 36.25 -29.39
CA ALA E 359 -13.45 35.94 -30.76
C ALA E 359 -14.35 37.08 -31.33
N VAL E 360 -13.88 37.83 -32.31
CA VAL E 360 -14.69 38.84 -32.99
C VAL E 360 -14.98 38.35 -34.40
N ALA E 361 -16.22 38.56 -34.86
CA ALA E 361 -16.61 38.28 -36.25
C ALA E 361 -17.24 39.53 -36.77
N ILE E 362 -16.81 39.99 -37.93
CA ILE E 362 -17.37 41.18 -38.55
C ILE E 362 -17.91 40.79 -39.91
N VAL E 363 -19.20 41.05 -40.14
CA VAL E 363 -19.81 40.76 -41.44
C VAL E 363 -20.20 42.03 -42.16
N LYS E 364 -19.54 42.32 -43.28
CA LYS E 364 -19.83 43.48 -44.07
C LYS E 364 -21.03 43.08 -44.86
N LYS E 365 -22.08 43.86 -44.75
CA LYS E 365 -23.40 43.47 -45.24
C LYS E 365 -23.62 43.95 -46.67
N ASP E 366 -22.64 44.72 -47.17
CA ASP E 366 -22.83 45.58 -48.34
C ASP E 366 -22.92 44.89 -49.72
N THR E 367 -22.27 43.74 -49.90
CA THR E 367 -22.45 42.95 -51.13
C THR E 367 -23.40 41.77 -50.85
N ASN E 368 -24.46 41.67 -51.65
CA ASN E 368 -25.21 40.44 -51.81
C ASN E 368 -24.22 39.29 -51.74
N VAL E 369 -24.57 38.27 -50.98
CA VAL E 369 -23.59 37.38 -50.31
C VAL E 369 -22.70 38.26 -49.42
N PRO E 370 -23.20 38.61 -48.25
CA PRO E 370 -22.42 39.36 -47.30
C PRO E 370 -21.12 38.66 -47.06
N THR E 371 -20.06 39.43 -46.85
CA THR E 371 -18.77 38.89 -46.50
C THR E 371 -18.63 38.82 -44.99
N LEU E 372 -17.98 37.76 -44.54
CA LEU E 372 -17.43 37.71 -43.20
C LEU E 372 -16.02 38.23 -43.36
N ASP E 373 -15.84 39.49 -42.98
CA ASP E 373 -14.68 40.25 -43.37
C ASP E 373 -13.53 40.01 -42.44
N LYS E 374 -13.84 39.94 -41.15
CA LYS E 374 -12.84 39.51 -40.15
C LYS E 374 -13.48 38.46 -39.21
N PHE E 375 -12.69 37.47 -38.80
CA PHE E 375 -13.15 36.44 -37.89
C PHE E 375 -11.95 36.18 -37.03
N VAL E 376 -11.66 37.10 -36.13
CA VAL E 376 -10.42 37.02 -35.33
C VAL E 376 -10.64 36.19 -34.08
N CYS E 377 -10.10 34.94 -34.08
CA CYS E 377 -10.36 34.02 -33.01
C CYS E 377 -9.14 33.53 -32.35
N SER E 378 -9.18 33.64 -31.03
CA SER E 378 -8.07 33.21 -30.18
C SER E 378 -7.91 31.70 -30.05
N ASP E 379 -6.67 31.26 -29.96
CA ASP E 379 -6.37 29.91 -29.61
C ASP E 379 -7.30 29.34 -28.50
N ALA E 380 -7.61 30.16 -27.49
CA ALA E 380 -8.54 29.79 -26.40
C ALA E 380 -9.96 29.71 -26.86
N ALA E 381 -10.31 30.61 -27.74
CA ALA E 381 -11.62 30.64 -28.34
C ALA E 381 -11.93 29.43 -29.20
N TRP E 382 -10.91 28.82 -29.72
CA TRP E 382 -11.10 27.68 -30.60
C TRP E 382 -11.33 26.44 -29.80
N LEU E 383 -10.52 26.25 -28.75
CA LEU E 383 -10.61 25.04 -27.96
C LEU E 383 -11.83 25.14 -27.08
N ASN E 384 -12.38 26.35 -26.92
CA ASN E 384 -13.64 26.52 -26.18
C ASN E 384 -14.91 26.52 -27.06
N ASN E 385 -14.76 26.12 -28.33
CA ASN E 385 -15.79 26.29 -29.36
C ASN E 385 -16.70 27.52 -29.19
N VAL E 386 -16.10 28.66 -28.85
CA VAL E 386 -16.75 29.92 -29.07
C VAL E 386 -16.98 30.06 -30.56
N THR E 387 -15.96 29.73 -31.33
CA THR E 387 -16.02 29.81 -32.80
C THR E 387 -17.26 29.09 -33.25
N ASP E 388 -17.41 27.81 -32.90
CA ASP E 388 -18.59 27.03 -33.31
C ASP E 388 -19.86 27.79 -33.15
N ASN E 389 -19.97 28.45 -32.02
CA ASN E 389 -21.17 29.14 -31.66
C ASN E 389 -21.37 30.44 -32.43
N VAL E 390 -20.29 31.19 -32.62
CA VAL E 390 -20.31 32.39 -33.45
C VAL E 390 -20.85 32.11 -34.84
N PHE E 391 -20.50 30.95 -35.38
CA PHE E 391 -20.95 30.57 -36.71
C PHE E 391 -22.41 30.13 -36.71
N ASN E 392 -22.86 29.53 -35.61
CA ASN E 392 -24.26 29.20 -35.47
C ASN E 392 -25.13 30.46 -35.37
N VAL E 393 -24.59 31.56 -34.85
CA VAL E 393 -25.37 32.80 -34.87
C VAL E 393 -25.45 33.22 -36.30
N LEU E 394 -24.28 33.56 -36.84
CA LEU E 394 -24.13 33.85 -38.24
C LEU E 394 -25.09 33.07 -39.11
N ARG E 395 -25.28 31.81 -38.80
CA ARG E 395 -26.16 31.02 -39.62
C ARG E 395 -27.55 31.61 -39.72
N ARG E 396 -28.25 31.70 -38.60
CA ARG E 396 -29.67 32.13 -38.65
C ARG E 396 -29.78 33.63 -39.05
N ASP E 397 -28.80 34.43 -38.63
CA ASP E 397 -28.79 35.87 -38.96
C ASP E 397 -28.44 36.13 -40.41
N PHE E 398 -27.63 35.29 -41.03
CA PHE E 398 -27.25 35.46 -42.45
C PHE E 398 -27.44 34.19 -43.27
N PRO E 399 -28.64 33.96 -43.75
CA PRO E 399 -28.86 32.66 -44.34
C PRO E 399 -27.97 32.38 -45.53
N ALA E 400 -27.33 33.40 -46.10
CA ALA E 400 -26.32 33.15 -47.13
C ALA E 400 -25.12 34.05 -46.91
N LEU E 401 -23.93 33.48 -47.07
CA LEU E 401 -22.69 34.10 -46.57
C LEU E 401 -21.45 33.61 -47.30
N GLN E 402 -20.45 34.47 -47.45
CA GLN E 402 -19.17 34.10 -48.07
C GLN E 402 -17.99 34.51 -47.18
N TRP E 403 -16.86 33.79 -47.29
CA TRP E 403 -15.66 34.24 -46.61
C TRP E 403 -14.43 33.64 -47.19
N VAL E 404 -13.30 34.22 -46.82
CA VAL E 404 -11.99 33.74 -47.29
C VAL E 404 -11.05 33.30 -46.15
N VAL E 405 -10.37 32.16 -46.35
CA VAL E 405 -9.42 31.56 -45.36
C VAL E 405 -8.11 31.27 -46.05
N SER E 406 -7.01 31.35 -45.30
CA SER E 406 -5.72 30.96 -45.87
C SER E 406 -5.69 29.45 -46.22
N GLU E 407 -5.01 29.07 -47.32
CA GLU E 407 -5.01 27.70 -47.74
C GLU E 407 -4.51 26.80 -46.61
N ASN E 408 -3.77 27.35 -45.65
CA ASN E 408 -3.14 26.51 -44.63
C ASN E 408 -3.47 26.98 -43.25
N ASP E 409 -4.59 27.67 -43.13
CA ASP E 409 -5.06 28.01 -41.82
C ASP E 409 -5.17 26.72 -41.05
N ALA E 410 -4.62 26.75 -39.84
CA ALA E 410 -4.64 25.62 -38.93
C ALA E 410 -5.92 24.84 -39.09
N ASN E 411 -7.05 25.46 -38.82
CA ASN E 411 -8.31 24.77 -38.91
C ASN E 411 -9.04 25.18 -40.18
N ILE E 412 -8.48 24.82 -41.33
CA ILE E 412 -9.22 24.99 -42.60
C ILE E 412 -10.29 23.92 -42.70
N ALA E 413 -9.95 22.72 -42.27
CA ALA E 413 -10.90 21.64 -42.24
C ALA E 413 -12.23 22.14 -41.77
N TRP E 414 -12.16 22.92 -40.71
CA TRP E 414 -13.35 23.37 -40.03
C TRP E 414 -14.16 24.28 -40.91
N HIS E 415 -13.48 25.15 -41.66
CA HIS E 415 -14.20 26.04 -42.54
C HIS E 415 -14.84 25.29 -43.65
N PHE E 416 -14.16 24.28 -44.15
CA PHE E 416 -14.75 23.49 -45.20
C PHE E 416 -16.06 23.00 -44.68
N ASP E 417 -16.03 22.47 -43.47
CA ASP E 417 -17.22 21.81 -42.90
C ASP E 417 -18.39 22.78 -42.71
N LYS E 418 -18.06 24.02 -42.36
CA LYS E 418 -19.12 24.99 -42.19
C LYS E 418 -19.62 25.55 -43.53
N SER E 419 -19.11 25.04 -44.66
CA SER E 419 -19.47 25.60 -45.98
C SER E 419 -20.33 24.67 -46.80
N GLN E 420 -20.82 25.22 -47.91
CA GLN E 420 -21.47 24.45 -48.95
C GLN E 420 -20.60 24.38 -50.22
N GLY E 421 -19.88 25.46 -50.51
CA GLY E 421 -18.94 25.49 -51.65
C GLY E 421 -17.60 26.20 -51.40
N SER E 422 -16.59 25.76 -52.15
CA SER E 422 -15.23 26.23 -51.97
C SER E 422 -14.52 26.44 -53.30
N TYR E 423 -13.68 27.47 -53.40
CA TYR E 423 -12.79 27.65 -54.54
C TYR E 423 -11.42 28.05 -54.07
N LEU E 424 -10.39 27.63 -54.79
CA LEU E 424 -9.04 27.97 -54.36
C LEU E 424 -8.26 28.64 -55.48
N LYS E 425 -7.98 29.95 -55.33
CA LYS E 425 -6.96 30.66 -56.14
C LYS E 425 -5.72 30.72 -55.28
N GLY E 426 -4.56 30.96 -55.90
CA GLY E 426 -3.29 31.06 -55.18
C GLY E 426 -3.45 31.53 -53.74
N GLY E 427 -3.05 30.70 -52.81
CA GLY E 427 -3.00 31.10 -51.42
C GLY E 427 -4.33 31.01 -50.71
N LYS E 428 -5.34 31.68 -51.23
CA LYS E 428 -6.56 31.86 -50.47
C LYS E 428 -7.70 30.94 -50.92
N VAL E 429 -8.51 30.45 -49.96
CA VAL E 429 -9.69 29.65 -50.28
C VAL E 429 -10.93 30.47 -50.04
N LEU E 430 -11.84 30.48 -51.04
CA LEU E 430 -13.15 31.14 -50.95
C LEU E 430 -14.14 30.10 -50.48
N PHE E 431 -14.94 30.50 -49.49
CA PHE E 431 -16.01 29.69 -48.96
C PHE E 431 -17.33 30.41 -48.98
N TRP E 432 -18.39 29.64 -49.12
CA TRP E 432 -19.71 30.17 -48.95
C TRP E 432 -20.71 29.12 -48.56
N TYR E 433 -21.88 29.62 -48.18
CA TYR E 433 -23.00 28.79 -47.89
C TYR E 433 -24.32 29.48 -48.20
N GLY E 434 -25.35 28.67 -48.32
CA GLY E 434 -26.72 29.15 -48.54
C GLY E 434 -27.10 29.52 -49.96
N ILE E 435 -26.16 29.41 -50.90
CA ILE E 435 -26.40 29.92 -52.22
C ILE E 435 -26.17 28.87 -53.29
N ASP E 436 -26.99 28.96 -54.33
CA ASP E 436 -27.00 27.95 -55.38
C ASP E 436 -27.63 28.44 -56.70
N ASP E 437 -27.72 29.75 -56.92
CA ASP E 437 -27.89 30.24 -58.26
C ASP E 437 -26.56 30.02 -58.91
N ILE E 438 -26.48 29.00 -59.76
CA ILE E 438 -25.28 28.76 -60.53
C ILE E 438 -24.66 30.11 -60.93
N ASN E 439 -25.47 31.03 -61.47
CA ASN E 439 -24.96 32.35 -61.89
C ASN E 439 -24.55 33.36 -60.75
N THR E 440 -25.14 33.27 -59.56
CA THR E 440 -24.67 34.08 -58.43
C THR E 440 -23.41 33.47 -57.84
N ILE E 441 -23.22 32.15 -58.03
CA ILE E 441 -22.00 31.47 -57.62
C ILE E 441 -20.88 31.98 -58.50
N SER E 442 -21.11 31.93 -59.81
CA SER E 442 -20.08 32.42 -60.72
C SER E 442 -19.70 33.88 -60.40
N GLU E 443 -20.67 34.69 -59.96
CA GLU E 443 -20.35 36.07 -59.58
C GLU E 443 -19.39 36.06 -58.40
N LEU E 444 -19.58 35.14 -57.45
CA LEU E 444 -18.65 35.07 -56.31
C LEU E 444 -17.25 34.75 -56.77
N VAL E 445 -17.13 33.67 -57.55
CA VAL E 445 -15.86 33.16 -57.94
C VAL E 445 -15.06 34.18 -58.74
N GLU E 446 -15.76 35.00 -59.53
CA GLU E 446 -15.09 36.04 -60.31
C GLU E 446 -14.56 37.18 -59.43
N ASN E 447 -15.46 37.81 -58.65
CA ASN E 447 -15.07 38.88 -57.72
C ASN E 447 -13.91 38.44 -56.87
N PHE E 448 -13.88 37.15 -56.51
CA PHE E 448 -12.76 36.60 -55.78
C PHE E 448 -11.50 36.48 -56.62
N VAL E 449 -11.57 35.83 -57.78
CA VAL E 449 -10.34 35.64 -58.57
C VAL E 449 -9.81 37.01 -59.02
N LYS E 450 -10.72 37.94 -59.30
CA LYS E 450 -10.34 39.27 -59.69
C LYS E 450 -9.81 40.08 -58.50
N SER E 451 -10.05 39.58 -57.28
CA SER E 451 -9.56 40.25 -56.07
C SER E 451 -8.03 40.31 -56.00
N CYS E 452 -7.35 39.52 -56.82
CA CYS E 452 -5.88 39.68 -57.01
C CYS E 452 -5.41 41.04 -57.63
N ASP E 453 -5.23 42.05 -56.79
CA ASP E 453 -4.73 43.35 -57.19
C ASP E 453 -3.28 43.51 -56.72
N THR F 18 24.59 13.01 -0.24
CA THR F 18 25.42 12.20 -1.18
C THR F 18 26.88 12.13 -0.57
N ARG F 19 27.73 13.06 -1.00
CA ARG F 19 29.11 13.28 -0.56
C ARG F 19 29.22 13.96 0.78
N SER F 20 28.43 15.04 0.91
CA SER F 20 28.26 15.91 2.08
C SER F 20 27.94 15.12 3.36
N THR F 21 27.52 13.87 3.25
CA THR F 21 27.46 13.06 4.43
C THR F 21 28.86 12.66 4.85
N VAL F 22 29.67 12.22 3.90
CA VAL F 22 31.06 11.85 4.19
C VAL F 22 31.80 12.98 4.87
N ILE F 23 31.56 14.21 4.43
CA ILE F 23 32.30 15.32 4.99
C ILE F 23 31.97 15.41 6.44
N GLN F 24 30.69 15.45 6.72
CA GLN F 24 30.25 15.65 8.10
C GLN F 24 30.61 14.52 9.06
N LEU F 25 30.87 13.34 8.50
CA LEU F 25 31.29 12.22 9.30
C LEU F 25 32.73 12.45 9.64
N LEU F 26 33.54 12.74 8.63
CA LEU F 26 34.96 12.93 8.83
C LEU F 26 35.23 14.14 9.74
N ASN F 27 34.48 15.22 9.51
CA ASN F 27 34.61 16.39 10.38
C ASN F 27 34.38 16.10 11.85
N ASN F 28 33.68 15.01 12.15
CA ASN F 28 33.42 14.60 13.53
C ASN F 28 34.15 13.34 14.02
N ILE F 29 35.19 12.95 13.28
CA ILE F 29 36.02 11.82 13.68
C ILE F 29 37.39 12.32 14.06
N SER F 30 37.80 11.92 15.25
CA SER F 30 39.01 12.44 15.85
C SER F 30 40.09 11.36 15.80
N THR F 31 39.77 10.19 16.33
CA THR F 31 40.73 9.11 16.48
C THR F 31 40.22 7.77 15.96
N LYS F 32 41.12 6.78 15.98
CA LYS F 32 40.85 5.38 15.62
C LYS F 32 39.66 4.79 16.36
N ARG F 33 39.60 5.06 17.67
CA ARG F 33 38.56 4.46 18.49
C ARG F 33 37.25 4.86 17.90
N GLU F 34 37.13 6.12 17.50
CA GLU F 34 35.87 6.61 16.94
C GLU F 34 35.48 5.84 15.67
N VAL F 35 36.44 5.57 14.79
CA VAL F 35 36.14 4.82 13.57
C VAL F 35 35.50 3.47 13.91
N GLU F 36 36.15 2.76 14.81
CA GLU F 36 35.61 1.50 15.31
C GLU F 36 34.20 1.63 15.85
N GLN F 37 33.95 2.72 16.58
CA GLN F 37 32.62 2.92 17.18
C GLN F 37 31.63 3.02 16.06
N TYR F 38 31.88 3.93 15.12
CA TYR F 38 30.92 4.22 14.05
C TYR F 38 30.53 2.92 13.36
N LEU F 39 31.52 2.09 13.05
CA LEU F 39 31.25 0.80 12.45
C LEU F 39 30.22 0.02 13.27
N LYS F 40 30.55 -0.27 14.52
CA LYS F 40 29.62 -0.90 15.46
C LYS F 40 28.13 -0.53 15.22
N TYR F 41 27.82 0.76 15.01
CA TYR F 41 26.42 1.21 14.81
C TYR F 41 25.86 0.84 13.50
N PHE F 42 26.70 0.93 12.49
CA PHE F 42 26.30 0.63 11.13
C PHE F 42 26.21 -0.87 10.93
N THR F 43 27.23 -1.61 11.36
CA THR F 43 27.22 -3.06 11.20
C THR F 43 26.22 -3.77 12.13
N SER F 44 25.71 -3.03 13.12
CA SER F 44 24.56 -3.45 13.92
C SER F 44 23.34 -3.66 13.03
N VAL F 45 22.63 -4.74 13.23
CA VAL F 45 21.25 -4.77 12.78
C VAL F 45 20.50 -3.82 13.74
N SER F 46 20.24 -2.61 13.26
CA SER F 46 19.70 -1.50 14.03
C SER F 46 18.18 -1.62 14.17
N GLN F 47 17.70 -2.62 14.89
CA GLN F 47 16.25 -2.80 15.02
C GLN F 47 15.62 -1.69 15.85
N GLN F 48 16.17 -1.46 17.04
CA GLN F 48 15.45 -0.62 18.01
C GLN F 48 15.31 0.75 17.43
N GLN F 49 14.17 1.42 17.68
CA GLN F 49 13.95 2.86 17.29
C GLN F 49 15.11 3.63 17.81
N PHE F 50 15.49 4.68 17.10
CA PHE F 50 16.80 5.21 17.24
C PHE F 50 16.99 6.27 18.29
N ALA F 51 16.27 7.38 18.16
CA ALA F 51 16.51 8.48 19.07
C ALA F 51 15.34 9.41 19.21
N VAL F 52 15.22 10.04 20.37
CA VAL F 52 14.39 11.17 20.53
C VAL F 52 15.30 12.29 20.83
N ILE F 53 15.28 13.35 20.03
CA ILE F 53 16.17 14.53 20.23
C ILE F 53 15.38 15.80 20.56
N LYS F 54 15.45 16.26 21.81
CA LYS F 54 14.79 17.49 22.22
C LYS F 54 15.69 18.64 21.89
N VAL F 55 15.18 19.56 21.09
CA VAL F 55 15.88 20.74 20.69
C VAL F 55 15.27 21.98 21.28
N GLY F 56 16.09 22.73 22.00
CA GLY F 56 15.70 24.04 22.51
C GLY F 56 15.41 25.03 21.39
N GLY F 57 14.56 26.04 21.68
CA GLY F 57 14.15 27.04 20.65
C GLY F 57 15.32 27.91 20.25
N ALA F 58 16.17 28.21 21.24
CA ALA F 58 17.41 28.88 21.05
C ALA F 58 18.20 28.37 19.84
N ILE F 59 18.17 27.07 19.60
CA ILE F 59 19.05 26.45 18.62
C ILE F 59 18.51 26.59 17.22
N ILE F 60 17.21 26.41 17.04
CA ILE F 60 16.64 26.59 15.72
C ILE F 60 16.87 28.05 15.27
N SER F 61 16.52 29.02 16.11
CA SER F 61 16.61 30.42 15.70
C SER F 61 18.06 30.75 15.37
N ASP F 62 19.03 30.14 16.03
CA ASP F 62 20.41 30.59 15.90
C ASP F 62 21.34 29.62 15.19
N ASN F 63 21.33 28.40 15.62
CA ASN F 63 22.43 27.53 15.31
C ASN F 63 21.97 26.40 14.41
N LEU F 64 21.08 26.77 13.49
CA LEU F 64 20.26 25.81 12.72
C LEU F 64 21.10 24.92 11.82
N HIS F 65 22.01 25.53 11.06
CA HIS F 65 22.77 24.81 10.05
C HIS F 65 23.36 23.60 10.66
N GLU F 66 24.02 23.76 11.80
CA GLU F 66 24.64 22.62 12.50
C GLU F 66 23.66 21.49 12.88
N LEU F 67 22.48 21.87 13.36
CA LEU F 67 21.47 20.91 13.72
C LEU F 67 20.99 20.17 12.52
N ALA F 68 20.66 20.89 11.47
CA ALA F 68 20.15 20.23 10.27
C ALA F 68 21.20 19.37 9.65
N SER F 69 22.42 19.91 9.50
CA SER F 69 23.52 19.18 8.89
C SER F 69 23.62 17.82 9.57
N CYS F 70 23.39 17.82 10.87
CA CYS F 70 23.56 16.62 11.67
C CYS F 70 22.37 15.68 11.57
N LEU F 71 21.17 16.22 11.62
CA LEU F 71 20.02 15.39 11.40
C LEU F 71 20.07 14.78 10.01
N ALA F 72 20.56 15.55 9.03
CA ALA F 72 20.64 15.07 7.66
C ALA F 72 21.49 13.83 7.60
N PHE F 73 22.62 13.89 8.28
CA PHE F 73 23.46 12.72 8.38
C PHE F 73 22.67 11.52 8.85
N LEU F 74 22.03 11.63 10.00
CA LEU F 74 21.38 10.44 10.54
C LEU F 74 20.43 9.91 9.48
N TYR F 75 19.70 10.82 8.86
CA TYR F 75 18.69 10.45 7.86
C TYR F 75 19.29 9.70 6.74
N HIS F 76 20.46 10.15 6.32
CA HIS F 76 21.14 9.51 5.20
C HIS F 76 21.71 8.18 5.47
N VAL F 77 22.26 8.02 6.65
CA VAL F 77 22.81 6.74 7.00
C VAL F 77 21.67 5.82 7.45
N GLY F 78 20.43 6.21 7.15
CA GLY F 78 19.25 5.37 7.48
C GLY F 78 18.43 5.72 8.75
N LEU F 79 19.12 6.03 9.85
CA LEU F 79 18.47 6.30 11.14
C LEU F 79 17.43 7.47 11.09
N TYR F 80 16.31 7.28 11.78
CA TYR F 80 15.23 8.25 11.83
C TYR F 80 15.02 8.72 13.28
N PRO F 81 15.69 9.81 13.62
CA PRO F 81 15.42 10.45 14.89
C PRO F 81 14.02 11.08 14.91
N ILE F 82 13.36 11.03 16.06
CA ILE F 82 12.14 11.80 16.33
C ILE F 82 12.54 13.11 17.00
N VAL F 83 12.37 14.24 16.32
CA VAL F 83 12.87 15.53 16.84
C VAL F 83 11.75 16.34 17.43
N LEU F 84 11.94 16.84 18.63
CA LEU F 84 10.91 17.57 19.31
C LEU F 84 11.50 18.85 19.80
N HIS F 85 11.00 19.97 19.30
CA HIS F 85 11.60 21.28 19.55
C HIS F 85 10.68 22.21 20.26
N GLY F 86 11.28 23.13 21.01
CA GLY F 86 10.56 24.18 21.76
C GLY F 86 10.62 25.53 21.06
N THR F 87 10.46 26.62 21.82
CA THR F 87 10.42 27.92 21.20
C THR F 87 10.58 29.04 22.23
N GLY F 88 11.79 29.14 22.78
CA GLY F 88 12.01 29.98 23.96
C GLY F 88 12.14 31.48 23.70
N PRO F 89 13.38 31.94 23.42
CA PRO F 89 13.80 33.38 23.55
C PRO F 89 13.06 34.33 22.61
N GLN F 90 13.02 33.90 21.34
CA GLN F 90 12.25 34.55 20.29
C GLN F 90 10.84 35.03 20.80
N VAL F 91 10.14 34.12 21.49
CA VAL F 91 8.81 34.43 22.00
C VAL F 91 8.83 35.62 22.91
N ASN F 92 9.74 35.64 23.87
CA ASN F 92 9.76 36.71 24.89
C ASN F 92 10.03 38.08 24.30
N GLY F 93 10.72 38.10 23.16
CA GLY F 93 10.96 39.36 22.45
C GLY F 93 9.70 39.85 21.79
N ARG F 94 8.98 38.92 21.17
CA ARG F 94 7.79 39.28 20.44
C ARG F 94 6.65 39.68 21.36
N LEU F 95 6.62 39.07 22.54
CA LEU F 95 5.67 39.44 23.58
C LEU F 95 6.02 40.84 24.03
N GLU F 96 7.31 41.16 24.09
CA GLU F 96 7.75 42.51 24.51
C GLU F 96 7.56 43.52 23.42
N ALA F 97 7.85 43.10 22.19
CA ALA F 97 7.57 43.90 20.99
C ALA F 97 6.11 44.35 21.03
N GLN F 98 5.23 43.39 21.34
CA GLN F 98 3.78 43.61 21.36
C GLN F 98 3.28 44.31 22.64
N GLY F 99 4.17 44.53 23.60
CA GLY F 99 3.86 45.31 24.80
C GLY F 99 3.38 44.50 26.00
N ILE F 100 3.44 43.18 25.93
CA ILE F 100 3.07 42.29 27.04
C ILE F 100 4.31 41.89 27.86
N GLU F 101 4.38 42.29 29.13
CA GLU F 101 5.46 41.87 30.02
C GLU F 101 5.23 40.40 30.38
N PRO F 102 6.14 39.49 29.98
CA PRO F 102 5.88 38.08 30.24
C PRO F 102 5.69 37.76 31.73
N ASP F 103 5.07 36.61 32.01
CA ASP F 103 4.82 36.12 33.39
C ASP F 103 5.38 34.71 33.62
N TYR F 104 5.99 34.52 34.78
CA TYR F 104 6.44 33.20 35.24
C TYR F 104 5.98 33.06 36.67
N ILE F 105 5.04 32.14 36.91
CA ILE F 105 4.75 31.73 38.27
C ILE F 105 5.13 30.25 38.37
N ASP F 106 5.84 29.94 39.45
CA ASP F 106 6.32 28.61 39.73
C ASP F 106 7.17 28.08 38.59
N GLY F 107 7.91 28.97 37.95
CA GLY F 107 8.83 28.57 36.88
C GLY F 107 8.17 28.16 35.57
N ILE F 108 6.85 28.33 35.48
CA ILE F 108 6.11 28.09 34.22
C ILE F 108 5.42 29.37 33.76
N ARG F 109 5.23 29.48 32.45
CA ARG F 109 4.66 30.69 31.87
C ARG F 109 3.16 30.73 32.08
N ILE F 110 2.68 31.79 32.71
CA ILE F 110 1.27 32.06 32.69
C ILE F 110 0.96 32.37 31.23
N THR F 111 -0.03 31.69 30.67
CA THR F 111 -0.24 31.61 29.19
C THR F 111 -1.69 31.86 28.76
N ASP F 112 -2.13 33.13 28.78
CA ASP F 112 -3.54 33.47 28.43
C ASP F 112 -3.70 33.54 26.93
N GLU F 113 -4.93 33.79 26.45
CA GLU F 113 -5.26 33.84 25.02
C GLU F 113 -4.28 34.66 24.20
N HIS F 114 -3.99 35.87 24.68
CA HIS F 114 -3.07 36.76 23.99
C HIS F 114 -1.67 36.19 23.87
N THR F 115 -1.17 35.56 24.94
CA THR F 115 0.16 34.99 24.93
C THR F 115 0.17 33.78 24.03
N MET F 116 -0.88 32.97 24.12
CA MET F 116 -0.94 31.69 23.36
C MET F 116 -0.88 31.92 21.87
N ALA F 117 -1.61 32.92 21.39
CA ALA F 117 -1.56 33.26 19.97
C ALA F 117 -0.13 33.46 19.53
N VAL F 118 0.62 34.26 20.29
CA VAL F 118 2.01 34.55 19.94
C VAL F 118 2.95 33.39 20.17
N VAL F 119 2.62 32.51 21.11
CA VAL F 119 3.38 31.28 21.33
C VAL F 119 3.14 30.28 20.20
N ARG F 120 1.90 30.16 19.74
CA ARG F 120 1.61 29.18 18.70
C ARG F 120 2.22 29.63 17.37
N LYS F 121 2.06 30.91 17.05
CA LYS F 121 2.61 31.42 15.80
C LYS F 121 4.11 31.24 15.76
N CYS F 122 4.76 31.37 16.92
CA CYS F 122 6.21 31.11 17.00
C CYS F 122 6.55 29.66 16.77
N PHE F 123 5.78 28.80 17.38
CA PHE F 123 6.02 27.40 17.24
C PHE F 123 5.93 26.97 15.81
N LEU F 124 4.86 27.35 15.13
CA LEU F 124 4.72 26.94 13.73
C LEU F 124 5.84 27.53 12.85
N GLU F 125 6.08 28.85 12.93
CA GLU F 125 7.24 29.48 12.29
C GLU F 125 8.57 28.71 12.53
N GLN F 126 8.88 28.36 13.78
CA GLN F 126 10.13 27.65 14.10
C GLN F 126 10.10 26.24 13.51
N ASN F 127 9.00 25.53 13.73
CA ASN F 127 8.84 24.16 13.28
C ASN F 127 9.08 24.06 11.80
N LEU F 128 8.31 24.82 11.03
CA LEU F 128 8.49 24.84 9.59
C LEU F 128 9.91 25.29 9.17
N LYS F 129 10.55 26.20 9.91
CA LYS F 129 11.91 26.60 9.54
C LYS F 129 12.92 25.47 9.62
N LEU F 130 12.74 24.56 10.57
CA LEU F 130 13.59 23.36 10.67
C LEU F 130 13.25 22.34 9.57
N VAL F 131 11.97 22.17 9.31
CA VAL F 131 11.54 21.27 8.27
C VAL F 131 12.05 21.74 6.92
N THR F 132 11.83 23.00 6.58
CA THR F 132 12.23 23.50 5.27
C THR F 132 13.72 23.52 5.13
N ALA F 133 14.41 23.59 6.26
CA ALA F 133 15.86 23.54 6.23
C ALA F 133 16.38 22.14 5.94
N LEU F 134 15.92 21.14 6.72
CA LEU F 134 16.22 19.72 6.45
C LEU F 134 15.83 19.35 5.04
N GLU F 135 14.71 19.89 4.57
CA GLU F 135 14.24 19.54 3.25
C GLU F 135 15.16 20.08 2.21
N GLN F 136 15.72 21.26 2.43
CA GLN F 136 16.69 21.76 1.50
C GLN F 136 18.00 21.00 1.45
N LEU F 137 18.35 20.30 2.52
CA LEU F 137 19.50 19.36 2.49
C LEU F 137 19.09 17.95 2.07
N GLY F 138 17.96 17.82 1.38
CA GLY F 138 17.54 16.55 0.81
C GLY F 138 16.98 15.54 1.81
N VAL F 139 16.55 15.99 2.97
CA VAL F 139 15.91 15.09 3.88
C VAL F 139 14.44 15.32 3.81
N ARG F 140 13.68 14.24 3.89
CA ARG F 140 12.24 14.31 3.95
C ARG F 140 11.80 14.64 5.39
N ALA F 141 11.25 15.82 5.58
CA ALA F 141 10.69 16.17 6.85
C ALA F 141 9.16 16.31 6.76
N ARG F 142 8.58 16.13 7.94
CA ARG F 142 7.14 16.09 8.10
C ARG F 142 6.85 16.95 9.33
N PRO F 143 6.41 18.16 9.11
CA PRO F 143 5.96 18.83 10.29
C PRO F 143 4.78 18.11 10.95
N ILE F 144 4.83 18.04 12.28
CA ILE F 144 3.75 17.49 13.05
C ILE F 144 3.37 18.50 14.13
N THR F 145 2.63 19.50 13.72
CA THR F 145 2.36 20.69 14.55
C THR F 145 1.25 20.44 15.62
N SER F 146 0.63 19.25 15.56
CA SER F 146 -0.51 18.95 16.44
C SER F 146 -0.94 17.48 16.32
N GLY F 147 -1.31 16.89 17.46
CA GLY F 147 -2.11 15.63 17.46
C GLY F 147 -1.26 14.47 17.87
N VAL F 148 -0.05 14.78 18.33
CA VAL F 148 0.80 13.78 18.97
C VAL F 148 0.49 13.79 20.44
N PHE F 149 0.43 14.97 21.05
CA PHE F 149 0.14 15.08 22.49
C PHE F 149 -1.30 15.47 22.84
N THR F 150 -1.90 14.63 23.66
CA THR F 150 -3.18 14.87 24.26
C THR F 150 -2.84 15.44 25.62
N ALA F 151 -3.58 16.42 26.13
CA ALA F 151 -3.39 16.90 27.53
C ALA F 151 -4.62 17.47 28.13
N ASP F 152 -4.48 17.85 29.37
CA ASP F 152 -5.48 18.68 30.01
C ASP F 152 -4.79 19.75 30.84
N TYR F 153 -5.58 20.69 31.36
CA TYR F 153 -5.05 21.89 31.95
C TYR F 153 -4.24 21.52 33.17
N LEU F 154 -3.08 22.16 33.31
CA LEU F 154 -2.23 21.97 34.46
C LEU F 154 -2.95 22.49 35.71
N ASP F 155 -3.33 23.76 35.65
CA ASP F 155 -4.18 24.42 36.63
C ASP F 155 -4.74 25.64 35.91
N LYS F 156 -6.04 25.65 35.64
CA LYS F 156 -6.58 26.67 34.76
C LYS F 156 -6.50 28.05 35.38
N ASP F 157 -6.55 28.12 36.69
CA ASP F 157 -6.48 29.41 37.35
C ASP F 157 -5.06 29.96 37.39
N LYS F 158 -4.12 29.05 37.58
CA LYS F 158 -2.74 29.42 37.84
C LYS F 158 -2.01 29.69 36.53
N TYR F 159 -2.07 28.74 35.60
CA TYR F 159 -1.26 28.82 34.39
C TYR F 159 -2.09 29.18 33.18
N LYS F 160 -3.41 29.22 33.34
CA LYS F 160 -4.32 29.42 32.21
C LYS F 160 -4.07 28.23 31.23
N LEU F 161 -3.80 28.52 29.95
CA LEU F 161 -3.68 27.49 28.95
C LEU F 161 -2.31 26.86 28.98
N VAL F 162 -1.94 26.21 30.07
CA VAL F 162 -0.77 25.35 30.08
C VAL F 162 -1.23 23.95 30.45
N GLY F 163 -0.76 22.97 29.69
CA GLY F 163 -1.25 21.59 29.80
C GLY F 163 -0.34 20.60 30.52
N ASN F 164 -0.97 19.52 30.98
CA ASN F 164 -0.29 18.36 31.55
C ASN F 164 -0.49 17.19 30.61
N ILE F 165 0.60 16.59 30.13
CA ILE F 165 0.46 15.61 29.06
C ILE F 165 -0.15 14.31 29.51
N LYS F 166 -1.35 14.03 29.04
CA LYS F 166 -2.09 12.87 29.46
C LYS F 166 -1.70 11.63 28.66
N SER F 167 -1.32 11.80 27.41
CA SER F 167 -1.00 10.65 26.55
C SER F 167 -0.38 11.03 25.23
N VAL F 168 0.47 10.17 24.70
CA VAL F 168 1.08 10.35 23.38
C VAL F 168 0.42 9.43 22.39
N THR F 169 -0.12 9.95 21.28
CA THR F 169 -0.57 9.05 20.17
C THR F 169 0.55 8.90 19.18
N LYS F 170 0.85 7.63 18.86
CA LYS F 170 2.08 7.25 18.14
C LYS F 170 1.87 7.27 16.65
N GLU F 171 0.62 7.22 16.23
CA GLU F 171 0.30 6.91 14.86
C GLU F 171 0.94 7.85 13.81
N PRO F 172 1.03 9.18 14.08
CA PRO F 172 1.62 10.14 13.14
C PRO F 172 3.07 10.02 13.08
N ILE F 173 3.68 9.90 14.24
CA ILE F 173 5.12 9.68 14.33
C ILE F 173 5.54 8.38 13.67
N GLU F 174 4.76 7.32 13.81
CA GLU F 174 5.06 6.10 13.10
C GLU F 174 4.85 6.33 11.62
N ALA F 175 3.62 6.62 11.17
CA ALA F 175 3.32 6.58 9.74
C ALA F 175 4.06 7.67 8.96
N SER F 176 4.89 8.44 9.67
CA SER F 176 5.89 9.31 9.08
C SER F 176 7.10 8.49 8.82
N ILE F 177 7.77 8.06 9.91
CA ILE F 177 9.01 7.23 9.81
C ILE F 177 8.80 6.16 8.77
N LYS F 178 7.68 5.45 8.87
CA LYS F 178 7.31 4.41 7.91
C LYS F 178 7.30 4.95 6.47
N ALA F 179 6.75 6.13 6.25
CA ALA F 179 6.75 6.71 4.90
C ALA F 179 8.07 7.45 4.54
N GLY F 180 9.01 7.48 5.47
CA GLY F 180 10.40 7.76 5.16
C GLY F 180 10.90 9.15 5.53
N ALA F 181 10.30 9.73 6.56
CA ALA F 181 10.41 11.14 6.77
C ALA F 181 10.58 11.45 8.21
N LEU F 182 11.56 12.31 8.53
CA LEU F 182 11.87 12.71 9.92
C LEU F 182 10.71 13.47 10.52
N PRO F 183 10.12 12.96 11.61
CA PRO F 183 9.02 13.67 12.18
C PRO F 183 9.56 14.74 13.12
N ILE F 184 9.18 15.98 12.82
CA ILE F 184 9.56 17.13 13.60
C ILE F 184 8.35 17.58 14.41
N LEU F 185 8.41 17.42 15.73
CA LEU F 185 7.25 17.71 16.56
C LEU F 185 7.40 19.01 17.35
N THR F 186 6.36 19.84 17.30
CA THR F 186 6.20 20.94 18.23
C THR F 186 5.76 20.33 19.52
N SER F 187 6.05 21.03 20.63
CA SER F 187 5.59 20.59 21.93
C SER F 187 4.32 21.29 22.38
N LEU F 188 3.38 21.47 21.48
CA LEU F 188 2.00 21.72 21.86
C LEU F 188 1.22 20.40 22.07
N ALA F 189 0.45 20.35 23.17
CA ALA F 189 -0.57 19.35 23.34
C ALA F 189 -1.91 19.96 23.11
N GLU F 190 -2.92 19.13 22.90
CA GLU F 190 -4.29 19.62 22.85
C GLU F 190 -5.23 18.79 23.68
N THR F 191 -6.33 19.41 24.07
CA THR F 191 -7.29 18.73 24.88
C THR F 191 -8.23 17.95 24.00
N ALA F 192 -9.12 17.20 24.62
CA ALA F 192 -10.15 16.45 23.90
C ALA F 192 -10.87 17.39 22.98
N SER F 193 -11.41 18.43 23.59
CA SER F 193 -12.27 19.41 22.93
C SER F 193 -11.52 20.37 21.99
N GLY F 194 -10.20 20.30 21.94
CA GLY F 194 -9.44 20.94 20.85
C GLY F 194 -8.53 22.08 21.24
N GLN F 195 -8.65 22.59 22.46
CA GLN F 195 -7.86 23.74 22.87
C GLN F 195 -6.41 23.37 23.02
N MET F 196 -5.56 24.09 22.30
CA MET F 196 -4.13 23.84 22.36
C MET F 196 -3.62 24.44 23.65
N LEU F 197 -2.56 23.85 24.21
CA LEU F 197 -1.98 24.25 25.48
C LEU F 197 -0.46 24.19 25.38
N ASN F 198 0.21 25.20 25.92
CA ASN F 198 1.66 25.20 26.01
C ASN F 198 2.11 24.11 27.02
N VAL F 199 3.16 23.34 26.65
CA VAL F 199 3.72 22.22 27.49
C VAL F 199 5.23 22.15 27.42
N ASN F 200 5.84 22.01 28.60
CA ASN F 200 7.29 21.79 28.73
C ASN F 200 7.91 20.82 27.69
N ALA F 201 8.73 21.39 26.82
CA ALA F 201 9.46 20.63 25.86
C ALA F 201 10.21 19.41 26.45
N ASP F 202 10.58 19.47 27.72
CA ASP F 202 11.35 18.41 28.34
C ASP F 202 10.46 17.33 28.86
N VAL F 203 9.31 17.71 29.38
CA VAL F 203 8.38 16.67 29.81
C VAL F 203 7.81 15.98 28.60
N ALA F 204 7.58 16.74 27.54
CA ALA F 204 7.10 16.13 26.33
C ALA F 204 8.14 15.13 25.85
N ALA F 205 9.40 15.55 25.81
CA ALA F 205 10.46 14.68 25.27
C ALA F 205 10.43 13.37 25.96
N GLY F 206 10.43 13.48 27.27
CA GLY F 206 10.32 12.32 28.11
C GLY F 206 9.09 11.44 27.88
N GLU F 207 7.95 12.02 27.57
CA GLU F 207 6.79 11.17 27.39
C GLU F 207 6.96 10.36 26.13
N LEU F 208 7.52 10.98 25.11
CA LEU F 208 7.80 10.28 23.89
C LEU F 208 8.72 9.12 24.28
N ALA F 209 9.86 9.43 24.89
CA ALA F 209 10.86 8.43 25.27
C ALA F 209 10.24 7.23 25.95
N ARG F 210 9.26 7.43 26.80
CA ARG F 210 8.62 6.29 27.47
C ARG F 210 7.88 5.39 26.48
N VAL F 211 7.33 6.01 25.45
CA VAL F 211 6.50 5.31 24.51
C VAL F 211 7.25 4.66 23.37
N PHE F 212 8.31 5.29 22.87
CA PHE F 212 9.11 4.67 21.81
C PHE F 212 10.33 3.92 22.30
N GLU F 213 10.63 4.02 23.59
CA GLU F 213 11.73 3.26 24.17
C GLU F 213 13.02 3.35 23.35
N PRO F 214 13.40 4.56 22.91
CA PRO F 214 14.51 4.69 21.98
C PRO F 214 15.87 4.49 22.61
N LEU F 215 16.84 4.23 21.76
CA LEU F 215 18.22 3.88 22.13
C LEU F 215 19.00 5.03 22.73
N LYS F 216 18.79 6.20 22.17
CA LYS F 216 19.42 7.41 22.63
C LYS F 216 18.32 8.41 22.90
N ILE F 217 18.39 9.10 24.03
CA ILE F 217 17.54 10.27 24.28
C ILE F 217 18.51 11.41 24.44
N VAL F 218 18.36 12.47 23.65
CA VAL F 218 19.30 13.60 23.74
C VAL F 218 18.62 14.91 24.02
N TYR F 219 18.94 15.52 25.15
CA TYR F 219 18.45 16.83 25.50
C TYR F 219 19.48 17.85 25.11
N LEU F 220 19.21 18.59 24.06
CA LEU F 220 20.13 19.60 23.62
C LEU F 220 19.87 20.84 24.41
N ASN F 221 20.74 21.17 25.33
CA ASN F 221 20.65 22.48 25.97
C ASN F 221 21.70 23.42 25.37
N GLU F 222 21.49 24.71 25.58
CA GLU F 222 22.49 25.69 25.23
C GLU F 222 23.65 25.56 26.19
N LYS F 223 23.35 25.26 27.45
CA LYS F 223 24.32 25.29 28.55
C LYS F 223 25.57 24.42 28.31
N GLY F 224 25.36 23.12 28.25
CA GLY F 224 26.41 22.17 27.90
C GLY F 224 26.71 21.17 29.01
N GLY F 225 25.77 20.27 29.33
CA GLY F 225 26.03 19.20 30.32
C GLY F 225 25.85 19.57 31.81
N ILE F 226 26.72 19.03 32.70
CA ILE F 226 26.63 19.28 34.16
C ILE F 226 27.99 19.54 34.78
N ILE F 227 28.11 20.64 35.51
CA ILE F 227 29.35 20.98 36.24
C ILE F 227 29.21 20.60 37.71
N ASN F 228 30.32 20.21 38.31
CA ASN F 228 30.35 19.97 39.74
C ASN F 228 30.64 21.28 40.46
N GLY F 229 29.64 21.83 41.16
CA GLY F 229 29.76 23.11 41.83
C GLY F 229 30.87 23.20 42.86
N SER F 230 31.31 22.05 43.37
CA SER F 230 32.30 21.96 44.47
C SER F 230 33.76 21.79 44.01
N THR F 231 33.96 21.00 42.95
CA THR F 231 35.28 20.83 42.37
C THR F 231 35.48 21.77 41.16
N GLY F 232 34.40 22.09 40.45
CA GLY F 232 34.47 22.81 39.19
C GLY F 232 34.45 21.84 38.02
N GLU F 233 34.91 20.61 38.26
CA GLU F 233 35.03 19.60 37.18
C GLU F 233 33.68 19.28 36.55
N LYS F 234 33.66 19.14 35.23
CA LYS F 234 32.49 18.67 34.54
C LYS F 234 32.25 17.18 34.85
N ILE F 235 31.05 16.70 34.54
CA ILE F 235 30.69 15.28 34.66
C ILE F 235 30.50 14.65 33.29
N SER F 236 31.29 13.63 32.99
CA SER F 236 31.19 12.97 31.71
C SER F 236 29.99 12.05 31.75
N MET F 237 30.06 11.06 32.63
CA MET F 237 29.10 9.96 32.65
C MET F 237 28.61 9.80 34.05
N ILE F 238 27.37 9.38 34.19
CA ILE F 238 26.83 9.00 35.46
C ILE F 238 26.32 7.58 35.32
N ASN F 239 26.80 6.68 36.18
CA ASN F 239 26.33 5.28 36.17
C ASN F 239 25.28 4.99 37.25
N LEU F 240 24.02 5.30 36.94
CA LEU F 240 22.97 5.47 37.95
C LEU F 240 22.99 4.37 38.99
N ASP F 241 22.85 3.13 38.55
CA ASP F 241 22.90 1.99 39.46
C ASP F 241 24.07 2.08 40.45
N GLU F 242 25.26 2.39 39.95
CA GLU F 242 26.41 2.56 40.85
C GLU F 242 26.41 3.89 41.64
N GLU F 243 26.33 5.02 40.94
CA GLU F 243 26.59 6.34 41.55
C GLU F 243 25.37 7.02 42.15
N TYR F 244 24.18 6.67 41.67
CA TYR F 244 22.97 7.46 41.97
C TYR F 244 22.87 7.89 43.41
N ASP F 245 22.95 6.91 44.31
CA ASP F 245 22.55 7.11 45.71
C ASP F 245 23.49 7.99 46.49
N ASP F 246 24.79 7.75 46.36
CA ASP F 246 25.78 8.56 47.08
C ASP F 246 26.24 9.79 46.25
N LEU F 247 25.68 10.00 45.07
CA LEU F 247 25.88 11.23 44.34
C LEU F 247 24.66 12.13 44.54
N MET F 248 23.53 11.52 44.88
CA MET F 248 22.31 12.27 45.15
C MET F 248 22.35 12.86 46.56
N LYS F 249 22.79 12.06 47.52
CA LYS F 249 22.88 12.53 48.90
C LYS F 249 24.16 13.34 49.15
N GLN F 250 24.57 14.15 48.18
CA GLN F 250 25.73 15.05 48.32
C GLN F 250 25.34 16.50 48.49
N SER F 251 26.12 17.19 49.31
CA SER F 251 25.80 18.54 49.69
C SER F 251 26.00 19.54 48.56
N TRP F 252 26.90 19.24 47.64
CA TRP F 252 27.18 20.16 46.54
C TRP F 252 26.10 20.19 45.52
N VAL F 253 25.44 19.04 45.34
CA VAL F 253 24.43 18.94 44.29
C VAL F 253 23.27 19.88 44.61
N LYS F 254 23.04 20.82 43.70
CA LYS F 254 21.97 21.81 43.83
C LYS F 254 20.63 21.12 43.62
N TYR F 255 19.57 21.73 44.11
CA TYR F 255 18.27 21.08 44.09
C TYR F 255 17.67 21.02 42.65
N GLY F 256 17.95 22.02 41.82
CA GLY F 256 17.54 21.99 40.40
C GLY F 256 18.19 20.82 39.65
N THR F 257 19.38 20.44 40.12
CA THR F 257 20.08 19.27 39.62
C THR F 257 19.38 18.01 40.09
N LYS F 258 19.16 17.90 41.41
CA LYS F 258 18.48 16.73 41.99
C LYS F 258 17.15 16.48 41.32
N LEU F 259 16.38 17.53 41.06
CA LEU F 259 15.06 17.35 40.45
C LEU F 259 15.18 16.88 38.99
N LYS F 260 16.36 17.05 38.37
CA LYS F 260 16.65 16.44 37.04
C LYS F 260 17.30 15.08 37.10
N ILE F 261 18.35 14.94 37.90
CA ILE F 261 18.94 13.64 38.03
C ILE F 261 17.85 12.63 38.36
N ARG F 262 17.00 12.92 39.33
CA ARG F 262 15.93 11.98 39.67
C ARG F 262 15.05 11.75 38.46
N GLU F 263 14.64 12.84 37.84
CA GLU F 263 13.81 12.77 36.65
C GLU F 263 14.35 11.75 35.65
N ILE F 264 15.64 11.83 35.40
CA ILE F 264 16.28 10.94 34.46
C ILE F 264 16.32 9.51 34.98
N LYS F 265 16.68 9.34 36.24
CA LYS F 265 16.74 7.97 36.86
C LYS F 265 15.40 7.30 36.64
N GLU F 266 14.34 8.04 36.90
CA GLU F 266 13.00 7.52 36.79
C GLU F 266 12.61 7.15 35.38
N LEU F 267 13.12 7.90 34.41
CA LEU F 267 12.91 7.56 33.00
C LEU F 267 13.60 6.24 32.64
N LEU F 268 14.90 6.16 32.90
CA LEU F 268 15.70 5.02 32.48
C LEU F 268 15.40 3.74 33.26
N ASP F 269 14.76 3.90 34.41
CA ASP F 269 14.28 2.76 35.20
C ASP F 269 13.32 1.96 34.36
N TYR F 270 12.53 2.63 33.53
CA TYR F 270 11.44 2.00 32.84
C TYR F 270 11.73 1.77 31.39
N LEU F 271 12.94 2.17 31.00
CA LEU F 271 13.47 1.83 29.71
C LEU F 271 14.58 0.80 29.86
N PRO F 272 14.84 0.04 28.78
CA PRO F 272 15.90 -0.93 28.67
C PRO F 272 17.27 -0.44 29.14
N ARG F 273 18.18 -1.39 29.26
CA ARG F 273 19.49 -1.10 29.79
C ARG F 273 20.31 -0.48 28.70
N SER F 274 19.96 -0.89 27.47
CA SER F 274 20.61 -0.43 26.25
C SER F 274 20.40 1.05 26.06
N SER F 275 19.31 1.56 26.62
CA SER F 275 19.00 2.97 26.46
C SER F 275 19.83 3.90 27.32
N SER F 276 20.17 5.05 26.75
CA SER F 276 20.89 6.08 27.45
C SER F 276 20.31 7.50 27.24
N VAL F 277 20.70 8.42 28.12
CA VAL F 277 20.39 9.84 27.99
C VAL F 277 21.66 10.66 27.90
N ALA F 278 21.60 11.73 27.14
CA ALA F 278 22.73 12.58 27.04
C ALA F 278 22.26 14.02 27.04
N ILE F 279 22.98 14.86 27.77
CA ILE F 279 22.75 16.30 27.82
C ILE F 279 23.94 17.03 27.20
N ILE F 280 23.74 17.66 26.06
CA ILE F 280 24.85 18.17 25.34
C ILE F 280 24.61 19.50 24.72
N ASN F 281 25.68 20.26 24.60
CA ASN F 281 25.66 21.40 23.77
C ASN F 281 25.47 20.96 22.30
N VAL F 282 24.71 21.73 21.53
CA VAL F 282 24.40 21.41 20.14
C VAL F 282 25.61 21.03 19.32
N GLN F 283 26.67 21.84 19.39
CA GLN F 283 27.82 21.60 18.53
C GLN F 283 28.52 20.28 18.73
N ASP F 284 28.35 19.67 19.89
CA ASP F 284 29.03 18.45 20.18
C ASP F 284 28.07 17.31 19.99
N LEU F 285 27.04 17.45 19.14
CA LEU F 285 25.96 16.45 19.12
C LEU F 285 26.38 15.15 18.41
N GLN F 286 26.68 15.25 17.11
CA GLN F 286 26.93 14.05 16.34
C GLN F 286 28.27 13.38 16.66
N LYS F 287 28.93 13.88 17.69
CA LYS F 287 29.96 13.09 18.36
C LYS F 287 29.26 12.22 19.40
N GLU F 288 28.71 12.79 20.50
CA GLU F 288 28.18 12.00 21.67
C GLU F 288 26.76 11.37 21.41
N LEU F 289 26.39 11.27 20.11
CA LEU F 289 25.38 10.31 19.63
C LEU F 289 25.97 8.94 19.33
N PHE F 290 27.25 8.78 19.61
CA PHE F 290 27.97 7.57 19.23
C PHE F 290 29.22 7.30 20.12
N THR F 291 29.88 8.37 20.60
CA THR F 291 30.98 8.31 21.59
C THR F 291 30.50 8.64 23.05
N ASP F 292 31.38 8.41 24.03
CA ASP F 292 31.20 8.92 25.41
C ASP F 292 32.34 9.87 25.79
N SER F 293 33.17 10.18 24.78
CA SER F 293 34.26 11.13 24.91
C SER F 293 33.85 12.51 24.40
N GLY F 294 32.68 12.61 23.77
CA GLY F 294 32.03 13.90 23.60
C GLY F 294 31.89 14.58 24.96
N ALA F 295 32.32 15.84 25.10
CA ALA F 295 32.00 16.62 26.32
C ALA F 295 30.50 16.78 26.41
N GLY F 296 30.02 17.17 27.60
CA GLY F 296 28.60 17.06 27.85
C GLY F 296 28.51 15.88 28.77
N THR F 297 27.36 15.75 29.41
CA THR F 297 27.10 14.71 30.39
C THR F 297 26.24 13.60 29.82
N MET F 298 26.61 12.35 30.08
CA MET F 298 25.89 11.19 29.54
C MET F 298 25.46 10.24 30.64
N ILE F 299 24.17 9.98 30.76
CA ILE F 299 23.67 9.24 31.93
C ILE F 299 23.05 7.91 31.52
N ARG F 300 23.31 6.85 32.29
CA ARG F 300 22.67 5.54 32.06
C ARG F 300 22.71 4.57 33.24
N ARG F 301 21.85 3.55 33.22
CA ARG F 301 21.73 2.63 34.36
C ARG F 301 23.00 1.86 34.60
N GLY F 302 23.46 1.11 33.61
CA GLY F 302 24.76 0.53 33.69
C GLY F 302 24.86 -0.43 34.83
N TYR F 303 26.06 -0.72 35.21
CA TYR F 303 26.17 -1.83 36.06
C TYR F 303 26.90 -1.46 37.32
N LYS F 304 26.48 -2.06 38.44
CA LYS F 304 27.11 -1.82 39.75
C LYS F 304 28.39 -2.59 39.81
N LEU F 305 29.50 -1.93 40.15
CA LEU F 305 30.72 -2.65 40.50
C LEU F 305 30.61 -3.28 41.89
N VAL F 306 31.14 -4.49 42.05
CA VAL F 306 31.10 -5.19 43.34
C VAL F 306 32.53 -5.46 43.87
N LYS F 307 32.85 -4.90 45.04
CA LYS F 307 34.19 -4.95 45.59
C LYS F 307 34.32 -6.29 46.30
N ARG F 308 35.42 -7.01 46.04
CA ARG F 308 35.62 -8.39 46.59
C ARG F 308 37.03 -8.60 47.13
N SER F 309 37.12 -9.29 48.25
CA SER F 309 38.40 -9.46 48.89
C SER F 309 38.86 -10.90 48.93
N SER F 310 38.28 -11.79 48.11
CA SER F 310 38.50 -13.23 48.30
C SER F 310 37.96 -14.05 47.14
N ILE F 311 38.76 -14.96 46.60
CA ILE F 311 38.30 -15.80 45.48
C ILE F 311 36.92 -16.44 45.71
N GLY F 312 36.73 -16.99 46.90
CA GLY F 312 35.46 -17.62 47.28
C GLY F 312 34.39 -16.64 47.74
N GLU F 313 34.55 -15.40 47.35
CA GLU F 313 33.50 -14.42 47.49
C GLU F 313 32.71 -14.48 46.16
N PHE F 314 33.38 -14.27 45.01
CA PHE F 314 32.73 -14.23 43.68
C PHE F 314 31.69 -15.30 43.54
N PRO F 315 30.43 -14.94 43.22
CA PRO F 315 29.38 -15.97 43.14
C PRO F 315 29.75 -17.02 42.11
N SER F 316 30.46 -16.55 41.09
CA SER F 316 31.06 -17.39 40.07
C SER F 316 32.44 -17.92 40.48
N ALA F 317 32.51 -19.16 40.94
CA ALA F 317 33.83 -19.76 41.15
C ALA F 317 34.52 -19.80 39.78
N ASP F 318 33.75 -20.14 38.76
CA ASP F 318 34.30 -20.52 37.48
C ASP F 318 34.42 -19.32 36.57
N ALA F 319 33.32 -18.60 36.36
CA ALA F 319 33.31 -17.49 35.39
C ALA F 319 34.35 -16.39 35.65
N LEU F 320 34.93 -16.36 36.85
CA LEU F 320 36.08 -15.48 37.11
C LEU F 320 37.22 -15.97 36.23
N ARG F 321 37.42 -17.28 36.18
CA ARG F 321 38.38 -17.84 35.25
C ARG F 321 37.97 -17.50 33.83
N LYS F 322 36.71 -17.75 33.45
CA LYS F 322 36.26 -17.47 32.08
C LYS F 322 36.53 -16.01 31.69
N ALA F 323 36.49 -15.09 32.68
CA ALA F 323 36.75 -13.66 32.42
C ALA F 323 38.25 -13.38 32.23
N LEU F 324 39.10 -13.89 33.12
CA LEU F 324 40.52 -13.63 33.05
C LEU F 324 41.19 -14.25 31.83
N GLN F 325 40.58 -15.29 31.27
CA GLN F 325 41.09 -15.93 30.04
C GLN F 325 41.10 -14.98 28.84
N ARG F 326 40.29 -13.92 28.90
CA ARG F 326 40.20 -12.93 27.81
C ARG F 326 41.53 -12.21 27.58
N ASP F 327 42.19 -11.90 28.70
CA ASP F 327 43.55 -11.30 28.78
C ASP F 327 44.55 -11.97 27.78
N ALA F 328 45.33 -11.15 27.05
CA ALA F 328 46.34 -11.65 26.07
C ALA F 328 47.74 -11.89 26.67
N GLY F 329 47.84 -12.10 27.99
CA GLY F 329 49.02 -12.65 28.67
C GLY F 329 48.78 -14.00 29.35
N ILE F 330 47.50 -14.36 29.52
CA ILE F 330 47.05 -15.70 29.97
C ILE F 330 46.51 -16.51 28.79
N SER F 331 46.00 -15.83 27.77
CA SER F 331 45.56 -16.48 26.51
C SER F 331 46.77 -16.84 25.63
N SER F 332 47.78 -15.97 25.61
CA SER F 332 49.13 -16.36 25.17
C SER F 332 49.84 -16.78 26.45
N GLY F 333 49.99 -18.10 26.62
CA GLY F 333 50.25 -18.71 27.92
C GLY F 333 51.64 -18.50 28.53
N LYS F 334 51.76 -17.43 29.30
CA LYS F 334 52.88 -17.28 30.24
C LYS F 334 52.44 -18.00 31.50
N GLU F 335 51.45 -17.45 32.20
CA GLU F 335 50.81 -18.19 33.29
C GLU F 335 49.33 -18.47 33.00
N SER F 336 48.93 -19.72 33.24
CA SER F 336 47.55 -20.10 33.13
C SER F 336 46.87 -19.40 34.26
N VAL F 337 45.56 -19.36 34.16
CA VAL F 337 44.74 -18.80 35.19
C VAL F 337 44.83 -19.62 36.47
N ALA F 338 44.76 -20.93 36.37
CA ALA F 338 44.88 -21.81 37.53
C ALA F 338 46.06 -21.36 38.40
N SER F 339 47.25 -21.36 37.80
CA SER F 339 48.47 -20.99 38.50
C SER F 339 48.41 -19.58 39.06
N TYR F 340 47.65 -18.70 38.40
CA TYR F 340 47.47 -17.34 38.90
C TYR F 340 46.44 -17.25 40.04
N LEU F 341 45.34 -17.99 39.95
CA LEU F 341 44.33 -17.95 41.00
C LEU F 341 44.85 -18.47 42.33
N ARG F 342 45.72 -19.49 42.29
CA ARG F 342 46.39 -19.94 43.49
C ARG F 342 47.10 -18.77 44.13
N TYR F 343 47.94 -18.10 43.37
CA TYR F 343 48.69 -16.94 43.87
C TYR F 343 47.77 -15.89 44.49
N LEU F 344 46.63 -15.65 43.82
CA LEU F 344 45.68 -14.61 44.26
C LEU F 344 45.16 -14.95 45.66
N GLU F 345 44.49 -16.09 45.76
CA GLU F 345 43.91 -16.57 47.01
C GLU F 345 44.83 -16.48 48.23
N ASN F 346 46.15 -16.61 48.02
CA ASN F 346 47.15 -16.45 49.08
C ASN F 346 47.75 -15.03 49.17
N SER F 347 46.96 -14.01 48.84
CA SER F 347 47.44 -12.63 48.83
C SER F 347 46.29 -11.66 49.13
N ASP F 348 46.53 -10.59 49.90
CA ASP F 348 45.48 -9.59 50.16
C ASP F 348 45.36 -8.69 48.98
N PHE F 349 44.17 -8.72 48.42
CA PHE F 349 43.90 -8.06 47.20
C PHE F 349 42.50 -7.49 47.29
N VAL F 350 42.27 -6.42 46.56
CA VAL F 350 40.93 -5.92 46.39
C VAL F 350 40.64 -6.17 44.92
N SER F 351 39.41 -6.57 44.61
CA SER F 351 38.96 -6.76 43.22
C SER F 351 37.61 -6.14 42.98
N TYR F 352 37.57 -5.18 42.09
CA TYR F 352 36.32 -4.66 41.63
C TYR F 352 35.96 -5.38 40.35
N ALA F 353 34.68 -5.68 40.19
CA ALA F 353 34.20 -6.22 38.97
C ALA F 353 32.71 -5.95 38.94
N ASP F 354 32.18 -5.68 37.76
CA ASP F 354 30.73 -5.52 37.59
C ASP F 354 30.01 -6.86 37.74
N GLU F 355 28.67 -6.82 37.72
CA GLU F 355 27.89 -8.01 38.03
C GLU F 355 28.13 -9.14 37.01
N PRO F 356 28.11 -8.82 35.71
CA PRO F 356 28.33 -9.86 34.72
C PRO F 356 29.79 -10.12 34.33
N LEU F 357 30.75 -9.73 35.18
CA LEU F 357 32.19 -9.94 34.96
C LEU F 357 32.71 -9.52 33.55
N GLU F 358 32.12 -8.45 33.01
CA GLU F 358 32.55 -7.88 31.73
C GLU F 358 33.88 -7.13 31.89
N ALA F 359 34.10 -6.59 33.08
CA ALA F 359 35.36 -5.93 33.44
C ALA F 359 35.78 -6.24 34.89
N VAL F 360 36.91 -6.95 35.05
CA VAL F 360 37.48 -7.25 36.34
C VAL F 360 38.79 -6.46 36.52
N ALA F 361 38.97 -5.89 37.71
CA ALA F 361 40.25 -5.24 38.12
C ALA F 361 40.68 -5.92 39.38
N ILE F 362 41.95 -6.33 39.44
CA ILE F 362 42.53 -6.92 40.64
C ILE F 362 43.72 -6.06 41.08
N VAL F 363 43.66 -5.54 42.31
CA VAL F 363 44.72 -4.70 42.83
C VAL F 363 45.43 -5.43 43.96
N LYS F 364 46.68 -5.82 43.73
CA LYS F 364 47.48 -6.49 44.75
C LYS F 364 47.93 -5.38 45.66
N LYS F 365 47.62 -5.51 46.95
CA LYS F 365 47.80 -4.41 47.89
C LYS F 365 49.19 -4.43 48.55
N ASP F 366 49.97 -5.47 48.25
CA ASP F 366 51.12 -5.87 49.08
C ASP F 366 52.37 -4.99 48.99
N THR F 367 52.59 -4.36 47.85
CA THR F 367 53.69 -3.39 47.75
C THR F 367 53.13 -1.97 47.82
N ASN F 368 53.68 -1.17 48.75
CA ASN F 368 53.59 0.29 48.69
C ASN F 368 53.66 0.71 47.23
N VAL F 369 52.76 1.60 46.83
CA VAL F 369 52.26 1.67 45.43
C VAL F 369 51.66 0.32 45.04
N PRO F 370 50.42 0.08 45.47
CA PRO F 370 49.75 -1.15 45.12
C PRO F 370 49.77 -1.30 43.63
N THR F 371 49.86 -2.53 43.18
CA THR F 371 49.78 -2.83 41.77
C THR F 371 48.33 -3.11 41.37
N LEU F 372 47.95 -2.65 40.18
CA LEU F 372 46.77 -3.13 39.50
C LEU F 372 47.32 -4.27 38.66
N ASP F 373 47.08 -5.47 39.15
CA ASP F 373 47.78 -6.65 38.67
C ASP F 373 47.08 -7.20 37.43
N LYS F 374 45.74 -7.20 37.45
CA LYS F 374 44.97 -7.57 36.26
C LYS F 374 43.88 -6.51 36.09
N PHE F 375 43.57 -6.18 34.83
CA PHE F 375 42.50 -5.23 34.49
C PHE F 375 41.84 -5.73 33.23
N VAL F 376 41.07 -6.79 33.37
CA VAL F 376 40.60 -7.52 32.20
C VAL F 376 39.26 -7.05 31.74
N CYS F 377 39.29 -6.32 30.65
CA CYS F 377 38.09 -5.60 30.22
C CYS F 377 37.68 -5.92 28.82
N SER F 378 36.40 -6.21 28.71
CA SER F 378 35.84 -6.62 27.46
C SER F 378 35.74 -5.48 26.47
N ASP F 379 35.94 -5.82 25.21
CA ASP F 379 35.61 -4.91 24.11
C ASP F 379 34.28 -4.10 24.33
N ALA F 380 33.23 -4.76 24.83
CA ALA F 380 31.96 -4.09 25.11
C ALA F 380 32.03 -3.20 26.30
N ALA F 381 32.78 -3.63 27.28
CA ALA F 381 32.99 -2.87 28.45
C ALA F 381 33.73 -1.58 28.16
N TRP F 382 34.50 -1.55 27.06
CA TRP F 382 35.34 -0.38 26.76
C TRP F 382 34.51 0.67 26.09
N LEU F 383 33.69 0.23 25.13
CA LEU F 383 32.88 1.17 24.41
C LEU F 383 31.75 1.64 25.31
N ASN F 384 31.49 0.94 26.40
CA ASN F 384 30.48 1.38 27.38
C ASN F 384 31.02 2.15 28.56
N ASN F 385 32.26 2.60 28.46
CA ASN F 385 33.03 3.14 29.60
C ASN F 385 32.70 2.57 31.01
N VAL F 386 32.54 1.25 31.08
CA VAL F 386 32.60 0.54 32.34
C VAL F 386 34.02 0.72 32.90
N THR F 387 35.02 0.58 32.03
CA THR F 387 36.42 0.80 32.38
C THR F 387 36.57 2.11 33.06
N ASP F 388 36.15 3.19 32.40
CA ASP F 388 36.22 4.56 33.00
C ASP F 388 35.79 4.56 34.45
N ASN F 389 34.69 3.87 34.72
CA ASN F 389 34.07 3.87 36.02
C ASN F 389 34.80 3.00 37.03
N VAL F 390 35.28 1.85 36.58
CA VAL F 390 36.18 1.03 37.40
C VAL F 390 37.41 1.80 37.92
N PHE F 391 37.96 2.66 37.08
CA PHE F 391 39.15 3.46 37.44
C PHE F 391 38.80 4.59 38.37
N ASN F 392 37.60 5.13 38.23
CA ASN F 392 37.10 6.09 39.18
C ASN F 392 36.87 5.51 40.59
N VAL F 393 36.54 4.23 40.68
CA VAL F 393 36.44 3.61 41.99
C VAL F 393 37.86 3.50 42.53
N LEU F 394 38.68 2.71 41.83
CA LEU F 394 40.12 2.64 42.08
C LEU F 394 40.71 3.96 42.55
N ARG F 395 40.32 5.05 41.94
CA ARG F 395 40.87 6.31 42.35
C ARG F 395 40.69 6.58 43.84
N ARG F 396 39.44 6.66 44.31
CA ARG F 396 39.18 7.08 45.70
C ARG F 396 39.60 5.99 46.68
N ASP F 397 39.47 4.74 46.26
CA ASP F 397 39.90 3.63 47.09
C ASP F 397 41.44 3.46 47.16
N PHE F 398 42.17 3.82 46.10
CA PHE F 398 43.64 3.74 46.11
C PHE F 398 44.29 5.04 45.69
N PRO F 399 44.44 5.97 46.63
CA PRO F 399 44.92 7.27 46.19
C PRO F 399 46.28 7.23 45.49
N ALA F 400 47.05 6.15 45.61
CA ALA F 400 48.26 6.01 44.82
C ALA F 400 48.38 4.61 44.28
N LEU F 401 48.78 4.49 43.02
CA LEU F 401 48.64 3.24 42.28
C LEU F 401 49.61 3.13 41.09
N GLN F 402 50.02 1.91 40.78
CA GLN F 402 50.88 1.64 39.63
C GLN F 402 50.32 0.48 38.79
N TRP F 403 50.64 0.46 37.49
CA TRP F 403 50.27 -0.67 36.63
C TRP F 403 51.08 -0.75 35.36
N VAL F 404 51.05 -1.92 34.70
CA VAL F 404 51.76 -2.13 33.41
C VAL F 404 50.84 -2.44 32.25
N VAL F 405 51.17 -1.87 31.09
CA VAL F 405 50.39 -2.09 29.84
C VAL F 405 51.33 -2.45 28.72
N SER F 406 50.87 -3.21 27.74
CA SER F 406 51.66 -3.46 26.54
C SER F 406 51.86 -2.19 25.75
N GLU F 407 53.02 -2.03 25.15
CA GLU F 407 53.31 -0.80 24.43
C GLU F 407 52.27 -0.54 23.37
N ASN F 408 51.57 -1.58 22.94
CA ASN F 408 50.66 -1.44 21.82
C ASN F 408 49.27 -1.92 22.16
N ASP F 409 48.94 -1.91 23.44
CA ASP F 409 47.58 -2.15 23.84
C ASP F 409 46.74 -1.16 23.08
N ALA F 410 45.66 -1.67 22.47
CA ALA F 410 44.73 -0.83 21.71
C ALA F 410 44.56 0.51 22.35
N ASN F 411 44.07 0.53 23.58
CA ASN F 411 43.84 1.81 24.26
C ASN F 411 44.93 2.09 25.27
N ILE F 412 46.16 2.28 24.78
CA ILE F 412 47.24 2.74 25.63
C ILE F 412 47.02 4.21 25.91
N ALA F 413 46.57 4.94 24.89
CA ALA F 413 46.27 6.33 25.03
C ALA F 413 45.54 6.59 26.34
N TRP F 414 44.59 5.74 26.59
CA TRP F 414 43.72 5.92 27.71
C TRP F 414 44.43 5.76 28.99
N HIS F 415 45.36 4.82 29.04
CA HIS F 415 46.11 4.59 30.27
C HIS F 415 47.01 5.75 30.54
N PHE F 416 47.58 6.31 29.49
CA PHE F 416 48.41 7.47 29.67
C PHE F 416 47.57 8.48 30.38
N ASP F 417 46.37 8.69 29.86
CA ASP F 417 45.53 9.74 30.37
C ASP F 417 45.18 9.55 31.84
N LYS F 418 45.02 8.31 32.24
CA LYS F 418 44.63 8.07 33.62
C LYS F 418 45.83 8.11 34.53
N SER F 419 47.00 8.44 34.01
CA SER F 419 48.21 8.41 34.81
C SER F 419 48.72 9.77 35.12
N GLN F 420 49.73 9.78 35.99
CA GLN F 420 50.55 10.97 36.23
C GLN F 420 51.94 10.77 35.65
N GLY F 421 52.44 9.53 35.71
CA GLY F 421 53.76 9.20 35.15
C GLY F 421 53.87 7.86 34.42
N SER F 422 54.81 7.81 33.46
CA SER F 422 55.01 6.64 32.61
C SER F 422 56.50 6.37 32.36
N TYR F 423 56.86 5.10 32.26
CA TYR F 423 58.19 4.71 31.81
C TYR F 423 58.07 3.58 30.83
N LEU F 424 58.97 3.51 29.86
CA LEU F 424 58.92 2.44 28.89
C LEU F 424 60.22 1.70 28.78
N LYS F 425 60.23 0.44 29.23
CA LYS F 425 61.29 -0.54 28.89
C LYS F 425 60.76 -1.37 27.76
N GLY F 426 61.64 -2.06 27.04
CA GLY F 426 61.25 -2.99 25.97
C GLY F 426 59.86 -3.60 26.16
N GLY F 427 58.97 -3.29 25.22
CA GLY F 427 57.67 -3.92 25.22
C GLY F 427 56.67 -3.29 26.16
N LYS F 428 57.00 -3.22 27.43
CA LYS F 428 56.00 -2.87 28.44
C LYS F 428 56.11 -1.41 28.92
N VAL F 429 54.97 -0.78 29.16
CA VAL F 429 54.93 0.55 29.73
C VAL F 429 54.49 0.46 31.19
N LEU F 430 55.25 1.12 32.06
CA LEU F 430 54.86 1.27 33.45
C LEU F 430 54.08 2.59 33.61
N PHE F 431 52.99 2.53 34.35
CA PHE F 431 52.20 3.70 34.72
C PHE F 431 52.00 3.83 36.23
N TRP F 432 51.83 5.07 36.67
CA TRP F 432 51.35 5.28 38.01
C TRP F 432 50.68 6.62 38.18
N TYR F 433 50.08 6.77 39.35
CA TYR F 433 49.48 8.01 39.75
C TYR F 433 49.54 8.21 41.27
N GLY F 434 49.37 9.46 41.69
CA GLY F 434 49.23 9.80 43.08
C GLY F 434 50.51 9.91 43.83
N ILE F 435 51.64 9.65 43.16
CA ILE F 435 52.88 9.57 43.87
C ILE F 435 53.90 10.56 43.31
N ASP F 436 54.70 11.10 44.23
CA ASP F 436 55.66 12.15 43.90
C ASP F 436 56.79 12.33 44.94
N ASP F 437 57.07 11.30 45.74
CA ASP F 437 58.38 11.23 46.37
C ASP F 437 59.34 10.88 45.25
N ILE F 438 60.07 11.86 44.79
CA ILE F 438 61.03 11.61 43.75
C ILE F 438 61.70 10.24 44.00
N ASN F 439 62.09 9.96 45.25
CA ASN F 439 62.75 8.67 45.57
C ASN F 439 61.85 7.43 45.59
N THR F 440 60.55 7.56 45.87
CA THR F 440 59.65 6.40 45.71
C THR F 440 59.31 6.15 44.26
N ILE F 441 59.42 7.21 43.43
CA ILE F 441 59.25 7.09 41.98
C ILE F 441 60.41 6.27 41.47
N SER F 442 61.62 6.68 41.81
CA SER F 442 62.78 5.95 41.35
C SER F 442 62.68 4.48 41.76
N GLU F 443 62.08 4.21 42.92
CA GLU F 443 61.93 2.83 43.36
C GLU F 443 61.00 2.08 42.44
N LEU F 444 59.96 2.73 41.97
CA LEU F 444 59.10 2.09 40.99
C LEU F 444 59.89 1.73 39.75
N VAL F 445 60.56 2.73 39.16
CA VAL F 445 61.20 2.57 37.84
C VAL F 445 62.26 1.47 37.88
N GLU F 446 62.95 1.33 39.02
CA GLU F 446 63.96 0.26 39.16
C GLU F 446 63.33 -1.12 39.26
N ASN F 447 62.41 -1.29 40.21
CA ASN F 447 61.67 -2.55 40.37
C ASN F 447 61.03 -3.00 39.07
N PHE F 448 60.58 -2.04 38.26
CA PHE F 448 60.09 -2.34 36.93
C PHE F 448 61.16 -2.75 35.93
N VAL F 449 62.23 -1.94 35.78
CA VAL F 449 63.30 -2.32 34.80
C VAL F 449 63.98 -3.64 35.23
N LYS F 450 64.11 -3.86 36.54
CA LYS F 450 64.65 -5.10 37.06
C LYS F 450 63.67 -6.27 36.93
N SER F 451 62.40 -5.98 36.69
CA SER F 451 61.39 -7.02 36.50
C SER F 451 61.68 -7.90 35.29
N CYS F 452 62.55 -7.46 34.38
CA CYS F 452 63.04 -8.33 33.28
C CYS F 452 63.76 -9.62 33.76
N ASP F 453 62.99 -10.69 33.99
CA ASP F 453 63.49 -12.00 34.34
C ASP F 453 63.45 -12.86 33.09
N THR G 18 24.66 6.16 -0.22
CA THR G 18 24.02 5.70 1.02
C THR G 18 25.14 5.57 2.05
N ARG G 19 24.94 4.64 2.99
CA ARG G 19 25.96 4.18 3.95
C ARG G 19 27.01 3.43 3.21
N SER G 20 26.55 2.56 2.32
CA SER G 20 27.46 1.78 1.48
C SER G 20 28.78 2.47 1.25
N THR G 21 28.70 3.74 0.93
CA THR G 21 29.88 4.54 0.75
C THR G 21 30.55 4.87 2.08
N VAL G 22 29.79 5.33 3.05
CA VAL G 22 30.36 5.63 4.38
C VAL G 22 31.11 4.42 4.97
N ILE G 23 30.57 3.21 4.82
CA ILE G 23 31.26 2.05 5.39
C ILE G 23 32.62 1.92 4.75
N GLN G 24 32.62 1.91 3.42
CA GLN G 24 33.85 1.63 2.71
C GLN G 24 34.89 2.72 2.89
N LEU G 25 34.46 3.90 3.30
CA LEU G 25 35.40 4.98 3.58
C LEU G 25 36.03 4.72 4.93
N LEU G 26 35.18 4.43 5.91
CA LEU G 26 35.66 4.18 7.25
C LEU G 26 36.54 2.93 7.27
N ASN G 27 36.14 1.89 6.56
CA ASN G 27 36.97 0.68 6.49
C ASN G 27 38.40 0.94 5.99
N ASN G 28 38.60 2.06 5.27
CA ASN G 28 39.92 2.45 4.76
C ASN G 28 40.60 3.61 5.49
N ILE G 29 40.09 3.93 6.68
CA ILE G 29 40.72 4.93 7.55
C ILE G 29 41.34 4.21 8.73
N SER G 30 42.64 4.43 8.93
CA SER G 30 43.43 3.73 9.95
C SER G 30 43.69 4.65 11.14
N THR G 31 44.31 5.81 10.89
CA THR G 31 44.69 6.75 11.94
C THR G 31 44.08 8.14 11.70
N LYS G 32 44.25 9.01 12.70
CA LYS G 32 43.82 10.42 12.67
C LYS G 32 44.34 11.19 11.46
N ARG G 33 45.62 10.96 11.16
CA ARG G 33 46.27 11.69 10.11
C ARG G 33 45.53 11.44 8.81
N GLU G 34 45.10 10.19 8.60
CA GLU G 34 44.29 9.85 7.42
C GLU G 34 42.96 10.61 7.33
N VAL G 35 42.26 10.73 8.43
CA VAL G 35 41.03 11.48 8.45
C VAL G 35 41.25 12.91 7.94
N GLU G 36 42.20 13.58 8.52
CA GLU G 36 42.58 14.90 8.07
C GLU G 36 42.92 14.96 6.57
N GLN G 37 43.60 13.94 6.08
CA GLN G 37 43.98 13.89 4.66
C GLN G 37 42.66 13.86 3.85
N TYR G 38 41.78 12.89 4.12
CA TYR G 38 40.58 12.72 3.32
C TYR G 38 39.83 14.04 3.25
N LEU G 39 39.69 14.71 4.38
CA LEU G 39 39.02 16.00 4.40
C LEU G 39 39.61 17.05 3.50
N LYS G 40 40.93 17.16 3.50
CA LYS G 40 41.65 18.03 2.57
C LYS G 40 41.14 17.88 1.10
N TYR G 41 40.89 16.64 0.64
CA TYR G 41 40.48 16.35 -0.77
C TYR G 41 39.02 16.76 -1.04
N PHE G 42 38.18 16.50 -0.04
CA PHE G 42 36.77 16.84 -0.11
C PHE G 42 36.57 18.33 0.11
N THR G 43 37.15 18.90 1.16
CA THR G 43 36.97 20.33 1.49
C THR G 43 37.69 21.24 0.49
N SER G 44 38.58 20.66 -0.34
CA SER G 44 39.13 21.34 -1.49
C SER G 44 38.01 21.72 -2.47
N VAL G 45 37.77 23.03 -2.64
CA VAL G 45 36.77 23.58 -3.63
C VAL G 45 37.44 23.47 -4.99
N SER G 46 37.40 22.23 -5.50
CA SER G 46 38.37 21.71 -6.47
C SER G 46 38.04 22.03 -7.91
N GLN G 47 38.14 23.32 -8.24
CA GLN G 47 38.52 23.75 -9.59
C GLN G 47 40.00 23.31 -9.81
N GLN G 48 40.75 23.12 -8.71
CA GLN G 48 41.97 22.29 -8.69
C GLN G 48 41.61 20.80 -8.42
N GLN G 49 41.62 20.05 -9.52
CA GLN G 49 41.19 18.64 -9.64
C GLN G 49 41.82 17.62 -8.70
N PHE G 50 41.08 16.53 -8.52
CA PHE G 50 41.46 15.49 -7.58
C PHE G 50 42.68 14.75 -7.98
N ALA G 51 42.64 14.11 -9.12
CA ALA G 51 43.70 13.19 -9.45
C ALA G 51 43.75 12.92 -10.93
N VAL G 52 44.94 12.61 -11.39
CA VAL G 52 45.14 12.02 -12.69
C VAL G 52 45.68 10.62 -12.43
N ILE G 53 45.02 9.59 -12.91
CA ILE G 53 45.44 8.19 -12.67
C ILE G 53 45.83 7.52 -13.98
N LYS G 54 47.11 7.22 -14.14
CA LYS G 54 47.56 6.54 -15.31
C LYS G 54 47.40 5.07 -15.05
N VAL G 55 46.65 4.40 -15.93
CA VAL G 55 46.42 2.96 -15.87
C VAL G 55 47.17 2.23 -16.99
N GLY G 56 48.05 1.29 -16.63
CA GLY G 56 48.69 0.39 -17.60
C GLY G 56 47.70 -0.54 -18.32
N GLY G 57 48.03 -0.94 -19.56
CA GLY G 57 47.10 -1.71 -20.40
C GLY G 57 46.93 -3.07 -19.78
N ALA G 58 48.03 -3.55 -19.19
CA ALA G 58 48.06 -4.80 -18.42
C ALA G 58 46.87 -4.97 -17.48
N ILE G 59 46.43 -3.88 -16.88
CA ILE G 59 45.47 -3.96 -15.80
C ILE G 59 44.08 -4.09 -16.33
N ILE G 60 43.77 -3.36 -17.40
CA ILE G 60 42.44 -3.43 -17.95
C ILE G 60 42.22 -4.84 -18.45
N SER G 61 43.16 -5.36 -19.23
CA SER G 61 42.97 -6.69 -19.80
C SER G 61 42.86 -7.77 -18.71
N ASP G 62 43.53 -7.60 -17.57
CA ASP G 62 43.62 -8.68 -16.59
C ASP G 62 42.88 -8.44 -15.30
N ASN G 63 43.09 -7.29 -14.72
CA ASN G 63 42.75 -7.11 -13.33
C ASN G 63 41.65 -6.10 -13.19
N LEU G 64 40.71 -6.12 -14.13
CA LEU G 64 39.74 -5.03 -14.35
C LEU G 64 38.82 -4.81 -13.18
N HIS G 65 38.23 -5.89 -12.69
CA HIS G 65 37.22 -5.78 -11.66
C HIS G 65 37.75 -4.90 -10.57
N GLU G 66 38.95 -5.20 -10.08
CA GLU G 66 39.53 -4.45 -8.96
C GLU G 66 39.69 -2.96 -9.28
N LEU G 67 40.11 -2.66 -10.51
CA LEU G 67 40.31 -1.29 -10.97
C LEU G 67 38.97 -0.58 -10.98
N ALA G 68 37.94 -1.20 -11.57
CA ALA G 68 36.63 -0.59 -11.66
C ALA G 68 36.03 -0.39 -10.26
N SER G 69 36.06 -1.45 -9.46
CA SER G 69 35.51 -1.38 -8.10
C SER G 69 36.10 -0.20 -7.34
N CYS G 70 37.37 0.04 -7.59
CA CYS G 70 38.08 1.08 -6.90
C CYS G 70 37.81 2.51 -7.47
N LEU G 71 37.79 2.64 -8.78
CA LEU G 71 37.38 3.89 -9.33
C LEU G 71 35.93 4.21 -8.94
N ALA G 72 35.08 3.18 -8.84
CA ALA G 72 33.65 3.37 -8.46
C ALA G 72 33.52 4.00 -7.09
N PHE G 73 34.35 3.54 -6.18
CA PHE G 73 34.47 4.18 -4.89
C PHE G 73 34.74 5.66 -5.01
N LEU G 74 35.83 6.04 -5.64
CA LEU G 74 36.17 7.46 -5.70
C LEU G 74 34.94 8.21 -6.23
N TYR G 75 34.35 7.69 -7.31
CA TYR G 75 33.18 8.28 -7.96
C TYR G 75 32.07 8.46 -7.00
N HIS G 76 31.86 7.43 -6.18
CA HIS G 76 30.77 7.40 -5.22
C HIS G 76 31.01 8.37 -4.08
N VAL G 77 32.23 8.48 -3.61
CA VAL G 77 32.53 9.40 -2.53
C VAL G 77 32.68 10.80 -3.11
N GLY G 78 32.26 10.99 -4.36
CA GLY G 78 32.29 12.32 -4.99
C GLY G 78 33.45 12.61 -5.94
N LEU G 79 34.67 12.21 -5.55
CA LEU G 79 35.90 12.53 -6.29
C LEU G 79 35.88 12.02 -7.74
N TYR G 80 36.37 12.87 -8.64
CA TYR G 80 36.40 12.54 -10.06
C TYR G 80 37.84 12.51 -10.53
N PRO G 81 38.41 11.32 -10.49
CA PRO G 81 39.66 11.09 -11.14
C PRO G 81 39.56 11.23 -12.65
N ILE G 82 40.58 11.81 -13.26
CA ILE G 82 40.78 11.78 -14.71
C ILE G 82 41.63 10.55 -15.01
N VAL G 83 41.09 9.54 -15.67
CA VAL G 83 41.84 8.30 -15.90
C VAL G 83 42.43 8.30 -17.30
N LEU G 84 43.71 7.96 -17.42
CA LEU G 84 44.35 7.87 -18.70
C LEU G 84 45.01 6.50 -18.80
N HIS G 85 44.57 5.69 -19.77
CA HIS G 85 45.01 4.29 -19.89
C HIS G 85 45.75 4.03 -21.16
N GLY G 86 46.65 3.06 -21.09
CA GLY G 86 47.46 2.60 -22.22
C GLY G 86 46.95 1.29 -22.77
N THR G 87 47.84 0.56 -23.44
CA THR G 87 47.42 -0.64 -24.11
C THR G 87 48.60 -1.49 -24.51
N GLY G 88 49.29 -2.04 -23.52
CA GLY G 88 50.60 -2.68 -23.77
C GLY G 88 50.60 -4.10 -24.36
N PRO G 89 50.57 -5.14 -23.49
CA PRO G 89 50.84 -6.57 -23.80
C PRO G 89 49.93 -7.17 -24.88
N GLN G 90 48.63 -6.99 -24.69
CA GLN G 90 47.59 -7.37 -25.64
C GLN G 90 47.98 -7.03 -27.10
N VAL G 91 48.46 -5.80 -27.31
CA VAL G 91 48.87 -5.35 -28.64
C VAL G 91 49.92 -6.27 -29.21
N ASN G 92 50.96 -6.55 -28.44
CA ASN G 92 52.10 -7.30 -28.95
C ASN G 92 51.74 -8.74 -29.31
N GLY G 93 50.70 -9.26 -28.69
CA GLY G 93 50.18 -10.57 -29.05
C GLY G 93 49.43 -10.55 -30.37
N ARG G 94 48.62 -9.52 -30.55
CA ARG G 94 47.82 -9.39 -31.74
C ARG G 94 48.67 -9.04 -32.95
N LEU G 95 49.74 -8.29 -32.72
CA LEU G 95 50.74 -8.03 -33.75
C LEU G 95 51.43 -9.33 -34.12
N GLU G 96 51.66 -10.20 -33.12
CA GLU G 96 52.29 -11.51 -33.38
C GLU G 96 51.33 -12.50 -34.00
N ALA G 97 50.09 -12.48 -33.51
CA ALA G 97 49.01 -13.26 -34.12
C ALA G 97 48.94 -12.95 -35.62
N GLN G 98 49.03 -11.67 -35.96
CA GLN G 98 48.92 -11.19 -37.33
C GLN G 98 50.21 -11.32 -38.12
N GLY G 99 51.28 -11.76 -37.47
CA GLY G 99 52.52 -12.12 -38.16
C GLY G 99 53.54 -11.00 -38.26
N ILE G 100 53.30 -9.89 -37.57
CA ILE G 100 54.24 -8.77 -37.51
C ILE G 100 55.11 -8.87 -36.25
N GLU G 101 56.43 -9.06 -36.42
CA GLU G 101 57.36 -9.06 -35.30
C GLU G 101 57.53 -7.61 -34.84
N PRO G 102 57.10 -7.27 -33.59
CA PRO G 102 57.15 -5.86 -33.20
C PRO G 102 58.58 -5.24 -33.28
N ASP G 103 58.64 -3.91 -33.34
CA ASP G 103 59.89 -3.16 -33.43
C ASP G 103 60.03 -2.15 -32.30
N TYR G 104 61.23 -2.11 -31.74
CA TYR G 104 61.60 -1.10 -30.76
C TYR G 104 62.97 -0.56 -31.18
N ILE G 105 62.99 0.70 -31.61
CA ILE G 105 64.25 1.42 -31.74
C ILE G 105 64.24 2.55 -30.70
N ASP G 106 65.36 2.66 -29.99
CA ASP G 106 65.56 3.65 -28.93
C ASP G 106 64.46 3.57 -27.86
N GLY G 107 63.99 2.36 -27.59
CA GLY G 107 63.00 2.13 -26.54
C GLY G 107 61.59 2.59 -26.86
N ILE G 108 61.38 3.02 -28.11
CA ILE G 108 60.03 3.41 -28.57
C ILE G 108 59.63 2.53 -29.76
N ARG G 109 58.33 2.34 -29.90
CA ARG G 109 57.81 1.47 -30.94
C ARG G 109 57.85 2.16 -32.30
N ILE G 110 58.51 1.54 -33.26
CA ILE G 110 58.36 1.94 -34.63
C ILE G 110 56.91 1.60 -34.97
N THR G 111 56.18 2.56 -35.51
CA THR G 111 54.71 2.49 -35.60
C THR G 111 54.18 2.89 -36.98
N ASP G 112 54.29 2.02 -37.98
CA ASP G 112 53.79 2.35 -39.33
C ASP G 112 52.30 2.13 -39.44
N GLU G 113 51.73 2.48 -40.58
CA GLU G 113 50.27 2.37 -40.82
C GLU G 113 49.67 1.05 -40.39
N HIS G 114 50.31 -0.05 -40.76
CA HIS G 114 49.81 -1.38 -40.41
C HIS G 114 49.79 -1.64 -38.93
N THR G 115 50.82 -1.18 -38.23
CA THR G 115 50.89 -1.32 -36.76
C THR G 115 49.84 -0.43 -36.07
N MET G 116 49.71 0.81 -36.54
CA MET G 116 48.81 1.80 -35.96
C MET G 116 47.39 1.35 -35.98
N ALA G 117 46.96 0.80 -37.11
CA ALA G 117 45.61 0.26 -37.20
C ALA G 117 45.35 -0.70 -36.05
N VAL G 118 46.27 -1.63 -35.83
CA VAL G 118 46.11 -2.65 -34.80
C VAL G 118 46.31 -2.09 -33.37
N VAL G 119 47.08 -1.00 -33.25
CA VAL G 119 47.24 -0.28 -31.97
C VAL G 119 45.99 0.53 -31.64
N ARG G 120 45.38 1.14 -32.64
CA ARG G 120 44.20 1.95 -32.38
C ARG G 120 43.01 1.06 -32.04
N LYS G 121 42.82 -0.02 -32.79
CA LYS G 121 41.70 -0.94 -32.51
C LYS G 121 41.79 -1.50 -31.11
N CYS G 122 43.01 -1.73 -30.63
CA CYS G 122 43.21 -2.18 -29.26
C CYS G 122 42.81 -1.11 -28.28
N PHE G 123 43.24 0.12 -28.54
CA PHE G 123 42.98 1.22 -27.63
C PHE G 123 41.52 1.36 -27.48
N LEU G 124 40.77 1.37 -28.57
CA LEU G 124 39.34 1.59 -28.46
C LEU G 124 38.67 0.44 -27.71
N GLU G 125 38.96 -0.78 -28.13
CA GLU G 125 38.51 -1.99 -27.41
C GLU G 125 38.79 -1.91 -25.90
N GLN G 126 40.00 -1.52 -25.53
CA GLN G 126 40.35 -1.45 -24.11
C GLN G 126 39.56 -0.35 -23.44
N ASN G 127 39.54 0.82 -24.06
CA ASN G 127 38.94 2.04 -23.51
C ASN G 127 37.50 1.80 -23.21
N LEU G 128 36.77 1.37 -24.22
CA LEU G 128 35.39 1.02 -24.01
C LEU G 128 35.21 -0.11 -22.91
N LYS G 129 36.13 -1.05 -22.83
CA LYS G 129 35.97 -2.14 -21.86
C LYS G 129 35.99 -1.62 -20.44
N LEU G 130 36.79 -0.59 -20.18
CA LEU G 130 36.85 0.03 -18.87
C LEU G 130 35.61 0.83 -18.64
N VAL G 131 35.18 1.54 -19.67
CA VAL G 131 33.99 2.33 -19.55
C VAL G 131 32.75 1.48 -19.31
N THR G 132 32.54 0.43 -20.11
CA THR G 132 31.35 -0.43 -19.94
C THR G 132 31.43 -1.17 -18.60
N ALA G 133 32.63 -1.30 -18.06
CA ALA G 133 32.80 -1.93 -16.76
C ALA G 133 32.33 -1.05 -15.65
N LEU G 134 32.91 0.15 -15.57
CA LEU G 134 32.52 1.16 -14.60
C LEU G 134 31.04 1.42 -14.70
N GLU G 135 30.54 1.42 -15.93
CA GLU G 135 29.15 1.75 -16.13
C GLU G 135 28.29 0.67 -15.52
N GLN G 136 28.71 -0.58 -15.60
CA GLN G 136 27.96 -1.67 -14.99
C GLN G 136 27.92 -1.63 -13.47
N LEU G 137 28.91 -0.99 -12.85
CA LEU G 137 28.87 -0.75 -11.39
C LEU G 137 28.22 0.62 -11.04
N GLY G 138 27.43 1.17 -11.94
CA GLY G 138 26.71 2.42 -11.69
C GLY G 138 27.52 3.71 -11.69
N VAL G 139 28.67 3.69 -12.34
CA VAL G 139 29.45 4.89 -12.48
C VAL G 139 29.25 5.37 -13.87
N ARG G 140 29.16 6.67 -14.01
CA ARG G 140 29.04 7.28 -15.31
C ARG G 140 30.42 7.47 -15.94
N ALA G 141 30.67 6.77 -17.03
CA ALA G 141 31.87 6.98 -17.73
C ALA G 141 31.64 7.62 -19.07
N ARG G 142 32.70 8.27 -19.52
CA ARG G 142 32.70 8.97 -20.79
C ARG G 142 33.97 8.63 -21.56
N PRO G 143 33.84 7.83 -22.63
CA PRO G 143 35.05 7.55 -23.34
C PRO G 143 35.48 8.82 -24.05
N ILE G 144 36.79 9.10 -24.02
CA ILE G 144 37.35 10.23 -24.71
C ILE G 144 38.50 9.73 -25.56
N THR G 145 38.13 9.12 -26.67
CA THR G 145 39.07 8.39 -27.54
C THR G 145 39.98 9.29 -28.44
N SER G 146 39.71 10.60 -28.41
CA SER G 146 40.42 11.54 -29.28
C SER G 146 40.08 13.02 -28.97
N GLY G 147 41.10 13.87 -29.03
CA GLY G 147 40.90 15.32 -29.09
C GLY G 147 41.24 16.00 -27.77
N VAL G 148 41.87 15.23 -26.88
CA VAL G 148 42.49 15.82 -25.72
C VAL G 148 43.89 16.21 -26.09
N PHE G 149 44.63 15.29 -26.71
CA PHE G 149 46.02 15.56 -27.02
C PHE G 149 46.25 15.96 -28.47
N THR G 150 46.90 17.12 -28.63
CA THR G 150 47.40 17.61 -29.89
C THR G 150 48.85 17.22 -29.92
N ALA G 151 49.37 16.84 -31.08
CA ALA G 151 50.80 16.50 -31.16
C ALA G 151 51.34 16.64 -32.57
N ASP G 152 52.64 16.45 -32.68
CA ASP G 152 53.29 16.32 -33.98
C ASP G 152 54.31 15.18 -33.92
N TYR G 153 54.84 14.82 -35.07
CA TYR G 153 55.63 13.61 -35.22
C TYR G 153 56.90 13.73 -34.38
N LEU G 154 57.24 12.65 -33.69
CA LEU G 154 58.46 12.61 -32.87
C LEU G 154 59.68 12.72 -33.80
N ASP G 155 59.72 11.80 -34.76
CA ASP G 155 60.67 11.80 -35.87
C ASP G 155 60.03 10.89 -36.90
N LYS G 156 59.60 11.46 -38.02
CA LYS G 156 58.78 10.69 -38.96
C LYS G 156 59.58 9.56 -39.59
N ASP G 157 60.89 9.75 -39.75
CA ASP G 157 61.73 8.71 -40.35
C ASP G 157 62.01 7.56 -39.38
N LYS G 158 62.17 7.91 -38.10
CA LYS G 158 62.63 6.99 -37.07
C LYS G 158 61.47 6.20 -36.48
N TYR G 159 60.45 6.90 -36.04
CA TYR G 159 59.33 6.24 -35.35
C TYR G 159 58.07 6.14 -36.19
N LYS G 160 58.09 6.75 -37.37
CA LYS G 160 56.91 6.83 -38.23
C LYS G 160 55.84 7.57 -37.42
N LEU G 161 54.67 6.96 -37.26
CA LEU G 161 53.54 7.63 -36.61
C LEU G 161 53.63 7.55 -35.09
N VAL G 162 54.67 8.14 -34.52
CA VAL G 162 54.74 8.30 -33.08
C VAL G 162 54.89 9.80 -32.78
N GLY G 163 54.07 10.29 -31.85
CA GLY G 163 53.93 11.72 -31.64
C GLY G 163 54.61 12.27 -30.42
N ASN G 164 54.86 13.58 -30.48
CA ASN G 164 55.34 14.38 -29.34
C ASN G 164 54.23 15.35 -28.93
N ILE G 165 53.79 15.30 -27.67
CA ILE G 165 52.60 16.05 -27.25
C ILE G 165 52.85 17.53 -27.18
N LYS G 166 52.22 18.27 -28.08
CA LYS G 166 52.43 19.69 -28.19
C LYS G 166 51.53 20.44 -27.19
N SER G 167 50.34 19.89 -26.88
CA SER G 167 49.38 20.60 -26.04
C SER G 167 48.16 19.75 -25.66
N VAL G 168 47.58 20.04 -24.50
CA VAL G 168 46.38 19.39 -24.02
C VAL G 168 45.22 20.37 -24.13
N THR G 169 44.15 20.01 -24.82
CA THR G 169 42.87 20.75 -24.73
C THR G 169 42.00 20.14 -23.61
N LYS G 170 41.55 21.00 -22.69
CA LYS G 170 40.93 20.57 -21.43
C LYS G 170 39.45 20.38 -21.57
N GLU G 171 38.88 20.97 -22.62
CA GLU G 171 37.43 21.24 -22.66
C GLU G 171 36.57 19.97 -22.51
N PRO G 172 36.99 18.82 -23.11
CA PRO G 172 36.24 17.58 -23.02
C PRO G 172 36.34 17.00 -21.68
N ILE G 173 37.56 16.98 -21.12
CA ILE G 173 37.76 16.47 -19.77
C ILE G 173 37.01 17.29 -18.73
N GLU G 174 36.91 18.61 -18.91
CA GLU G 174 36.11 19.46 -18.00
C GLU G 174 34.65 19.16 -18.20
N ALA G 175 34.13 19.42 -19.39
CA ALA G 175 32.69 19.32 -19.61
C ALA G 175 32.13 17.84 -19.53
N SER G 176 33.03 16.88 -19.23
CA SER G 176 32.66 15.57 -18.70
C SER G 176 32.45 15.60 -17.21
N ILE G 177 33.53 15.81 -16.47
CA ILE G 177 33.46 15.95 -15.00
C ILE G 177 32.25 16.81 -14.62
N LYS G 178 32.16 17.98 -15.22
CA LYS G 178 31.05 18.88 -14.97
C LYS G 178 29.72 18.17 -15.18
N ALA G 179 29.59 17.40 -16.24
CA ALA G 179 28.33 16.67 -16.47
C ALA G 179 28.20 15.33 -15.65
N GLY G 180 29.23 15.02 -14.86
CA GLY G 180 29.12 14.04 -13.79
C GLY G 180 29.66 12.68 -14.12
N ALA G 181 30.65 12.61 -15.01
CA ALA G 181 31.07 11.33 -15.59
C ALA G 181 32.59 11.27 -15.64
N LEU G 182 33.14 10.14 -15.16
CA LEU G 182 34.59 9.94 -15.13
C LEU G 182 35.11 9.95 -16.54
N PRO G 183 35.99 10.88 -16.85
CA PRO G 183 36.56 10.84 -18.17
C PRO G 183 37.68 9.83 -18.27
N ILE G 184 37.53 8.91 -19.20
CA ILE G 184 38.50 7.86 -19.48
C ILE G 184 39.21 8.19 -20.79
N LEU G 185 40.48 8.54 -20.73
CA LEU G 185 41.20 8.94 -21.95
C LEU G 185 42.14 7.86 -22.45
N THR G 186 42.12 7.64 -23.75
CA THR G 186 43.20 6.94 -24.44
C THR G 186 44.36 7.90 -24.56
N SER G 187 45.56 7.33 -24.66
CA SER G 187 46.78 8.13 -24.88
C SER G 187 47.21 8.20 -26.35
N LEU G 188 46.23 8.35 -27.23
CA LEU G 188 46.51 8.83 -28.59
C LEU G 188 46.46 10.37 -28.66
N ALA G 189 47.48 10.94 -29.32
CA ALA G 189 47.46 12.32 -29.70
C ALA G 189 47.19 12.38 -31.16
N GLU G 190 46.73 13.52 -31.65
CA GLU G 190 46.52 13.71 -33.07
C GLU G 190 47.11 15.01 -33.53
N THR G 191 47.41 15.07 -34.81
CA THR G 191 47.99 16.25 -35.37
C THR G 191 46.89 17.22 -35.72
N ALA G 192 47.28 18.40 -36.14
CA ALA G 192 46.33 19.38 -36.64
C ALA G 192 45.41 18.73 -37.64
N SER G 193 46.04 18.20 -38.68
CA SER G 193 45.36 17.69 -39.86
C SER G 193 44.65 16.36 -39.63
N GLY G 194 44.82 15.78 -38.45
CA GLY G 194 43.96 14.69 -38.02
C GLY G 194 44.63 13.34 -37.82
N GLN G 195 45.87 13.17 -38.27
CA GLN G 195 46.54 11.87 -38.18
C GLN G 195 46.83 11.51 -36.73
N MET G 196 46.34 10.37 -36.31
CA MET G 196 46.57 9.91 -34.95
C MET G 196 47.97 9.38 -34.87
N LEU G 197 48.59 9.49 -33.69
CA LEU G 197 49.96 9.07 -33.44
C LEU G 197 50.04 8.37 -32.08
N ASN G 198 50.79 7.28 -31.99
CA ASN G 198 51.05 6.61 -30.70
C ASN G 198 51.96 7.47 -29.79
N VAL G 199 51.63 7.52 -28.49
CA VAL G 199 52.36 8.32 -27.50
C VAL G 199 52.41 7.67 -26.11
N ASN G 200 53.60 7.69 -25.48
CA ASN G 200 53.82 7.20 -24.10
C ASN G 200 52.76 7.60 -23.06
N ALA G 201 52.01 6.59 -22.57
CA ALA G 201 50.97 6.78 -21.55
C ALA G 201 51.48 7.47 -20.29
N ASP G 202 52.79 7.41 -20.02
CA ASP G 202 53.35 8.11 -18.87
C ASP G 202 53.70 9.58 -19.16
N VAL G 203 54.20 9.88 -20.35
CA VAL G 203 54.49 11.26 -20.73
C VAL G 203 53.16 11.98 -20.89
N ALA G 204 52.18 11.29 -21.43
CA ALA G 204 50.84 11.84 -21.50
C ALA G 204 50.28 12.15 -20.10
N ALA G 205 50.37 11.19 -19.19
CA ALA G 205 49.82 11.38 -17.85
C ALA G 205 50.41 12.66 -17.29
N GLY G 206 51.73 12.77 -17.39
CA GLY G 206 52.44 13.98 -16.94
C GLY G 206 52.00 15.27 -17.61
N GLU G 207 51.63 15.23 -18.87
CA GLU G 207 51.20 16.46 -19.51
C GLU G 207 49.91 16.91 -18.97
N LEU G 208 49.02 15.96 -18.71
CA LEU G 208 47.72 16.26 -18.08
C LEU G 208 48.01 16.90 -16.76
N ALA G 209 48.75 16.19 -15.92
CA ALA G 209 49.09 16.70 -14.63
C ALA G 209 49.57 18.17 -14.63
N ARG G 210 50.36 18.58 -15.61
CA ARG G 210 50.82 19.96 -15.66
C ARG G 210 49.68 20.90 -15.86
N VAL G 211 48.71 20.43 -16.60
CA VAL G 211 47.58 21.25 -17.04
C VAL G 211 46.43 21.33 -16.00
N PHE G 212 46.13 20.25 -15.30
CA PHE G 212 45.10 20.30 -14.26
C PHE G 212 45.64 20.50 -12.86
N GLU G 213 46.94 20.44 -12.68
CA GLU G 213 47.54 20.67 -11.38
C GLU G 213 46.83 19.89 -10.27
N PRO G 214 46.54 18.60 -10.50
CA PRO G 214 45.78 17.84 -9.53
C PRO G 214 46.53 17.52 -8.25
N LEU G 215 45.75 17.22 -7.23
CA LEU G 215 46.22 16.93 -5.88
C LEU G 215 47.06 15.64 -5.77
N LYS G 216 46.62 14.61 -6.47
CA LYS G 216 47.28 13.32 -6.51
C LYS G 216 47.52 12.96 -7.98
N ILE G 217 48.72 12.48 -8.28
CA ILE G 217 49.03 11.85 -9.57
C ILE G 217 49.40 10.44 -9.25
N VAL G 218 48.73 9.47 -9.85
CA VAL G 218 48.97 8.07 -9.51
C VAL G 218 49.32 7.28 -10.72
N TYR G 219 50.52 6.73 -10.70
CA TYR G 219 50.96 5.83 -11.72
C TYR G 219 50.71 4.39 -11.28
N LEU G 220 49.73 3.74 -11.88
CA LEU G 220 49.45 2.35 -11.51
C LEU G 220 50.38 1.47 -12.30
N ASN G 221 51.34 0.85 -11.64
CA ASN G 221 52.09 -0.21 -12.29
C ASN G 221 51.62 -1.56 -11.79
N GLU G 222 51.94 -2.59 -12.57
CA GLU G 222 51.73 -3.95 -12.13
C GLU G 222 52.74 -4.28 -11.04
N LYS G 223 53.96 -3.75 -11.17
CA LYS G 223 55.11 -4.09 -10.30
C LYS G 223 54.84 -3.89 -8.79
N GLY G 224 54.65 -2.64 -8.38
CA GLY G 224 54.31 -2.30 -7.01
C GLY G 224 55.29 -1.44 -6.27
N GLY G 225 55.44 -0.20 -6.69
CA GLY G 225 56.33 0.75 -5.98
C GLY G 225 57.81 0.62 -6.30
N ILE G 226 58.67 0.85 -5.30
CA ILE G 226 60.11 0.85 -5.52
C ILE G 226 60.79 0.06 -4.44
N ILE G 227 61.52 -0.97 -4.85
CA ILE G 227 62.32 -1.74 -3.93
C ILE G 227 63.73 -1.21 -3.98
N ASN G 228 64.41 -1.24 -2.86
CA ASN G 228 65.83 -0.90 -2.83
C ASN G 228 66.66 -2.16 -3.16
N GLY G 229 67.25 -2.19 -4.36
CA GLY G 229 67.98 -3.37 -4.84
C GLY G 229 69.15 -3.82 -3.97
N SER G 230 69.64 -2.89 -3.16
CA SER G 230 70.84 -3.10 -2.32
C SER G 230 70.54 -3.54 -0.87
N THR G 231 69.48 -2.99 -0.27
CA THR G 231 69.05 -3.39 1.07
C THR G 231 67.92 -4.45 0.99
N GLY G 232 67.12 -4.38 -0.06
CA GLY G 232 65.94 -5.23 -0.18
C GLY G 232 64.72 -4.46 0.29
N GLU G 233 64.92 -3.50 1.19
CA GLU G 233 63.81 -2.73 1.79
C GLU G 233 63.01 -1.95 0.74
N LYS G 234 61.69 -1.94 0.86
CA LYS G 234 60.83 -1.09 0.02
C LYS G 234 61.01 0.38 0.44
N ILE G 235 60.58 1.29 -0.43
CA ILE G 235 60.59 2.74 -0.16
C ILE G 235 59.15 3.24 -0.01
N SER G 236 58.80 3.77 1.17
CA SER G 236 57.47 4.33 1.39
C SER G 236 57.32 5.68 0.71
N MET G 237 58.16 6.63 1.13
CA MET G 237 58.08 8.01 0.69
C MET G 237 59.45 8.48 0.25
N ILE G 238 59.47 9.38 -0.72
CA ILE G 238 60.70 10.04 -1.15
C ILE G 238 60.45 11.53 -0.99
N ASN G 239 61.30 12.23 -0.24
CA ASN G 239 61.16 13.69 -0.06
C ASN G 239 62.10 14.49 -0.94
N LEU G 240 61.67 14.73 -2.19
CA LEU G 240 62.57 15.11 -3.28
C LEU G 240 63.58 16.19 -2.86
N ASP G 241 63.07 17.32 -2.39
CA ASP G 241 63.93 18.41 -1.94
C ASP G 241 65.02 17.88 -1.04
N GLU G 242 64.68 17.05 -0.07
CA GLU G 242 65.70 16.47 0.82
C GLU G 242 66.54 15.36 0.16
N GLU G 243 65.88 14.32 -0.32
CA GLU G 243 66.57 13.07 -0.73
C GLU G 243 67.06 13.01 -2.18
N TYR G 244 66.44 13.79 -3.06
CA TYR G 244 66.63 13.62 -4.49
C TYR G 244 68.07 13.38 -4.90
N ASP G 245 68.94 14.29 -4.49
CA ASP G 245 70.28 14.39 -5.06
C ASP G 245 71.17 13.23 -4.66
N ASP G 246 71.17 12.89 -3.38
CA ASP G 246 72.01 11.78 -2.91
C ASP G 246 71.26 10.43 -2.92
N LEU G 247 70.04 10.42 -3.42
CA LEU G 247 69.36 9.16 -3.73
C LEU G 247 69.46 8.87 -5.25
N MET G 248 69.67 9.93 -6.04
CA MET G 248 69.81 9.77 -7.49
C MET G 248 71.20 9.31 -7.83
N LYS G 249 72.20 9.90 -7.17
CA LYS G 249 73.58 9.55 -7.42
C LYS G 249 73.98 8.30 -6.63
N GLN G 250 73.05 7.34 -6.50
CA GLN G 250 73.34 6.07 -5.84
C GLN G 250 73.48 4.93 -6.83
N SER G 251 74.43 4.07 -6.54
CA SER G 251 74.82 3.02 -7.45
C SER G 251 73.77 1.93 -7.57
N TRP G 252 72.96 1.76 -6.53
CA TRP G 252 71.93 0.71 -6.53
C TRP G 252 70.74 1.07 -7.36
N VAL G 253 70.43 2.36 -7.47
CA VAL G 253 69.24 2.80 -8.24
C VAL G 253 69.39 2.44 -9.71
N LYS G 254 68.45 1.64 -10.21
CA LYS G 254 68.47 1.15 -11.58
C LYS G 254 68.09 2.29 -12.50
N TYR G 255 68.46 2.16 -13.77
CA TYR G 255 68.31 3.27 -14.70
C TYR G 255 66.87 3.51 -15.10
N GLY G 256 66.09 2.43 -15.20
CA GLY G 256 64.65 2.58 -15.41
C GLY G 256 63.98 3.33 -14.27
N THR G 257 64.55 3.21 -13.07
CA THR G 257 64.13 4.00 -11.91
C THR G 257 64.53 5.48 -12.06
N LYS G 258 65.81 5.73 -12.32
CA LYS G 258 66.32 7.09 -12.52
C LYS G 258 65.50 7.82 -13.56
N LEU G 259 65.18 7.16 -14.69
CA LEU G 259 64.44 7.85 -15.76
C LEU G 259 63.01 8.16 -15.31
N LYS G 260 62.53 7.49 -14.25
CA LYS G 260 61.26 7.85 -13.63
C LYS G 260 61.42 8.85 -12.48
N ILE G 261 62.32 8.58 -11.55
CA ILE G 261 62.52 9.52 -10.45
C ILE G 261 62.68 10.90 -11.05
N ARG G 262 63.54 11.04 -12.05
CA ARG G 262 63.74 12.35 -12.62
C ARG G 262 62.49 12.85 -13.23
N GLU G 263 61.87 12.01 -14.05
CA GLU G 263 60.59 12.35 -14.64
C GLU G 263 59.63 12.99 -13.62
N ILE G 264 59.49 12.36 -12.45
CA ILE G 264 58.59 12.83 -11.42
C ILE G 264 59.08 14.13 -10.76
N LYS G 265 60.37 14.22 -10.45
CA LYS G 265 60.93 15.45 -9.89
C LYS G 265 60.56 16.62 -10.79
N GLU G 266 60.76 16.43 -12.09
CA GLU G 266 60.50 17.49 -13.05
C GLU G 266 59.04 17.89 -13.11
N LEU G 267 58.14 16.93 -12.93
CA LEU G 267 56.73 17.21 -12.88
C LEU G 267 56.38 18.06 -11.66
N LEU G 268 56.78 17.58 -10.48
CA LEU G 268 56.38 18.20 -9.21
C LEU G 268 57.07 19.53 -8.96
N ASP G 269 58.15 19.76 -9.71
CA ASP G 269 58.82 21.05 -9.70
C ASP G 269 57.86 22.13 -10.17
N TYR G 270 56.99 21.79 -11.12
CA TYR G 270 56.11 22.76 -11.74
C TYR G 270 54.68 22.70 -11.23
N LEU G 271 54.43 21.78 -10.30
CA LEU G 271 53.18 21.73 -9.55
C LEU G 271 53.41 22.18 -8.11
N PRO G 272 52.32 22.61 -7.45
CA PRO G 272 52.29 23.01 -6.05
C PRO G 272 52.94 22.04 -5.09
N ARG G 273 53.07 22.48 -3.85
CA ARG G 273 53.76 21.71 -2.83
C ARG G 273 52.80 20.70 -2.28
N SER G 274 51.52 21.08 -2.33
CA SER G 274 50.41 20.25 -1.89
C SER G 274 50.29 19.00 -2.76
N SER G 275 50.72 19.11 -4.01
CA SER G 275 50.59 17.99 -4.95
C SER G 275 51.61 16.88 -4.70
N SER G 276 51.17 15.63 -4.90
CA SER G 276 52.05 14.46 -4.74
C SER G 276 51.92 13.43 -5.90
N VAL G 277 52.87 12.51 -5.99
CA VAL G 277 52.81 11.39 -6.91
C VAL G 277 52.85 10.09 -6.12
N ALA G 278 52.17 9.08 -6.61
CA ALA G 278 52.24 7.76 -5.97
C ALA G 278 52.32 6.69 -7.01
N ILE G 279 53.14 5.69 -6.73
CA ILE G 279 53.36 4.55 -7.63
C ILE G 279 52.87 3.32 -6.88
N ILE G 280 51.79 2.73 -7.33
CA ILE G 280 51.18 1.69 -6.54
C ILE G 280 50.69 0.56 -7.40
N ASN G 281 50.78 -0.62 -6.81
CA ASN G 281 50.10 -1.76 -7.32
C ASN G 281 48.63 -1.51 -7.20
N VAL G 282 47.86 -1.96 -8.21
CA VAL G 282 46.41 -1.73 -8.28
C VAL G 282 45.67 -2.10 -7.00
N GLN G 283 45.97 -3.27 -6.46
CA GLN G 283 45.24 -3.73 -5.27
C GLN G 283 45.37 -2.84 -4.02
N ASP G 284 46.44 -2.05 -3.92
CA ASP G 284 46.69 -1.24 -2.75
C ASP G 284 46.32 0.20 -3.03
N LEU G 285 45.41 0.45 -3.97
CA LEU G 285 45.25 1.80 -4.47
C LEU G 285 44.50 2.72 -3.49
N GLN G 286 43.23 2.37 -3.22
CA GLN G 286 42.35 3.26 -2.46
C GLN G 286 42.71 3.33 -0.98
N LYS G 287 43.83 2.71 -0.59
CA LYS G 287 44.52 3.09 0.62
C LYS G 287 45.46 4.30 0.33
N GLU G 288 46.58 4.12 -0.41
CA GLU G 288 47.61 5.20 -0.58
C GLU G 288 47.23 6.28 -1.64
N LEU G 289 45.94 6.37 -1.95
CA LEU G 289 45.37 7.61 -2.46
C LEU G 289 45.00 8.61 -1.34
N PHE G 290 45.36 8.30 -0.11
CA PHE G 290 44.92 9.10 1.03
C PHE G 290 45.88 8.95 2.21
N THR G 291 46.46 7.76 2.36
CA THR G 291 47.44 7.50 3.44
C THR G 291 48.85 7.59 2.85
N ASP G 292 49.85 7.55 3.72
CA ASP G 292 51.25 7.28 3.34
C ASP G 292 51.81 5.99 4.01
N SER G 293 50.93 5.22 4.66
CA SER G 293 51.25 3.90 5.22
C SER G 293 50.90 2.77 4.24
N GLY G 294 50.16 3.08 3.17
CA GLY G 294 49.96 2.14 2.06
C GLY G 294 51.34 1.73 1.55
N ALA G 295 51.56 0.42 1.34
CA ALA G 295 52.71 -0.05 0.59
C ALA G 295 52.61 0.54 -0.82
N GLY G 296 53.73 0.57 -1.52
CA GLY G 296 53.81 1.33 -2.74
C GLY G 296 54.57 2.57 -2.32
N THR G 297 55.11 3.26 -3.31
CA THR G 297 56.00 4.37 -3.11
C THR G 297 55.27 5.66 -3.37
N MET G 298 55.48 6.64 -2.49
CA MET G 298 54.83 7.94 -2.61
C MET G 298 55.84 9.09 -2.63
N ILE G 299 55.84 9.91 -3.67
CA ILE G 299 56.89 10.89 -3.84
C ILE G 299 56.35 12.31 -3.80
N ARG G 300 57.09 13.23 -3.17
CA ARG G 300 56.74 14.67 -3.26
C ARG G 300 57.88 15.59 -2.83
N ARG G 301 57.69 16.89 -3.08
CA ARG G 301 58.77 17.87 -2.87
C ARG G 301 59.10 18.00 -1.40
N GLY G 302 58.14 18.38 -0.58
CA GLY G 302 58.33 18.39 0.87
C GLY G 302 59.30 19.48 1.34
N TYR G 303 59.59 19.58 2.65
CA TYR G 303 60.23 20.78 3.26
C TYR G 303 61.62 20.44 3.69
N LYS G 304 62.62 21.23 3.28
CA LYS G 304 63.96 21.09 3.86
C LYS G 304 63.95 21.79 5.22
N LEU G 305 64.31 21.09 6.30
CA LEU G 305 64.56 21.73 7.59
C LEU G 305 65.94 22.35 7.58
N VAL G 306 66.07 23.53 8.18
CA VAL G 306 67.34 24.26 8.17
C VAL G 306 67.84 24.44 9.60
N LYS G 307 69.01 23.89 9.88
CA LYS G 307 69.56 23.89 11.23
C LYS G 307 70.24 25.24 11.46
N ARG G 308 69.94 25.90 12.58
CA ARG G 308 70.48 27.25 12.87
C ARG G 308 71.00 27.37 14.30
N SER G 309 72.12 28.07 14.46
CA SER G 309 72.74 28.17 15.76
C SER G 309 72.78 29.59 16.29
N SER G 310 71.98 30.50 15.74
CA SER G 310 72.13 31.92 16.04
C SER G 310 70.97 32.78 15.56
N ILE G 311 70.42 33.65 16.41
CA ILE G 311 69.28 34.51 16.01
C ILE G 311 69.54 35.23 14.69
N GLY G 312 70.72 35.81 14.56
CA GLY G 312 71.13 36.50 13.34
C GLY G 312 71.59 35.58 12.22
N GLU G 313 71.16 34.32 12.27
CA GLU G 313 71.33 33.40 11.17
C GLU G 313 70.02 33.48 10.36
N PHE G 314 68.89 33.23 11.01
CA PHE G 314 67.56 33.21 10.34
C PHE G 314 67.42 34.35 9.36
N PRO G 315 67.13 34.04 8.09
CA PRO G 315 67.04 35.13 7.11
C PRO G 315 65.99 36.14 7.55
N SER G 316 64.99 35.61 8.22
CA SER G 316 63.94 36.38 8.84
C SER G 316 64.34 36.83 10.24
N ALA G 317 64.78 38.08 10.38
CA ALA G 317 64.93 38.64 11.72
C ALA G 317 63.54 38.65 12.39
N ASP G 318 62.53 39.01 11.62
CA ASP G 318 61.19 39.33 12.13
C ASP G 318 60.27 38.11 12.18
N ALA G 319 60.10 37.43 11.04
CA ALA G 319 59.17 36.30 10.93
C ALA G 319 59.47 35.12 11.90
N LEU G 320 60.66 35.08 12.51
CA LEU G 320 60.89 34.16 13.64
C LEU G 320 59.99 34.58 14.81
N ARG G 321 59.94 35.88 15.08
CA ARG G 321 58.99 36.38 16.06
C ARG G 321 57.55 36.05 15.62
N LYS G 322 57.19 36.39 14.38
CA LYS G 322 55.85 36.08 13.89
C LYS G 322 55.48 34.59 14.09
N ALA G 323 56.46 33.71 14.01
CA ALA G 323 56.22 32.27 14.21
C ALA G 323 55.99 31.93 15.65
N LEU G 324 56.86 32.40 16.52
CA LEU G 324 56.80 32.04 17.93
C LEU G 324 55.60 32.60 18.63
N GLN G 325 55.02 33.66 18.07
CA GLN G 325 53.78 34.23 18.59
C GLN G 325 52.59 33.26 18.51
N ARG G 326 52.68 32.25 17.63
CA ARG G 326 51.60 31.24 17.47
C ARG G 326 51.38 30.44 18.75
N ASP G 327 52.49 30.10 19.41
CA ASP G 327 52.56 29.42 20.74
C ASP G 327 51.54 30.00 21.77
N ALA G 328 50.81 29.12 22.48
CA ALA G 328 49.80 29.52 23.50
C ALA G 328 50.36 29.70 24.94
N GLY G 329 51.68 29.92 25.04
CA GLY G 329 52.35 30.41 26.27
C GLY G 329 53.01 31.78 26.13
N ILE G 330 53.21 32.23 24.88
CA ILE G 330 53.61 33.59 24.54
C ILE G 330 52.44 34.44 24.01
N SER G 331 51.44 33.77 23.43
CA SER G 331 50.16 34.42 23.03
C SER G 331 49.25 34.67 24.25
N SER G 332 49.24 33.74 25.20
CA SER G 332 48.76 34.03 26.57
C SER G 332 50.03 34.43 27.35
N GLY G 333 50.17 35.74 27.59
CA GLY G 333 51.45 36.36 27.90
C GLY G 333 52.04 36.07 29.27
N LYS G 334 52.84 35.00 29.34
CA LYS G 334 53.77 34.80 30.45
C LYS G 334 55.03 35.58 30.07
N GLU G 335 55.75 35.11 29.05
CA GLU G 335 56.83 35.91 28.47
C GLU G 335 56.56 36.28 27.02
N SER G 336 56.79 37.56 26.71
CA SER G 336 56.70 38.03 25.35
C SER G 336 57.86 37.43 24.63
N VAL G 337 57.77 37.51 23.32
CA VAL G 337 58.83 37.05 22.46
C VAL G 337 60.11 37.87 22.68
N ALA G 338 59.97 39.19 22.73
CA ALA G 338 61.13 40.09 22.96
C ALA G 338 61.98 39.55 24.09
N SER G 339 61.36 39.43 25.26
CA SER G 339 62.06 38.97 26.45
C SER G 339 62.63 37.56 26.28
N TYR G 340 62.01 36.75 25.44
CA TYR G 340 62.52 35.42 25.17
C TYR G 340 63.67 35.42 24.16
N LEU G 341 63.59 36.25 23.12
CA LEU G 341 64.65 36.29 22.11
C LEU G 341 65.97 36.77 22.71
N ARG G 342 65.91 37.73 23.63
CA ARG G 342 67.10 38.17 24.37
C ARG G 342 67.75 36.94 24.98
N TYR G 343 66.96 36.17 25.76
CA TYR G 343 67.46 34.95 26.41
C TYR G 343 68.08 33.97 25.42
N LEU G 344 67.44 33.81 24.26
CA LEU G 344 67.91 32.85 23.27
C LEU G 344 69.31 33.24 22.84
N GLU G 345 69.42 34.44 22.26
CA GLU G 345 70.69 34.96 21.72
C GLU G 345 71.90 34.82 22.63
N ASN G 346 71.66 34.85 23.95
CA ASN G 346 72.70 34.64 24.94
C ASN G 346 72.79 33.18 25.41
N SER G 347 72.48 32.21 24.55
CA SER G 347 72.48 30.80 24.94
C SER G 347 72.83 29.93 23.74
N ASP G 348 73.63 28.87 23.95
CA ASP G 348 73.91 27.94 22.85
C ASP G 348 72.75 27.00 22.64
N PHE G 349 72.22 27.08 21.44
CA PHE G 349 71.00 26.42 21.11
C PHE G 349 71.11 25.94 19.70
N VAL G 350 70.38 24.90 19.40
CA VAL G 350 70.25 24.49 18.03
C VAL G 350 68.78 24.73 17.71
N SER G 351 68.49 25.18 16.49
CA SER G 351 67.12 25.38 16.07
C SER G 351 66.94 24.82 14.69
N TYR G 352 66.05 23.86 14.59
CA TYR G 352 65.60 23.42 13.30
C TYR G 352 64.29 24.12 12.95
N ALA G 353 64.15 24.49 11.69
CA ALA G 353 62.91 25.03 11.22
C ALA G 353 62.92 24.89 9.71
N ASP G 354 61.75 24.66 9.15
CA ASP G 354 61.62 24.60 7.70
C ASP G 354 61.75 26.01 7.09
N GLU G 355 61.77 26.07 5.76
CA GLU G 355 62.06 27.31 5.06
C GLU G 355 61.01 28.38 5.39
N PRO G 356 59.72 28.02 5.35
CA PRO G 356 58.70 29.04 5.59
C PRO G 356 58.28 29.19 7.06
N LEU G 357 59.12 28.72 7.98
CA LEU G 357 58.85 28.83 9.43
C LEU G 357 57.45 28.33 9.88
N GLU G 358 56.94 27.31 9.20
CA GLU G 358 55.66 26.67 9.55
C GLU G 358 55.81 25.84 10.83
N ALA G 359 57.01 25.33 11.05
CA ALA G 359 57.33 24.57 12.25
C ALA G 359 58.78 24.89 12.72
N VAL G 360 58.89 25.55 13.88
CA VAL G 360 60.17 25.89 14.47
C VAL G 360 60.33 25.00 15.69
N ALA G 361 61.54 24.44 15.87
CA ALA G 361 61.91 23.73 17.10
C ALA G 361 63.23 24.38 17.65
N ILE G 362 63.26 24.73 18.93
CA ILE G 362 64.45 25.31 19.55
C ILE G 362 64.87 24.39 20.67
N VAL G 363 66.11 23.91 20.62
CA VAL G 363 66.63 23.02 21.65
C VAL G 363 67.77 23.76 22.44
N LYS G 364 67.52 24.08 23.71
CA LYS G 364 68.51 24.68 24.57
C LYS G 364 69.39 23.54 25.00
N LYS G 365 70.67 23.68 24.70
CA LYS G 365 71.63 22.58 24.81
C LYS G 365 72.26 22.54 26.21
N ASP G 366 71.96 23.54 27.03
CA ASP G 366 72.79 23.90 28.22
C ASP G 366 72.70 22.95 29.43
N THR G 367 71.55 22.29 29.61
CA THR G 367 71.42 21.26 30.63
C THR G 367 71.49 19.88 30.01
N ASN G 368 72.41 19.07 30.53
CA ASN G 368 72.36 17.63 30.35
C ASN G 368 70.92 17.20 30.38
N VAL G 369 70.54 16.36 29.44
CA VAL G 369 69.16 16.28 28.90
C VAL G 369 68.76 17.67 28.37
N PRO G 370 69.20 17.96 27.14
CA PRO G 370 68.86 19.21 26.52
C PRO G 370 67.38 19.33 26.53
N THR G 371 66.90 20.56 26.68
CA THR G 371 65.46 20.85 26.57
C THR G 371 65.09 21.22 25.13
N LEU G 372 63.91 20.76 24.69
CA LEU G 372 63.26 21.29 23.50
C LEU G 372 62.36 22.37 24.05
N ASP G 373 62.86 23.59 23.92
CA ASP G 373 62.35 24.71 24.68
C ASP G 373 61.14 25.31 24.02
N LYS G 374 61.18 25.41 22.69
CA LYS G 374 60.02 25.79 21.91
C LYS G 374 59.88 24.82 20.73
N PHE G 375 58.63 24.47 20.41
CA PHE G 375 58.29 23.56 19.30
C PHE G 375 56.99 24.12 18.74
N VAL G 376 57.10 25.23 18.02
CA VAL G 376 55.91 25.95 17.52
C VAL G 376 55.52 25.45 16.15
N CYS G 377 54.46 24.64 16.11
CA CYS G 377 54.08 23.95 14.90
C CYS G 377 52.69 24.24 14.47
N SER G 378 52.58 24.62 13.22
CA SER G 378 51.33 25.02 12.62
C SER G 378 50.40 23.86 12.38
N ASP G 379 49.11 24.11 12.54
CA ASP G 379 48.10 23.20 12.11
C ASP G 379 48.40 22.53 10.76
N ALA G 380 48.92 23.29 9.80
CA ALA G 380 49.30 22.76 8.49
C ALA G 380 50.55 21.90 8.58
N ALA G 381 51.48 22.29 9.43
CA ALA G 381 52.72 21.52 9.68
C ALA G 381 52.41 20.16 10.29
N TRP G 382 51.27 20.03 10.96
CA TRP G 382 50.93 18.79 11.65
C TRP G 382 50.35 17.81 10.71
N LEU G 383 49.43 18.29 9.88
CA LEU G 383 48.77 17.41 8.94
C LEU G 383 49.74 17.07 7.81
N ASN G 384 50.82 17.83 7.67
CA ASN G 384 51.85 17.53 6.69
C ASN G 384 53.01 16.74 7.24
N ASN G 385 52.85 16.20 8.44
CA ASN G 385 53.96 15.59 9.23
C ASN G 385 55.35 16.19 9.01
N VAL G 386 55.40 17.51 8.94
CA VAL G 386 56.65 18.24 9.10
C VAL G 386 57.13 17.93 10.51
N THR G 387 56.21 17.99 11.47
CA THR G 387 56.50 17.68 12.87
C THR G 387 57.21 16.35 12.95
N ASP G 388 56.59 15.27 12.43
CA ASP G 388 57.21 13.93 12.44
C ASP G 388 58.66 13.97 12.05
N ASN G 389 58.95 14.73 11.00
CA ASN G 389 60.29 14.82 10.44
C ASN G 389 61.27 15.63 11.30
N VAL G 390 60.79 16.75 11.83
CA VAL G 390 61.56 17.55 12.79
C VAL G 390 62.02 16.71 13.94
N PHE G 391 61.19 15.79 14.41
CA PHE G 391 61.54 14.96 15.55
C PHE G 391 62.50 13.86 15.18
N ASN G 392 62.40 13.39 13.94
CA ASN G 392 63.38 12.46 13.42
C ASN G 392 64.79 13.09 13.26
N VAL G 393 64.86 14.39 13.01
CA VAL G 393 66.16 15.06 12.97
C VAL G 393 66.64 15.08 14.40
N LEU G 394 65.90 15.81 15.23
CA LEU G 394 66.10 15.83 16.68
C LEU G 394 66.58 14.47 17.21
N ARG G 395 66.02 13.37 16.73
CA ARG G 395 66.44 12.06 17.23
C ARG G 395 67.94 11.81 17.06
N ARG G 396 68.43 11.80 15.81
CA ARG G 396 69.86 11.47 15.59
C ARG G 396 70.79 12.59 16.10
N ASP G 397 70.35 13.84 16.03
CA ASP G 397 71.14 14.97 16.54
C ASP G 397 71.19 15.04 18.07
N PHE G 398 70.15 14.59 18.76
CA PHE G 398 70.12 14.61 20.23
C PHE G 398 69.70 13.26 20.77
N PRO G 399 70.62 12.31 20.83
CA PRO G 399 70.19 11.02 21.28
C PRO G 399 69.46 10.98 22.62
N ALA G 400 69.54 12.03 23.43
CA ALA G 400 68.72 12.14 24.65
C ALA G 400 68.15 13.54 24.82
N LEU G 401 66.87 13.63 25.20
CA LEU G 401 66.13 14.88 25.10
C LEU G 401 64.92 14.93 26.03
N GLN G 402 64.57 16.12 26.49
CA GLN G 402 63.38 16.34 27.34
C GLN G 402 62.54 17.49 26.81
N TRP G 403 61.23 17.45 27.08
CA TRP G 403 60.36 18.57 26.73
C TRP G 403 59.06 18.57 27.48
N VAL G 404 58.39 19.72 27.45
CA VAL G 404 57.14 19.90 28.17
C VAL G 404 55.96 20.21 27.23
N VAL G 405 54.80 19.56 27.48
CA VAL G 405 53.59 19.74 26.68
C VAL G 405 52.39 20.01 27.59
N SER G 406 51.42 20.78 27.12
CA SER G 406 50.20 21.00 27.92
C SER G 406 49.43 19.70 28.08
N GLU G 407 48.80 19.51 29.23
CA GLU G 407 48.08 18.25 29.46
C GLU G 407 47.04 18.01 28.39
N ASN G 408 46.61 19.06 27.70
CA ASN G 408 45.52 18.93 26.76
C ASN G 408 45.90 19.44 25.39
N ASP G 409 47.18 19.44 25.09
CA ASP G 409 47.62 19.73 23.74
C ASP G 409 46.91 18.76 22.84
N ALA G 410 46.31 19.31 21.79
CA ALA G 410 45.56 18.54 20.83
C ALA G 410 46.24 17.19 20.63
N ASN G 411 47.48 17.19 20.18
CA ASN G 411 48.17 15.94 19.92
C ASN G 411 49.14 15.66 21.03
N ILE G 412 48.63 15.41 22.23
CA ILE G 412 49.47 14.90 23.30
C ILE G 412 49.80 13.42 23.07
N ALA G 413 48.80 12.67 22.59
CA ALA G 413 48.99 11.23 22.24
C ALA G 413 50.31 11.06 21.47
N TRP G 414 50.56 12.00 20.56
CA TRP G 414 51.74 11.93 19.71
C TRP G 414 53.01 12.10 20.49
N HIS G 415 52.99 13.01 21.45
CA HIS G 415 54.18 13.25 22.22
C HIS G 415 54.49 12.05 23.08
N PHE G 416 53.44 11.43 23.61
CA PHE G 416 53.66 10.27 24.42
C PHE G 416 54.44 9.29 23.57
N ASP G 417 53.96 9.12 22.34
CA ASP G 417 54.52 8.11 21.46
C ASP G 417 55.97 8.37 21.15
N LYS G 418 56.32 9.63 21.01
CA LYS G 418 57.67 9.94 20.67
C LYS G 418 58.56 9.90 21.91
N SER G 419 58.01 9.52 23.06
CA SER G 419 58.78 9.52 24.31
C SER G 419 59.13 8.12 24.78
N GLN G 420 59.97 8.11 25.80
CA GLN G 420 60.22 6.90 26.57
C GLN G 420 59.58 7.04 27.97
N GLY G 421 59.60 8.27 28.53
CA GLY G 421 59.03 8.52 29.86
C GLY G 421 58.30 9.84 30.04
N SER G 422 57.33 9.86 30.95
CA SER G 422 56.41 10.98 31.15
C SER G 422 56.13 11.24 32.62
N TYR G 423 56.01 12.52 33.01
CA TYR G 423 55.51 12.90 34.35
C TYR G 423 54.52 14.05 34.24
N LEU G 424 53.53 14.07 35.14
CA LEU G 424 52.50 15.11 35.07
C LEU G 424 52.40 15.79 36.41
N LYS G 425 52.85 17.06 36.48
CA LYS G 425 52.46 17.99 37.56
C LYS G 425 51.31 18.83 37.02
N GLY G 426 50.55 19.47 37.90
CA GLY G 426 49.45 20.35 37.50
C GLY G 426 49.63 20.99 36.12
N GLY G 427 48.71 20.68 35.21
CA GLY G 427 48.72 21.32 33.91
C GLY G 427 49.69 20.72 32.90
N LYS G 428 50.97 20.69 33.25
CA LYS G 428 52.00 20.41 32.25
C LYS G 428 52.52 18.97 32.34
N VAL G 429 52.81 18.36 31.19
CA VAL G 429 53.37 17.01 31.14
C VAL G 429 54.82 17.08 30.70
N LEU G 430 55.69 16.41 31.45
CA LEU G 430 57.12 16.33 31.12
C LEU G 430 57.36 15.06 30.36
N PHE G 431 58.12 15.19 29.28
CA PHE G 431 58.50 14.06 28.44
C PHE G 431 60.00 14.00 28.27
N TRP G 432 60.49 12.78 28.06
CA TRP G 432 61.87 12.60 27.62
C TRP G 432 62.10 11.29 26.91
N TYR G 433 63.29 11.19 26.34
CA TYR G 433 63.73 9.98 25.71
C TYR G 433 65.21 9.84 25.77
N GLY G 434 65.65 8.61 25.54
CA GLY G 434 67.07 8.32 25.48
C GLY G 434 67.81 8.24 26.81
N ILE G 435 67.10 8.41 27.93
CA ILE G 435 67.76 8.43 29.21
C ILE G 435 67.20 7.39 30.15
N ASP G 436 68.10 6.82 30.95
CA ASP G 436 67.73 5.71 31.83
C ASP G 436 68.73 5.49 32.98
N ASP G 437 69.48 6.52 33.36
CA ASP G 437 70.01 6.51 34.70
C ASP G 437 68.83 6.81 35.59
N ILE G 438 68.31 5.78 36.25
CA ILE G 438 67.27 5.99 37.23
C ILE G 438 67.47 7.32 37.99
N ASN G 439 68.69 7.57 38.46
CA ASN G 439 68.96 8.83 39.20
C ASN G 439 69.03 10.11 38.33
N THR G 440 69.38 10.03 37.05
CA THR G 440 69.29 11.23 36.18
C THR G 440 67.84 11.49 35.76
N ILE G 441 67.01 10.45 35.77
CA ILE G 441 65.55 10.59 35.57
C ILE G 441 64.97 11.36 36.73
N SER G 442 65.28 10.90 37.94
CA SER G 442 64.77 11.58 39.12
C SER G 442 65.18 13.06 39.10
N GLU G 443 66.38 13.34 38.60
CA GLU G 443 66.81 14.72 38.53
C GLU G 443 65.91 15.52 37.57
N LEU G 444 65.46 14.90 36.47
CA LEU G 444 64.56 15.58 35.54
C LEU G 444 63.27 15.92 36.26
N VAL G 445 62.69 14.91 36.89
CA VAL G 445 61.36 15.07 37.47
C VAL G 445 61.35 16.13 38.56
N GLU G 446 62.45 16.25 39.30
CA GLU G 446 62.54 17.26 40.36
C GLU G 446 62.64 18.68 39.79
N ASN G 447 63.63 18.88 38.92
CA ASN G 447 63.78 20.17 38.24
C ASN G 447 62.49 20.63 37.61
N PHE G 448 61.72 19.69 37.10
CA PHE G 448 60.41 20.00 36.57
C PHE G 448 59.40 20.35 37.68
N VAL G 449 59.25 19.51 38.70
CA VAL G 449 58.21 19.79 39.75
C VAL G 449 58.60 21.08 40.48
N LYS G 450 59.90 21.31 40.64
CA LYS G 450 60.37 22.56 41.26
C LYS G 450 60.28 23.78 40.32
N SER G 451 60.06 23.53 39.03
CA SER G 451 59.85 24.60 38.05
C SER G 451 58.64 25.50 38.38
N CYS G 452 57.74 25.00 39.22
CA CYS G 452 56.60 25.81 39.74
C CYS G 452 56.94 27.01 40.59
N ASP G 453 57.03 28.13 39.90
CA ASP G 453 56.57 29.39 40.47
C ASP G 453 55.13 29.63 40.00
N THR H 18 11.01 14.53 -16.79
CA THR H 18 10.05 14.04 -15.79
C THR H 18 8.62 14.45 -16.27
N ARG H 19 8.20 15.65 -15.87
CA ARG H 19 6.94 16.33 -16.23
C ARG H 19 7.01 16.88 -17.65
N SER H 20 8.05 17.71 -17.86
CA SER H 20 8.44 18.36 -19.12
C SER H 20 8.43 17.42 -20.33
N THR H 21 8.44 16.09 -20.15
CA THR H 21 8.18 15.18 -21.26
C THR H 21 6.69 15.23 -21.63
N VAL H 22 5.82 15.15 -20.62
CA VAL H 22 4.39 15.24 -20.85
C VAL H 22 3.99 16.53 -21.58
N ILE H 23 4.61 17.66 -21.24
CA ILE H 23 4.27 18.94 -21.87
C ILE H 23 4.58 18.82 -23.37
N GLN H 24 5.79 18.39 -23.67
CA GLN H 24 6.21 18.34 -25.05
C GLN H 24 5.48 17.31 -25.91
N LEU H 25 4.88 16.30 -25.27
CA LEU H 25 4.08 15.30 -25.99
C LEU H 25 2.77 15.94 -26.35
N LEU H 26 2.12 16.56 -25.36
CA LEU H 26 0.83 17.21 -25.57
C LEU H 26 0.96 18.35 -26.56
N ASN H 27 2.02 19.15 -26.44
CA ASN H 27 2.27 20.24 -27.39
C ASN H 27 2.35 19.76 -28.83
N ASN H 28 2.66 18.48 -29.04
CA ASN H 28 2.73 17.91 -30.39
C ASN H 28 1.59 16.92 -30.75
N ILE H 29 0.51 16.94 -29.98
CA ILE H 29 -0.67 16.12 -30.29
C ILE H 29 -1.84 17.03 -30.70
N SER H 30 -2.42 16.72 -31.85
CA SER H 30 -3.42 17.57 -32.48
C SER H 30 -4.81 16.96 -32.30
N THR H 31 -4.98 15.72 -32.74
CA THR H 31 -6.28 15.05 -32.74
C THR H 31 -6.25 13.67 -32.05
N LYS H 32 -7.44 13.07 -31.93
CA LYS H 32 -7.66 11.70 -31.39
C LYS H 32 -6.83 10.65 -32.11
N ARG H 33 -6.77 10.75 -33.43
CA ARG H 33 -6.06 9.75 -34.21
C ARG H 33 -4.64 9.71 -33.74
N GLU H 34 -4.04 10.87 -33.48
CA GLU H 34 -2.65 10.93 -32.99
C GLU H 34 -2.47 10.20 -31.64
N VAL H 35 -3.39 10.37 -30.70
CA VAL H 35 -3.32 9.63 -29.41
C VAL H 35 -3.18 8.14 -29.65
N GLU H 36 -4.11 7.62 -30.43
CA GLU H 36 -4.09 6.22 -30.80
C GLU H 36 -2.79 5.77 -31.43
N GLN H 37 -2.22 6.63 -32.28
CA GLN H 37 -0.96 6.29 -32.93
C GLN H 37 0.10 6.15 -31.86
N TYR H 38 0.27 7.18 -31.04
CA TYR H 38 1.34 7.18 -30.07
C TYR H 38 1.29 5.89 -29.25
N LEU H 39 0.10 5.52 -28.80
CA LEU H 39 -0.02 4.29 -28.04
C LEU H 39 0.60 3.13 -28.80
N LYS H 40 0.10 2.85 -29.98
CA LYS H 40 0.69 1.85 -30.88
C LYS H 40 2.24 1.70 -30.76
N TYR H 41 2.98 2.80 -30.72
CA TYR H 41 4.46 2.72 -30.62
C TYR H 41 4.94 2.28 -29.29
N PHE H 42 4.26 2.76 -28.25
CA PHE H 42 4.64 2.48 -26.87
C PHE H 42 4.23 1.09 -26.50
N THR H 43 2.99 0.74 -26.78
CA THR H 43 2.49 -0.60 -26.45
C THR H 43 3.12 -1.70 -27.34
N SER H 44 3.78 -1.29 -28.43
CA SER H 44 4.65 -2.17 -29.21
C SER H 44 5.72 -2.71 -28.28
N VAL H 45 5.99 -4.01 -28.37
CA VAL H 45 7.23 -4.55 -27.82
C VAL H 45 8.33 -4.07 -28.84
N SER H 46 9.02 -2.98 -28.50
CA SER H 46 9.90 -2.21 -29.42
C SER H 46 11.29 -2.85 -29.54
N GLN H 47 11.36 -4.02 -30.15
CA GLN H 47 12.66 -4.69 -30.31
C GLN H 47 13.56 -3.92 -31.26
N GLN H 48 13.02 -3.60 -32.43
CA GLN H 48 13.86 -3.06 -33.52
C GLN H 48 14.37 -1.68 -33.18
N GLN H 49 15.68 -1.47 -33.26
CA GLN H 49 16.31 -0.14 -33.01
C GLN H 49 15.45 1.00 -33.50
N PHE H 50 15.49 2.19 -32.82
CA PHE H 50 14.43 3.16 -32.92
C PHE H 50 14.56 4.09 -34.09
N ALA H 51 15.63 4.86 -34.11
CA ALA H 51 15.72 5.91 -35.10
C ALA H 51 17.12 6.36 -35.30
N VAL H 52 17.39 6.86 -36.51
CA VAL H 52 18.58 7.61 -36.75
C VAL H 52 18.11 8.96 -37.11
N ILE H 53 18.60 9.97 -36.42
CA ILE H 53 18.22 11.37 -36.71
C ILE H 53 19.45 12.13 -37.15
N LYS H 54 19.50 12.50 -38.42
CA LYS H 54 20.57 13.35 -38.90
C LYS H 54 20.20 14.78 -38.59
N VAL H 55 21.08 15.49 -37.86
CA VAL H 55 20.88 16.89 -37.51
C VAL H 55 21.86 17.76 -38.24
N GLY H 56 21.35 18.72 -38.98
CA GLY H 56 22.17 19.74 -39.62
C GLY H 56 22.89 20.62 -38.61
N GLY H 57 24.05 21.15 -39.01
CA GLY H 57 24.88 21.93 -38.11
C GLY H 57 24.16 23.22 -37.76
N ALA H 58 23.42 23.70 -38.77
CA ALA H 58 22.53 24.84 -38.67
C ALA H 58 21.67 24.84 -37.38
N ILE H 59 21.25 23.65 -36.97
CA ILE H 59 20.27 23.52 -35.93
C ILE H 59 20.93 23.60 -34.59
N ILE H 60 22.09 22.98 -34.43
CA ILE H 60 22.78 23.00 -33.15
C ILE H 60 23.16 24.44 -32.83
N SER H 61 23.77 25.15 -33.78
CA SER H 61 24.20 26.54 -33.50
C SER H 61 23.01 27.45 -33.21
N ASP H 62 21.85 27.21 -33.82
CA ASP H 62 20.72 28.16 -33.73
C ASP H 62 19.50 27.71 -32.94
N ASN H 63 19.02 26.52 -33.23
CA ASN H 63 17.72 26.12 -32.80
C ASN H 63 17.80 24.96 -31.80
N LEU H 64 18.80 25.03 -30.94
CA LEU H 64 19.21 23.91 -30.10
C LEU H 64 18.15 23.51 -29.13
N HIS H 65 17.60 24.49 -28.40
CA HIS H 65 16.70 24.20 -27.30
C HIS H 65 15.67 23.25 -27.79
N GLU H 66 15.04 23.56 -28.92
CA GLU H 66 13.97 22.72 -29.47
C GLU H 66 14.41 21.28 -29.78
N LEU H 67 15.62 21.14 -30.33
CA LEU H 67 16.18 19.85 -30.64
C LEU H 67 16.39 19.08 -29.35
N ALA H 68 16.99 19.71 -28.35
CA ALA H 68 17.31 19.03 -27.10
C ALA H 68 16.04 18.64 -26.38
N SER H 69 15.13 19.59 -26.26
CA SER H 69 13.86 19.36 -25.58
C SER H 69 13.21 18.12 -26.17
N CYS H 70 13.36 17.96 -27.47
CA CYS H 70 12.69 16.88 -28.17
C CYS H 70 13.42 15.54 -28.05
N LEU H 71 14.74 15.55 -28.19
CA LEU H 71 15.48 14.33 -27.95
C LEU H 71 15.24 13.90 -26.51
N ALA H 72 15.13 14.86 -25.59
CA ALA H 72 14.93 14.57 -24.17
C ALA H 72 13.68 13.76 -23.98
N PHE H 73 12.65 14.18 -24.65
CA PHE H 73 11.42 13.43 -24.65
C PHE H 73 11.65 11.99 -25.03
N LEU H 74 12.19 11.76 -26.20
CA LEU H 74 12.37 10.37 -26.64
C LEU H 74 13.13 9.59 -25.54
N TYR H 75 14.21 10.18 -25.04
CA TYR H 75 15.04 9.57 -24.02
C TYR H 75 14.24 9.20 -22.82
N HIS H 76 13.35 10.09 -22.44
CA HIS H 76 12.53 9.88 -21.25
C HIS H 76 11.49 8.84 -21.39
N VAL H 77 10.86 8.79 -22.56
CA VAL H 77 9.87 7.81 -22.76
C VAL H 77 10.55 6.51 -23.19
N GLY H 78 11.85 6.41 -22.95
CA GLY H 78 12.58 5.15 -23.16
C GLY H 78 13.39 5.08 -24.47
N LEU H 79 12.83 5.52 -25.57
CA LEU H 79 13.47 5.39 -26.88
C LEU H 79 14.86 6.07 -26.95
N TYR H 80 15.80 5.40 -27.64
CA TYR H 80 17.17 5.92 -27.80
C TYR H 80 17.51 6.14 -29.26
N PRO H 81 17.28 7.36 -29.70
CA PRO H 81 17.67 7.74 -31.04
C PRO H 81 19.17 7.79 -31.15
N ILE H 82 19.71 7.36 -32.30
CA ILE H 82 21.13 7.56 -32.66
C ILE H 82 21.19 8.88 -33.40
N VAL H 83 21.79 9.91 -32.83
CA VAL H 83 21.84 11.20 -33.48
C VAL H 83 23.15 11.36 -34.17
N LEU H 84 23.09 11.79 -35.42
CA LEU H 84 24.31 12.08 -36.14
C LEU H 84 24.23 13.51 -36.67
N HIS H 85 25.16 14.38 -36.25
CA HIS H 85 25.10 15.81 -36.55
C HIS H 85 26.27 16.24 -37.35
N GLY H 86 26.03 17.27 -38.13
CA GLY H 86 27.03 17.86 -39.02
C GLY H 86 27.48 19.18 -38.46
N THR H 87 28.00 20.02 -39.34
CA THR H 87 28.63 21.23 -38.87
C THR H 87 28.84 22.20 -40.02
N GLY H 88 27.75 22.73 -40.56
CA GLY H 88 27.81 23.54 -41.76
C GLY H 88 28.26 24.98 -41.60
N PRO H 89 27.28 25.88 -41.42
CA PRO H 89 27.48 27.36 -41.51
C PRO H 89 28.57 27.94 -40.57
N GLN H 90 28.51 27.57 -39.29
CA GLN H 90 29.49 27.94 -38.27
C GLN H 90 30.89 27.77 -38.86
N VAL H 91 31.18 26.63 -39.51
CA VAL H 91 32.44 26.43 -40.19
C VAL H 91 32.66 27.50 -41.23
N ASN H 92 31.66 27.68 -42.08
CA ASN H 92 31.77 28.58 -43.20
C ASN H 92 31.93 30.04 -42.78
N GLY H 93 31.42 30.35 -41.61
CA GLY H 93 31.61 31.66 -41.03
C GLY H 93 33.04 31.86 -40.55
N ARG H 94 33.58 30.84 -39.88
CA ARG H 94 34.91 30.91 -39.28
C ARG H 94 35.96 30.89 -40.35
N LEU H 95 35.67 30.20 -41.45
CA LEU H 95 36.52 30.24 -42.63
C LEU H 95 36.46 31.63 -43.24
N GLU H 96 35.29 32.26 -43.23
CA GLU H 96 35.14 33.61 -43.77
C GLU H 96 35.71 34.67 -42.83
N ALA H 97 35.48 34.48 -41.53
CA ALA H 97 36.10 35.29 -40.49
C ALA H 97 37.61 35.33 -40.70
N GLN H 98 38.19 34.16 -40.95
CA GLN H 98 39.63 34.00 -41.14
C GLN H 98 40.13 34.40 -42.56
N GLY H 99 39.21 34.76 -43.46
CA GLY H 99 39.52 35.29 -44.78
C GLY H 99 39.49 34.31 -45.94
N ILE H 100 39.21 33.05 -45.66
CA ILE H 100 39.26 32.00 -46.67
C ILE H 100 37.88 31.77 -47.29
N GLU H 101 37.78 31.91 -48.60
CA GLU H 101 36.53 31.66 -49.33
C GLU H 101 36.35 30.15 -49.45
N PRO H 102 35.28 29.58 -48.90
CA PRO H 102 35.15 28.11 -48.90
C PRO H 102 35.07 27.51 -50.28
N ASP H 103 35.35 26.19 -50.38
CA ASP H 103 35.35 25.48 -51.66
C ASP H 103 34.35 24.33 -51.65
N TYR H 104 33.55 24.27 -52.71
CA TYR H 104 32.67 23.13 -52.99
C TYR H 104 32.86 22.72 -54.44
N ILE H 105 33.43 21.53 -54.65
CA ILE H 105 33.43 20.93 -55.99
C ILE H 105 32.58 19.69 -55.88
N ASP H 106 31.66 19.55 -56.84
CA ASP H 106 30.74 18.44 -56.94
C ASP H 106 29.92 18.30 -55.66
N GLY H 107 29.59 19.45 -55.05
CA GLY H 107 28.74 19.46 -53.85
C GLY H 107 29.40 19.00 -52.56
N ILE H 108 30.72 18.73 -52.61
CA ILE H 108 31.47 18.33 -51.41
C ILE H 108 32.60 19.33 -51.17
N ARG H 109 32.98 19.47 -49.90
CA ARG H 109 33.99 20.45 -49.53
C ARG H 109 35.40 19.97 -49.89
N ILE H 110 36.12 20.76 -50.67
CA ILE H 110 37.54 20.52 -50.80
C ILE H 110 38.12 20.80 -49.42
N THR H 111 38.89 19.85 -48.87
CA THR H 111 39.26 19.83 -47.43
C THR H 111 40.74 19.52 -47.13
N ASP H 112 41.60 20.49 -47.31
CA ASP H 112 43.05 20.27 -47.07
C ASP H 112 43.34 20.33 -45.58
N GLU H 113 44.59 20.05 -45.21
CA GLU H 113 45.03 20.06 -43.80
C GLU H 113 44.57 21.27 -43.01
N HIS H 114 44.75 22.45 -43.57
CA HIS H 114 44.39 23.69 -42.89
C HIS H 114 42.90 23.76 -42.64
N THR H 115 42.10 23.34 -43.62
CA THR H 115 40.65 23.37 -43.51
C THR H 115 40.19 22.32 -42.49
N MET H 116 40.79 21.12 -42.56
CA MET H 116 40.41 20.00 -41.69
C MET H 116 40.58 20.33 -40.22
N ALA H 117 41.70 20.99 -39.87
CA ALA H 117 41.91 21.45 -38.49
C ALA H 117 40.69 22.24 -38.02
N VAL H 118 40.27 23.21 -38.82
CA VAL H 118 39.14 24.07 -38.48
C VAL H 118 37.79 23.35 -38.59
N VAL H 119 37.70 22.33 -39.42
CA VAL H 119 36.49 21.50 -39.48
C VAL H 119 36.37 20.59 -38.25
N ARG H 120 37.47 20.03 -37.80
CA ARG H 120 37.41 19.10 -36.68
C ARG H 120 37.13 19.86 -35.41
N LYS H 121 37.80 20.99 -35.24
CA LYS H 121 37.57 21.78 -34.02
C LYS H 121 36.13 22.23 -33.94
N CYS H 122 35.53 22.51 -35.08
CA CYS H 122 34.11 22.86 -35.10
C CYS H 122 33.25 21.67 -34.70
N PHE H 123 33.57 20.52 -35.25
CA PHE H 123 32.79 19.35 -34.99
C PHE H 123 32.79 19.10 -33.54
N LEU H 124 33.95 19.10 -32.90
CA LEU H 124 33.97 18.76 -31.48
C LEU H 124 33.15 19.81 -30.72
N GLU H 125 33.43 21.09 -30.95
CA GLU H 125 32.70 22.20 -30.31
C GLU H 125 31.20 22.05 -30.42
N GLN H 126 30.74 21.72 -31.61
CA GLN H 126 29.30 21.53 -31.84
C GLN H 126 28.80 20.31 -31.12
N ASN H 127 29.51 19.20 -31.29
CA ASN H 127 29.12 17.91 -30.74
C ASN H 127 28.94 18.00 -29.23
N LEU H 128 29.99 18.41 -28.55
CA LEU H 128 29.89 18.62 -27.13
C LEU H 128 28.73 19.62 -26.76
N LYS H 129 28.49 20.67 -27.55
CA LYS H 129 27.47 21.67 -27.21
C LYS H 129 26.08 21.04 -27.17
N LEU H 130 25.84 20.06 -28.04
CA LEU H 130 24.61 19.32 -27.99
C LEU H 130 24.57 18.38 -26.78
N VAL H 131 25.70 17.74 -26.52
CA VAL H 131 25.79 16.80 -25.40
C VAL H 131 25.60 17.53 -24.07
N THR H 132 26.30 18.63 -23.85
CA THR H 132 26.18 19.37 -22.61
C THR H 132 24.79 19.98 -22.49
N ALA H 133 24.13 20.17 -23.62
CA ALA H 133 22.73 20.65 -23.63
C ALA H 133 21.73 19.63 -23.12
N LEU H 134 21.69 18.50 -23.81
CA LEU H 134 20.90 17.33 -23.39
C LEU H 134 21.20 17.00 -21.95
N GLU H 135 22.46 17.12 -21.56
CA GLU H 135 22.84 16.71 -20.24
C GLU H 135 22.21 17.63 -19.26
N GLN H 136 22.11 18.90 -19.61
CA GLN H 136 21.47 19.83 -18.70
C GLN H 136 20.00 19.61 -18.55
N LEU H 137 19.37 18.99 -19.54
CA LEU H 137 17.97 18.57 -19.39
C LEU H 137 17.83 17.13 -18.84
N GLY H 138 18.87 16.64 -18.18
CA GLY H 138 18.81 15.36 -17.50
C GLY H 138 18.89 14.12 -18.37
N VAL H 139 19.39 14.30 -19.59
CA VAL H 139 19.56 13.18 -20.45
C VAL H 139 21.00 12.85 -20.44
N ARG H 140 21.28 11.56 -20.50
CA ARG H 140 22.64 11.07 -20.59
C ARG H 140 23.12 11.08 -22.03
N ALA H 141 24.08 11.93 -22.33
CA ALA H 141 24.68 11.91 -23.62
C ALA H 141 26.11 11.40 -23.56
N ARG H 142 26.49 10.86 -24.70
CA ARG H 142 27.78 10.27 -24.86
C ARG H 142 28.33 10.83 -26.17
N PRO H 143 29.27 11.76 -26.08
CA PRO H 143 29.87 12.15 -27.34
C PRO H 143 30.65 11.00 -27.96
N ILE H 144 30.49 10.85 -29.27
CA ILE H 144 31.21 9.83 -29.99
C ILE H 144 31.89 10.47 -31.18
N THR H 145 33.00 11.11 -30.86
CA THR H 145 33.68 12.00 -31.79
C THR H 145 34.55 11.26 -32.83
N SER H 146 34.62 9.93 -32.72
CA SER H 146 35.50 9.14 -33.62
C SER H 146 35.33 7.64 -33.41
N GLY H 147 35.40 6.89 -34.49
CA GLY H 147 35.63 5.45 -34.40
C GLY H 147 34.38 4.66 -34.66
N VAL H 148 33.34 5.38 -35.11
CA VAL H 148 32.18 4.68 -35.65
C VAL H 148 32.44 4.42 -37.12
N PHE H 149 32.93 5.43 -37.82
CA PHE H 149 33.18 5.28 -39.24
C PHE H 149 34.63 5.03 -39.64
N THR H 150 34.80 3.94 -40.41
CA THR H 150 36.05 3.59 -41.06
C THR H 150 35.89 4.09 -42.48
N ALA H 151 36.95 4.61 -43.09
CA ALA H 151 36.83 5.08 -44.47
C ALA H 151 38.14 5.12 -45.17
N ASP H 152 38.07 5.45 -46.45
CA ASP H 152 39.27 5.79 -47.22
C ASP H 152 38.94 7.00 -48.09
N TYR H 153 39.97 7.54 -48.73
CA TYR H 153 39.87 8.81 -49.44
C TYR H 153 38.86 8.69 -50.58
N LEU H 154 38.01 9.70 -50.72
CA LEU H 154 37.01 9.75 -51.79
C LEU H 154 37.74 9.87 -53.11
N ASP H 155 38.58 10.91 -53.19
CA ASP H 155 39.48 11.12 -54.30
C ASP H 155 40.49 12.10 -53.72
N LYS H 156 41.72 11.63 -53.52
CA LYS H 156 42.68 12.44 -52.80
C LYS H 156 43.04 13.71 -53.59
N ASP H 157 42.99 13.66 -54.92
CA ASP H 157 43.32 14.82 -55.74
C ASP H 157 42.20 15.85 -55.72
N LYS H 158 40.96 15.36 -55.72
CA LYS H 158 39.76 16.18 -55.90
C LYS H 158 39.32 16.82 -54.58
N TYR H 159 39.16 15.98 -53.57
CA TYR H 159 38.59 16.46 -52.33
C TYR H 159 39.64 16.56 -51.23
N LYS H 160 40.85 16.09 -51.50
CA LYS H 160 41.89 16.00 -50.48
C LYS H 160 41.37 15.06 -49.35
N LEU H 161 41.37 15.51 -48.09
CA LEU H 161 40.96 14.68 -46.95
C LEU H 161 39.44 14.59 -46.83
N VAL H 162 38.75 14.04 -47.84
CA VAL H 162 37.33 13.69 -47.69
C VAL H 162 37.19 12.21 -47.94
N GLY H 163 36.45 11.53 -47.06
CA GLY H 163 36.40 10.08 -47.05
C GLY H 163 35.14 9.45 -47.59
N ASN H 164 35.29 8.20 -48.01
CA ASN H 164 34.19 7.33 -48.47
C ASN H 164 34.03 6.25 -47.43
N ILE H 165 32.83 6.13 -46.87
CA ILE H 165 32.67 5.26 -45.73
C ILE H 165 32.71 3.79 -46.13
N LYS H 166 33.77 3.11 -45.70
CA LYS H 166 34.01 1.69 -46.04
C LYS H 166 33.20 0.78 -45.12
N SER H 167 32.99 1.21 -43.87
CA SER H 167 32.33 0.37 -42.86
C SER H 167 32.00 1.11 -41.56
N VAL H 168 30.91 0.69 -40.94
CA VAL H 168 30.46 1.26 -39.68
C VAL H 168 30.76 0.22 -38.60
N THR H 169 31.51 0.58 -37.56
CA THR H 169 31.61 -0.27 -36.37
C THR H 169 30.54 0.16 -35.39
N LYS H 170 29.73 -0.81 -34.97
CA LYS H 170 28.51 -0.55 -34.22
C LYS H 170 28.79 -0.45 -32.72
N GLU H 171 29.92 -1.00 -32.29
CA GLU H 171 30.10 -1.41 -30.89
C GLU H 171 29.93 -0.24 -29.95
N PRO H 172 30.40 0.97 -30.33
CA PRO H 172 30.30 2.13 -29.45
C PRO H 172 28.90 2.59 -29.36
N ILE H 173 28.22 2.63 -30.50
CA ILE H 173 26.84 3.08 -30.56
C ILE H 173 25.99 2.15 -29.74
N GLU H 174 26.31 0.86 -29.78
CA GLU H 174 25.54 -0.07 -28.99
C GLU H 174 25.88 0.12 -27.55
N ALA H 175 27.12 -0.09 -27.18
CA ALA H 175 27.46 -0.10 -25.75
C ALA H 175 27.29 1.28 -25.05
N SER H 176 26.79 2.27 -25.82
CA SER H 176 26.28 3.54 -25.29
C SER H 176 24.86 3.35 -24.91
N ILE H 177 24.03 3.12 -25.92
CA ILE H 177 22.62 2.87 -25.70
C ILE H 177 22.48 1.92 -24.53
N LYS H 178 23.19 0.81 -24.60
CA LYS H 178 23.11 -0.21 -23.56
C LYS H 178 23.41 0.42 -22.19
N ALA H 179 24.41 1.29 -22.12
CA ALA H 179 24.74 1.93 -20.83
C ALA H 179 23.86 3.12 -20.50
N GLY H 180 22.94 3.44 -21.41
CA GLY H 180 21.80 4.26 -21.07
C GLY H 180 21.90 5.67 -21.53
N ALA H 181 22.61 5.90 -22.63
CA ALA H 181 23.00 7.25 -23.01
C ALA H 181 22.91 7.48 -24.52
N LEU H 182 22.30 8.60 -24.91
CA LEU H 182 22.06 8.91 -26.31
C LEU H 182 23.36 9.07 -26.97
N PRO H 183 23.60 8.31 -28.01
CA PRO H 183 24.86 8.50 -28.65
C PRO H 183 24.77 9.62 -29.68
N ILE H 184 25.64 10.61 -29.54
CA ILE H 184 25.71 11.74 -30.42
C ILE H 184 26.94 11.55 -31.26
N LEU H 185 26.76 11.28 -32.55
CA LEU H 185 27.92 11.05 -33.42
C LEU H 185 28.24 12.26 -34.29
N THR H 186 29.51 12.60 -34.34
CA THR H 186 30.05 13.42 -35.40
C THR H 186 30.14 12.56 -36.64
N SER H 187 30.10 13.21 -37.78
CA SER H 187 30.28 12.50 -39.04
C SER H 187 31.71 12.55 -39.59
N LEU H 188 32.72 12.43 -38.71
CA LEU H 188 34.08 12.10 -39.14
C LEU H 188 34.32 10.58 -39.21
N ALA H 189 34.93 10.15 -40.32
CA ALA H 189 35.46 8.82 -40.45
C ALA H 189 36.94 8.91 -40.32
N GLU H 190 37.60 7.79 -40.05
CA GLU H 190 39.09 7.74 -40.17
C GLU H 190 39.56 6.47 -40.89
N THR H 191 40.78 6.54 -41.41
CA THR H 191 41.34 5.50 -42.23
C THR H 191 41.99 4.46 -41.34
N ALA H 192 42.47 3.38 -41.94
CA ALA H 192 43.19 2.36 -41.19
C ALA H 192 44.27 3.01 -40.36
N SER H 193 45.13 3.75 -41.06
CA SER H 193 46.32 4.35 -40.48
C SER H 193 46.06 5.56 -39.61
N GLY H 194 44.81 6.01 -39.55
CA GLY H 194 44.38 6.97 -38.52
C GLY H 194 43.90 8.33 -39.00
N GLN H 195 44.18 8.67 -40.26
CA GLN H 195 43.87 10.01 -40.75
C GLN H 195 42.38 10.23 -40.79
N MET H 196 41.92 11.25 -40.07
CA MET H 196 40.50 11.59 -40.06
C MET H 196 40.17 12.27 -41.36
N LEU H 197 38.93 12.10 -41.82
CA LEU H 197 38.46 12.62 -43.11
C LEU H 197 37.05 13.18 -42.97
N ASN H 198 36.77 14.33 -43.60
CA ASN H 198 35.41 14.89 -43.65
C ASN H 198 34.50 14.02 -44.52
N VAL H 199 33.27 13.82 -44.05
CA VAL H 199 32.29 13.03 -44.76
C VAL H 199 30.89 13.68 -44.59
N ASN H 200 30.24 13.94 -45.72
CA ASN H 200 28.84 14.38 -45.70
C ASN H 200 27.95 13.76 -44.61
N ALA H 201 27.44 14.60 -43.72
CA ALA H 201 26.51 14.16 -42.67
C ALA H 201 25.34 13.35 -43.20
N ASP H 202 24.99 13.54 -44.46
CA ASP H 202 23.89 12.79 -45.03
C ASP H 202 24.32 11.41 -45.53
N VAL H 203 25.51 11.31 -46.11
CA VAL H 203 26.01 10.01 -46.55
C VAL H 203 26.32 9.16 -45.34
N ALA H 204 26.87 9.79 -44.32
CA ALA H 204 27.11 9.07 -43.11
C ALA H 204 25.77 8.62 -42.47
N ALA H 205 24.76 9.49 -42.42
CA ALA H 205 23.45 9.14 -41.87
C ALA H 205 22.90 7.89 -42.52
N GLY H 206 22.90 7.91 -43.85
CA GLY H 206 22.53 6.76 -44.66
C GLY H 206 23.33 5.47 -44.44
N GLU H 207 24.62 5.58 -44.15
CA GLU H 207 25.36 4.37 -43.86
C GLU H 207 24.96 3.76 -42.55
N LEU H 208 24.70 4.60 -41.54
CA LEU H 208 24.17 4.13 -40.28
C LEU H 208 22.87 3.40 -40.53
N ALA H 209 21.91 4.10 -41.14
CA ALA H 209 20.62 3.51 -41.42
C ALA H 209 20.73 2.13 -42.05
N ARG H 210 21.68 1.89 -42.95
CA ARG H 210 21.80 0.56 -43.56
C ARG H 210 22.18 -0.48 -42.55
N VAL H 211 22.98 -0.04 -41.59
CA VAL H 211 23.60 -0.92 -40.61
C VAL H 211 22.70 -1.19 -39.37
N PHE H 212 21.93 -0.19 -38.91
CA PHE H 212 20.97 -0.42 -37.81
C PHE H 212 19.52 -0.72 -38.23
N GLU H 213 19.20 -0.57 -39.51
CA GLU H 213 17.88 -0.90 -40.03
C GLU H 213 16.77 -0.30 -39.19
N PRO H 214 16.89 0.98 -38.80
CA PRO H 214 15.99 1.52 -37.79
C PRO H 214 14.60 1.77 -38.29
N LEU H 215 13.69 1.89 -37.32
CA LEU H 215 12.24 2.00 -37.53
C LEU H 215 11.88 3.31 -38.21
N LYS H 216 12.54 4.37 -37.79
CA LYS H 216 12.38 5.70 -38.40
C LYS H 216 13.75 6.28 -38.79
N ILE H 217 13.85 6.90 -39.95
CA ILE H 217 15.01 7.69 -40.31
C ILE H 217 14.55 9.12 -40.52
N VAL H 218 15.17 10.09 -39.87
CA VAL H 218 14.76 11.50 -40.03
C VAL H 218 15.92 12.38 -40.43
N TYR H 219 15.79 13.01 -41.58
CA TYR H 219 16.75 14.03 -41.99
C TYR H 219 16.18 15.41 -41.61
N LEU H 220 16.77 16.06 -40.61
CA LEU H 220 16.32 17.38 -40.20
C LEU H 220 16.96 18.42 -41.05
N ASN H 221 16.20 19.14 -41.87
CA ASN H 221 16.71 20.38 -42.47
C ASN H 221 16.08 21.64 -41.84
N GLU H 222 16.71 22.78 -42.08
CA GLU H 222 16.15 24.04 -41.67
C GLU H 222 14.97 24.36 -42.57
N LYS H 223 15.09 24.02 -43.84
CA LYS H 223 14.10 24.40 -44.89
C LYS H 223 12.62 24.01 -44.57
N GLY H 224 12.40 22.70 -44.47
CA GLY H 224 11.12 22.12 -44.02
C GLY H 224 10.54 21.19 -45.06
N GLY H 225 11.30 20.13 -45.36
CA GLY H 225 11.05 19.32 -46.52
C GLY H 225 11.71 19.80 -47.80
N ILE H 226 10.99 19.68 -48.89
CA ILE H 226 11.48 20.11 -50.19
C ILE H 226 10.43 21.00 -50.79
N ILE H 227 10.77 22.29 -50.93
CA ILE H 227 9.90 23.23 -51.60
C ILE H 227 10.34 23.24 -53.04
N ASN H 228 9.36 23.27 -53.93
CA ASN H 228 9.64 23.30 -55.34
C ASN H 228 9.89 24.75 -55.76
N GLY H 229 11.13 25.08 -56.12
CA GLY H 229 11.51 26.46 -56.47
C GLY H 229 10.71 27.09 -57.61
N SER H 230 10.12 26.24 -58.45
CA SER H 230 9.44 26.64 -59.67
C SER H 230 7.93 26.81 -59.52
N THR H 231 7.29 25.94 -58.73
CA THR H 231 5.87 26.08 -58.41
C THR H 231 5.64 26.78 -57.06
N GLY H 232 6.59 26.63 -56.14
CA GLY H 232 6.49 27.18 -54.79
C GLY H 232 5.99 26.20 -53.74
N GLU H 233 5.00 25.43 -54.16
CA GLU H 233 4.40 24.43 -53.29
C GLU H 233 5.39 23.38 -52.92
N LYS H 234 5.15 22.81 -51.76
CA LYS H 234 6.01 21.76 -51.26
C LYS H 234 5.73 20.39 -51.88
N ILE H 235 6.61 19.44 -51.61
CA ILE H 235 6.48 18.05 -52.06
C ILE H 235 6.15 17.17 -50.85
N SER H 236 4.99 16.53 -50.83
CA SER H 236 4.56 15.72 -49.67
C SER H 236 5.27 14.37 -49.64
N MET H 237 5.03 13.55 -50.66
CA MET H 237 5.64 12.21 -50.73
C MET H 237 6.30 12.05 -52.09
N ILE H 238 7.37 11.28 -52.11
CA ILE H 238 8.04 10.92 -53.30
C ILE H 238 8.01 9.42 -53.35
N ASN H 239 7.49 8.85 -54.43
CA ASN H 239 7.53 7.44 -54.64
C ASN H 239 8.79 7.29 -55.46
N LEU H 240 9.84 6.70 -54.91
CA LEU H 240 11.06 6.59 -55.68
C LEU H 240 10.94 5.73 -56.95
N ASP H 241 10.56 4.47 -56.78
CA ASP H 241 10.41 3.56 -57.93
C ASP H 241 9.66 4.22 -59.06
N GLU H 242 8.54 4.86 -58.76
CA GLU H 242 7.79 5.56 -59.79
C GLU H 242 8.39 6.91 -60.26
N GLU H 243 8.59 7.82 -59.33
CA GLU H 243 8.90 9.23 -59.66
C GLU H 243 10.38 9.58 -59.82
N TYR H 244 11.27 8.78 -59.20
CA TYR H 244 12.68 9.15 -59.02
C TYR H 244 13.31 9.85 -60.19
N ASP H 245 13.25 9.19 -61.34
CA ASP H 245 14.09 9.56 -62.45
C ASP H 245 13.72 10.88 -63.10
N ASP H 246 12.43 11.08 -63.35
CA ASP H 246 11.99 12.35 -63.96
C ASP H 246 11.74 13.44 -62.93
N LEU H 247 11.83 13.10 -61.66
CA LEU H 247 11.63 14.09 -60.61
C LEU H 247 12.97 14.46 -60.04
N MET H 248 14.00 13.77 -60.52
CA MET H 248 15.37 14.18 -60.30
C MET H 248 15.93 15.03 -61.41
N LYS H 249 15.69 14.63 -62.65
CA LYS H 249 16.22 15.36 -63.81
C LYS H 249 15.36 16.60 -64.13
N GLN H 250 14.91 17.31 -63.08
CA GLN H 250 14.12 18.53 -63.27
C GLN H 250 15.00 19.75 -63.21
N SER H 251 14.67 20.75 -64.03
CA SER H 251 15.51 21.94 -64.20
C SER H 251 15.47 22.80 -62.95
N TRP H 252 14.38 22.76 -62.20
CA TRP H 252 14.27 23.56 -60.99
C TRP H 252 15.06 22.99 -59.85
N VAL H 253 15.22 21.68 -59.80
CA VAL H 253 15.89 21.04 -58.70
C VAL H 253 17.40 21.36 -58.63
N LYS H 254 17.82 21.87 -57.48
CA LYS H 254 19.26 22.04 -57.20
C LYS H 254 20.11 20.75 -57.09
N TYR H 255 21.43 20.93 -57.01
CA TYR H 255 22.43 19.83 -56.96
C TYR H 255 22.74 19.27 -55.53
N GLY H 256 22.66 20.11 -54.50
CA GLY H 256 22.68 19.62 -53.10
C GLY H 256 21.49 18.70 -52.75
N THR H 257 20.40 18.91 -53.47
CA THR H 257 19.19 18.08 -53.39
C THR H 257 19.50 16.70 -54.05
N LYS H 258 20.03 16.69 -55.28
CA LYS H 258 20.42 15.44 -55.96
C LYS H 258 21.33 14.56 -55.10
N LEU H 259 22.33 15.15 -54.44
CA LEU H 259 23.27 14.37 -53.58
C LEU H 259 22.60 13.87 -52.28
N LYS H 260 21.42 14.40 -51.98
CA LYS H 260 20.50 13.85 -50.99
C LYS H 260 19.51 12.80 -51.59
N ILE H 261 18.75 13.22 -52.58
CA ILE H 261 17.79 12.33 -53.21
C ILE H 261 18.46 11.01 -53.61
N ARG H 262 19.57 11.06 -54.35
CA ARG H 262 20.26 9.82 -54.74
C ARG H 262 20.71 9.05 -53.53
N GLU H 263 21.36 9.75 -52.62
CA GLU H 263 21.77 9.11 -51.39
C GLU H 263 20.63 8.30 -50.74
N ILE H 264 19.43 8.88 -50.68
CA ILE H 264 18.27 8.21 -50.08
C ILE H 264 17.79 7.04 -50.94
N LYS H 265 17.69 7.22 -52.25
CA LYS H 265 17.27 6.15 -53.15
C LYS H 265 18.14 4.94 -52.89
N GLU H 266 19.43 5.17 -52.80
CA GLU H 266 20.37 4.08 -52.59
C GLU H 266 20.22 3.40 -51.24
N LEU H 267 19.84 4.15 -50.21
CA LEU H 267 19.55 3.58 -48.91
C LEU H 267 18.30 2.67 -48.95
N LEU H 268 17.18 3.22 -49.43
CA LEU H 268 15.89 2.52 -49.42
C LEU H 268 15.80 1.35 -50.42
N ASP H 269 16.71 1.34 -51.39
CA ASP H 269 16.89 0.20 -52.28
C ASP H 269 17.23 -1.05 -51.46
N TYR H 270 17.97 -0.88 -50.37
CA TYR H 270 18.51 -1.94 -49.54
C TYR H 270 17.71 -2.23 -48.32
N LEU H 271 16.74 -1.38 -48.05
CA LEU H 271 15.82 -1.57 -46.94
C LEU H 271 14.46 -1.96 -47.47
N PRO H 272 13.61 -2.57 -46.61
CA PRO H 272 12.29 -3.09 -46.96
C PRO H 272 11.40 -2.08 -47.64
N ARG H 273 10.27 -2.56 -48.15
CA ARG H 273 9.35 -1.73 -48.92
C ARG H 273 8.76 -0.62 -48.10
N SER H 274 8.68 -0.89 -46.81
CA SER H 274 8.20 0.10 -45.86
C SER H 274 9.24 1.12 -45.42
N SER H 275 10.44 0.64 -45.09
CA SER H 275 11.35 1.52 -44.38
C SER H 275 11.24 2.81 -45.22
N SER H 276 11.11 3.93 -44.52
CA SER H 276 10.88 5.23 -45.15
C SER H 276 11.85 6.28 -44.62
N VAL H 277 12.02 7.37 -45.37
CA VAL H 277 12.79 8.53 -44.91
C VAL H 277 11.80 9.71 -44.83
N ALA H 278 11.98 10.54 -43.82
CA ALA H 278 11.17 11.70 -43.69
C ALA H 278 12.12 12.90 -43.51
N ILE H 279 11.83 13.99 -44.23
CA ILE H 279 12.61 15.21 -44.24
C ILE H 279 11.75 16.33 -43.66
N ILE H 280 12.17 16.86 -42.54
CA ILE H 280 11.27 17.61 -41.69
C ILE H 280 12.01 18.76 -41.00
N ASN H 281 11.32 19.87 -40.79
CA ASN H 281 11.80 20.92 -39.93
C ASN H 281 11.83 20.44 -38.48
N VAL H 282 12.86 20.85 -37.74
CA VAL H 282 13.05 20.39 -36.38
C VAL H 282 11.78 20.54 -35.54
N GLN H 283 11.13 21.70 -35.68
CA GLN H 283 9.90 22.16 -34.99
C GLN H 283 8.83 21.09 -34.89
N ASP H 284 8.74 20.27 -35.93
CA ASP H 284 7.75 19.18 -35.85
C ASP H 284 8.30 17.83 -36.08
N LEU H 285 9.30 17.59 -35.26
CA LEU H 285 9.96 16.30 -35.26
C LEU H 285 9.09 15.26 -34.58
N GLN H 286 8.82 15.48 -33.30
CA GLN H 286 8.15 14.46 -32.50
C GLN H 286 6.67 14.32 -32.82
N LYS H 287 6.24 14.98 -33.89
CA LYS H 287 5.07 14.55 -34.59
C LYS H 287 5.49 13.44 -35.52
N GLU H 288 6.42 13.66 -36.42
CA GLU H 288 6.73 12.52 -37.34
C GLU H 288 7.04 11.23 -36.67
N LEU H 289 7.81 11.32 -35.64
CA LEU H 289 8.35 10.12 -35.10
C LEU H 289 7.25 9.14 -34.73
N PHE H 290 6.01 9.62 -34.66
CA PHE H 290 4.90 8.79 -34.22
C PHE H 290 3.62 8.75 -35.07
N THR H 291 3.18 9.91 -35.53
CA THR H 291 2.14 10.00 -36.53
C THR H 291 2.81 10.16 -37.91
N ASP H 292 1.99 10.10 -38.98
CA ASP H 292 2.40 10.59 -40.30
C ASP H 292 1.62 11.81 -40.77
N SER H 293 0.87 12.41 -39.84
CA SER H 293 0.56 13.86 -39.92
C SER H 293 1.80 14.59 -40.51
N GLY H 294 2.83 14.62 -39.68
CA GLY H 294 4.15 15.20 -39.98
C GLY H 294 4.39 15.17 -41.48
N ALA H 295 3.69 16.11 -42.08
CA ALA H 295 3.94 16.53 -43.41
C ALA H 295 5.35 17.14 -43.48
N GLY H 296 5.74 17.46 -44.69
CA GLY H 296 7.16 17.50 -45.02
C GLY H 296 7.40 16.37 -45.99
N THR H 297 8.61 16.29 -46.51
CA THR H 297 8.84 15.45 -47.65
C THR H 297 9.06 14.09 -47.07
N MET H 298 8.22 13.14 -47.44
CA MET H 298 8.34 11.77 -47.01
C MET H 298 8.69 10.94 -48.21
N ILE H 299 9.85 10.28 -48.18
CA ILE H 299 10.36 9.59 -49.36
C ILE H 299 10.43 8.11 -49.12
N ARG H 300 9.96 7.30 -50.09
CA ARG H 300 10.13 5.83 -50.02
C ARG H 300 9.98 5.11 -51.37
N ARG H 301 10.36 3.84 -51.38
CA ARG H 301 10.46 3.08 -52.59
C ARG H 301 9.08 2.91 -53.22
N GLY H 302 8.19 2.29 -52.46
CA GLY H 302 6.83 2.26 -52.83
C GLY H 302 6.44 1.43 -53.95
N TYR H 303 5.14 1.67 -54.04
CA TYR H 303 4.18 0.71 -54.39
C TYR H 303 4.30 0.80 -55.86
N LYS H 304 3.90 -0.31 -56.44
CA LYS H 304 3.51 -0.40 -57.78
C LYS H 304 2.02 -0.53 -57.79
N LEU H 305 1.49 0.62 -58.13
CA LEU H 305 0.14 0.71 -58.67
C LEU H 305 0.22 0.18 -60.11
N VAL H 306 -0.78 -0.60 -60.51
CA VAL H 306 -0.80 -1.25 -61.81
C VAL H 306 -1.96 -0.69 -62.62
N LYS H 307 -1.65 -0.02 -63.73
CA LYS H 307 -2.63 0.71 -64.52
C LYS H 307 -3.32 -0.29 -65.44
N ARG H 308 -4.65 -0.30 -65.48
CA ARG H 308 -5.40 -1.29 -66.25
C ARG H 308 -6.50 -0.66 -67.05
N SER H 309 -6.69 -1.15 -68.26
CA SER H 309 -7.66 -0.52 -69.15
C SER H 309 -8.80 -1.42 -69.49
N SER H 310 -9.01 -2.49 -68.74
CA SER H 310 -9.95 -3.54 -69.17
C SER H 310 -10.26 -4.55 -68.06
N ILE H 311 -11.54 -4.84 -67.83
CA ILE H 311 -11.89 -5.80 -66.78
C ILE H 311 -11.13 -7.14 -66.85
N GLY H 312 -11.01 -7.68 -68.05
CA GLY H 312 -10.26 -8.91 -68.30
C GLY H 312 -8.75 -8.73 -68.38
N GLU H 313 -8.28 -7.65 -67.82
CA GLU H 313 -6.88 -7.48 -67.60
C GLU H 313 -6.61 -8.02 -66.19
N PHE H 314 -7.30 -7.49 -65.16
CA PHE H 314 -7.03 -7.82 -63.73
C PHE H 314 -6.77 -9.28 -63.55
N PRO H 315 -5.63 -9.66 -62.97
CA PRO H 315 -5.36 -11.10 -62.84
C PRO H 315 -6.46 -11.78 -62.04
N SER H 316 -6.98 -11.00 -61.11
CA SER H 316 -8.15 -11.37 -60.32
C SER H 316 -9.47 -11.05 -61.03
N ALA H 317 -10.09 -12.05 -61.65
CA ALA H 317 -11.43 -11.83 -62.18
C ALA H 317 -12.33 -11.46 -60.99
N ASP H 318 -12.10 -12.16 -59.89
CA ASP H 318 -13.05 -12.20 -58.78
C ASP H 318 -12.73 -11.15 -57.76
N ALA H 319 -11.51 -11.17 -57.25
CA ALA H 319 -11.13 -10.26 -56.16
C ALA H 319 -11.27 -8.75 -56.48
N LEU H 320 -11.44 -8.38 -57.76
CA LEU H 320 -11.85 -7.00 -58.11
C LEU H 320 -13.26 -6.79 -57.55
N ARG H 321 -14.15 -7.77 -57.74
CA ARG H 321 -15.46 -7.72 -57.12
C ARG H 321 -15.31 -7.66 -55.60
N LYS H 322 -14.52 -8.57 -55.03
CA LYS H 322 -14.30 -8.58 -53.59
C LYS H 322 -13.84 -7.21 -53.06
N ALA H 323 -13.08 -6.47 -53.87
CA ALA H 323 -12.62 -5.12 -53.48
C ALA H 323 -13.72 -4.09 -53.52
N LEU H 324 -14.44 -4.03 -54.63
CA LEU H 324 -15.46 -3.02 -54.82
C LEU H 324 -16.64 -3.18 -53.86
N GLN H 325 -16.84 -4.39 -53.34
CA GLN H 325 -17.89 -4.64 -52.34
C GLN H 325 -17.67 -3.86 -51.04
N ARG H 326 -16.43 -3.44 -50.79
CA ARG H 326 -16.09 -2.69 -49.57
C ARG H 326 -16.84 -1.35 -49.49
N ASP H 327 -16.93 -0.70 -50.65
CA ASP H 327 -17.66 0.56 -50.87
C ASP H 327 -19.05 0.55 -50.19
N ALA H 328 -19.41 1.65 -49.50
CA ALA H 328 -20.72 1.79 -48.80
C ALA H 328 -21.86 2.39 -49.66
N GLY H 329 -21.73 2.29 -51.00
CA GLY H 329 -22.82 2.53 -51.95
C GLY H 329 -23.19 1.27 -52.76
N ILE H 330 -22.31 0.27 -52.76
CA ILE H 330 -22.55 -1.08 -53.34
C ILE H 330 -22.86 -2.08 -52.21
N SER H 331 -22.32 -1.83 -51.01
CA SER H 331 -22.63 -2.64 -49.82
C SER H 331 -24.00 -2.26 -49.24
N SER H 332 -24.36 -0.98 -49.27
CA SER H 332 -25.77 -0.56 -49.14
C SER H 332 -26.27 -0.48 -50.59
N GLY H 333 -27.07 -1.48 -50.98
CA GLY H 333 -27.29 -1.82 -52.39
C GLY H 333 -28.14 -0.85 -53.20
N LYS H 334 -27.46 0.11 -53.82
CA LYS H 334 -28.04 0.89 -54.91
C LYS H 334 -27.76 0.07 -56.15
N GLU H 335 -26.50 -0.01 -56.57
CA GLU H 335 -26.13 -0.95 -57.62
C GLU H 335 -25.18 -2.01 -57.12
N SER H 336 -25.47 -3.25 -57.49
CA SER H 336 -24.58 -4.35 -57.19
C SER H 336 -23.38 -4.19 -58.06
N VAL H 337 -22.35 -4.94 -57.73
CA VAL H 337 -21.13 -4.95 -58.49
C VAL H 337 -21.38 -5.50 -59.88
N ALA H 338 -22.08 -6.60 -59.97
CA ALA H 338 -22.38 -7.20 -61.24
C ALA H 338 -22.87 -6.12 -62.21
N SER H 339 -23.96 -5.46 -61.85
CA SER H 339 -24.57 -4.45 -62.70
C SER H 339 -23.60 -3.34 -63.00
N TYR H 340 -22.66 -3.10 -62.10
CA TYR H 340 -21.64 -2.06 -62.35
C TYR H 340 -20.52 -2.54 -63.26
N LEU H 341 -20.09 -3.79 -63.11
CA LEU H 341 -18.98 -4.30 -63.92
C LEU H 341 -19.38 -4.36 -65.38
N ARG H 342 -20.63 -4.71 -65.65
CA ARG H 342 -21.15 -4.64 -67.01
C ARG H 342 -20.88 -3.25 -67.56
N TYR H 343 -21.35 -2.22 -66.85
CA TYR H 343 -21.20 -0.82 -67.28
C TYR H 343 -19.75 -0.47 -67.52
N LEU H 344 -18.87 -0.94 -66.64
CA LEU H 344 -17.44 -0.63 -66.76
C LEU H 344 -16.93 -1.16 -68.09
N GLU H 345 -17.01 -2.49 -68.26
CA GLU H 345 -16.48 -3.17 -69.43
C GLU H 345 -16.87 -2.55 -70.76
N ASN H 346 -18.03 -1.87 -70.80
CA ASN H 346 -18.48 -1.13 -71.98
C ASN H 346 -18.15 0.35 -71.95
N SER H 347 -17.04 0.71 -71.33
CA SER H 347 -16.66 2.12 -71.19
C SER H 347 -15.13 2.24 -71.14
N ASP H 348 -14.56 3.28 -71.78
CA ASP H 348 -13.10 3.47 -71.70
C ASP H 348 -12.80 4.09 -70.36
N PHE H 349 -12.00 3.35 -69.61
CA PHE H 349 -11.70 3.72 -68.27
C PHE H 349 -10.26 3.36 -68.01
N VAL H 350 -9.67 4.08 -67.09
CA VAL H 350 -8.39 3.75 -66.67
C VAL H 350 -8.61 3.35 -65.22
N SER H 351 -7.91 2.32 -64.77
CA SER H 351 -7.98 1.90 -63.38
C SER H 351 -6.61 1.66 -62.81
N TYR H 352 -6.25 2.43 -61.79
CA TYR H 352 -5.08 2.14 -61.01
C TYR H 352 -5.47 1.31 -59.80
N ALA H 353 -4.64 0.34 -59.48
CA ALA H 353 -4.86 -0.47 -58.32
C ALA H 353 -3.55 -1.07 -57.94
N ASP H 354 -3.26 -1.15 -56.64
CA ASP H 354 -2.03 -1.80 -56.19
C ASP H 354 -2.15 -3.32 -56.38
N GLU H 355 -1.04 -4.03 -56.13
CA GLU H 355 -0.95 -5.43 -56.45
C GLU H 355 -2.01 -6.21 -55.67
N PRO H 356 -2.15 -5.93 -54.35
CA PRO H 356 -3.07 -6.73 -53.57
C PRO H 356 -4.48 -6.15 -53.51
N LEU H 357 -4.84 -5.29 -54.45
CA LEU H 357 -6.18 -4.68 -54.53
C LEU H 357 -6.71 -4.08 -53.19
N GLU H 358 -5.80 -3.52 -52.41
CA GLU H 358 -6.14 -2.83 -51.16
C GLU H 358 -6.76 -1.46 -51.46
N ALA H 359 -6.37 -0.87 -52.59
CA ALA H 359 -6.94 0.38 -53.07
C ALA H 359 -7.12 0.37 -54.58
N VAL H 360 -8.38 0.45 -55.02
CA VAL H 360 -8.70 0.56 -56.44
C VAL H 360 -9.20 2.00 -56.70
N ALA H 361 -8.77 2.60 -57.81
CA ALA H 361 -9.33 3.85 -58.33
C ALA H 361 -9.76 3.59 -59.79
N ILE H 362 -10.97 3.95 -60.14
CA ILE H 362 -11.48 3.79 -61.49
C ILE H 362 -11.83 5.18 -62.00
N VAL H 363 -11.22 5.60 -63.12
CA VAL H 363 -11.50 6.93 -63.70
C VAL H 363 -12.20 6.71 -65.02
N LYS H 364 -13.49 7.08 -65.10
CA LYS H 364 -14.27 7.02 -66.35
C LYS H 364 -13.81 8.23 -67.16
N LYS H 365 -13.32 8.00 -68.37
CA LYS H 365 -12.59 9.02 -69.10
C LYS H 365 -13.54 9.81 -69.99
N ASP H 366 -14.80 9.37 -70.01
CA ASP H 366 -15.74 9.72 -71.10
C ASP H 366 -16.28 11.17 -71.09
N THR H 367 -16.37 11.81 -69.93
CA THR H 367 -16.76 13.21 -69.89
C THR H 367 -15.53 14.04 -69.64
N ASN H 368 -15.32 15.04 -70.51
CA ASN H 368 -14.47 16.21 -70.19
C ASN H 368 -14.64 16.56 -68.71
N VAL H 369 -13.53 16.77 -68.01
CA VAL H 369 -13.41 16.52 -66.59
C VAL H 369 -13.77 15.06 -66.32
N PRO H 370 -12.82 14.18 -66.56
CA PRO H 370 -13.03 12.78 -66.27
C PRO H 370 -13.48 12.63 -64.84
N THR H 371 -14.33 11.64 -64.61
CA THR H 371 -14.77 11.29 -63.26
C THR H 371 -13.84 10.21 -62.68
N LEU H 372 -13.54 10.35 -61.37
CA LEU H 372 -13.01 9.25 -60.58
C LEU H 372 -14.26 8.58 -59.99
N ASP H 373 -14.64 7.48 -60.63
CA ASP H 373 -15.98 6.96 -60.47
C ASP H 373 -16.04 6.10 -59.24
N LYS H 374 -14.99 5.32 -59.02
CA LYS H 374 -14.87 4.57 -57.79
C LYS H 374 -13.44 4.80 -57.27
N PHE H 375 -13.31 4.88 -55.95
CA PHE H 375 -12.02 5.05 -55.27
C PHE H 375 -12.13 4.21 -53.99
N VAL H 376 -12.06 2.89 -54.16
CA VAL H 376 -12.35 1.98 -53.05
C VAL H 376 -11.08 1.64 -52.28
N CYS H 377 -10.92 2.29 -51.10
CA CYS H 377 -9.68 2.23 -50.34
C CYS H 377 -9.82 1.74 -48.96
N SER H 378 -9.00 0.76 -48.66
CA SER H 378 -9.09 0.05 -47.44
C SER H 378 -8.62 0.87 -46.28
N ASP H 379 -9.27 0.69 -45.15
CA ASP H 379 -8.79 1.18 -43.90
C ASP H 379 -7.26 1.07 -43.76
N ALA H 380 -6.70 -0.05 -44.20
CA ALA H 380 -5.25 -0.28 -44.16
C ALA H 380 -4.53 0.53 -45.20
N ALA H 381 -5.17 0.68 -46.33
CA ALA H 381 -4.64 1.51 -47.40
C ALA H 381 -4.56 2.99 -47.03
N TRP H 382 -5.38 3.41 -46.08
CA TRP H 382 -5.44 4.82 -45.69
C TRP H 382 -4.36 5.14 -44.73
N LEU H 383 -4.18 4.27 -43.73
CA LEU H 383 -3.14 4.51 -42.74
C LEU H 383 -1.76 4.21 -43.33
N ASN H 384 -1.70 3.51 -44.46
CA ASN H 384 -0.45 3.30 -45.20
C ASN H 384 -0.16 4.33 -46.32
N ASN H 385 -0.91 5.43 -46.34
CA ASN H 385 -0.94 6.36 -47.49
C ASN H 385 -0.65 5.74 -48.88
N VAL H 386 -1.26 4.57 -49.14
CA VAL H 386 -1.45 4.06 -50.53
C VAL H 386 -2.34 5.09 -51.24
N THR H 387 -3.42 5.51 -50.56
CA THR H 387 -4.36 6.50 -51.08
C THR H 387 -3.55 7.71 -51.57
N ASP H 388 -2.75 8.33 -50.69
CA ASP H 388 -1.94 9.48 -51.07
C ASP H 388 -1.29 9.26 -52.44
N ASN H 389 -0.73 8.07 -52.62
CA ASN H 389 0.07 7.77 -53.79
C ASN H 389 -0.77 7.55 -55.02
N VAL H 390 -1.90 6.88 -54.84
CA VAL H 390 -2.92 6.70 -55.88
C VAL H 390 -3.38 8.05 -56.46
N PHE H 391 -3.50 9.05 -55.62
CA PHE H 391 -3.87 10.36 -56.06
C PHE H 391 -2.73 11.14 -56.74
N ASN H 392 -1.52 10.90 -56.30
CA ASN H 392 -0.36 11.44 -57.00
C ASN H 392 -0.17 10.86 -58.43
N VAL H 393 -0.57 9.62 -58.64
CA VAL H 393 -0.53 9.07 -59.98
C VAL H 393 -1.61 9.83 -60.77
N LEU H 394 -2.86 9.62 -60.37
CA LEU H 394 -4.01 10.37 -60.89
C LEU H 394 -3.63 11.81 -61.28
N ARG H 395 -2.82 12.46 -60.46
CA ARG H 395 -2.47 13.83 -60.74
C ARG H 395 -1.83 13.98 -62.10
N ARG H 396 -0.67 13.35 -62.31
CA ARG H 396 0.08 13.55 -63.55
C ARG H 396 -0.64 12.92 -64.74
N ASP H 397 -1.32 11.80 -64.50
CA ASP H 397 -2.07 11.14 -65.55
C ASP H 397 -3.36 11.89 -65.94
N PHE H 398 -4.00 12.60 -65.02
CA PHE H 398 -5.23 13.37 -65.32
C PHE H 398 -5.16 14.81 -64.86
N PRO H 399 -4.58 15.68 -65.66
CA PRO H 399 -4.34 17.00 -65.09
C PRO H 399 -5.60 17.74 -64.67
N ALA H 400 -6.77 17.30 -65.10
CA ALA H 400 -8.02 17.85 -64.58
C ALA H 400 -9.02 16.74 -64.31
N LEU H 401 -9.72 16.82 -63.19
CA LEU H 401 -10.44 15.67 -62.64
C LEU H 401 -11.57 16.09 -61.71
N GLN H 402 -12.63 15.29 -61.67
CA GLN H 402 -13.71 15.49 -60.73
C GLN H 402 -14.06 14.21 -59.99
N TRP H 403 -14.60 14.34 -58.77
CA TRP H 403 -15.10 13.18 -58.03
C TRP H 403 -16.06 13.52 -56.92
N VAL H 404 -16.79 12.49 -56.46
CA VAL H 404 -17.81 12.68 -55.43
C VAL H 404 -17.55 11.87 -54.17
N VAL H 405 -17.81 12.49 -53.01
CA VAL H 405 -17.57 11.86 -51.71
C VAL H 405 -18.74 12.07 -50.79
N SER H 406 -18.98 11.12 -49.87
CA SER H 406 -20.06 11.31 -48.88
C SER H 406 -19.77 12.49 -47.95
N GLU H 407 -20.79 13.25 -47.56
CA GLU H 407 -20.55 14.42 -46.71
C GLU H 407 -19.82 14.02 -45.44
N ASN H 408 -19.91 12.75 -45.07
CA ASN H 408 -19.38 12.34 -43.79
C ASN H 408 -18.43 11.18 -43.93
N ASP H 409 -17.85 11.06 -45.11
CA ASP H 409 -16.76 10.13 -45.27
C ASP H 409 -15.74 10.48 -44.21
N ALA H 410 -15.30 9.45 -43.48
CA ALA H 410 -14.30 9.60 -42.43
C ALA H 410 -13.26 10.64 -42.82
N ASN H 411 -12.56 10.43 -43.92
CA ASN H 411 -11.55 11.37 -44.34
C ASN H 411 -12.06 12.22 -45.50
N ILE H 412 -13.07 13.05 -45.24
CA ILE H 412 -13.46 14.06 -46.21
C ILE H 412 -12.44 15.18 -46.21
N ALA H 413 -11.95 15.54 -45.03
CA ALA H 413 -10.93 16.57 -44.89
C ALA H 413 -9.88 16.37 -45.98
N TRP H 414 -9.53 15.11 -46.19
CA TRP H 414 -8.45 14.77 -47.10
C TRP H 414 -8.80 15.06 -48.52
N HIS H 415 -10.04 14.81 -48.89
CA HIS H 415 -10.46 15.07 -50.26
C HIS H 415 -10.52 16.54 -50.52
N PHE H 416 -10.94 17.30 -49.52
CA PHE H 416 -10.95 18.75 -49.66
C PHE H 416 -9.54 19.20 -50.00
N ASP H 417 -8.56 18.70 -49.25
CA ASP H 417 -7.18 19.09 -49.44
C ASP H 417 -6.66 18.74 -50.83
N LYS H 418 -7.09 17.61 -51.37
CA LYS H 418 -6.61 17.21 -52.68
C LYS H 418 -7.35 17.93 -53.80
N SER H 419 -8.25 18.83 -53.46
CA SER H 419 -9.07 19.50 -54.47
C SER H 419 -8.68 20.93 -54.66
N GLN H 420 -9.29 21.52 -55.68
CA GLN H 420 -9.24 22.99 -55.86
C GLN H 420 -10.64 23.60 -55.59
N GLY H 421 -11.72 22.84 -55.92
CA GLY H 421 -13.08 23.31 -55.68
C GLY H 421 -14.04 22.25 -55.20
N SER H 422 -15.05 22.71 -54.46
CA SER H 422 -16.03 21.82 -53.84
C SER H 422 -17.44 22.37 -53.93
N TYR H 423 -18.42 21.48 -54.09
CA TYR H 423 -19.84 21.83 -53.96
C TYR H 423 -20.61 20.78 -53.18
N LEU H 424 -21.64 21.19 -52.45
CA LEU H 424 -22.37 20.25 -51.64
C LEU H 424 -23.83 20.37 -51.93
N LYS H 425 -24.40 19.34 -52.56
CA LYS H 425 -25.86 19.10 -52.57
C LYS H 425 -26.11 18.09 -51.46
N GLY H 426 -27.36 18.00 -51.02
CA GLY H 426 -27.77 16.97 -50.05
C GLY H 426 -26.90 15.69 -50.07
N GLY H 427 -26.25 15.41 -48.95
CA GLY H 427 -25.56 14.16 -48.78
C GLY H 427 -24.20 14.18 -49.41
N LYS H 428 -24.12 14.45 -50.71
CA LYS H 428 -22.88 14.24 -51.43
C LYS H 428 -22.09 15.52 -51.71
N VAL H 429 -20.76 15.42 -51.64
CA VAL H 429 -19.89 16.54 -51.95
C VAL H 429 -19.20 16.29 -53.29
N LEU H 430 -19.23 17.30 -54.17
CA LEU H 430 -18.52 17.25 -55.44
C LEU H 430 -17.18 17.93 -55.29
N PHE H 431 -16.15 17.28 -55.82
CA PHE H 431 -14.79 17.80 -55.84
C PHE H 431 -14.21 17.86 -57.24
N TRP H 432 -13.32 18.80 -57.45
CA TRP H 432 -12.51 18.78 -58.63
C TRP H 432 -11.21 19.51 -58.46
N TYR H 433 -10.36 19.33 -59.47
CA TYR H 433 -9.10 20.01 -59.55
C TYR H 433 -8.67 20.22 -60.98
N GLY H 434 -7.75 21.17 -61.15
CA GLY H 434 -7.19 21.48 -62.47
C GLY H 434 -8.00 22.39 -63.41
N ILE H 435 -9.20 22.81 -62.99
CA ILE H 435 -10.08 23.50 -63.91
C ILE H 435 -10.57 24.82 -63.35
N ASP H 436 -10.75 25.76 -64.26
CA ASP H 436 -11.08 27.12 -63.86
C ASP H 436 -11.68 27.96 -64.98
N ASP H 437 -12.27 27.32 -65.99
CA ASP H 437 -13.22 28.04 -66.82
C ASP H 437 -14.44 28.18 -65.97
N ILE H 438 -14.65 29.39 -65.45
CA ILE H 438 -15.85 29.64 -64.66
C ILE H 438 -17.03 28.87 -65.29
N ASN H 439 -17.20 28.94 -66.62
CA ASN H 439 -18.30 28.22 -67.29
C ASN H 439 -18.19 26.68 -67.38
N THR H 440 -16.98 26.10 -67.40
CA THR H 440 -16.85 24.63 -67.33
C THR H 440 -17.04 24.15 -65.91
N ILE H 441 -16.80 25.03 -64.93
CA ILE H 441 -17.09 24.75 -63.50
C ILE H 441 -18.59 24.66 -63.34
N SER H 442 -19.29 25.68 -63.82
CA SER H 442 -20.73 25.67 -63.72
C SER H 442 -21.30 24.40 -64.36
N GLU H 443 -20.68 23.93 -65.44
CA GLU H 443 -21.17 22.73 -66.09
C GLU H 443 -21.01 21.54 -65.16
N LEU H 444 -19.94 21.49 -64.41
CA LEU H 444 -19.78 20.43 -63.43
C LEU H 444 -20.90 20.47 -62.39
N VAL H 445 -21.06 21.64 -61.77
CA VAL H 445 -21.99 21.78 -60.65
C VAL H 445 -23.43 21.45 -61.06
N GLU H 446 -23.80 21.75 -62.30
CA GLU H 446 -25.15 21.43 -62.80
C GLU H 446 -25.34 19.94 -62.99
N ASN H 447 -24.47 19.34 -63.79
CA ASN H 447 -24.51 17.89 -64.02
C ASN H 447 -24.56 17.12 -62.70
N PHE H 448 -23.86 17.66 -61.70
CA PHE H 448 -23.92 17.09 -60.39
C PHE H 448 -25.27 17.33 -59.70
N VAL H 449 -25.75 18.57 -59.62
CA VAL H 449 -27.01 18.81 -58.89
C VAL H 449 -28.17 18.11 -59.63
N LYS H 450 -28.08 18.02 -60.95
CA LYS H 450 -29.06 17.29 -61.78
C LYS H 450 -28.92 15.77 -61.64
N SER H 451 -27.79 15.31 -61.11
CA SER H 451 -27.57 13.88 -60.86
C SER H 451 -28.56 13.27 -59.87
N CYS H 452 -29.27 14.10 -59.11
CA CYS H 452 -30.41 13.65 -58.28
C CYS H 452 -31.58 13.08 -59.13
N ASP H 453 -31.47 11.81 -59.51
CA ASP H 453 -32.43 11.14 -60.38
C ASP H 453 -33.27 10.18 -59.55
#